data_8OQ3
#
_entry.id   8OQ3
#
_cell.length_a   1.00
_cell.length_b   1.00
_cell.length_c   1.00
_cell.angle_alpha   90.00
_cell.angle_beta   90.00
_cell.angle_gamma   90.00
#
_symmetry.space_group_name_H-M   'P 1'
#
loop_
_entity.id
_entity.type
_entity.pdbx_description
1 polymer 'Complement C3'
2 polymer 'nanobody hC3Nb1 with mutation'
3 branched beta-D-mannopyranose-(1-4)-2-acetamido-2-deoxy-beta-D-glucopyranose-(1-4)-2-acetamido-2-deoxy-beta-D-glucopyranose
4 non-polymer 2-acetamido-2-deoxy-beta-D-glucopyranose
#
loop_
_entity_poly.entity_id
_entity_poly.type
_entity_poly.pdbx_seq_one_letter_code
_entity_poly.pdbx_strand_id
1 'polypeptide(L)'
;SPMYSIITPNILRLESEETMVLEAHDAQGDVPVTVTVHDFPGKKLVLSSEKTVLTPATNHMGNVTFTIPANREFKSEKGR
NKFVTVQATFGTQVVEKVVLVSLQSGYLFIQTDKTIYTPGSTVLYRIFTVNHKLLPVGRTVMVNIENPEGIPVKQDSLSS
QNQLGVLPLSWDIPELVNMGQWKIRAYYENSPQQVFSTEFEVKEYVLPSFEVIVEPTEKFYYIYNEKGLEVTITARFLYG
KKVEGTAFVIFGIQDGEQRISLPESLKRIPIEDGSGEVVLSRKVLLDGVQNPRAEDLVGKSLYVSATVILHSGSDMVQAE
RSGIPIVTSPYQIHFTKTPKYFKPGMPFDLMVFVTNPDGSPAYRVPVAVQGEDTVQSLTQGDGVAKLSINTHPSQKPLSI
TVRTKKQELSEAEQATRTMQALPYSTVGNSNNYLHLSVLRTELRPGETLNVNFLLRMDRAHEAKIRYYTYLIMNKGRLLK
AGRQVREPGQDLVVLPLSITTDFIPSFRLVAYYTLIGASGQREVVADSVWVDVKDSCVGSLVVKSGQSEDRQPVPGQQMT
LKIEGDHGARVVLVAVDKGVFVLNKKNKLTQSKIWDVVEKADIGCTPGSGKDYAGVFSDAGLTFTSSSGQQTAQRAELQC
PQPAARRRRSVQLTEKRMDKVGKYPKELRKCCEDGMRENPMRFSCQRRTRFISLGEACKKVFLDCCNYITELRRQHARAS
HLGLARSNLDEDIIAEENIVSRSEFPESWLWNVEDLKEPPKNGISTKLMNIFLKDSITTWEILAVSMSDKKGICVADPFE
VTVMQDFFIDLRLPYSVVRNEQVEIRAVLYNYRQNQELKVRVELLHNPAFCSLATTKRRHQQTVTIPPKSSLSVPYVIVP
LKTGLQEVEVKAAVYHHFISDGVRKSLKVVPEGIRMNKTVAVRTLDPERLGREGVQKEDIPPADLSDQVPDTESETRILL
QGTPVAQMTEDAVDAERLKHLIVTPSGCGEQNMIGMTPTVIAVHYLDETEQWEKFGLEKRQGALELIKKGYTQQLAFRQP
SSAFAAFVKRAPSTWLTAYVVKVFSLAVNLIAIDSQVLCGAVKWLILEKQKPDGVFQEDAPVIHQEMIGGLRNNNEKDMA
LTAFVLISLQEAKDICEEQVNSLPGSITKAGDFLEANYMNLQRSYTVAIAGYALAQMGRLKGPLLNKFLTTAKDKNRWED
PGKQLYNVEATSYALLALLQLKDFDFVPPVVRWLNEQRYYGGGYGSTQATFMVFQALAQYQKDAPDHQELNLDVSLQLPS
RSSKITHRIHWESASLLRSEETKENEGFTVTAEGKGQGTLSVVTMYHAKAKDQLTCNKFDLKVTIKPAPETEKRPQDAKN
TMILEICTRYRGDQDATMSILDISMMTGFAPDTDDLKQLANGVDRYISKYELDKAFSDRNTLIIYLDKVSHSEDDCLAFK
VHQYFNVELIQPGAVKVYAYYNLEESCTRFYHPEKEDGKLNKLCRDELCRCAEENCFIQKSDDKVTLEERLDKACEPGVD
YVYKTRLVKVQLSNDFDEYIMAIEQTIKSGSDEVQVGQQRTFISPIKCREALKLEEKKHYLMWGLSSDFWGEKPNLSYII
GKDTWVEHWPEEDECQDEENQKQCQDLGAFTESMVVFGCPN
;
A,D
2 'polypeptide(L)'
;QVQLVETGGGLVQAGGSLRLSCAASGSIFSINAMGWFRQAPGKEREFVATINRSGGRTYYADSVKGRFTISRDNGKNMVY
LQMHSLKPEDTAIYYCAAGTGWSPQTDCEYNYWGQGTQVTVSSHHHHHH
;
C,F
#
# COMPACT_ATOMS: atom_id res chain seq x y z
N SER A 1 -34.39 48.97 2.64
CA SER A 1 -33.36 49.61 1.85
C SER A 1 -32.30 48.60 1.44
N PRO A 2 -31.83 48.67 0.19
CA PRO A 2 -30.77 47.76 -0.24
C PRO A 2 -29.43 48.15 0.34
N MET A 3 -28.59 47.15 0.57
CA MET A 3 -27.23 47.37 1.04
C MET A 3 -26.27 46.90 -0.03
N TYR A 4 -25.40 47.79 -0.47
CA TYR A 4 -24.43 47.50 -1.53
C TYR A 4 -23.10 47.17 -0.89
N SER A 5 -22.57 45.99 -1.18
CA SER A 5 -21.37 45.52 -0.51
C SER A 5 -20.31 45.11 -1.52
N ILE A 6 -19.06 45.40 -1.18
CA ILE A 6 -17.90 44.97 -1.95
C ILE A 6 -17.00 44.14 -1.05
N ILE A 7 -16.43 43.08 -1.61
CA ILE A 7 -15.48 42.23 -0.89
C ILE A 7 -14.26 42.09 -1.78
N THR A 8 -13.11 42.49 -1.28
CA THR A 8 -11.86 42.40 -2.02
C THR A 8 -10.83 41.76 -1.09
N PRO A 9 -9.71 41.25 -1.63
CA PRO A 9 -8.64 40.76 -0.76
C PRO A 9 -8.01 41.86 0.09
N ASN A 10 -7.42 41.43 1.21
CA ASN A 10 -6.94 42.36 2.25
C ASN A 10 -5.74 43.16 1.77
N ILE A 11 -4.83 42.53 1.04
CA ILE A 11 -3.82 43.24 0.28
C ILE A 11 -4.09 42.95 -1.20
N LEU A 12 -3.65 43.85 -2.05
CA LEU A 12 -3.76 43.67 -3.49
C LEU A 12 -2.38 43.47 -4.09
N ARG A 13 -2.34 42.80 -5.23
CA ARG A 13 -1.08 42.39 -5.83
C ARG A 13 -0.97 43.05 -7.20
N LEU A 14 0.15 43.72 -7.43
CA LEU A 14 0.38 44.41 -8.71
C LEU A 14 0.65 43.41 -9.82
N GLU A 15 0.05 43.66 -10.99
CA GLU A 15 0.09 42.83 -12.19
C GLU A 15 -0.37 41.40 -11.92
N SER A 16 -1.41 41.26 -11.12
CA SER A 16 -1.99 39.96 -10.79
C SER A 16 -3.50 40.04 -10.93
N GLU A 17 -4.10 38.88 -11.15
CA GLU A 17 -5.53 38.75 -11.43
C GLU A 17 -6.29 38.82 -10.12
N GLU A 18 -6.79 40.00 -9.79
CA GLU A 18 -7.54 40.22 -8.56
C GLU A 18 -9.04 40.19 -8.84
N THR A 19 -9.79 39.76 -7.84
CA THR A 19 -11.22 39.54 -7.97
C THR A 19 -11.96 40.28 -6.85
N MET A 20 -13.08 40.89 -7.19
CA MET A 20 -13.92 41.56 -6.20
C MET A 20 -15.33 41.02 -6.30
N VAL A 21 -15.96 40.79 -5.15
CA VAL A 21 -17.33 40.31 -5.09
C VAL A 21 -18.24 41.50 -4.85
N LEU A 22 -19.25 41.66 -5.70
CA LEU A 22 -20.08 42.86 -5.78
C LEU A 22 -21.51 42.41 -5.53
N GLU A 23 -22.08 42.80 -4.39
CA GLU A 23 -23.42 42.35 -4.04
C GLU A 23 -24.34 43.50 -3.74
N ALA A 24 -25.63 43.27 -3.94
CA ALA A 24 -26.69 44.24 -3.63
C ALA A 24 -27.79 43.50 -2.89
N HIS A 25 -27.69 43.47 -1.56
CA HIS A 25 -28.70 42.80 -0.75
C HIS A 25 -29.98 43.62 -0.72
N ASP A 26 -31.12 42.91 -0.87
CA ASP A 26 -32.49 43.45 -0.85
C ASP A 26 -32.71 44.51 -1.92
N ALA A 27 -32.13 44.31 -3.10
CA ALA A 27 -32.28 45.23 -4.21
C ALA A 27 -33.38 44.77 -5.14
N GLN A 28 -33.74 45.65 -6.07
CA GLN A 28 -34.74 45.33 -7.10
C GLN A 28 -34.23 45.80 -8.45
N GLY A 29 -34.42 44.96 -9.46
CA GLY A 29 -34.04 45.29 -10.80
C GLY A 29 -32.54 45.16 -11.03
N ASP A 30 -32.11 45.55 -12.22
CA ASP A 30 -30.69 45.54 -12.56
C ASP A 30 -30.00 46.73 -11.92
N VAL A 31 -28.90 46.46 -11.21
CA VAL A 31 -28.09 47.50 -10.60
C VAL A 31 -26.76 47.55 -11.36
N PRO A 32 -26.51 48.57 -12.18
CA PRO A 32 -25.24 48.62 -12.91
C PRO A 32 -24.15 49.23 -12.05
N VAL A 33 -23.07 48.49 -11.84
CA VAL A 33 -21.95 48.97 -11.04
C VAL A 33 -20.79 49.27 -11.96
N THR A 34 -20.01 50.28 -11.57
CA THR A 34 -18.73 50.60 -12.18
C THR A 34 -17.71 50.67 -11.07
N VAL A 35 -16.70 49.81 -11.10
CA VAL A 35 -15.60 49.90 -10.14
C VAL A 35 -14.45 50.64 -10.80
N THR A 36 -13.72 51.40 -9.98
CA THR A 36 -12.57 52.18 -10.41
C THR A 36 -11.57 52.14 -9.26
N VAL A 37 -10.38 51.65 -9.53
CA VAL A 37 -9.30 51.71 -8.55
C VAL A 37 -8.34 52.80 -9.02
N HIS A 38 -8.16 53.80 -8.16
CA HIS A 38 -7.22 54.90 -8.32
C HIS A 38 -6.12 54.76 -7.27
N ASP A 39 -5.13 55.64 -7.35
CA ASP A 39 -4.15 55.75 -6.29
C ASP A 39 -4.76 56.44 -5.08
N PHE A 40 -4.22 56.14 -3.91
CA PHE A 40 -4.84 56.66 -2.69
C PHE A 40 -4.50 58.12 -2.36
N PRO A 41 -3.25 58.60 -2.24
CA PRO A 41 -3.10 59.98 -1.76
C PRO A 41 -3.33 61.02 -2.84
N GLY A 42 -3.33 60.64 -4.12
CA GLY A 42 -3.54 61.60 -5.18
C GLY A 42 -4.96 61.67 -5.69
N LYS A 43 -5.52 60.50 -6.05
CA LYS A 43 -6.83 60.33 -6.70
C LYS A 43 -6.96 61.14 -7.97
N LYS A 44 -5.89 61.18 -8.76
CA LYS A 44 -5.85 61.98 -9.98
C LYS A 44 -5.58 61.13 -11.22
N LEU A 45 -5.51 59.81 -11.06
CA LEU A 45 -5.28 58.91 -12.17
C LEU A 45 -5.94 57.58 -11.89
N VAL A 46 -6.53 56.98 -12.93
CA VAL A 46 -7.29 55.74 -12.79
C VAL A 46 -6.35 54.58 -13.10
N LEU A 47 -6.08 53.74 -12.08
CA LEU A 47 -5.25 52.57 -12.33
C LEU A 47 -6.03 51.51 -13.11
N SER A 48 -7.27 51.24 -12.73
CA SER A 48 -8.11 50.35 -13.53
C SER A 48 -9.58 50.72 -13.35
N SER A 49 -10.39 50.30 -14.32
CA SER A 49 -11.81 50.63 -14.34
C SER A 49 -12.57 49.52 -15.05
N GLU A 50 -13.64 49.04 -14.42
CA GLU A 50 -14.47 47.98 -14.99
C GLU A 50 -15.95 48.28 -14.72
N LYS A 51 -16.83 47.68 -15.52
CA LYS A 51 -18.27 47.83 -15.38
C LYS A 51 -18.92 46.45 -15.40
N THR A 52 -19.96 46.28 -14.58
CA THR A 52 -20.67 45.01 -14.50
C THR A 52 -22.09 45.28 -14.00
N VAL A 53 -23.09 44.73 -14.69
CA VAL A 53 -24.47 44.85 -14.23
C VAL A 53 -24.76 43.77 -13.20
N LEU A 54 -25.77 44.02 -12.36
CA LEU A 54 -26.19 43.08 -11.33
C LEU A 54 -27.64 42.72 -11.58
N THR A 55 -27.87 41.52 -11.96
CA THR A 55 -29.17 40.99 -12.32
C THR A 55 -29.81 40.26 -11.14
N PRO A 56 -31.14 40.25 -11.04
CA PRO A 56 -31.78 39.44 -9.98
C PRO A 56 -31.84 37.95 -10.28
N ALA A 57 -31.34 37.51 -11.44
CA ALA A 57 -31.22 36.07 -11.71
C ALA A 57 -30.18 35.43 -10.81
N THR A 58 -29.11 36.17 -10.49
CA THR A 58 -28.09 35.71 -9.56
C THR A 58 -28.32 36.26 -8.15
N ASN A 59 -29.54 36.76 -7.88
CA ASN A 59 -29.95 37.44 -6.63
C ASN A 59 -29.04 38.63 -6.30
N HIS A 60 -28.68 39.39 -7.34
CA HIS A 60 -27.83 40.58 -7.31
C HIS A 60 -26.45 40.29 -6.71
N MET A 61 -25.72 39.38 -7.36
CA MET A 61 -24.34 39.16 -6.98
C MET A 61 -23.54 38.91 -8.24
N GLY A 62 -22.43 39.63 -8.39
CA GLY A 62 -21.51 39.38 -9.49
C GLY A 62 -20.10 39.47 -8.97
N ASN A 63 -19.14 39.15 -9.82
CA ASN A 63 -17.75 39.34 -9.44
C ASN A 63 -16.94 39.93 -10.57
N VAL A 64 -16.09 40.89 -10.23
CA VAL A 64 -15.39 41.75 -11.17
C VAL A 64 -13.90 41.44 -11.07
N THR A 65 -13.31 41.06 -12.19
CA THR A 65 -11.94 40.58 -12.21
C THR A 65 -11.08 41.56 -12.99
N PHE A 66 -10.04 42.10 -12.36
CA PHE A 66 -9.14 43.03 -13.04
C PHE A 66 -7.69 42.62 -12.80
N THR A 67 -6.79 43.40 -13.38
CA THR A 67 -5.34 43.23 -13.18
C THR A 67 -4.78 44.63 -13.04
N ILE A 68 -4.50 45.02 -11.80
CA ILE A 68 -4.07 46.38 -11.47
C ILE A 68 -2.61 46.54 -11.89
N PRO A 69 -2.28 47.53 -12.73
CA PRO A 69 -0.95 47.59 -13.31
C PRO A 69 0.07 48.22 -12.37
N ALA A 70 1.34 47.87 -12.61
CA ALA A 70 2.45 48.32 -11.78
C ALA A 70 3.19 49.51 -12.37
N ASN A 71 2.50 50.35 -13.13
CA ASN A 71 3.12 51.48 -13.80
C ASN A 71 3.04 52.73 -12.90
N ARG A 72 3.31 53.89 -13.52
CA ARG A 72 3.21 55.26 -12.99
C ARG A 72 4.19 55.56 -11.85
N GLU A 73 5.20 54.70 -11.65
CA GLU A 73 6.38 54.93 -10.80
C GLU A 73 6.04 55.17 -9.33
N PHE A 74 4.93 54.61 -8.84
CA PHE A 74 4.64 54.67 -7.42
C PHE A 74 5.40 53.62 -6.62
N LYS A 75 5.99 52.63 -7.29
CA LYS A 75 6.83 51.63 -6.67
C LYS A 75 8.27 52.10 -6.48
N SER A 76 8.67 53.20 -7.12
CA SER A 76 10.03 53.68 -7.01
C SER A 76 10.32 54.30 -5.65
N GLU A 77 9.30 54.86 -5.00
CA GLU A 77 9.45 55.38 -3.65
C GLU A 77 9.32 54.24 -2.66
N LYS A 78 10.38 53.99 -1.89
CA LYS A 78 10.42 52.90 -0.93
C LYS A 78 10.00 53.35 0.47
N GLY A 79 9.56 54.60 0.62
CA GLY A 79 9.15 55.09 1.92
C GLY A 79 7.74 54.63 2.27
N ARG A 80 7.63 53.96 3.42
CA ARG A 80 6.40 53.48 4.09
C ARG A 80 5.69 52.46 3.17
N ASN A 81 4.37 52.51 3.06
CA ASN A 81 3.60 51.54 2.31
C ASN A 81 2.85 52.25 1.19
N LYS A 82 2.17 51.46 0.36
CA LYS A 82 1.42 51.98 -0.77
C LYS A 82 -0.01 51.47 -0.74
N PHE A 83 -0.95 52.35 -1.05
CA PHE A 83 -2.36 52.07 -0.94
C PHE A 83 -3.07 52.50 -2.21
N VAL A 84 -4.19 51.84 -2.50
CA VAL A 84 -5.06 52.23 -3.59
C VAL A 84 -6.46 52.44 -3.04
N THR A 85 -7.24 53.22 -3.77
CA THR A 85 -8.61 53.52 -3.39
C THR A 85 -9.53 52.87 -4.41
N VAL A 86 -10.37 51.96 -3.95
CA VAL A 86 -11.37 51.30 -4.78
C VAL A 86 -12.69 51.97 -4.54
N GLN A 87 -13.23 52.60 -5.57
CA GLN A 87 -14.57 53.18 -5.54
C GLN A 87 -15.45 52.32 -6.43
N ALA A 88 -16.50 51.77 -5.86
CA ALA A 88 -17.48 51.01 -6.64
C ALA A 88 -18.78 51.80 -6.62
N THR A 89 -19.16 52.32 -7.78
CA THR A 89 -20.41 53.06 -7.92
C THR A 89 -21.49 52.06 -8.29
N PHE A 90 -22.32 51.73 -7.32
CA PHE A 90 -23.53 50.94 -7.52
C PHE A 90 -24.61 51.90 -8.00
N GLY A 91 -24.77 52.01 -9.32
CA GLY A 91 -25.68 52.97 -9.88
C GLY A 91 -25.17 54.39 -9.69
N THR A 92 -25.78 55.10 -8.74
CA THR A 92 -25.30 56.40 -8.32
C THR A 92 -24.73 56.42 -6.91
N GLN A 93 -24.79 55.31 -6.18
CA GLN A 93 -24.31 55.27 -4.81
C GLN A 93 -22.93 54.62 -4.77
N VAL A 94 -21.94 55.37 -4.32
CA VAL A 94 -20.56 54.88 -4.32
C VAL A 94 -20.28 54.24 -2.97
N VAL A 95 -19.43 53.21 -2.98
CA VAL A 95 -18.78 52.71 -1.79
C VAL A 95 -17.29 52.81 -2.02
N GLU A 96 -16.53 52.86 -0.94
CA GLU A 96 -15.11 53.22 -1.03
C GLU A 96 -14.33 52.41 -0.03
N LYS A 97 -13.21 51.84 -0.47
CA LYS A 97 -12.32 51.11 0.43
C LYS A 97 -10.88 51.34 0.03
N VAL A 98 -10.04 51.63 1.00
CA VAL A 98 -8.61 51.81 0.75
C VAL A 98 -7.89 50.52 1.07
N VAL A 99 -7.30 49.91 0.06
CA VAL A 99 -6.68 48.60 0.17
C VAL A 99 -5.18 48.76 -0.01
N LEU A 100 -4.41 48.09 0.85
CA LEU A 100 -2.97 48.04 0.72
C LEU A 100 -2.57 47.27 -0.52
N VAL A 101 -1.48 47.69 -1.18
CA VAL A 101 -0.94 46.91 -2.29
C VAL A 101 0.45 46.40 -1.90
N SER A 102 0.77 45.21 -2.39
CA SER A 102 2.04 44.57 -2.12
C SER A 102 2.83 44.47 -3.40
N LEU A 103 4.10 44.84 -3.34
CA LEU A 103 4.99 44.70 -4.50
C LEU A 103 5.37 43.23 -4.61
N GLN A 104 4.56 42.51 -5.37
CA GLN A 104 4.70 41.07 -5.53
C GLN A 104 4.04 40.69 -6.84
N SER A 105 4.70 39.85 -7.62
CA SER A 105 4.12 39.44 -8.89
C SER A 105 4.25 37.94 -9.10
N GLY A 106 4.48 37.17 -8.05
CA GLY A 106 4.56 35.73 -8.18
C GLY A 106 5.71 35.19 -7.37
N TYR A 107 6.14 33.99 -7.74
CA TYR A 107 7.22 33.30 -7.04
C TYR A 107 8.29 32.90 -8.03
N LEU A 108 9.52 32.83 -7.52
CA LEU A 108 10.67 32.36 -8.27
C LEU A 108 11.31 31.23 -7.51
N PHE A 109 11.48 30.09 -8.18
CA PHE A 109 12.11 28.94 -7.56
C PHE A 109 13.41 28.65 -8.29
N ILE A 110 14.52 28.69 -7.56
CA ILE A 110 15.83 28.49 -8.14
C ILE A 110 16.26 27.06 -7.85
N GLN A 111 16.52 26.30 -8.90
CA GLN A 111 17.03 24.94 -8.78
C GLN A 111 18.45 24.92 -9.32
N THR A 112 19.39 24.49 -8.49
CA THR A 112 20.75 24.28 -8.95
C THR A 112 20.93 22.81 -9.31
N ASP A 113 21.90 22.54 -10.17
CA ASP A 113 22.09 21.15 -10.61
C ASP A 113 22.85 20.32 -9.59
N LYS A 114 23.44 20.94 -8.58
CA LYS A 114 24.09 20.22 -7.49
C LYS A 114 23.80 20.97 -6.21
N THR A 115 24.46 20.56 -5.14
CA THR A 115 24.41 21.30 -3.89
C THR A 115 25.76 21.79 -3.42
N ILE A 116 26.84 21.08 -3.76
CA ILE A 116 28.20 21.51 -3.42
C ILE A 116 29.03 21.50 -4.69
N TYR A 117 29.77 22.58 -4.94
CA TYR A 117 30.44 22.80 -6.21
C TYR A 117 31.94 22.92 -6.03
N THR A 118 32.67 22.16 -6.83
CA THR A 118 34.10 22.27 -6.93
C THR A 118 34.47 23.61 -7.58
N PRO A 119 35.50 24.31 -7.09
CA PRO A 119 36.00 25.51 -7.77
C PRO A 119 36.53 25.20 -9.16
N GLY A 120 36.21 26.08 -10.10
CA GLY A 120 36.53 25.86 -11.49
C GLY A 120 35.44 25.18 -12.29
N SER A 121 34.39 24.70 -11.63
CA SER A 121 33.30 24.02 -12.32
C SER A 121 32.26 25.02 -12.78
N THR A 122 31.11 24.52 -13.22
CA THR A 122 30.05 25.35 -13.79
C THR A 122 28.76 25.09 -13.02
N VAL A 123 28.19 26.15 -12.46
CA VAL A 123 26.88 26.06 -11.83
C VAL A 123 25.83 26.17 -12.92
N LEU A 124 25.00 25.14 -13.05
CA LEU A 124 23.85 25.16 -13.94
C LEU A 124 22.62 25.31 -13.07
N TYR A 125 21.83 26.34 -13.32
CA TYR A 125 20.68 26.61 -12.48
C TYR A 125 19.51 27.08 -13.31
N ARG A 126 18.34 26.54 -13.01
CA ARG A 126 17.09 26.97 -13.61
C ARG A 126 16.37 27.91 -12.65
N ILE A 127 15.68 28.88 -13.22
CA ILE A 127 14.78 29.74 -12.45
C ILE A 127 13.38 29.53 -12.99
N PHE A 128 12.49 29.08 -12.12
CA PHE A 128 11.09 28.88 -12.45
C PHE A 128 10.32 30.11 -12.04
N THR A 129 9.70 30.77 -13.01
CA THR A 129 9.00 32.03 -12.81
C THR A 129 7.50 31.74 -12.87
N VAL A 130 6.88 31.62 -11.70
CA VAL A 130 5.44 31.36 -11.65
C VAL A 130 4.75 32.58 -11.06
N ASN A 131 3.43 32.63 -11.25
CA ASN A 131 2.65 33.73 -10.73
C ASN A 131 2.12 33.40 -9.34
N HIS A 132 1.14 34.18 -8.90
CA HIS A 132 0.47 33.91 -7.63
C HIS A 132 -0.39 32.67 -7.69
N LYS A 133 -0.86 32.30 -8.88
CA LYS A 133 -1.71 31.14 -9.08
C LYS A 133 -0.92 29.89 -9.41
N LEU A 134 0.42 29.98 -9.37
CA LEU A 134 1.39 28.96 -9.78
C LEU A 134 1.15 28.51 -11.22
N LEU A 135 1.34 29.44 -12.15
CA LEU A 135 1.21 29.24 -13.58
C LEU A 135 2.33 30.03 -14.25
N PRO A 136 2.79 29.62 -15.45
CA PRO A 136 3.89 30.34 -16.11
C PRO A 136 3.50 31.74 -16.58
N VAL A 137 4.38 32.69 -16.28
CA VAL A 137 4.32 34.04 -16.82
C VAL A 137 5.66 34.40 -17.45
N GLY A 138 5.61 35.44 -18.29
CA GLY A 138 6.83 36.00 -18.85
C GLY A 138 7.15 37.35 -18.26
N ARG A 139 8.13 37.40 -17.36
CA ARG A 139 8.55 38.64 -16.73
C ARG A 139 10.04 38.82 -16.92
N THR A 140 10.55 39.92 -16.40
CA THR A 140 11.98 40.24 -16.45
C THR A 140 12.55 40.10 -15.06
N VAL A 141 13.57 39.26 -14.91
CA VAL A 141 14.17 38.98 -13.61
C VAL A 141 15.59 39.48 -13.57
N MET A 142 16.01 39.86 -12.36
CA MET A 142 17.38 40.21 -12.04
C MET A 142 17.95 39.04 -11.28
N VAL A 143 19.08 38.51 -11.75
CA VAL A 143 19.75 37.39 -11.09
C VAL A 143 21.10 37.88 -10.57
N ASN A 144 21.37 37.61 -9.30
CA ASN A 144 22.64 37.92 -8.68
C ASN A 144 23.26 36.64 -8.13
N ILE A 145 24.56 36.49 -8.34
CA ILE A 145 25.33 35.41 -7.72
C ILE A 145 26.39 36.08 -6.88
N GLU A 146 26.41 35.74 -5.57
CA GLU A 146 27.22 36.45 -4.60
C GLU A 146 27.97 35.49 -3.70
N ASN A 147 29.11 35.97 -3.21
CA ASN A 147 30.07 35.20 -2.42
C ASN A 147 29.62 35.17 -0.95
N PRO A 148 30.29 34.40 -0.07
CA PRO A 148 29.98 34.53 1.37
C PRO A 148 30.33 35.87 2.01
N GLU A 149 31.17 36.69 1.38
CA GLU A 149 31.31 38.08 1.83
C GLU A 149 30.03 38.87 1.62
N GLY A 150 29.31 38.59 0.53
CA GLY A 150 28.03 39.22 0.26
C GLY A 150 28.01 40.10 -0.96
N ILE A 151 29.15 40.33 -1.60
CA ILE A 151 29.20 41.23 -2.75
C ILE A 151 28.75 40.46 -3.99
N PRO A 152 27.96 41.07 -4.88
CA PRO A 152 27.50 40.35 -6.07
C PRO A 152 28.61 40.26 -7.11
N VAL A 153 28.97 39.03 -7.46
CA VAL A 153 30.00 38.83 -8.49
C VAL A 153 29.41 38.52 -9.85
N LYS A 154 28.11 38.21 -9.93
CA LYS A 154 27.48 38.07 -11.23
C LYS A 154 26.12 38.73 -11.18
N GLN A 155 25.81 39.54 -12.18
CA GLN A 155 24.53 40.22 -12.31
C GLN A 155 24.00 39.99 -13.71
N ASP A 156 22.75 39.55 -13.81
CA ASP A 156 22.18 39.13 -15.08
C ASP A 156 20.76 39.65 -15.22
N SER A 157 20.38 39.95 -16.44
CA SER A 157 19.06 40.47 -16.80
C SER A 157 18.39 39.46 -17.73
N LEU A 158 17.40 38.73 -17.23
CA LEU A 158 16.77 37.71 -18.05
C LEU A 158 15.30 38.04 -18.27
N SER A 159 14.75 37.51 -19.36
CA SER A 159 13.34 37.62 -19.65
C SER A 159 12.76 36.24 -19.85
N SER A 160 11.66 35.94 -19.18
CA SER A 160 11.01 34.64 -19.29
C SER A 160 9.87 34.64 -20.29
N GLN A 161 9.89 35.57 -21.24
CA GLN A 161 8.87 35.62 -22.29
C GLN A 161 9.03 34.45 -23.24
N ASN A 162 7.91 33.76 -23.50
CA ASN A 162 7.72 32.50 -24.23
C ASN A 162 8.77 31.42 -23.96
N GLN A 163 9.24 31.32 -22.72
CA GLN A 163 10.12 30.25 -22.28
C GLN A 163 9.38 29.17 -21.51
N LEU A 164 8.04 29.30 -21.41
CA LEU A 164 7.15 28.50 -20.55
C LEU A 164 7.59 28.51 -19.09
N GLY A 165 8.05 29.66 -18.61
CA GLY A 165 8.32 29.87 -17.21
C GLY A 165 9.65 29.37 -16.71
N VAL A 166 10.46 28.72 -17.54
CA VAL A 166 11.73 28.14 -17.13
C VAL A 166 12.86 28.91 -17.78
N LEU A 167 13.79 29.40 -16.97
CA LEU A 167 14.98 30.10 -17.47
C LEU A 167 16.23 29.32 -17.09
N PRO A 168 16.84 28.58 -18.02
CA PRO A 168 18.11 27.93 -17.72
C PRO A 168 19.27 28.91 -17.82
N LEU A 169 20.22 28.76 -16.91
CA LEU A 169 21.37 29.67 -16.85
C LEU A 169 22.57 28.90 -16.36
N SER A 170 23.75 29.46 -16.60
CA SER A 170 24.99 28.84 -16.17
C SER A 170 25.96 29.92 -15.74
N TRP A 171 26.88 29.55 -14.86
CA TRP A 171 27.93 30.45 -14.43
C TRP A 171 29.19 29.66 -14.14
N ASP A 172 30.30 30.06 -14.75
CA ASP A 172 31.58 29.40 -14.51
C ASP A 172 32.21 29.96 -13.24
N ILE A 173 32.46 29.08 -12.27
CA ILE A 173 33.17 29.50 -11.06
C ILE A 173 34.64 29.73 -11.40
N PRO A 174 35.23 30.85 -11.00
CA PRO A 174 36.67 31.03 -11.20
C PRO A 174 37.47 30.16 -10.24
N GLU A 175 38.76 30.00 -10.56
CA GLU A 175 39.62 29.19 -9.70
C GLU A 175 40.12 29.99 -8.50
N LEU A 176 40.18 31.32 -8.64
CA LEU A 176 40.57 32.20 -7.54
C LEU A 176 39.30 32.67 -6.87
N VAL A 177 38.92 32.03 -5.77
CA VAL A 177 37.53 32.02 -5.34
C VAL A 177 37.48 31.83 -3.82
N ASN A 178 36.48 32.44 -3.20
CA ASN A 178 36.17 32.17 -1.81
C ASN A 178 35.56 30.77 -1.66
N MET A 179 35.56 30.28 -0.43
CA MET A 179 34.96 29.00 -0.10
C MET A 179 33.88 29.21 0.94
N GLY A 180 32.74 28.55 0.75
CA GLY A 180 31.66 28.70 1.70
C GLY A 180 30.32 28.75 1.00
N GLN A 181 29.33 29.31 1.68
CA GLN A 181 27.95 29.29 1.21
C GLN A 181 27.73 30.45 0.25
N TRP A 182 27.88 30.18 -1.04
CA TRP A 182 27.53 31.15 -2.06
C TRP A 182 26.02 31.19 -2.24
N LYS A 183 25.52 32.34 -2.70
CA LYS A 183 24.08 32.53 -2.77
C LYS A 183 23.66 33.03 -4.15
N ILE A 184 22.47 32.61 -4.56
CA ILE A 184 21.81 33.10 -5.78
C ILE A 184 20.56 33.84 -5.35
N ARG A 185 20.47 35.11 -5.71
CA ARG A 185 19.34 35.97 -5.38
C ARG A 185 18.68 36.42 -6.67
N ALA A 186 17.46 35.98 -6.92
CA ALA A 186 16.70 36.38 -8.08
C ALA A 186 15.48 37.16 -7.63
N TYR A 187 15.15 38.23 -8.36
CA TYR A 187 13.93 38.96 -8.05
C TYR A 187 13.32 39.48 -9.34
N TYR A 188 12.02 39.76 -9.29
CA TYR A 188 11.35 40.37 -10.43
C TYR A 188 11.74 41.84 -10.54
N GLU A 189 11.63 42.37 -11.75
CA GLU A 189 11.98 43.78 -11.96
C GLU A 189 10.95 44.71 -11.35
N ASN A 190 9.67 44.35 -11.46
CA ASN A 190 8.60 45.19 -10.94
C ASN A 190 8.49 45.14 -9.42
N SER A 191 9.05 44.12 -8.78
CA SER A 191 9.05 44.00 -7.33
C SER A 191 10.49 43.78 -6.88
N PRO A 192 11.29 44.84 -6.80
CA PRO A 192 12.72 44.68 -6.56
C PRO A 192 13.12 44.59 -5.09
N GLN A 193 12.17 44.41 -4.17
CA GLN A 193 12.52 44.25 -2.77
C GLN A 193 12.12 42.90 -2.20
N GLN A 194 11.46 42.06 -2.97
CA GLN A 194 11.16 40.69 -2.56
C GLN A 194 12.13 39.77 -3.29
N VAL A 195 13.05 39.18 -2.54
CA VAL A 195 14.20 38.47 -3.09
C VAL A 195 14.02 36.99 -2.83
N PHE A 196 14.04 36.19 -3.89
CA PHE A 196 13.98 34.74 -3.79
C PHE A 196 15.40 34.20 -3.90
N SER A 197 15.82 33.39 -2.94
CA SER A 197 17.21 33.02 -2.83
C SER A 197 17.38 31.51 -2.72
N THR A 198 18.52 31.03 -3.20
CA THR A 198 18.97 29.68 -2.94
C THR A 198 20.45 29.74 -2.59
N GLU A 199 20.96 28.65 -2.01
CA GLU A 199 22.35 28.60 -1.59
C GLU A 199 23.02 27.39 -2.21
N PHE A 200 24.30 27.54 -2.52
CA PHE A 200 25.13 26.40 -2.89
C PHE A 200 26.48 26.56 -2.23
N GLU A 201 27.05 25.47 -1.74
CA GLU A 201 28.35 25.51 -1.12
C GLU A 201 29.42 25.39 -2.20
N VAL A 202 30.48 26.17 -2.04
CA VAL A 202 31.68 26.01 -2.85
C VAL A 202 32.77 25.50 -1.91
N LYS A 203 33.32 24.33 -2.24
CA LYS A 203 34.30 23.66 -1.40
C LYS A 203 35.18 22.79 -2.29
N GLU A 204 36.41 22.57 -1.84
CA GLU A 204 37.32 21.65 -2.51
C GLU A 204 37.04 20.26 -1.97
N TYR A 205 36.50 19.38 -2.82
CA TYR A 205 36.12 18.06 -2.36
C TYR A 205 36.48 17.01 -3.41
N VAL A 206 36.29 15.77 -3.01
CA VAL A 206 36.20 14.64 -3.91
C VAL A 206 34.96 13.86 -3.48
N LEU A 207 34.39 13.09 -4.39
CA LEU A 207 33.12 12.43 -4.11
C LEU A 207 33.34 11.21 -3.23
N PRO A 208 32.55 11.02 -2.19
CA PRO A 208 32.68 9.83 -1.35
C PRO A 208 32.07 8.61 -2.02
N SER A 209 32.51 7.44 -1.58
CA SER A 209 32.03 6.21 -2.16
C SER A 209 30.84 5.61 -1.43
N PHE A 210 30.45 6.17 -0.29
CA PHE A 210 29.41 5.56 0.53
C PHE A 210 28.73 6.64 1.36
N GLU A 211 27.57 6.29 1.91
CA GLU A 211 26.79 7.16 2.77
C GLU A 211 26.72 6.59 4.17
N VAL A 212 26.60 7.49 5.15
CA VAL A 212 26.50 7.12 6.56
C VAL A 212 25.21 7.72 7.10
N ILE A 213 24.36 6.87 7.64
CA ILE A 213 23.10 7.29 8.27
C ILE A 213 23.26 7.09 9.76
N VAL A 214 23.17 8.18 10.51
CA VAL A 214 23.27 8.15 11.96
C VAL A 214 21.84 8.23 12.49
N GLU A 215 21.28 7.09 12.87
CA GLU A 215 19.89 7.07 13.31
C GLU A 215 19.83 6.69 14.79
N PRO A 216 19.38 7.57 15.67
CA PRO A 216 19.09 7.15 17.05
C PRO A 216 17.83 6.30 17.09
N THR A 217 17.70 5.56 18.19
CA THR A 217 16.58 4.62 18.32
C THR A 217 15.25 5.35 18.49
N GLU A 218 15.26 6.46 19.23
CA GLU A 218 14.14 7.38 19.26
C GLU A 218 14.64 8.73 18.76
N LYS A 219 13.71 9.56 18.28
CA LYS A 219 14.07 10.85 17.72
C LYS A 219 14.13 11.97 18.76
N PHE A 220 14.38 11.63 20.02
CA PHE A 220 14.46 12.55 21.12
C PHE A 220 15.36 11.92 22.17
N TYR A 221 15.40 12.50 23.37
CA TYR A 221 16.03 11.83 24.49
C TYR A 221 15.24 12.16 25.74
N TYR A 222 14.64 11.13 26.34
CA TYR A 222 14.03 11.28 27.65
C TYR A 222 15.14 11.43 28.69
N ILE A 223 15.00 12.41 29.58
CA ILE A 223 16.07 12.74 30.49
C ILE A 223 16.18 11.74 31.63
N TYR A 224 15.12 10.99 31.92
CA TYR A 224 15.15 9.96 32.95
C TYR A 224 15.32 8.57 32.36
N ASN A 225 15.65 8.47 31.08
CA ASN A 225 15.92 7.18 30.47
C ASN A 225 17.28 6.70 30.93
N GLU A 226 17.31 5.62 31.72
CA GLU A 226 18.56 5.17 32.33
C GLU A 226 19.45 4.42 31.37
N LYS A 227 18.94 4.03 30.20
CA LYS A 227 19.76 3.35 29.21
C LYS A 227 20.61 4.28 28.38
N GLY A 228 20.44 5.59 28.52
CA GLY A 228 21.16 6.53 27.69
C GLY A 228 20.57 6.64 26.31
N LEU A 229 21.34 7.24 25.42
CA LEU A 229 20.94 7.43 24.04
C LEU A 229 21.66 6.40 23.18
N GLU A 230 20.92 5.45 22.63
CA GLU A 230 21.47 4.40 21.79
C GLU A 230 21.26 4.76 20.34
N VAL A 231 22.35 4.97 19.59
CA VAL A 231 22.24 5.28 18.17
C VAL A 231 22.85 4.14 17.36
N THR A 232 22.48 4.11 16.09
CA THR A 232 22.87 3.10 15.14
C THR A 232 23.50 3.79 13.94
N ILE A 233 24.68 3.33 13.56
CA ILE A 233 25.42 3.85 12.41
C ILE A 233 25.23 2.87 11.28
N THR A 234 24.56 3.29 10.22
CA THR A 234 24.32 2.45 9.05
C THR A 234 25.17 3.01 7.91
N ALA A 235 26.27 2.34 7.63
CA ALA A 235 27.13 2.74 6.52
C ALA A 235 26.81 1.84 5.34
N ARG A 236 26.42 2.46 4.23
CA ARG A 236 26.00 1.73 3.05
C ARG A 236 26.67 2.34 1.84
N PHE A 237 27.14 1.50 0.92
CA PHE A 237 27.72 1.97 -0.33
C PHE A 237 26.66 2.61 -1.21
N LEU A 238 27.12 3.45 -2.15
CA LEU A 238 26.20 4.20 -3.00
C LEU A 238 25.53 3.30 -4.03
N TYR A 239 26.17 2.19 -4.39
CA TYR A 239 25.56 1.22 -5.28
C TYR A 239 24.78 0.14 -4.54
N GLY A 240 24.58 0.29 -3.24
CA GLY A 240 23.73 -0.62 -2.51
C GLY A 240 24.44 -1.85 -2.00
N LYS A 241 25.57 -1.66 -1.31
CA LYS A 241 26.28 -2.77 -0.69
C LYS A 241 26.62 -2.38 0.74
N LYS A 242 26.80 -3.39 1.58
CA LYS A 242 27.16 -3.15 2.96
C LYS A 242 28.61 -2.73 3.10
N VAL A 243 28.90 -2.01 4.17
CA VAL A 243 30.21 -1.42 4.40
C VAL A 243 30.80 -2.05 5.66
N GLU A 244 31.99 -2.62 5.52
CA GLU A 244 32.77 -3.06 6.67
C GLU A 244 33.78 -1.98 7.01
N GLY A 245 33.75 -1.50 8.25
CA GLY A 245 34.65 -0.41 8.59
C GLY A 245 34.74 -0.09 10.07
N THR A 246 35.08 1.15 10.39
CA THR A 246 35.31 1.56 11.77
C THR A 246 34.75 2.95 11.97
N ALA A 247 33.85 3.11 12.93
CA ALA A 247 33.20 4.40 13.17
C ALA A 247 33.74 5.02 14.44
N PHE A 248 34.12 6.30 14.34
CA PHE A 248 34.43 7.12 15.50
C PHE A 248 33.23 8.01 15.77
N VAL A 249 32.58 7.81 16.91
CA VAL A 249 31.32 8.48 17.22
C VAL A 249 31.55 9.36 18.44
N ILE A 250 31.26 10.65 18.30
CA ILE A 250 31.33 11.59 19.42
C ILE A 250 29.97 12.25 19.57
N PHE A 251 29.71 12.74 20.77
CA PHE A 251 28.43 13.33 21.13
C PHE A 251 28.65 14.73 21.67
N GLY A 252 27.57 15.51 21.71
CA GLY A 252 27.69 16.82 22.28
C GLY A 252 26.35 17.48 22.53
N ILE A 253 26.40 18.53 23.33
CA ILE A 253 25.23 19.33 23.70
C ILE A 253 25.19 20.55 22.80
N GLN A 254 24.12 20.68 22.03
CA GLN A 254 23.83 21.90 21.29
C GLN A 254 22.96 22.78 22.18
N ASP A 255 23.55 23.82 22.74
CA ASP A 255 22.86 24.73 23.66
C ASP A 255 22.61 26.02 22.90
N GLY A 256 21.51 26.06 22.18
CA GLY A 256 21.20 27.24 21.37
C GLY A 256 22.06 27.27 20.13
N GLU A 257 22.66 28.43 19.86
CA GLU A 257 23.50 28.61 18.68
C GLU A 257 24.90 28.07 18.86
N GLN A 258 25.31 27.73 20.07
CA GLN A 258 26.63 27.20 20.34
C GLN A 258 26.54 25.73 20.71
N ARG A 259 27.67 25.04 20.61
CA ARG A 259 27.72 23.62 20.90
C ARG A 259 28.98 23.30 21.69
N ILE A 260 28.87 22.31 22.56
CA ILE A 260 29.99 21.81 23.33
C ILE A 260 30.05 20.31 23.15
N SER A 261 31.27 19.78 23.11
CA SER A 261 31.46 18.36 22.88
C SER A 261 31.61 17.63 24.21
N LEU A 262 31.43 16.31 24.16
CA LEU A 262 31.70 15.46 25.32
C LEU A 262 32.88 14.58 24.96
N PRO A 263 34.10 14.93 25.40
CA PRO A 263 35.29 14.21 24.91
C PRO A 263 35.48 12.83 25.53
N GLU A 264 34.81 12.54 26.64
CA GLU A 264 34.84 11.19 27.18
C GLU A 264 33.78 10.30 26.54
N SER A 265 32.90 10.86 25.71
CA SER A 265 31.89 10.10 25.00
C SER A 265 32.37 9.63 23.64
N LEU A 266 33.63 9.86 23.30
CA LEU A 266 34.19 9.42 22.03
C LEU A 266 34.39 7.92 22.06
N LYS A 267 33.72 7.22 21.15
CA LYS A 267 33.81 5.78 21.07
C LYS A 267 34.28 5.36 19.68
N ARG A 268 35.08 4.30 19.63
CA ARG A 268 35.47 3.70 18.37
C ARG A 268 34.84 2.33 18.30
N ILE A 269 33.99 2.11 17.30
CA ILE A 269 33.23 0.87 17.19
C ILE A 269 33.48 0.25 15.83
N PRO A 270 33.43 -1.07 15.70
CA PRO A 270 33.47 -1.67 14.36
C PRO A 270 32.11 -1.63 13.71
N ILE A 271 32.11 -1.57 12.39
CA ILE A 271 30.90 -1.67 11.59
C ILE A 271 31.03 -2.96 10.78
N GLU A 272 30.18 -3.93 11.11
CA GLU A 272 30.10 -5.19 10.40
C GLU A 272 28.70 -5.32 9.80
N ASP A 273 28.66 -5.81 8.55
CA ASP A 273 27.46 -5.97 7.72
C ASP A 273 26.71 -4.65 7.54
N GLY A 274 27.45 -3.55 7.43
CA GLY A 274 26.84 -2.26 7.18
C GLY A 274 26.14 -1.62 8.34
N SER A 275 26.38 -2.10 9.56
CA SER A 275 25.71 -1.51 10.72
C SER A 275 26.60 -1.61 11.94
N GLY A 276 26.44 -0.65 12.84
CA GLY A 276 27.09 -0.68 14.13
C GLY A 276 26.22 0.04 15.13
N GLU A 277 26.42 -0.27 16.40
CA GLU A 277 25.60 0.30 17.46
C GLU A 277 26.49 0.93 18.51
N VAL A 278 26.10 2.10 19.00
CA VAL A 278 26.83 2.71 20.11
C VAL A 278 25.81 3.33 21.05
N VAL A 279 26.18 3.43 22.33
CA VAL A 279 25.34 3.99 23.37
C VAL A 279 26.12 5.11 24.05
N LEU A 280 25.55 6.31 24.05
CA LEU A 280 26.00 7.34 24.98
C LEU A 280 25.31 7.08 26.31
N SER A 281 26.10 6.90 27.36
CA SER A 281 25.51 6.62 28.65
C SER A 281 24.95 7.89 29.27
N ARG A 282 24.09 7.71 30.27
CA ARG A 282 23.48 8.86 30.92
C ARG A 282 24.47 9.58 31.83
N LYS A 283 25.29 8.81 32.57
CA LYS A 283 26.20 9.40 33.55
C LYS A 283 27.32 10.18 32.90
N VAL A 284 27.73 9.77 31.69
CA VAL A 284 28.68 10.52 30.87
C VAL A 284 28.09 11.87 30.47
N LEU A 285 26.78 11.88 30.17
CA LEU A 285 26.10 13.11 29.81
C LEU A 285 25.96 14.06 30.99
N LEU A 286 25.70 13.55 32.20
CA LEU A 286 25.66 14.45 33.36
C LEU A 286 27.05 14.95 33.78
N ASP A 287 28.09 14.09 33.75
CA ASP A 287 29.39 14.63 34.18
C ASP A 287 30.08 15.47 33.11
N GLY A 288 29.69 15.30 31.84
CA GLY A 288 30.23 16.16 30.80
C GLY A 288 29.72 17.59 30.91
N VAL A 289 28.46 17.75 31.27
CA VAL A 289 27.88 19.07 31.44
C VAL A 289 28.28 19.62 32.80
N GLN A 290 28.84 20.83 32.81
CA GLN A 290 29.33 21.44 34.05
C GLN A 290 28.20 21.85 34.96
N ASN A 291 27.03 22.14 34.40
CA ASN A 291 25.86 22.47 35.21
C ASN A 291 25.34 21.22 35.92
N PRO A 292 24.88 21.34 37.16
CA PRO A 292 24.30 20.20 37.85
C PRO A 292 22.87 19.95 37.39
N ARG A 293 22.29 18.85 37.92
CA ARG A 293 20.92 18.37 37.78
C ARG A 293 20.51 17.95 36.37
N ALA A 294 19.51 17.07 36.29
CA ALA A 294 19.01 16.63 35.00
C ALA A 294 18.07 17.64 34.36
N GLU A 295 17.43 18.50 35.16
CA GLU A 295 16.34 19.33 34.68
C GLU A 295 16.80 20.50 33.83
N ASP A 296 18.05 20.95 33.98
CA ASP A 296 18.54 22.03 33.15
C ASP A 296 19.04 21.56 31.79
N LEU A 297 19.13 20.25 31.58
CA LEU A 297 19.43 19.72 30.26
C LEU A 297 18.23 19.74 29.33
N VAL A 298 17.02 19.94 29.85
CA VAL A 298 15.82 19.96 29.03
C VAL A 298 15.78 21.26 28.24
N GLY A 299 15.54 21.13 26.94
CA GLY A 299 15.55 22.29 26.06
C GLY A 299 16.78 22.30 25.18
N LYS A 300 17.93 21.95 25.76
CA LYS A 300 19.14 21.79 24.98
C LYS A 300 19.06 20.51 24.16
N SER A 301 19.69 20.52 22.99
CA SER A 301 19.63 19.38 22.10
C SER A 301 20.92 18.56 22.18
N LEU A 302 20.86 17.38 21.60
CA LEU A 302 22.02 16.50 21.49
C LEU A 302 22.37 16.33 20.03
N TYR A 303 23.66 16.30 19.73
CA TYR A 303 24.11 15.98 18.39
C TYR A 303 25.16 14.89 18.47
N VAL A 304 25.26 14.11 17.39
CA VAL A 304 26.17 12.98 17.32
C VAL A 304 26.88 13.03 15.98
N SER A 305 28.21 13.03 16.01
CA SER A 305 29.02 13.05 14.80
C SER A 305 29.70 11.69 14.67
N ALA A 306 29.46 11.02 13.54
CA ALA A 306 30.04 9.73 13.26
C ALA A 306 30.96 9.86 12.06
N THR A 307 32.20 9.42 12.21
CA THR A 307 33.20 9.47 11.17
C THR A 307 33.58 8.03 10.84
N VAL A 308 33.23 7.57 9.66
CA VAL A 308 33.36 6.17 9.30
C VAL A 308 34.55 6.02 8.36
N ILE A 309 35.50 5.17 8.75
CA ILE A 309 36.70 4.83 8.01
C ILE A 309 36.39 3.50 7.32
N LEU A 310 36.73 3.37 6.04
CA LEU A 310 36.66 2.07 5.40
C LEU A 310 37.78 1.18 5.90
N HIS A 311 37.62 -0.14 5.69
CA HIS A 311 38.64 -1.08 6.15
C HIS A 311 39.90 -1.02 5.29
N SER A 312 39.76 -0.59 4.03
CA SER A 312 40.95 -0.27 3.25
C SER A 312 41.57 1.04 3.67
N GLY A 313 40.80 1.94 4.26
CA GLY A 313 41.27 3.26 4.62
C GLY A 313 41.27 4.26 3.49
N SER A 314 40.76 3.88 2.31
CA SER A 314 40.85 4.72 1.14
C SER A 314 39.80 5.83 1.12
N ASP A 315 38.76 5.72 1.94
CA ASP A 315 37.71 6.72 1.95
C ASP A 315 37.13 6.82 3.35
N MET A 316 36.75 8.04 3.74
CA MET A 316 36.06 8.22 5.00
C MET A 316 34.89 9.17 4.78
N VAL A 317 33.87 9.04 5.61
CA VAL A 317 32.69 9.90 5.53
C VAL A 317 32.37 10.41 6.93
N GLN A 318 32.30 11.73 7.09
CA GLN A 318 31.79 12.34 8.31
C GLN A 318 30.31 12.63 8.11
N ALA A 319 29.48 12.20 9.06
CA ALA A 319 28.04 12.45 9.02
C ALA A 319 27.57 12.84 10.41
N GLU A 320 26.83 13.93 10.50
CA GLU A 320 26.39 14.45 11.78
C GLU A 320 24.87 14.44 11.85
N ARG A 321 24.33 13.81 12.88
CA ARG A 321 22.91 13.86 13.17
C ARG A 321 22.72 14.85 14.31
N SER A 322 22.06 15.96 14.01
CA SER A 322 21.88 17.03 14.97
C SER A 322 20.39 17.20 15.27
N GLY A 323 20.12 18.04 16.26
CA GLY A 323 18.75 18.35 16.63
C GLY A 323 18.00 17.21 17.28
N ILE A 324 18.67 16.42 18.13
CA ILE A 324 17.99 15.43 18.95
C ILE A 324 17.70 16.11 20.28
N PRO A 325 16.46 16.49 20.56
CA PRO A 325 16.18 17.28 21.76
C PRO A 325 16.14 16.42 23.02
N ILE A 326 16.41 17.07 24.15
CA ILE A 326 16.29 16.45 25.45
C ILE A 326 14.97 16.92 26.04
N VAL A 327 14.01 16.01 26.16
CA VAL A 327 12.65 16.37 26.55
C VAL A 327 12.22 15.49 27.70
N THR A 328 11.25 16.00 28.48
CA THR A 328 10.62 15.24 29.53
C THR A 328 9.33 14.57 29.08
N SER A 329 8.99 14.69 27.80
CA SER A 329 7.76 14.15 27.28
C SER A 329 7.97 13.82 25.81
N PRO A 330 7.50 12.65 25.33
CA PRO A 330 7.76 12.27 23.94
C PRO A 330 6.90 12.98 22.92
N TYR A 331 5.96 13.82 23.31
CA TYR A 331 5.06 14.49 22.37
C TYR A 331 5.02 15.98 22.68
N GLN A 332 4.37 16.73 21.80
CA GLN A 332 4.13 18.14 21.97
C GLN A 332 2.74 18.47 21.46
N ILE A 333 2.01 19.28 22.21
CA ILE A 333 0.68 19.72 21.85
C ILE A 333 0.79 21.11 21.27
N HIS A 334 0.18 21.34 20.10
CA HIS A 334 0.15 22.65 19.48
C HIS A 334 -1.28 23.02 19.12
N PHE A 335 -1.64 24.27 19.39
CA PHE A 335 -2.87 24.85 18.90
C PHE A 335 -2.49 25.90 17.87
N THR A 336 -2.25 25.45 16.65
CA THR A 336 -1.97 26.35 15.54
C THR A 336 -2.96 26.20 14.41
N LYS A 337 -3.54 25.01 14.24
CA LYS A 337 -4.58 24.79 13.24
C LYS A 337 -5.97 25.02 13.78
N THR A 338 -6.09 25.27 15.08
CA THR A 338 -7.29 25.53 15.88
C THR A 338 -7.66 27.00 15.78
N PRO A 339 -8.95 27.32 15.66
CA PRO A 339 -9.39 28.70 15.87
C PRO A 339 -9.17 29.14 17.30
N LYS A 340 -8.93 30.44 17.47
CA LYS A 340 -8.82 31.01 18.80
C LYS A 340 -10.11 31.66 19.25
N TYR A 341 -11.17 31.54 18.48
CA TYR A 341 -12.44 32.18 18.80
C TYR A 341 -13.57 31.16 18.63
N PHE A 342 -14.49 31.16 19.58
CA PHE A 342 -15.58 30.20 19.59
C PHE A 342 -16.91 30.92 19.64
N LYS A 343 -17.93 30.26 19.12
CA LYS A 343 -19.29 30.75 19.25
C LYS A 343 -19.89 30.15 20.51
N PRO A 344 -20.33 30.97 21.48
CA PRO A 344 -20.86 30.40 22.73
C PRO A 344 -22.23 29.77 22.53
N GLY A 345 -22.34 28.53 23.00
CA GLY A 345 -23.49 27.71 22.74
C GLY A 345 -23.32 26.69 21.64
N MET A 346 -22.24 26.78 20.87
CA MET A 346 -21.91 25.84 19.82
C MET A 346 -20.81 24.90 20.26
N PRO A 347 -20.66 23.76 19.58
CA PRO A 347 -19.41 23.01 19.68
C PRO A 347 -18.22 23.80 19.19
N PHE A 348 -17.11 23.60 19.86
CA PHE A 348 -15.83 24.14 19.49
C PHE A 348 -14.95 22.98 19.06
N ASP A 349 -14.43 23.06 17.84
CA ASP A 349 -13.65 21.99 17.24
C ASP A 349 -12.18 22.28 17.49
N LEU A 350 -11.62 21.68 18.53
CA LEU A 350 -10.19 21.75 18.75
C LEU A 350 -9.48 20.91 17.71
N MET A 351 -8.62 21.55 16.93
CA MET A 351 -7.87 20.88 15.88
C MET A 351 -6.45 20.80 16.43
N VAL A 352 -6.20 19.78 17.25
CA VAL A 352 -5.02 19.72 18.10
C VAL A 352 -3.89 19.03 17.33
N PHE A 353 -2.78 19.74 17.15
CA PHE A 353 -1.65 19.26 16.38
C PHE A 353 -0.64 18.63 17.34
N VAL A 354 -0.57 17.30 17.34
CA VAL A 354 0.37 16.58 18.19
C VAL A 354 1.60 16.26 17.37
N THR A 355 2.77 16.59 17.91
CA THR A 355 4.02 16.47 17.17
C THR A 355 5.05 15.69 17.96
N ASN A 356 5.94 15.03 17.22
CA ASN A 356 7.20 14.56 17.76
C ASN A 356 8.07 15.77 18.09
N PRO A 357 8.99 15.66 19.08
CA PRO A 357 9.70 16.86 19.56
C PRO A 357 10.71 17.46 18.60
N ASP A 358 11.09 16.76 17.54
CA ASP A 358 11.88 17.42 16.50
C ASP A 358 11.03 18.32 15.62
N GLY A 359 9.76 17.98 15.42
CA GLY A 359 8.88 18.76 14.59
C GLY A 359 8.03 17.91 13.67
N SER A 360 8.31 16.61 13.65
CA SER A 360 7.54 15.69 12.82
C SER A 360 6.16 15.48 13.43
N PRO A 361 5.13 15.29 12.60
CA PRO A 361 3.79 15.01 13.14
C PRO A 361 3.69 13.63 13.76
N ALA A 362 2.91 13.55 14.83
CA ALA A 362 2.69 12.30 15.53
C ALA A 362 1.58 11.50 14.86
N TYR A 363 1.43 10.26 15.30
CA TYR A 363 0.45 9.36 14.69
C TYR A 363 -0.07 8.39 15.75
N ARG A 364 -1.40 8.20 15.75
CA ARG A 364 -2.15 7.33 16.66
C ARG A 364 -1.90 7.67 18.13
N VAL A 365 -1.84 8.95 18.44
CA VAL A 365 -1.58 9.43 19.79
C VAL A 365 -2.91 9.93 20.36
N PRO A 366 -3.48 9.25 21.36
CA PRO A 366 -4.77 9.69 21.90
C PRO A 366 -4.61 10.90 22.81
N VAL A 367 -5.40 11.94 22.54
CA VAL A 367 -5.39 13.16 23.33
C VAL A 367 -6.79 13.38 23.88
N ALA A 368 -6.87 14.18 24.94
CA ALA A 368 -8.12 14.39 25.62
C ALA A 368 -8.09 15.73 26.33
N VAL A 369 -9.27 16.36 26.38
CA VAL A 369 -9.43 17.58 27.16
C VAL A 369 -9.47 17.22 28.63
N GLN A 370 -8.71 17.96 29.44
CA GLN A 370 -8.68 17.71 30.88
C GLN A 370 -9.99 18.18 31.51
N GLY A 371 -10.61 17.31 32.30
CA GLY A 371 -11.91 17.54 32.86
C GLY A 371 -13.06 16.95 32.07
N GLU A 372 -12.84 16.62 30.80
CA GLU A 372 -13.83 15.95 29.95
C GLU A 372 -13.18 14.67 29.45
N ASP A 373 -13.27 13.62 30.25
CA ASP A 373 -12.57 12.36 29.97
C ASP A 373 -13.23 11.55 28.86
N THR A 374 -14.48 11.85 28.51
CA THR A 374 -15.15 11.11 27.45
C THR A 374 -14.65 11.53 26.08
N VAL A 375 -14.13 12.74 25.95
CA VAL A 375 -13.66 13.24 24.65
C VAL A 375 -12.21 12.78 24.53
N GLN A 376 -12.06 11.53 24.09
CA GLN A 376 -10.74 10.97 23.79
C GLN A 376 -10.67 10.70 22.30
N SER A 377 -9.95 11.54 21.58
CA SER A 377 -9.82 11.41 20.15
C SER A 377 -8.55 10.62 19.82
N LEU A 378 -8.21 10.59 18.54
CA LEU A 378 -7.03 9.88 18.09
C LEU A 378 -6.37 10.68 16.99
N THR A 379 -5.04 10.73 17.02
CA THR A 379 -4.28 11.53 16.07
C THR A 379 -4.18 10.82 14.73
N GLN A 380 -4.62 11.49 13.66
CA GLN A 380 -4.65 10.91 12.33
C GLN A 380 -3.28 11.02 11.66
N GLY A 381 -3.24 10.71 10.37
CA GLY A 381 -1.98 10.66 9.64
C GLY A 381 -1.37 12.02 9.33
N ASP A 382 -2.17 13.09 9.39
CA ASP A 382 -1.65 14.44 9.23
C ASP A 382 -1.17 15.03 10.55
N GLY A 383 -1.24 14.27 11.64
CA GLY A 383 -0.69 14.69 12.90
C GLY A 383 -1.64 15.49 13.77
N VAL A 384 -2.87 15.70 13.34
CA VAL A 384 -3.78 16.59 14.04
C VAL A 384 -5.10 15.85 14.28
N ALA A 385 -5.56 15.87 15.53
CA ALA A 385 -6.78 15.21 15.95
C ALA A 385 -7.89 16.22 16.17
N LYS A 386 -9.13 15.78 16.00
CA LYS A 386 -10.29 16.65 16.11
C LYS A 386 -11.03 16.32 17.40
N LEU A 387 -11.29 17.34 18.21
CA LEU A 387 -11.99 17.17 19.49
C LEU A 387 -13.10 18.21 19.54
N SER A 388 -14.34 17.79 19.36
CA SER A 388 -15.46 18.71 19.39
C SER A 388 -16.04 18.74 20.80
N ILE A 389 -15.87 19.86 21.49
CA ILE A 389 -16.38 20.02 22.84
C ILE A 389 -17.58 20.95 22.80
N ASN A 390 -18.35 20.95 23.89
CA ASN A 390 -19.53 21.78 23.99
C ASN A 390 -19.24 23.00 24.84
N THR A 391 -19.68 24.16 24.39
CA THR A 391 -19.43 25.41 25.06
C THR A 391 -20.74 25.95 25.65
N HIS A 392 -20.65 26.48 26.86
CA HIS A 392 -21.83 27.03 27.52
C HIS A 392 -22.22 28.36 26.90
N PRO A 393 -23.52 28.66 26.79
CA PRO A 393 -23.94 29.94 26.20
C PRO A 393 -23.81 31.12 27.17
N SER A 394 -22.57 31.51 27.44
CA SER A 394 -22.27 32.68 28.24
C SER A 394 -20.97 33.29 27.75
N GLN A 395 -20.89 34.61 27.78
CA GLN A 395 -19.76 35.34 27.20
C GLN A 395 -18.59 35.35 28.18
N LYS A 396 -17.90 34.22 28.24
CA LYS A 396 -16.73 34.02 29.07
C LYS A 396 -15.63 33.40 28.24
N PRO A 397 -14.36 33.67 28.57
CA PRO A 397 -13.26 32.99 27.88
C PRO A 397 -13.19 31.53 28.27
N LEU A 398 -12.89 30.68 27.29
CA LEU A 398 -12.84 29.24 27.48
C LEU A 398 -11.40 28.81 27.66
N SER A 399 -11.10 28.22 28.81
CA SER A 399 -9.78 27.73 29.12
C SER A 399 -9.75 26.23 28.83
N ILE A 400 -9.06 25.84 27.78
CA ILE A 400 -9.03 24.47 27.32
C ILE A 400 -7.65 23.90 27.56
N THR A 401 -7.57 22.83 28.35
CA THR A 401 -6.33 22.14 28.62
C THR A 401 -6.39 20.77 27.96
N VAL A 402 -5.42 20.48 27.10
CA VAL A 402 -5.37 19.23 26.35
C VAL A 402 -4.13 18.47 26.78
N ARG A 403 -4.32 17.21 27.19
CA ARG A 403 -3.23 16.32 27.56
C ARG A 403 -3.27 15.09 26.67
N THR A 404 -2.12 14.51 26.41
CA THR A 404 -2.11 13.21 25.75
C THR A 404 -2.52 12.12 26.73
N LYS A 405 -3.02 11.02 26.19
CA LYS A 405 -3.45 9.87 26.97
C LYS A 405 -2.78 8.60 26.47
N LYS A 406 -1.47 8.68 26.27
CA LYS A 406 -0.71 7.52 25.81
C LYS A 406 -0.56 6.52 26.95
N GLN A 407 -0.87 5.25 26.66
CA GLN A 407 -0.97 4.24 27.69
C GLN A 407 0.37 3.79 28.23
N GLU A 408 1.44 3.92 27.45
CA GLU A 408 2.73 3.35 27.81
C GLU A 408 3.63 4.32 28.55
N LEU A 409 3.14 5.52 28.88
CA LEU A 409 3.94 6.51 29.59
C LEU A 409 3.32 6.77 30.95
N SER A 410 4.08 7.43 31.82
CA SER A 410 3.57 7.84 33.11
C SER A 410 2.79 9.15 32.97
N GLU A 411 2.26 9.63 34.09
CA GLU A 411 1.49 10.86 34.06
C GLU A 411 2.36 12.12 33.97
N ALA A 412 3.65 12.00 34.23
CA ALA A 412 4.56 13.12 34.09
C ALA A 412 5.16 13.21 32.68
N GLU A 413 4.91 12.23 31.83
CA GLU A 413 5.41 12.24 30.46
C GLU A 413 4.34 12.64 29.46
N GLN A 414 3.16 13.06 29.91
CA GLN A 414 2.10 13.44 29.00
C GLN A 414 2.19 14.93 28.71
N ALA A 415 2.21 15.27 27.43
CA ALA A 415 2.34 16.66 27.01
C ALA A 415 1.00 17.37 27.14
N THR A 416 1.01 18.52 27.81
CA THR A 416 -0.18 19.33 28.00
C THR A 416 0.01 20.68 27.34
N ARG A 417 -1.09 21.28 26.89
CA ARG A 417 -1.08 22.71 26.57
C ARG A 417 -2.45 23.30 26.85
N THR A 418 -2.48 24.60 27.15
CA THR A 418 -3.68 25.32 27.52
C THR A 418 -3.89 26.50 26.58
N MET A 419 -5.15 26.71 26.19
CA MET A 419 -5.55 27.77 25.28
C MET A 419 -6.68 28.58 25.90
N GLN A 420 -6.56 29.90 25.90
CA GLN A 420 -7.68 30.78 26.18
C GLN A 420 -8.33 31.16 24.85
N ALA A 421 -9.55 30.67 24.62
CA ALA A 421 -10.30 31.00 23.42
C ALA A 421 -11.41 31.97 23.78
N LEU A 422 -11.48 33.06 23.07
CA LEU A 422 -12.41 34.14 23.39
C LEU A 422 -13.73 33.95 22.65
N PRO A 423 -14.85 34.44 23.20
CA PRO A 423 -16.11 34.35 22.45
C PRO A 423 -16.18 35.31 21.29
N TYR A 424 -16.92 34.90 20.26
CA TYR A 424 -17.25 35.77 19.14
C TYR A 424 -18.17 36.88 19.62
N SER A 425 -17.89 38.10 19.20
CA SER A 425 -18.63 39.27 19.69
C SER A 425 -19.69 39.65 18.66
N THR A 426 -20.96 39.45 19.02
CA THR A 426 -22.06 39.89 18.21
C THR A 426 -22.23 41.40 18.32
N VAL A 427 -22.86 41.99 17.31
CA VAL A 427 -23.08 43.44 17.31
C VAL A 427 -24.34 43.75 18.12
N GLY A 428 -24.19 44.63 19.11
CA GLY A 428 -25.30 45.04 19.94
C GLY A 428 -25.78 43.98 20.92
N ASN A 429 -24.90 43.01 21.23
CA ASN A 429 -25.17 41.70 21.87
C ASN A 429 -26.50 41.07 21.45
N SER A 430 -26.68 40.98 20.14
CA SER A 430 -27.97 40.63 19.55
C SER A 430 -28.21 39.13 19.46
N ASN A 431 -27.24 38.30 19.90
CA ASN A 431 -27.33 36.84 20.00
C ASN A 431 -27.52 36.16 18.64
N ASN A 432 -26.97 36.74 17.57
CA ASN A 432 -27.05 36.19 16.22
C ASN A 432 -25.69 35.62 15.83
N TYR A 433 -25.61 34.31 15.69
CA TYR A 433 -24.38 33.62 15.35
C TYR A 433 -24.58 32.80 14.09
N LEU A 434 -23.51 32.63 13.35
CA LEU A 434 -23.46 31.67 12.25
C LEU A 434 -22.43 30.62 12.62
N HIS A 435 -22.81 29.35 12.49
CA HIS A 435 -21.89 28.26 12.75
C HIS A 435 -21.60 27.51 11.45
N LEU A 436 -20.32 27.25 11.21
CA LEU A 436 -19.80 26.70 9.97
C LEU A 436 -19.19 25.36 10.30
N SER A 437 -19.97 24.29 10.25
CA SER A 437 -19.51 22.97 10.65
C SER A 437 -19.00 22.21 9.45
N VAL A 438 -17.72 21.84 9.48
CA VAL A 438 -17.11 21.01 8.45
C VAL A 438 -16.57 19.78 9.13
N LEU A 439 -17.14 18.61 8.82
CA LEU A 439 -16.72 17.35 9.43
C LEU A 439 -15.60 16.78 8.56
N ARG A 440 -14.39 17.30 8.77
CA ARG A 440 -13.25 16.98 7.93
C ARG A 440 -12.17 16.28 8.75
N THR A 441 -11.45 15.37 8.07
CA THR A 441 -10.18 14.85 8.56
C THR A 441 -9.04 15.24 7.61
N GLU A 442 -9.13 14.81 6.36
CA GLU A 442 -8.19 15.19 5.30
C GLU A 442 -8.90 14.96 3.98
N LEU A 443 -8.56 15.76 2.98
CA LEU A 443 -9.23 15.69 1.69
C LEU A 443 -8.23 15.57 0.57
N ARG A 444 -8.40 14.55 -0.23
CA ARG A 444 -7.82 14.56 -1.56
C ARG A 444 -8.68 15.46 -2.45
N PRO A 445 -8.10 16.08 -3.48
CA PRO A 445 -8.92 16.75 -4.48
C PRO A 445 -9.71 15.75 -5.31
N GLY A 446 -10.85 16.20 -5.82
CA GLY A 446 -11.78 15.35 -6.53
C GLY A 446 -12.91 14.83 -5.67
N GLU A 447 -12.75 14.84 -4.36
CA GLU A 447 -13.81 14.44 -3.44
C GLU A 447 -14.70 15.64 -3.13
N THR A 448 -15.56 15.51 -2.14
CA THR A 448 -16.44 16.60 -1.75
C THR A 448 -16.50 16.69 -0.23
N LEU A 449 -16.82 17.88 0.25
CA LEU A 449 -17.17 18.04 1.66
C LEU A 449 -18.51 18.74 1.76
N ASN A 450 -19.06 18.75 2.96
CA ASN A 450 -20.39 19.31 3.21
C ASN A 450 -20.28 20.39 4.27
N VAL A 451 -20.31 21.65 3.84
CA VAL A 451 -20.34 22.76 4.77
C VAL A 451 -21.74 22.85 5.37
N ASN A 452 -21.82 22.87 6.70
CA ASN A 452 -23.08 22.97 7.40
C ASN A 452 -23.22 24.39 7.92
N PHE A 453 -24.10 25.17 7.29
CA PHE A 453 -24.46 26.48 7.80
C PHE A 453 -25.53 26.30 8.85
N LEU A 454 -25.36 26.93 10.00
CA LEU A 454 -26.37 26.82 11.05
C LEU A 454 -26.61 28.20 11.64
N LEU A 455 -27.86 28.64 11.60
CA LEU A 455 -28.31 29.93 12.07
C LEU A 455 -28.55 29.90 13.57
N ARG A 456 -28.30 31.02 14.23
CA ARG A 456 -28.65 31.12 15.65
C ARG A 456 -29.13 32.55 15.88
N MET A 457 -30.45 32.73 15.82
CA MET A 457 -31.10 34.03 15.93
C MET A 457 -32.58 33.84 16.22
N ASP A 458 -33.24 34.94 16.57
CA ASP A 458 -34.63 34.96 16.98
C ASP A 458 -35.55 34.75 15.77
N ARG A 459 -36.76 34.26 16.05
CA ARG A 459 -37.72 33.99 14.98
C ARG A 459 -38.56 35.21 14.63
N ALA A 460 -38.45 36.30 15.39
CA ALA A 460 -39.16 37.52 15.04
C ALA A 460 -38.56 38.19 13.82
N HIS A 461 -37.28 37.96 13.56
CA HIS A 461 -36.61 38.43 12.36
C HIS A 461 -36.41 37.33 11.33
N GLU A 462 -37.01 36.16 11.53
CA GLU A 462 -36.86 35.07 10.58
C GLU A 462 -37.69 35.32 9.32
N ALA A 463 -37.36 34.54 8.29
CA ALA A 463 -37.69 34.71 6.87
C ALA A 463 -37.23 36.04 6.30
N LYS A 464 -36.19 36.65 6.87
CA LYS A 464 -35.45 37.73 6.26
C LYS A 464 -34.07 37.29 5.79
N ILE A 465 -33.72 36.04 6.04
CA ILE A 465 -32.47 35.45 5.59
C ILE A 465 -32.79 34.40 4.55
N ARG A 466 -32.40 34.66 3.31
CA ARG A 466 -32.65 33.74 2.23
C ARG A 466 -31.40 33.14 1.65
N TYR A 467 -30.22 33.60 2.05
CA TYR A 467 -28.98 33.09 1.50
C TYR A 467 -27.87 33.25 2.50
N TYR A 468 -26.83 32.46 2.33
CA TYR A 468 -25.54 32.66 2.96
C TYR A 468 -24.52 32.84 1.85
N THR A 469 -23.75 33.92 1.91
CA THR A 469 -22.69 34.12 0.93
C THR A 469 -21.46 33.36 1.40
N TYR A 470 -20.93 32.49 0.56
CA TYR A 470 -19.69 31.80 0.83
C TYR A 470 -18.63 32.24 -0.17
N LEU A 471 -17.40 32.36 0.31
CA LEU A 471 -16.23 32.70 -0.48
C LEU A 471 -15.11 31.75 -0.12
N ILE A 472 -14.30 31.39 -1.11
CA ILE A 472 -13.17 30.49 -0.90
C ILE A 472 -11.93 31.34 -1.09
N MET A 473 -11.06 31.38 -0.07
CA MET A 473 -9.74 31.94 -0.22
C MET A 473 -8.72 30.83 -0.36
N ASN A 474 -8.02 30.80 -1.49
CA ASN A 474 -6.96 29.84 -1.74
C ASN A 474 -5.81 30.60 -2.37
N LYS A 475 -4.60 30.41 -1.82
CA LYS A 475 -3.35 31.08 -2.21
C LYS A 475 -3.45 32.60 -2.15
N GLY A 476 -4.17 33.11 -1.15
CA GLY A 476 -4.22 34.54 -0.92
C GLY A 476 -5.12 35.32 -1.86
N ARG A 477 -5.98 34.65 -2.63
CA ARG A 477 -6.91 35.36 -3.49
C ARG A 477 -8.19 34.56 -3.59
N LEU A 478 -9.26 35.24 -4.01
CA LEU A 478 -10.58 34.62 -4.09
C LEU A 478 -10.65 33.62 -5.23
N LEU A 479 -10.96 32.37 -4.88
CA LEU A 479 -11.06 31.30 -5.86
C LEU A 479 -12.47 31.12 -6.39
N LYS A 480 -13.45 31.03 -5.50
CA LYS A 480 -14.84 30.82 -5.91
C LYS A 480 -15.74 31.51 -4.90
N ALA A 481 -16.65 32.33 -5.38
CA ALA A 481 -17.65 32.97 -4.55
C ALA A 481 -19.03 32.54 -4.99
N GLY A 482 -19.90 32.24 -4.03
CA GLY A 482 -21.23 31.77 -4.36
C GLY A 482 -22.22 32.16 -3.30
N ARG A 483 -23.48 31.90 -3.59
CA ARG A 483 -24.56 32.01 -2.63
C ARG A 483 -25.12 30.62 -2.36
N GLN A 484 -25.59 30.41 -1.14
CA GLN A 484 -26.30 29.20 -0.77
C GLN A 484 -27.70 29.60 -0.34
N VAL A 485 -28.71 29.06 -1.01
CA VAL A 485 -30.09 29.47 -0.77
C VAL A 485 -30.58 28.78 0.50
N ARG A 486 -31.21 29.55 1.38
CA ARG A 486 -31.72 29.06 2.65
C ARG A 486 -33.21 29.41 2.71
N GLU A 487 -34.06 28.42 2.50
CA GLU A 487 -35.49 28.60 2.64
C GLU A 487 -35.84 28.78 4.11
N PRO A 488 -36.83 29.61 4.44
CA PRO A 488 -37.20 29.81 5.86
C PRO A 488 -37.80 28.56 6.49
N GLY A 489 -37.44 28.34 7.75
CA GLY A 489 -37.73 27.10 8.43
C GLY A 489 -36.55 26.17 8.52
N GLN A 490 -35.52 26.38 7.69
CA GLN A 490 -34.31 25.56 7.72
C GLN A 490 -33.34 26.19 8.71
N ASP A 491 -33.14 25.54 9.86
CA ASP A 491 -32.11 26.00 10.79
C ASP A 491 -30.73 25.63 10.29
N LEU A 492 -30.57 24.46 9.70
CA LEU A 492 -29.32 23.99 9.14
C LEU A 492 -29.48 23.76 7.65
N VAL A 493 -28.52 24.22 6.87
CA VAL A 493 -28.45 23.84 5.46
C VAL A 493 -27.06 23.31 5.16
N VAL A 494 -26.98 22.52 4.09
CA VAL A 494 -25.76 21.83 3.72
C VAL A 494 -25.40 22.22 2.30
N LEU A 495 -24.18 22.70 2.12
CA LEU A 495 -23.65 23.03 0.81
C LEU A 495 -22.54 22.06 0.45
N PRO A 496 -22.63 21.33 -0.66
CA PRO A 496 -21.54 20.43 -1.05
C PRO A 496 -20.47 21.18 -1.83
N LEU A 497 -19.28 21.28 -1.25
CA LEU A 497 -18.12 21.80 -1.96
C LEU A 497 -17.47 20.64 -2.70
N SER A 498 -17.38 20.76 -4.02
CA SER A 498 -16.61 19.82 -4.83
C SER A 498 -15.17 20.29 -4.81
N ILE A 499 -14.33 19.60 -4.04
CA ILE A 499 -12.94 20.00 -3.86
C ILE A 499 -12.17 19.58 -5.11
N THR A 500 -11.92 20.53 -6.00
CA THR A 500 -11.17 20.27 -7.22
C THR A 500 -9.67 20.42 -6.93
N THR A 501 -8.86 20.37 -7.99
CA THR A 501 -7.42 20.37 -7.83
C THR A 501 -6.84 21.77 -7.61
N ASP A 502 -7.64 22.82 -7.72
CA ASP A 502 -7.17 24.17 -7.42
C ASP A 502 -7.54 24.62 -6.02
N PHE A 503 -7.76 23.67 -5.11
CA PHE A 503 -7.94 23.97 -3.69
C PHE A 503 -6.68 23.64 -2.89
N ILE A 504 -5.70 23.02 -3.51
CA ILE A 504 -4.37 22.74 -2.94
C ILE A 504 -3.67 24.07 -2.68
N PRO A 505 -3.04 24.29 -1.51
CA PRO A 505 -2.87 23.41 -0.33
C PRO A 505 -3.96 23.49 0.72
N SER A 506 -4.65 24.61 0.85
CA SER A 506 -5.69 24.78 1.85
C SER A 506 -6.61 25.87 1.36
N PHE A 507 -7.77 25.98 2.01
CA PHE A 507 -8.66 27.07 1.66
C PHE A 507 -9.37 27.56 2.90
N ARG A 508 -9.91 28.76 2.79
CA ARG A 508 -10.70 29.38 3.84
C ARG A 508 -12.11 29.59 3.32
N LEU A 509 -13.06 28.93 3.96
CA LEU A 509 -14.46 29.13 3.66
C LEU A 509 -14.94 30.28 4.54
N VAL A 510 -15.28 31.40 3.94
CA VAL A 510 -15.80 32.55 4.66
C VAL A 510 -17.25 32.70 4.27
N ALA A 511 -18.14 32.72 5.26
CA ALA A 511 -19.56 32.82 4.99
C ALA A 511 -20.15 33.94 5.82
N TYR A 512 -21.15 34.61 5.25
CA TYR A 512 -21.82 35.65 6.01
C TYR A 512 -23.26 35.78 5.57
N TYR A 513 -24.04 36.45 6.40
CA TYR A 513 -25.35 36.94 6.03
C TYR A 513 -25.55 38.32 6.62
N THR A 514 -26.60 38.98 6.18
CA THR A 514 -26.94 40.30 6.67
C THR A 514 -28.41 40.34 7.07
N LEU A 515 -28.73 41.25 7.98
CA LEU A 515 -30.05 41.32 8.58
C LEU A 515 -30.34 42.75 8.96
N ILE A 516 -31.48 43.27 8.52
CA ILE A 516 -31.77 44.69 8.62
C ILE A 516 -32.61 45.00 9.86
N GLY A 517 -33.66 44.23 10.11
CA GLY A 517 -34.62 44.60 11.14
C GLY A 517 -34.39 43.95 12.49
N ALA A 518 -33.13 43.68 12.84
CA ALA A 518 -32.82 43.06 14.13
C ALA A 518 -33.03 44.03 15.29
N SER A 519 -32.48 45.24 15.18
CA SER A 519 -32.73 46.27 16.16
C SER A 519 -32.87 47.65 15.52
N GLY A 520 -33.09 47.71 14.21
CA GLY A 520 -33.24 48.95 13.50
C GLY A 520 -32.09 49.33 12.59
N GLN A 521 -30.95 48.64 12.69
CA GLN A 521 -29.81 48.93 11.84
C GLN A 521 -29.29 47.63 11.23
N ARG A 522 -28.46 47.78 10.20
CA ARG A 522 -27.95 46.64 9.46
C ARG A 522 -26.92 45.87 10.27
N GLU A 523 -26.95 44.55 10.12
CA GLU A 523 -26.11 43.66 10.91
C GLU A 523 -25.52 42.60 10.00
N VAL A 524 -24.22 42.39 10.08
CA VAL A 524 -23.52 41.41 9.26
C VAL A 524 -22.93 40.38 10.21
N VAL A 525 -23.25 39.12 10.00
CA VAL A 525 -22.76 38.05 10.85
C VAL A 525 -22.02 37.05 9.97
N ALA A 526 -20.78 36.74 10.34
CA ALA A 526 -19.90 35.95 9.51
C ALA A 526 -19.23 34.85 10.31
N ASP A 527 -18.64 33.91 9.59
CA ASP A 527 -17.85 32.83 10.16
C ASP A 527 -16.85 32.44 9.08
N SER A 528 -15.79 31.75 9.48
CA SER A 528 -14.82 31.25 8.52
C SER A 528 -14.19 29.99 9.09
N VAL A 529 -13.76 29.10 8.20
CA VAL A 529 -13.08 27.88 8.59
C VAL A 529 -11.91 27.64 7.65
N TRP A 530 -10.78 27.25 8.20
CA TRP A 530 -9.60 26.89 7.43
C TRP A 530 -9.59 25.39 7.26
N VAL A 531 -9.73 24.93 6.02
CA VAL A 531 -9.79 23.52 5.69
C VAL A 531 -8.52 23.14 4.94
N ASP A 532 -7.86 22.09 5.39
CA ASP A 532 -6.59 21.66 4.81
C ASP A 532 -6.84 20.55 3.80
N VAL A 533 -6.48 20.80 2.57
CA VAL A 533 -6.49 19.82 1.50
C VAL A 533 -5.13 19.11 1.57
N LYS A 534 -5.07 17.84 1.16
CA LYS A 534 -3.78 17.14 1.12
C LYS A 534 -2.89 17.75 0.05
N ASP A 535 -1.67 18.11 0.43
CA ASP A 535 -0.75 18.84 -0.43
C ASP A 535 -0.12 17.87 -1.42
N SER A 536 -0.49 18.02 -2.69
CA SER A 536 0.16 17.27 -3.76
C SER A 536 0.40 18.21 -4.93
N CYS A 537 0.78 17.66 -6.08
CA CYS A 537 0.86 18.47 -7.28
C CYS A 537 -0.54 18.79 -7.79
N VAL A 538 -0.65 19.90 -8.53
CA VAL A 538 -1.90 20.20 -9.22
C VAL A 538 -2.13 19.21 -10.35
N GLY A 539 -1.10 19.00 -11.17
CA GLY A 539 -1.12 17.91 -12.12
C GLY A 539 -0.44 16.70 -11.52
N SER A 540 0.42 16.03 -12.30
CA SER A 540 1.21 14.93 -11.78
C SER A 540 2.48 14.85 -12.60
N LEU A 541 3.50 14.24 -12.00
CA LEU A 541 4.73 13.93 -12.73
C LEU A 541 5.37 12.72 -12.08
N VAL A 542 5.52 11.65 -12.85
CA VAL A 542 6.11 10.41 -12.38
C VAL A 542 7.22 10.05 -13.35
N VAL A 543 8.44 9.89 -12.84
CA VAL A 543 9.58 9.43 -13.62
C VAL A 543 9.90 8.02 -13.14
N LYS A 544 9.87 7.06 -14.05
CA LYS A 544 10.21 5.69 -13.69
C LYS A 544 10.92 5.04 -14.87
N SER A 545 11.05 3.71 -14.81
CA SER A 545 11.82 2.96 -15.79
C SER A 545 10.91 2.60 -16.96
N GLY A 546 11.28 3.04 -18.16
CA GLY A 546 10.53 2.65 -19.35
C GLY A 546 10.77 1.20 -19.73
N GLN A 547 11.95 0.69 -19.42
CA GLN A 547 12.23 -0.71 -19.64
C GLN A 547 11.75 -1.54 -18.45
N SER A 548 12.07 -2.83 -18.48
CA SER A 548 11.52 -3.77 -17.50
C SER A 548 12.20 -3.63 -16.13
N GLU A 549 13.48 -3.26 -16.13
CA GLU A 549 14.39 -3.13 -14.97
C GLU A 549 14.49 -4.42 -14.16
N ASP A 550 14.35 -5.58 -14.80
CA ASP A 550 14.71 -6.83 -14.13
C ASP A 550 16.21 -6.97 -14.05
N ARG A 551 16.92 -6.48 -15.05
CA ARG A 551 18.37 -6.44 -15.03
C ARG A 551 18.86 -5.22 -14.24
N GLN A 552 20.07 -5.33 -13.74
CA GLN A 552 20.70 -4.16 -13.15
C GLN A 552 21.47 -3.42 -14.24
N PRO A 553 21.36 -2.08 -14.30
CA PRO A 553 22.06 -1.34 -15.38
C PRO A 553 23.57 -1.31 -15.19
N VAL A 554 24.25 -1.12 -16.30
CA VAL A 554 25.71 -1.24 -16.43
C VAL A 554 26.19 0.14 -16.88
N PRO A 555 27.42 0.57 -16.56
CA PRO A 555 27.92 1.85 -17.06
C PRO A 555 28.04 1.88 -18.58
N GLY A 556 27.47 2.92 -19.19
CA GLY A 556 27.41 3.05 -20.63
C GLY A 556 26.18 2.46 -21.27
N GLN A 557 25.33 1.77 -20.51
CA GLN A 557 24.15 1.13 -21.06
C GLN A 557 23.07 2.16 -21.34
N GLN A 558 22.45 2.06 -22.52
CA GLN A 558 21.27 2.85 -22.83
C GLN A 558 20.10 2.42 -21.96
N MET A 559 19.47 3.39 -21.31
CA MET A 559 18.39 3.13 -20.38
C MET A 559 17.18 3.97 -20.78
N THR A 560 16.00 3.38 -20.68
CA THR A 560 14.78 4.03 -21.13
C THR A 560 14.03 4.60 -19.94
N LEU A 561 13.85 5.91 -19.94
CA LEU A 561 13.18 6.65 -18.88
C LEU A 561 11.76 6.98 -19.32
N LYS A 562 10.78 6.63 -18.50
CA LYS A 562 9.39 6.91 -18.78
C LYS A 562 8.93 8.08 -17.92
N ILE A 563 8.44 9.11 -18.56
CA ILE A 563 7.97 10.32 -17.90
C ILE A 563 6.47 10.44 -18.15
N GLU A 564 5.68 10.41 -17.08
CA GLU A 564 4.24 10.55 -17.17
C GLU A 564 3.85 11.88 -16.54
N GLY A 565 3.25 12.76 -17.34
CA GLY A 565 2.88 14.07 -16.84
C GLY A 565 1.65 14.63 -17.50
N ASP A 566 1.47 15.94 -17.41
CA ASP A 566 0.34 16.57 -18.09
C ASP A 566 0.67 16.79 -19.56
N HIS A 567 -0.37 17.03 -20.35
CA HIS A 567 -0.18 17.26 -21.78
C HIS A 567 0.37 18.65 -22.03
N GLY A 568 1.43 18.73 -22.82
CA GLY A 568 2.01 20.00 -23.19
C GLY A 568 2.93 20.62 -22.16
N ALA A 569 3.18 19.94 -21.05
CA ALA A 569 4.06 20.45 -20.01
C ALA A 569 5.51 20.37 -20.44
N ARG A 570 6.29 21.36 -20.02
CA ARG A 570 7.72 21.33 -20.25
C ARG A 570 8.40 20.68 -19.06
N VAL A 571 9.09 19.58 -19.29
CA VAL A 571 9.72 18.80 -18.23
C VAL A 571 11.21 19.07 -18.28
N VAL A 572 11.75 19.57 -17.20
CA VAL A 572 13.19 19.77 -17.07
C VAL A 572 13.73 18.73 -16.11
N LEU A 573 14.95 18.27 -16.37
CA LEU A 573 15.51 17.13 -15.67
C LEU A 573 16.90 17.45 -15.13
N VAL A 574 17.30 16.67 -14.13
CA VAL A 574 18.69 16.60 -13.69
C VAL A 574 18.93 15.21 -13.14
N ALA A 575 20.15 14.71 -13.29
CA ALA A 575 20.56 13.40 -12.78
C ALA A 575 21.86 13.60 -12.03
N VAL A 576 21.82 13.40 -10.71
CA VAL A 576 22.87 13.85 -9.80
C VAL A 576 23.43 12.61 -9.12
N ASP A 577 24.77 12.52 -9.03
CA ASP A 577 25.43 11.52 -8.21
C ASP A 577 25.07 11.72 -6.74
N LYS A 578 24.83 10.62 -6.04
CA LYS A 578 24.33 10.69 -4.68
C LYS A 578 25.40 11.06 -3.65
N GLY A 579 26.67 11.03 -4.03
CA GLY A 579 27.72 11.48 -3.12
C GLY A 579 27.71 12.98 -2.91
N VAL A 580 27.14 13.72 -3.86
CA VAL A 580 26.85 15.14 -3.68
C VAL A 580 25.84 15.33 -2.55
N PHE A 581 24.84 14.45 -2.47
CA PHE A 581 23.91 14.51 -1.36
C PHE A 581 24.49 13.96 -0.07
N VAL A 582 25.55 13.15 -0.16
CA VAL A 582 26.29 12.78 1.05
C VAL A 582 27.01 14.00 1.62
N LEU A 583 27.67 14.77 0.74
CA LEU A 583 28.42 15.93 1.22
C LEU A 583 27.50 17.08 1.62
N ASN A 584 26.49 17.38 0.82
CA ASN A 584 25.59 18.49 1.12
C ASN A 584 24.18 18.08 0.75
N LYS A 585 23.30 18.04 1.76
CA LYS A 585 21.95 17.55 1.59
C LYS A 585 20.92 18.66 1.47
N LYS A 586 21.20 19.84 2.01
CA LYS A 586 20.20 20.89 2.11
C LYS A 586 20.07 21.64 0.78
N ASN A 587 19.06 22.52 0.74
CA ASN A 587 18.70 23.39 -0.39
C ASN A 587 18.38 22.58 -1.65
N LYS A 588 17.38 21.72 -1.54
CA LYS A 588 16.89 20.92 -2.65
C LYS A 588 15.46 21.31 -2.96
N LEU A 589 15.13 21.38 -4.24
CA LEU A 589 13.80 21.78 -4.65
C LEU A 589 12.83 20.61 -4.50
N THR A 590 11.86 20.76 -3.60
CA THR A 590 10.81 19.78 -3.40
C THR A 590 9.47 20.46 -3.54
N GLN A 591 8.42 19.64 -3.69
CA GLN A 591 7.07 20.16 -3.83
C GLN A 591 6.57 20.74 -2.51
N SER A 592 6.99 20.14 -1.39
CA SER A 592 6.61 20.64 -0.07
C SER A 592 7.26 21.98 0.23
N LYS A 593 8.45 22.24 -0.32
CA LYS A 593 9.07 23.55 -0.19
C LYS A 593 8.31 24.61 -0.97
N ILE A 594 7.76 24.23 -2.12
CA ILE A 594 6.89 25.11 -2.90
C ILE A 594 5.62 25.43 -2.13
N TRP A 595 5.01 24.42 -1.51
CA TRP A 595 3.78 24.69 -0.79
C TRP A 595 3.99 25.35 0.56
N ASP A 596 5.19 25.30 1.15
CA ASP A 596 5.40 26.15 2.32
C ASP A 596 5.88 27.54 1.93
N VAL A 597 6.39 27.73 0.71
CA VAL A 597 6.60 29.08 0.20
C VAL A 597 5.25 29.75 -0.05
N VAL A 598 4.30 29.00 -0.61
CA VAL A 598 2.94 29.50 -0.83
C VAL A 598 2.21 29.69 0.50
N GLU A 599 2.38 28.77 1.44
CA GLU A 599 1.69 28.82 2.73
C GLU A 599 2.25 29.90 3.65
N LYS A 600 3.47 30.36 3.43
CA LYS A 600 4.01 31.47 4.20
C LYS A 600 3.75 32.82 3.55
N ALA A 601 3.11 32.85 2.40
CA ALA A 601 2.84 34.08 1.67
C ALA A 601 1.35 34.35 1.54
N ASP A 602 0.54 33.69 2.36
CA ASP A 602 -0.89 33.92 2.35
C ASP A 602 -1.22 35.16 3.17
N ILE A 603 -2.40 35.73 2.92
CA ILE A 603 -2.81 36.93 3.62
C ILE A 603 -3.75 36.64 4.78
N GLY A 604 -4.21 35.40 4.92
CA GLY A 604 -4.98 35.03 6.10
C GLY A 604 -4.06 34.79 7.27
N CYS A 605 -4.43 35.34 8.42
CA CYS A 605 -3.60 35.25 9.62
C CYS A 605 -4.04 34.13 10.56
N THR A 606 -5.28 34.17 11.01
CA THR A 606 -5.77 33.24 11.99
C THR A 606 -6.67 32.20 11.32
N PRO A 607 -6.44 30.91 11.56
CA PRO A 607 -7.40 29.91 11.08
C PRO A 607 -8.71 30.01 11.82
N GLY A 608 -9.81 29.72 11.13
CA GLY A 608 -11.09 29.78 11.78
C GLY A 608 -11.61 31.20 11.93
N SER A 609 -12.36 31.41 13.01
CA SER A 609 -13.18 32.61 13.16
C SER A 609 -12.33 33.78 13.70
N GLY A 610 -13.02 34.82 14.14
CA GLY A 610 -12.38 36.02 14.63
C GLY A 610 -13.14 36.64 15.78
N LYS A 611 -12.80 37.88 16.12
CA LYS A 611 -13.42 38.55 17.27
C LYS A 611 -14.85 38.98 16.96
N ASP A 612 -15.06 39.59 15.80
CA ASP A 612 -16.39 39.97 15.33
C ASP A 612 -16.39 39.69 13.83
N TYR A 613 -17.36 40.27 13.09
CA TYR A 613 -17.42 40.08 11.65
C TYR A 613 -16.23 40.73 10.94
N ALA A 614 -15.80 41.89 11.43
CA ALA A 614 -14.61 42.54 10.89
C ALA A 614 -13.36 41.75 11.24
N GLY A 615 -13.36 41.11 12.42
CA GLY A 615 -12.28 40.21 12.78
C GLY A 615 -12.23 38.95 11.92
N VAL A 616 -13.41 38.42 11.56
CA VAL A 616 -13.50 37.26 10.68
C VAL A 616 -12.97 37.60 9.29
N PHE A 617 -13.37 38.75 8.76
CA PHE A 617 -12.93 39.15 7.44
C PHE A 617 -11.47 39.58 7.42
N SER A 618 -10.95 40.17 8.50
CA SER A 618 -9.55 40.54 8.54
C SER A 618 -8.64 39.33 8.71
N ASP A 619 -9.03 38.39 9.57
CA ASP A 619 -8.22 37.20 9.80
C ASP A 619 -8.31 36.25 8.61
N ALA A 620 -9.40 36.30 7.86
CA ALA A 620 -9.49 35.51 6.64
C ALA A 620 -8.68 36.11 5.51
N GLY A 621 -8.41 37.41 5.54
CA GLY A 621 -7.70 38.05 4.45
C GLY A 621 -8.66 38.67 3.47
N LEU A 622 -9.60 39.49 3.97
CA LEU A 622 -10.61 40.12 3.14
C LEU A 622 -10.89 41.52 3.68
N THR A 623 -11.40 42.37 2.80
CA THR A 623 -12.05 43.61 3.20
C THR A 623 -13.47 43.55 2.71
N PHE A 624 -14.40 43.65 3.65
CA PHE A 624 -15.83 43.78 3.38
C PHE A 624 -16.18 45.25 3.61
N THR A 625 -16.90 45.85 2.67
CA THR A 625 -17.36 47.22 2.84
C THR A 625 -18.81 47.31 2.40
N SER A 626 -19.61 48.06 3.13
CA SER A 626 -21.02 48.19 2.86
C SER A 626 -21.39 49.64 2.62
N SER A 627 -22.55 49.85 1.98
CA SER A 627 -23.04 51.21 1.78
C SER A 627 -23.61 51.80 3.05
N SER A 628 -24.06 50.96 3.99
CA SER A 628 -24.64 51.46 5.22
C SER A 628 -23.57 51.97 6.17
N GLY A 629 -22.42 51.33 6.20
CA GLY A 629 -21.33 51.81 7.05
C GLY A 629 -20.53 50.71 7.72
N GLN A 630 -21.01 49.48 7.64
CA GLN A 630 -20.28 48.36 8.23
C GLN A 630 -19.10 48.02 7.34
N GLN A 631 -17.91 47.98 7.93
CA GLN A 631 -16.72 47.75 7.13
C GLN A 631 -15.67 47.04 7.96
N THR A 632 -14.73 46.42 7.25
CA THR A 632 -13.59 45.78 7.89
C THR A 632 -12.65 46.87 8.42
N ALA A 633 -11.91 46.53 9.47
CA ALA A 633 -10.98 47.47 10.07
C ALA A 633 -9.73 47.61 9.19
N GLN A 634 -8.85 48.52 9.61
CA GLN A 634 -7.73 48.94 8.80
C GLN A 634 -6.61 47.90 8.80
N ARG A 635 -6.26 47.41 7.61
CA ARG A 635 -5.09 46.58 7.42
C ARG A 635 -4.03 47.43 6.73
N ALA A 636 -2.87 47.54 7.35
CA ALA A 636 -1.80 48.38 6.81
C ALA A 636 -0.42 47.76 6.95
N GLU A 637 -0.33 46.49 7.34
CA GLU A 637 0.96 45.82 7.47
C GLU A 637 1.03 44.67 6.48
N LEU A 638 2.19 44.51 5.87
CA LEU A 638 2.36 43.51 4.82
C LEU A 638 2.46 42.10 5.36
N GLN A 639 2.77 41.93 6.64
CA GLN A 639 2.92 40.62 7.24
C GLN A 639 1.87 40.42 8.32
N CYS A 640 1.63 39.16 8.66
CA CYS A 640 0.68 38.82 9.70
C CYS A 640 1.29 39.20 11.06
N PRO A 641 0.50 39.71 12.00
CA PRO A 641 1.07 40.12 13.29
C PRO A 641 1.40 38.92 14.16
N GLN A 642 2.53 39.02 14.86
CA GLN A 642 2.97 37.94 15.73
C GLN A 642 2.18 37.97 17.03
N PRO A 643 1.52 36.86 17.41
CA PRO A 643 0.74 36.84 18.64
C PRO A 643 1.61 36.74 19.90
N LEU A 729 57.40 -13.33 -17.14
CA LEU A 729 56.37 -12.34 -17.40
C LEU A 729 55.38 -12.87 -18.43
N ASP A 730 55.15 -12.09 -19.49
CA ASP A 730 54.24 -12.33 -20.64
C ASP A 730 52.80 -12.46 -20.15
N GLU A 731 51.95 -13.10 -20.97
CA GLU A 731 50.49 -13.21 -20.82
C GLU A 731 49.84 -11.85 -20.63
N ASP A 732 49.95 -11.02 -21.68
CA ASP A 732 49.48 -9.64 -21.63
C ASP A 732 47.95 -9.62 -21.72
N ILE A 733 47.33 -9.74 -20.55
CA ILE A 733 45.88 -9.87 -20.46
C ILE A 733 45.17 -8.53 -20.56
N ILE A 734 45.92 -7.44 -20.54
CA ILE A 734 45.35 -6.09 -20.62
C ILE A 734 45.48 -5.58 -22.04
N ALA A 735 46.44 -6.13 -22.79
CA ALA A 735 46.53 -5.79 -24.20
C ALA A 735 45.63 -6.67 -25.05
N GLU A 736 45.34 -7.89 -24.58
CA GLU A 736 44.44 -8.79 -25.30
C GLU A 736 43.00 -8.30 -25.22
N GLU A 737 42.55 -7.97 -24.01
CA GLU A 737 41.23 -7.37 -23.84
C GLU A 737 41.36 -5.89 -24.15
N ASN A 738 40.74 -5.45 -25.23
CA ASN A 738 40.87 -4.05 -25.65
C ASN A 738 39.95 -3.20 -24.79
N ILE A 739 40.47 -2.78 -23.64
CA ILE A 739 39.69 -2.01 -22.68
C ILE A 739 39.62 -0.57 -23.17
N VAL A 740 38.43 -0.09 -23.44
CA VAL A 740 38.21 1.34 -23.45
C VAL A 740 37.89 1.73 -22.01
N SER A 741 38.39 2.88 -21.60
CA SER A 741 38.34 3.23 -20.19
C SER A 741 37.03 3.93 -19.89
N ARG A 742 36.52 3.69 -18.69
CA ARG A 742 35.44 4.50 -18.16
C ARG A 742 35.98 5.90 -17.92
N SER A 743 35.44 6.88 -18.63
CA SER A 743 36.06 8.19 -18.66
C SER A 743 35.16 9.30 -18.15
N GLU A 744 33.88 9.29 -18.53
CA GLU A 744 32.96 10.34 -18.11
C GLU A 744 32.48 10.04 -16.71
N PHE A 745 32.89 10.85 -15.74
CA PHE A 745 32.37 10.79 -14.37
C PHE A 745 31.84 12.17 -13.99
N PRO A 746 30.66 12.56 -14.46
CA PRO A 746 30.14 13.85 -14.01
C PRO A 746 29.42 13.71 -12.68
N GLU A 747 29.49 14.77 -11.90
CA GLU A 747 28.74 14.80 -10.66
C GLU A 747 27.28 15.15 -10.88
N SER A 748 26.96 15.73 -12.03
CA SER A 748 25.59 15.98 -12.42
C SER A 748 25.52 15.98 -13.94
N TRP A 749 24.47 15.38 -14.48
CA TRP A 749 24.26 15.35 -15.91
C TRP A 749 22.75 15.34 -16.15
N LEU A 750 22.36 15.03 -17.40
CA LEU A 750 20.98 15.05 -17.90
C LEU A 750 20.31 16.40 -17.68
N TRP A 751 21.00 17.46 -18.10
CA TRP A 751 20.45 18.81 -18.04
C TRP A 751 19.66 19.07 -19.33
N ASN A 752 18.50 18.45 -19.39
CA ASN A 752 17.71 18.37 -20.60
C ASN A 752 16.35 19.01 -20.42
N VAL A 753 15.81 19.51 -21.53
CA VAL A 753 14.49 20.14 -21.58
C VAL A 753 13.65 19.33 -22.56
N GLU A 754 12.53 18.80 -22.09
CA GLU A 754 11.63 17.98 -22.89
C GLU A 754 10.25 18.61 -22.92
N ASP A 755 9.46 18.22 -23.92
CA ASP A 755 8.08 18.66 -24.02
C ASP A 755 7.20 17.43 -24.21
N LEU A 756 6.14 17.34 -23.43
CA LEU A 756 5.22 16.20 -23.51
C LEU A 756 4.15 16.52 -24.54
N LYS A 757 4.48 16.26 -25.80
CA LYS A 757 3.59 16.53 -26.92
C LYS A 757 2.78 15.31 -27.35
N GLU A 758 2.87 14.22 -26.60
CA GLU A 758 2.09 13.03 -26.93
C GLU A 758 0.62 13.25 -26.61
N PRO A 759 -0.29 12.56 -27.31
CA PRO A 759 -1.71 12.62 -26.95
C PRO A 759 -1.96 11.93 -25.63
N PRO A 760 -2.71 12.57 -24.72
CA PRO A 760 -2.85 12.03 -23.37
C PRO A 760 -3.82 10.86 -23.31
N LYS A 761 -3.51 9.91 -22.44
CA LYS A 761 -4.40 8.81 -22.10
C LYS A 761 -4.89 9.10 -20.69
N ASN A 762 -6.18 9.44 -20.59
CA ASN A 762 -6.85 9.91 -19.37
C ASN A 762 -6.15 11.12 -18.76
N GLY A 763 -5.71 12.04 -19.61
CA GLY A 763 -5.08 13.26 -19.16
C GLY A 763 -3.61 13.16 -18.82
N ILE A 764 -2.98 12.01 -19.08
CA ILE A 764 -1.58 11.78 -18.75
C ILE A 764 -0.83 11.47 -20.03
N SER A 765 0.17 12.29 -20.35
CA SER A 765 1.03 12.06 -21.50
C SER A 765 2.27 11.31 -21.04
N THR A 766 2.64 10.28 -21.79
CA THR A 766 3.79 9.43 -21.47
C THR A 766 4.84 9.61 -22.54
N LYS A 767 6.05 9.98 -22.13
CA LYS A 767 7.18 10.14 -23.03
C LYS A 767 8.26 9.14 -22.65
N LEU A 768 8.80 8.46 -23.65
CA LEU A 768 9.93 7.56 -23.46
C LEU A 768 11.20 8.24 -23.96
N MET A 769 12.25 8.16 -23.15
CA MET A 769 13.52 8.76 -23.50
C MET A 769 14.61 7.71 -23.44
N ASN A 770 15.50 7.71 -24.42
CA ASN A 770 16.64 6.80 -24.43
C ASN A 770 17.86 7.60 -23.97
N ILE A 771 18.16 7.52 -22.67
CA ILE A 771 19.32 8.20 -22.13
C ILE A 771 20.47 7.21 -22.12
N PHE A 772 21.68 7.73 -22.06
CA PHE A 772 22.88 6.92 -21.96
C PHE A 772 23.51 7.16 -20.61
N LEU A 773 23.66 6.11 -19.82
CA LEU A 773 24.14 6.24 -18.46
C LEU A 773 25.64 6.51 -18.43
N LYS A 774 26.05 7.37 -17.50
CA LYS A 774 27.45 7.71 -17.38
C LYS A 774 28.20 6.60 -16.67
N ASP A 775 29.53 6.71 -16.69
CA ASP A 775 30.39 5.60 -16.33
C ASP A 775 30.65 5.49 -14.84
N SER A 776 30.07 6.35 -14.02
CA SER A 776 30.23 6.22 -12.58
C SER A 776 29.40 5.05 -12.07
N ILE A 777 29.94 4.32 -11.10
CA ILE A 777 29.22 3.24 -10.45
C ILE A 777 28.74 3.82 -9.13
N THR A 778 27.45 4.17 -9.11
CA THR A 778 26.81 4.92 -8.04
C THR A 778 25.31 4.77 -8.22
N THR A 779 24.55 5.56 -7.47
CA THR A 779 23.12 5.69 -7.67
C THR A 779 22.83 7.10 -8.16
N TRP A 780 22.31 7.21 -9.37
CA TRP A 780 21.89 8.50 -9.90
C TRP A 780 20.51 8.82 -9.38
N GLU A 781 20.35 10.02 -8.85
CA GLU A 781 19.05 10.53 -8.45
C GLU A 781 18.58 11.47 -9.54
N ILE A 782 17.46 11.13 -10.17
CA ILE A 782 16.91 11.91 -11.28
C ILE A 782 15.71 12.67 -10.75
N LEU A 783 15.78 13.99 -10.84
CA LEU A 783 14.71 14.87 -10.42
C LEU A 783 14.20 15.63 -11.63
N ALA A 784 12.89 15.60 -11.82
CA ALA A 784 12.25 16.26 -12.95
C ALA A 784 11.17 17.20 -12.44
N VAL A 785 11.10 18.38 -13.04
CA VAL A 785 10.08 19.37 -12.76
C VAL A 785 9.26 19.57 -14.02
N SER A 786 7.96 19.34 -13.93
CA SER A 786 7.06 19.63 -15.03
C SER A 786 6.51 21.03 -14.83
N MET A 787 6.31 21.74 -15.93
CA MET A 787 5.92 23.14 -15.88
C MET A 787 4.85 23.29 -16.95
N SER A 788 3.58 23.31 -16.54
CA SER A 788 2.45 23.24 -17.44
C SER A 788 1.66 24.53 -17.41
N ASP A 789 1.06 24.87 -18.56
CA ASP A 789 0.37 26.14 -18.71
C ASP A 789 -0.97 26.17 -17.98
N LYS A 790 -1.65 25.02 -17.90
CA LYS A 790 -2.93 24.96 -17.21
C LYS A 790 -2.84 24.31 -15.84
N LYS A 791 -1.75 23.61 -15.54
CA LYS A 791 -1.59 22.96 -14.25
C LYS A 791 -0.55 23.63 -13.37
N GLY A 792 0.61 23.97 -13.90
CA GLY A 792 1.62 24.65 -13.11
C GLY A 792 2.88 23.87 -12.88
N ILE A 793 3.55 24.12 -11.76
CA ILE A 793 4.84 23.52 -11.46
C ILE A 793 4.64 22.30 -10.58
N CYS A 794 5.15 21.16 -11.02
CA CYS A 794 5.10 19.93 -10.25
C CYS A 794 6.49 19.35 -10.18
N VAL A 795 7.03 19.25 -8.97
CA VAL A 795 8.31 18.60 -8.72
C VAL A 795 8.04 17.14 -8.45
N ALA A 796 8.63 16.26 -9.26
CA ALA A 796 8.38 14.85 -9.13
C ALA A 796 9.13 14.26 -7.94
N ASP A 797 8.74 13.05 -7.56
CA ASP A 797 9.54 12.27 -6.64
C ASP A 797 10.84 11.86 -7.32
N PRO A 798 11.95 11.81 -6.60
CA PRO A 798 13.22 11.47 -7.24
C PRO A 798 13.32 9.99 -7.58
N PHE A 799 13.80 9.70 -8.78
CA PHE A 799 13.90 8.35 -9.29
C PHE A 799 15.36 7.91 -9.23
N GLU A 800 15.62 6.78 -8.59
CA GLU A 800 16.98 6.34 -8.33
C GLU A 800 17.35 5.20 -9.28
N VAL A 801 18.45 5.40 -10.00
CA VAL A 801 19.00 4.39 -10.90
C VAL A 801 20.32 3.92 -10.31
N THR A 802 20.38 2.68 -9.88
CA THR A 802 21.59 2.14 -9.28
C THR A 802 22.40 1.41 -10.34
N VAL A 803 23.60 1.91 -10.61
CA VAL A 803 24.50 1.33 -11.60
C VAL A 803 25.59 0.59 -10.86
N MET A 804 25.78 -0.70 -11.17
CA MET A 804 26.74 -1.50 -10.43
C MET A 804 27.20 -2.65 -11.32
N GLN A 805 28.51 -2.92 -11.30
CA GLN A 805 29.07 -4.13 -11.89
C GLN A 805 29.46 -5.12 -10.79
N ASP A 806 29.90 -6.30 -11.21
CA ASP A 806 30.33 -7.30 -10.24
C ASP A 806 31.80 -7.11 -9.87
N PHE A 807 32.61 -6.65 -10.80
CA PHE A 807 34.02 -6.32 -10.53
C PHE A 807 34.29 -4.97 -11.15
N PHE A 808 34.90 -4.06 -10.38
CA PHE A 808 35.22 -2.75 -10.93
C PHE A 808 36.39 -2.13 -10.20
N ILE A 809 36.79 -0.95 -10.69
CA ILE A 809 37.88 -0.15 -10.14
C ILE A 809 37.30 1.15 -9.61
N ASP A 810 37.71 1.54 -8.41
CA ASP A 810 37.41 2.86 -7.88
C ASP A 810 38.74 3.57 -7.67
N LEU A 811 39.00 4.60 -8.48
CA LEU A 811 40.24 5.35 -8.40
C LEU A 811 40.04 6.47 -7.40
N ARG A 812 40.61 6.32 -6.21
CA ARG A 812 40.45 7.33 -5.16
C ARG A 812 41.56 8.37 -5.25
N LEU A 813 41.41 9.22 -6.25
CA LEU A 813 42.29 10.37 -6.38
C LEU A 813 41.90 11.44 -5.36
N PRO A 814 42.85 12.25 -4.91
CA PRO A 814 42.49 13.43 -4.12
C PRO A 814 42.01 14.55 -5.03
N TYR A 815 41.69 15.70 -4.42
CA TYR A 815 41.23 16.83 -5.21
C TYR A 815 42.39 17.49 -5.93
N SER A 816 43.35 18.01 -5.18
CA SER A 816 44.49 18.69 -5.76
C SER A 816 45.77 18.17 -5.13
N VAL A 817 46.83 18.15 -5.92
CA VAL A 817 48.14 17.67 -5.50
C VAL A 817 49.15 18.79 -5.73
N VAL A 818 49.96 19.09 -4.70
CA VAL A 818 51.06 20.03 -4.84
C VAL A 818 52.10 19.44 -5.79
N ARG A 819 52.55 20.25 -6.75
CA ARG A 819 53.57 19.86 -7.72
C ARG A 819 54.91 19.58 -7.04
N ASN A 820 55.64 18.62 -7.62
CA ASN A 820 56.99 18.20 -7.23
C ASN A 820 57.04 17.64 -5.80
N GLU A 821 55.95 17.04 -5.35
CA GLU A 821 55.94 16.32 -4.09
C GLU A 821 55.40 14.92 -4.34
N GLN A 822 55.82 13.99 -3.50
CA GLN A 822 55.48 12.59 -3.70
C GLN A 822 54.14 12.29 -3.05
N VAL A 823 53.22 11.71 -3.82
CA VAL A 823 51.92 11.33 -3.29
C VAL A 823 51.66 9.88 -3.64
N GLU A 824 50.75 9.28 -2.87
CA GLU A 824 50.32 7.92 -3.08
C GLU A 824 48.84 7.90 -3.37
N ILE A 825 48.47 7.32 -4.50
CA ILE A 825 47.08 7.20 -4.89
C ILE A 825 46.67 5.74 -4.77
N ARG A 826 45.36 5.53 -4.69
CA ARG A 826 44.80 4.22 -4.43
C ARG A 826 43.84 3.84 -5.54
N ALA A 827 43.98 2.61 -6.03
CA ALA A 827 42.99 1.99 -6.89
C ALA A 827 42.36 0.86 -6.11
N VAL A 828 41.10 1.04 -5.72
CA VAL A 828 40.40 0.04 -4.93
C VAL A 828 39.61 -0.83 -5.90
N LEU A 829 40.05 -2.07 -6.07
CA LEU A 829 39.36 -3.02 -6.92
C LEU A 829 38.33 -3.76 -6.10
N TYR A 830 37.08 -3.70 -6.53
CA TYR A 830 35.96 -4.32 -5.84
C TYR A 830 35.54 -5.57 -6.58
N ASN A 831 35.38 -6.67 -5.85
CA ASN A 831 34.89 -7.92 -6.38
C ASN A 831 33.69 -8.35 -5.55
N TYR A 832 32.56 -8.57 -6.22
CA TYR A 832 31.29 -8.83 -5.55
C TYR A 832 30.69 -10.17 -5.94
N ARG A 833 31.53 -11.12 -6.33
CA ARG A 833 31.06 -12.49 -6.49
C ARG A 833 30.84 -13.13 -5.15
N GLN A 834 29.82 -13.98 -5.07
CA GLN A 834 29.50 -14.62 -3.80
C GLN A 834 30.42 -15.78 -3.47
N ASN A 835 31.11 -16.34 -4.46
CA ASN A 835 31.83 -17.58 -4.20
C ASN A 835 33.29 -17.56 -4.60
N GLN A 836 33.63 -16.92 -5.71
CA GLN A 836 34.94 -17.07 -6.32
C GLN A 836 35.83 -15.87 -6.03
N GLU A 837 37.09 -16.15 -5.72
CA GLU A 837 38.10 -15.11 -5.64
C GLU A 837 38.59 -14.76 -7.03
N LEU A 838 39.21 -13.58 -7.15
CA LEU A 838 39.61 -13.06 -8.44
C LEU A 838 41.12 -12.81 -8.48
N LYS A 839 41.78 -13.36 -9.49
CA LYS A 839 43.16 -13.03 -9.77
C LYS A 839 43.14 -11.94 -10.83
N VAL A 840 43.42 -10.71 -10.40
CA VAL A 840 43.21 -9.52 -11.21
C VAL A 840 44.57 -8.93 -11.54
N ARG A 841 44.84 -8.75 -12.83
CA ARG A 841 46.02 -8.01 -13.24
C ARG A 841 45.65 -6.54 -13.37
N VAL A 842 46.27 -5.70 -12.55
CA VAL A 842 46.00 -4.27 -12.51
C VAL A 842 47.22 -3.56 -13.08
N GLU A 843 47.00 -2.35 -13.59
CA GLU A 843 48.05 -1.65 -14.33
C GLU A 843 47.82 -0.15 -14.27
N LEU A 844 48.86 0.59 -13.90
CA LEU A 844 48.91 2.03 -14.10
C LEU A 844 49.61 2.31 -15.42
N LEU A 845 48.94 3.07 -16.28
CA LEU A 845 49.53 3.49 -17.54
C LEU A 845 50.58 4.55 -17.31
N HIS A 846 51.60 4.58 -18.16
CA HIS A 846 52.69 5.51 -17.98
C HIS A 846 52.27 6.89 -18.50
N ASN A 847 52.26 7.87 -17.62
CA ASN A 847 52.03 9.25 -17.96
C ASN A 847 53.33 10.00 -17.78
N PRO A 848 53.84 10.73 -18.79
CA PRO A 848 55.09 11.48 -18.61
C PRO A 848 54.98 12.70 -17.72
N ALA A 849 53.77 13.15 -17.38
CA ALA A 849 53.61 14.24 -16.44
C ALA A 849 53.98 13.86 -15.02
N PHE A 850 53.83 12.58 -14.65
CA PHE A 850 54.22 12.10 -13.34
C PHE A 850 55.57 11.43 -13.39
N CYS A 851 56.25 11.44 -12.26
CA CYS A 851 57.44 10.62 -12.07
C CYS A 851 57.07 9.38 -11.30
N SER A 852 57.55 8.22 -11.76
CA SER A 852 57.31 6.96 -11.09
C SER A 852 58.52 6.07 -11.33
N LEU A 853 58.40 4.80 -10.94
CA LEU A 853 59.49 3.85 -11.13
C LEU A 853 59.55 3.42 -12.59
N ALA A 854 60.75 3.48 -13.17
CA ALA A 854 60.94 3.24 -14.59
C ALA A 854 61.46 1.82 -14.79
N THR A 855 60.56 0.90 -15.15
CA THR A 855 60.94 -0.46 -15.49
C THR A 855 61.31 -0.49 -16.98
N THR A 856 61.82 -1.64 -17.45
CA THR A 856 62.10 -1.84 -18.87
C THR A 856 60.82 -1.76 -19.70
N LYS A 857 59.75 -2.35 -19.20
CA LYS A 857 58.41 -2.06 -19.67
C LYS A 857 57.94 -0.76 -19.03
N ARG A 858 57.48 0.18 -19.85
CA ARG A 858 57.19 1.53 -19.35
C ARG A 858 55.91 1.59 -18.52
N ARG A 859 54.97 0.68 -18.73
CA ARG A 859 53.74 0.63 -17.96
C ARG A 859 53.93 -0.26 -16.74
N HIS A 860 53.21 0.08 -15.66
CA HIS A 860 53.49 -0.50 -14.35
C HIS A 860 52.34 -1.39 -13.92
N GLN A 861 52.53 -2.70 -13.99
CA GLN A 861 51.45 -3.65 -13.77
C GLN A 861 51.84 -4.66 -12.71
N GLN A 862 50.82 -5.19 -12.04
CA GLN A 862 51.01 -6.23 -11.05
C GLN A 862 49.78 -7.13 -11.03
N THR A 863 49.86 -8.19 -10.25
CA THR A 863 48.78 -9.17 -10.11
C THR A 863 48.38 -9.26 -8.66
N VAL A 864 47.10 -9.06 -8.38
CA VAL A 864 46.57 -9.12 -7.03
C VAL A 864 45.52 -10.22 -6.97
N THR A 865 45.17 -10.62 -5.75
CA THR A 865 44.10 -11.56 -5.50
C THR A 865 43.08 -10.92 -4.58
N ILE A 866 41.83 -10.87 -5.02
CA ILE A 866 40.74 -10.30 -4.24
C ILE A 866 39.86 -11.44 -3.74
N PRO A 867 39.64 -11.56 -2.43
CA PRO A 867 38.68 -12.55 -1.90
C PRO A 867 37.26 -12.17 -2.27
N PRO A 868 36.32 -13.13 -2.30
CA PRO A 868 34.94 -12.82 -2.68
C PRO A 868 34.21 -11.94 -1.68
N LYS A 869 33.32 -11.09 -2.24
CA LYS A 869 32.58 -10.03 -1.56
C LYS A 869 33.51 -9.07 -0.82
N SER A 870 34.58 -8.64 -1.49
CA SER A 870 35.59 -7.84 -0.82
C SER A 870 36.28 -6.92 -1.81
N SER A 871 37.08 -6.01 -1.25
CA SER A 871 37.81 -5.01 -2.00
C SER A 871 39.28 -5.07 -1.64
N LEU A 872 40.13 -4.60 -2.55
CA LEU A 872 41.56 -4.55 -2.30
C LEU A 872 42.11 -3.23 -2.82
N SER A 873 42.85 -2.53 -1.97
CA SER A 873 43.43 -1.25 -2.34
C SER A 873 44.85 -1.45 -2.86
N VAL A 874 45.12 -0.94 -4.05
CA VAL A 874 46.42 -1.02 -4.70
C VAL A 874 47.05 0.36 -4.64
N PRO A 875 48.22 0.52 -4.04
CA PRO A 875 48.86 1.84 -3.97
C PRO A 875 49.83 2.10 -5.11
N TYR A 876 49.89 3.37 -5.51
CA TYR A 876 50.79 3.82 -6.57
C TYR A 876 51.40 5.13 -6.13
N VAL A 877 52.73 5.22 -6.11
CA VAL A 877 53.37 6.48 -5.77
C VAL A 877 53.73 7.21 -7.06
N ILE A 878 53.43 8.50 -7.07
CA ILE A 878 53.70 9.36 -8.22
C ILE A 878 54.23 10.69 -7.71
N VAL A 879 55.14 11.28 -8.47
CA VAL A 879 55.57 12.66 -8.27
C VAL A 879 55.14 13.45 -9.50
N PRO A 880 54.11 14.29 -9.41
CA PRO A 880 53.70 15.08 -10.57
C PRO A 880 54.67 16.21 -10.87
N LEU A 881 54.84 16.48 -12.16
CA LEU A 881 55.82 17.44 -12.61
C LEU A 881 55.25 18.58 -13.44
N LYS A 882 53.97 18.53 -13.83
CA LYS A 882 53.38 19.56 -14.67
C LYS A 882 52.11 20.09 -14.03
N THR A 883 51.97 21.41 -14.05
CA THR A 883 50.78 22.08 -13.51
C THR A 883 49.58 21.83 -14.41
N GLY A 884 48.45 21.43 -13.81
CA GLY A 884 47.23 21.41 -14.58
C GLY A 884 46.48 20.12 -14.38
N LEU A 885 45.52 19.88 -15.26
CA LEU A 885 44.67 18.70 -15.19
C LEU A 885 45.39 17.54 -15.86
N GLN A 886 46.00 16.68 -15.05
CA GLN A 886 46.70 15.51 -15.57
C GLN A 886 45.83 14.28 -15.43
N GLU A 887 46.09 13.28 -16.27
CA GLU A 887 45.24 12.10 -16.35
C GLU A 887 45.92 10.89 -15.73
N VAL A 888 45.15 10.13 -14.95
CA VAL A 888 45.58 8.89 -14.34
C VAL A 888 44.67 7.79 -14.87
N GLU A 889 45.28 6.76 -15.48
CA GLU A 889 44.53 5.66 -16.05
C GLU A 889 44.95 4.36 -15.38
N VAL A 890 43.97 3.61 -14.88
CA VAL A 890 44.21 2.31 -14.26
C VAL A 890 43.33 1.29 -14.97
N LYS A 891 43.95 0.26 -15.53
CA LYS A 891 43.25 -0.80 -16.25
C LYS A 891 43.46 -2.11 -15.54
N ALA A 892 42.40 -2.90 -15.39
CA ALA A 892 42.46 -4.19 -14.73
C ALA A 892 41.70 -5.23 -15.54
N ALA A 893 42.24 -6.44 -15.57
CA ALA A 893 41.57 -7.55 -16.25
C ALA A 893 41.67 -8.80 -15.39
N VAL A 894 40.58 -9.54 -15.33
CA VAL A 894 40.51 -10.72 -14.48
C VAL A 894 41.06 -11.91 -15.24
N TYR A 895 41.99 -12.64 -14.61
CA TYR A 895 42.48 -13.89 -15.16
C TYR A 895 41.37 -14.93 -15.18
N HIS A 896 41.35 -15.75 -16.24
CA HIS A 896 40.42 -16.86 -16.48
C HIS A 896 38.95 -16.43 -16.54
N HIS A 897 38.67 -15.15 -16.82
CA HIS A 897 37.31 -14.66 -16.97
C HIS A 897 37.30 -13.58 -18.03
N PHE A 898 36.18 -13.44 -18.74
CA PHE A 898 36.14 -12.56 -19.91
C PHE A 898 35.55 -11.20 -19.58
N ILE A 899 36.17 -10.53 -18.61
CA ILE A 899 35.77 -9.19 -18.21
C ILE A 899 37.01 -8.34 -18.01
N SER A 900 36.77 -7.04 -17.81
CA SER A 900 37.81 -6.05 -17.56
C SER A 900 37.15 -4.79 -17.01
N ASP A 901 37.99 -3.87 -16.55
CA ASP A 901 37.54 -2.52 -16.22
C ASP A 901 38.71 -1.57 -16.41
N GLY A 902 38.39 -0.30 -16.59
CA GLY A 902 39.43 0.70 -16.71
C GLY A 902 38.91 2.08 -16.38
N VAL A 903 39.59 2.79 -15.47
CA VAL A 903 39.16 4.10 -15.01
C VAL A 903 40.22 5.11 -15.37
N ARG A 904 39.83 6.14 -16.11
CA ARG A 904 40.68 7.28 -16.42
C ARG A 904 40.08 8.52 -15.78
N LYS A 905 40.82 9.12 -14.85
CA LYS A 905 40.34 10.29 -14.13
C LYS A 905 41.41 11.35 -14.12
N SER A 906 40.98 12.61 -14.16
CA SER A 906 41.91 13.73 -14.19
C SER A 906 41.97 14.38 -12.81
N LEU A 907 43.17 14.80 -12.43
CA LEU A 907 43.40 15.45 -11.15
C LEU A 907 44.17 16.74 -11.37
N LYS A 908 43.91 17.72 -10.51
CA LYS A 908 44.54 19.03 -10.58
C LYS A 908 45.90 18.97 -9.90
N VAL A 909 46.92 19.46 -10.58
CA VAL A 909 48.25 19.63 -10.01
C VAL A 909 48.51 21.12 -9.89
N VAL A 910 48.66 21.58 -8.65
CA VAL A 910 48.81 22.99 -8.29
C VAL A 910 50.28 23.20 -7.93
N PRO A 911 50.88 24.36 -8.15
CA PRO A 911 52.20 24.64 -7.58
C PRO A 911 52.14 24.81 -6.07
N GLU A 912 53.33 24.90 -5.48
CA GLU A 912 53.55 24.72 -4.05
C GLU A 912 53.04 25.87 -3.18
N GLY A 913 52.60 26.98 -3.77
CA GLY A 913 52.18 28.12 -3.00
C GLY A 913 50.81 27.97 -2.37
N ILE A 914 50.41 29.02 -1.68
CA ILE A 914 49.13 29.08 -0.98
C ILE A 914 48.37 30.31 -1.48
N ARG A 915 47.07 30.12 -1.71
CA ARG A 915 46.20 31.23 -2.09
C ARG A 915 46.07 32.22 -0.93
N MET A 916 46.39 33.48 -1.20
CA MET A 916 46.52 34.49 -0.16
C MET A 916 46.31 35.87 -0.74
N ASN A 917 45.27 36.55 -0.24
CA ASN A 917 44.77 37.82 -0.75
C ASN A 917 45.54 39.01 -0.18
N LYS A 918 45.65 40.06 -0.99
CA LYS A 918 46.41 41.25 -0.64
C LYS A 918 45.67 42.46 -1.19
N THR A 919 45.44 43.46 -0.33
CA THR A 919 44.68 44.64 -0.73
C THR A 919 45.57 45.58 -1.54
N VAL A 920 45.15 45.91 -2.77
CA VAL A 920 45.89 46.87 -3.56
C VAL A 920 45.64 48.28 -3.02
N ALA A 921 44.36 48.64 -2.84
CA ALA A 921 44.03 49.96 -2.29
C ALA A 921 42.60 49.99 -1.75
N VAL A 922 42.37 50.94 -0.84
CA VAL A 922 41.04 51.39 -0.44
C VAL A 922 41.01 52.91 -0.59
N ARG A 923 40.13 53.41 -1.45
CA ARG A 923 40.05 54.83 -1.75
C ARG A 923 38.61 55.30 -1.60
N THR A 924 38.44 56.58 -1.29
CA THR A 924 37.12 57.19 -1.20
C THR A 924 36.93 58.13 -2.40
N LEU A 925 35.91 57.85 -3.20
CA LEU A 925 35.60 58.67 -4.37
C LEU A 925 34.67 59.81 -3.97
N ASP A 926 35.07 61.04 -4.30
CA ASP A 926 34.27 62.23 -4.07
C ASP A 926 34.65 63.25 -5.13
N PRO A 927 33.81 63.42 -6.17
CA PRO A 927 34.18 64.33 -7.26
C PRO A 927 34.05 65.80 -6.91
N GLU A 928 33.16 66.17 -6.00
CA GLU A 928 33.00 67.56 -5.60
C GLU A 928 33.99 68.00 -4.53
N ARG A 929 34.74 67.06 -3.95
CA ARG A 929 35.76 67.37 -2.97
C ARG A 929 37.16 67.04 -3.43
N LEU A 930 37.34 65.97 -4.20
CA LEU A 930 38.64 65.58 -4.71
C LEU A 930 38.65 65.70 -6.22
N GLY A 931 39.84 65.93 -6.77
CA GLY A 931 39.97 66.17 -8.19
C GLY A 931 39.69 67.61 -8.55
N ARG A 932 39.59 67.85 -9.85
CA ARG A 932 39.31 69.18 -10.38
C ARG A 932 38.23 69.07 -11.44
N GLU A 933 37.63 70.24 -11.76
CA GLU A 933 36.64 70.49 -12.83
C GLU A 933 35.40 69.57 -12.78
N GLY A 934 35.06 69.08 -11.59
CA GLY A 934 33.92 68.22 -11.40
C GLY A 934 34.21 66.73 -11.49
N VAL A 935 35.40 66.35 -11.94
CA VAL A 935 35.77 64.94 -12.05
C VAL A 935 36.85 64.65 -11.02
N GLN A 936 37.20 63.36 -10.92
CA GLN A 936 38.24 62.90 -10.01
C GLN A 936 38.94 61.73 -10.66
N LYS A 937 40.24 61.86 -10.90
CA LYS A 937 41.03 60.84 -11.58
C LYS A 937 41.77 60.01 -10.54
N GLU A 938 41.43 58.74 -10.44
CA GLU A 938 42.09 57.81 -9.55
C GLU A 938 42.86 56.79 -10.38
N ASP A 939 44.16 56.73 -10.18
CA ASP A 939 45.03 55.83 -10.93
C ASP A 939 45.26 54.57 -10.10
N ILE A 940 44.73 53.46 -10.55
CA ILE A 940 44.94 52.16 -9.91
C ILE A 940 46.36 51.72 -10.23
N PRO A 941 47.22 51.50 -9.23
CA PRO A 941 48.54 50.97 -9.53
C PRO A 941 48.46 49.48 -9.85
N PRO A 942 49.49 48.93 -10.51
CA PRO A 942 49.57 47.46 -10.60
C PRO A 942 49.91 46.84 -9.26
N ALA A 943 49.64 45.54 -9.13
CA ALA A 943 49.77 44.85 -7.85
C ALA A 943 51.24 44.69 -7.46
N ASP A 944 51.55 44.99 -6.20
CA ASP A 944 52.90 45.01 -5.68
C ASP A 944 53.29 43.72 -5.00
N LEU A 945 52.79 42.60 -5.52
CA LEU A 945 53.13 41.29 -4.96
C LEU A 945 54.57 40.91 -5.26
N SER A 946 55.29 40.51 -4.22
CA SER A 946 56.65 40.01 -4.37
C SER A 946 56.78 38.57 -3.90
N ASP A 947 55.77 38.02 -3.23
CA ASP A 947 55.76 36.63 -2.80
C ASP A 947 54.95 35.75 -3.74
N GLN A 948 54.65 36.25 -4.94
CA GLN A 948 53.85 35.48 -5.90
C GLN A 948 54.66 34.34 -6.49
N VAL A 949 54.00 33.20 -6.69
CA VAL A 949 54.59 32.09 -7.43
C VAL A 949 54.78 32.50 -8.89
N PRO A 950 55.95 32.31 -9.49
CA PRO A 950 56.11 32.58 -10.92
C PRO A 950 55.33 31.60 -11.78
N ASP A 951 54.85 32.12 -12.91
CA ASP A 951 54.02 31.44 -13.92
C ASP A 951 52.75 30.88 -13.25
N THR A 952 52.01 31.78 -12.60
CA THR A 952 50.72 31.45 -12.00
C THR A 952 49.76 32.60 -12.26
N GLU A 953 48.47 32.30 -12.23
CA GLU A 953 47.45 33.28 -12.54
C GLU A 953 47.08 34.06 -11.28
N SER A 954 46.74 35.34 -11.47
CA SER A 954 46.24 36.19 -10.41
C SER A 954 45.00 36.91 -10.92
N GLU A 955 44.09 37.22 -10.00
CA GLU A 955 42.84 37.89 -10.35
C GLU A 955 42.69 39.13 -9.48
N THR A 956 42.59 40.29 -10.13
CA THR A 956 42.42 41.56 -9.44
C THR A 956 40.93 41.88 -9.43
N ARG A 957 40.37 42.13 -8.25
CA ARG A 957 38.94 42.33 -8.10
C ARG A 957 38.79 43.81 -7.78
N ILE A 958 37.91 44.47 -8.53
CA ILE A 958 37.59 45.88 -8.38
C ILE A 958 36.22 45.94 -7.73
N LEU A 959 36.07 46.75 -6.68
CA LEU A 959 34.76 46.94 -6.06
C LEU A 959 34.47 48.42 -5.99
N LEU A 960 33.34 48.84 -6.55
CA LEU A 960 32.84 50.19 -6.34
C LEU A 960 31.52 50.11 -5.58
N GLN A 961 31.43 50.90 -4.51
CA GLN A 961 30.28 50.88 -3.62
C GLN A 961 29.79 52.30 -3.38
N GLY A 962 28.48 52.47 -3.33
CA GLY A 962 27.88 53.78 -3.08
C GLY A 962 27.67 54.00 -1.59
N THR A 963 28.37 54.99 -1.04
CA THR A 963 28.28 55.29 0.38
C THR A 963 26.96 55.99 0.67
N PRO A 964 26.14 55.47 1.59
CA PRO A 964 24.86 56.14 1.88
C PRO A 964 25.06 57.38 2.74
N VAL A 965 24.25 58.39 2.47
CA VAL A 965 24.26 59.66 3.18
C VAL A 965 22.87 59.89 3.78
N ALA A 966 22.83 60.62 4.89
CA ALA A 966 21.61 60.73 5.69
C ALA A 966 21.29 62.17 6.05
N GLN A 967 21.35 63.08 5.07
CA GLN A 967 20.86 64.44 5.29
C GLN A 967 19.40 64.60 4.88
N MET A 968 18.76 63.51 4.41
CA MET A 968 17.34 63.53 4.09
C MET A 968 16.49 63.70 5.35
N THR A 969 16.94 63.11 6.45
CA THR A 969 16.07 62.87 7.60
C THR A 969 15.87 64.12 8.45
N GLU A 970 14.61 64.38 8.78
CA GLU A 970 14.23 65.37 9.77
C GLU A 970 12.90 64.95 10.37
N ASP A 971 12.62 65.45 11.57
CA ASP A 971 11.31 65.25 12.18
C ASP A 971 10.22 66.01 11.44
N ALA A 972 9.01 65.47 11.49
CA ALA A 972 7.83 66.12 10.93
C ALA A 972 6.81 66.29 12.04
N VAL A 973 5.72 66.97 11.71
CA VAL A 973 4.60 67.05 12.64
C VAL A 973 3.92 65.70 12.71
N ASP A 974 3.73 65.21 13.93
CA ASP A 974 3.22 63.86 14.15
C ASP A 974 1.73 63.80 13.81
N ALA A 975 1.31 62.68 13.22
CA ALA A 975 -0.04 62.56 12.66
C ALA A 975 -1.13 62.50 13.73
N GLU A 976 -0.80 62.10 14.96
CA GLU A 976 -1.77 62.13 16.04
C GLU A 976 -1.89 63.51 16.68
N ARG A 977 -0.94 64.42 16.40
CA ARG A 977 -1.01 65.76 16.97
C ARG A 977 -2.06 66.63 16.28
N LEU A 978 -2.27 66.44 14.99
CA LEU A 978 -3.05 67.40 14.20
C LEU A 978 -4.48 66.91 13.93
N LYS A 979 -5.07 66.21 14.90
CA LYS A 979 -6.42 65.70 14.75
C LYS A 979 -7.51 66.74 14.98
N HIS A 980 -7.17 67.92 15.50
CA HIS A 980 -8.18 68.90 15.91
C HIS A 980 -8.52 69.91 14.81
N LEU A 981 -7.92 69.81 13.64
CA LEU A 981 -8.20 70.71 12.53
C LEU A 981 -9.22 70.16 11.54
N ILE A 982 -9.86 69.03 11.83
CA ILE A 982 -10.98 68.61 11.02
C ILE A 982 -12.19 69.41 11.47
N VAL A 983 -12.42 70.54 10.81
CA VAL A 983 -13.40 71.53 11.24
C VAL A 983 -14.47 71.64 10.15
N THR A 984 -15.72 71.41 10.53
CA THR A 984 -16.84 71.47 9.59
C THR A 984 -17.12 72.92 9.21
N PRO A 985 -17.11 73.27 7.92
CA PRO A 985 -17.35 74.67 7.54
C PRO A 985 -18.82 75.05 7.60
N SER A 986 -19.08 76.22 8.18
CA SER A 986 -20.43 76.76 8.31
C SER A 986 -20.34 78.26 8.48
N GLY A 987 -21.45 78.94 8.18
CA GLY A 987 -21.56 80.37 8.44
C GLY A 987 -21.69 81.23 7.21
N CYS A 988 -21.17 82.45 7.30
CA CYS A 988 -21.21 83.43 6.22
C CYS A 988 -19.99 83.24 5.31
N GLY A 989 -19.69 84.25 4.49
CA GLY A 989 -18.58 84.16 3.55
C GLY A 989 -17.20 84.18 4.19
N GLU A 990 -17.10 84.57 5.46
CA GLU A 990 -15.84 84.56 6.20
C GLU A 990 -15.75 83.43 7.22
N GLN A 991 -16.86 83.12 7.90
CA GLN A 991 -16.85 82.06 8.91
C GLN A 991 -16.76 80.68 8.27
N ASN A 992 -17.32 80.50 7.07
CA ASN A 992 -17.10 79.26 6.33
C ASN A 992 -15.68 79.18 5.78
N MET A 993 -15.02 80.32 5.58
CA MET A 993 -13.63 80.28 5.16
C MET A 993 -12.73 79.86 6.32
N ILE A 994 -13.11 80.30 7.52
CA ILE A 994 -12.50 79.81 8.77
C ILE A 994 -12.75 78.30 8.92
N GLY A 995 -13.93 77.84 8.54
CA GLY A 995 -14.21 76.41 8.57
C GLY A 995 -13.48 75.62 7.49
N MET A 996 -13.21 76.24 6.34
CA MET A 996 -12.36 75.64 5.31
C MET A 996 -10.93 75.43 5.76
N THR A 997 -10.24 76.53 6.09
CA THR A 997 -8.77 76.62 5.95
C THR A 997 -7.90 75.62 6.75
N PRO A 998 -8.13 75.31 8.05
CA PRO A 998 -7.27 74.28 8.67
C PRO A 998 -7.59 72.87 8.21
N THR A 999 -8.82 72.59 7.77
CA THR A 999 -9.12 71.26 7.21
C THR A 999 -8.43 71.04 5.88
N VAL A 1000 -8.45 72.05 5.01
CA VAL A 1000 -7.83 71.98 3.68
C VAL A 1000 -6.31 71.87 3.83
N ILE A 1001 -5.73 72.66 4.75
CA ILE A 1001 -4.30 72.55 4.93
C ILE A 1001 -3.90 71.31 5.72
N ALA A 1002 -4.84 70.72 6.47
CA ALA A 1002 -4.57 69.45 7.15
C ALA A 1002 -4.51 68.30 6.16
N VAL A 1003 -5.43 68.24 5.18
CA VAL A 1003 -5.38 67.13 4.23
C VAL A 1003 -4.21 67.34 3.25
N HIS A 1004 -3.87 68.61 2.95
CA HIS A 1004 -2.72 68.89 2.09
C HIS A 1004 -1.39 68.53 2.75
N TYR A 1005 -1.22 68.87 4.03
CA TYR A 1005 -0.01 68.49 4.74
C TYR A 1005 0.06 66.98 5.00
N LEU A 1006 -1.09 66.34 5.22
CA LEU A 1006 -1.09 64.92 5.54
C LEU A 1006 -0.87 64.06 4.29
N ASP A 1007 -1.30 64.52 3.12
CA ASP A 1007 -0.99 63.74 1.93
C ASP A 1007 0.29 64.18 1.25
N GLU A 1008 0.91 65.27 1.71
CA GLU A 1008 2.29 65.52 1.31
C GLU A 1008 3.28 64.78 2.21
N THR A 1009 2.93 64.57 3.49
CA THR A 1009 3.83 63.85 4.38
C THR A 1009 3.69 62.34 4.29
N GLU A 1010 2.60 61.85 3.66
CA GLU A 1010 2.19 60.44 3.62
C GLU A 1010 2.10 59.82 5.02
N GLN A 1011 1.46 60.53 5.94
CA GLN A 1011 1.30 60.09 7.32
C GLN A 1011 -0.11 59.61 7.62
N TRP A 1012 -0.77 58.97 6.65
CA TRP A 1012 -2.12 58.47 6.87
C TRP A 1012 -2.14 57.21 7.71
N GLU A 1013 -1.04 56.46 7.75
CA GLU A 1013 -1.01 55.12 8.32
C GLU A 1013 -1.16 55.15 9.83
N LYS A 1014 -0.53 56.12 10.49
CA LYS A 1014 -0.69 56.31 11.93
C LYS A 1014 -1.73 57.37 12.26
N PHE A 1015 -2.64 57.66 11.33
CA PHE A 1015 -3.73 58.59 11.59
C PHE A 1015 -5.09 57.97 11.33
N GLY A 1016 -5.22 57.07 10.36
CA GLY A 1016 -6.51 56.55 9.99
C GLY A 1016 -6.85 56.90 8.56
N LEU A 1017 -7.00 55.86 7.72
CA LEU A 1017 -7.12 56.07 6.28
C LEU A 1017 -8.52 56.56 5.91
N GLU A 1018 -9.55 56.00 6.56
CA GLU A 1018 -10.94 56.32 6.21
C GLU A 1018 -11.33 57.74 6.57
N LYS A 1019 -10.65 58.34 7.57
CA LYS A 1019 -10.82 59.76 7.89
C LYS A 1019 -10.39 60.68 6.76
N ARG A 1020 -9.47 60.21 5.89
CA ARG A 1020 -9.11 60.88 4.64
C ARG A 1020 -10.32 61.09 3.75
N GLN A 1021 -11.25 60.11 3.74
CA GLN A 1021 -12.48 60.26 2.99
C GLN A 1021 -13.39 61.32 3.59
N GLY A 1022 -13.33 61.48 4.92
CA GLY A 1022 -14.24 62.39 5.62
C GLY A 1022 -13.99 63.86 5.29
N ALA A 1023 -12.72 64.26 5.30
CA ALA A 1023 -12.30 65.58 4.81
C ALA A 1023 -12.59 65.76 3.32
N LEU A 1024 -12.60 64.66 2.54
CA LEU A 1024 -12.92 64.77 1.11
C LEU A 1024 -14.38 65.10 0.85
N GLU A 1025 -15.28 64.92 1.83
CA GLU A 1025 -16.56 65.58 1.63
C GLU A 1025 -16.68 66.87 2.43
N LEU A 1026 -15.87 67.04 3.47
CA LEU A 1026 -16.04 68.16 4.40
C LEU A 1026 -15.64 69.47 3.76
N ILE A 1027 -14.55 69.46 2.99
CA ILE A 1027 -14.16 70.62 2.20
C ILE A 1027 -15.16 70.85 1.05
N LYS A 1028 -15.82 69.78 0.57
CA LYS A 1028 -16.89 69.96 -0.41
C LYS A 1028 -18.13 70.59 0.24
N LYS A 1029 -18.26 70.42 1.57
CA LYS A 1029 -19.26 71.13 2.35
C LYS A 1029 -19.04 72.64 2.32
N GLY A 1030 -17.81 73.10 2.13
CA GLY A 1030 -17.61 74.49 1.84
C GLY A 1030 -17.78 74.83 0.37
N TYR A 1031 -17.45 73.90 -0.53
CA TYR A 1031 -17.46 74.21 -1.95
C TYR A 1031 -18.88 74.29 -2.51
N THR A 1032 -19.82 73.61 -1.85
CA THR A 1032 -21.23 73.81 -2.17
C THR A 1032 -21.77 75.10 -1.57
N GLN A 1033 -21.04 75.72 -0.64
CA GLN A 1033 -21.49 76.92 0.06
C GLN A 1033 -20.90 78.19 -0.55
N GLN A 1034 -19.61 78.18 -0.86
CA GLN A 1034 -18.87 79.41 -1.17
C GLN A 1034 -19.27 80.00 -2.52
N LEU A 1035 -19.68 79.15 -3.47
CA LEU A 1035 -20.22 79.62 -4.73
C LEU A 1035 -21.60 80.27 -4.56
N ALA A 1036 -22.31 79.97 -3.47
CA ALA A 1036 -23.49 80.75 -3.11
C ALA A 1036 -23.10 82.15 -2.66
N PHE A 1037 -21.92 82.30 -2.05
CA PHE A 1037 -21.44 83.61 -1.61
C PHE A 1037 -20.54 84.27 -2.64
N ARG A 1038 -20.41 83.69 -3.83
CA ARG A 1038 -19.72 84.35 -4.93
C ARG A 1038 -20.64 85.40 -5.53
N GLN A 1039 -20.12 86.62 -5.66
CA GLN A 1039 -20.88 87.67 -6.32
C GLN A 1039 -20.92 87.44 -7.83
N PRO A 1040 -21.96 87.94 -8.52
CA PRO A 1040 -22.05 87.72 -9.97
C PRO A 1040 -21.04 88.50 -10.82
N SER A 1041 -20.24 89.40 -10.23
CA SER A 1041 -19.15 90.07 -10.93
C SER A 1041 -17.83 89.33 -10.80
N SER A 1042 -17.87 88.00 -10.61
CA SER A 1042 -16.72 87.11 -10.34
C SER A 1042 -15.92 87.58 -9.13
N ALA A 1043 -16.63 88.00 -8.09
CA ALA A 1043 -16.02 88.55 -6.89
C ALA A 1043 -16.55 87.81 -5.66
N PHE A 1044 -15.88 88.03 -4.54
CA PHE A 1044 -16.19 87.33 -3.30
C PHE A 1044 -16.30 88.35 -2.17
N ALA A 1045 -17.36 88.24 -1.38
CA ALA A 1045 -17.59 89.12 -0.25
C ALA A 1045 -18.18 88.29 0.89
N ALA A 1046 -18.42 88.94 2.03
CA ALA A 1046 -19.02 88.26 3.16
C ALA A 1046 -20.51 88.01 2.95
N PHE A 1047 -21.15 88.80 2.09
CA PHE A 1047 -22.55 88.63 1.74
C PHE A 1047 -22.72 88.92 0.25
N VAL A 1048 -23.92 88.63 -0.26
CA VAL A 1048 -24.22 88.96 -1.65
C VAL A 1048 -24.48 90.45 -1.83
N LYS A 1049 -24.88 91.15 -0.77
CA LYS A 1049 -25.05 92.60 -0.79
C LYS A 1049 -23.82 93.32 -0.24
N ARG A 1050 -22.87 92.60 0.31
CA ARG A 1050 -21.63 93.19 0.80
C ARG A 1050 -20.76 93.62 -0.37
N ALA A 1051 -20.06 94.74 -0.20
CA ALA A 1051 -19.04 95.15 -1.16
C ALA A 1051 -17.90 94.14 -1.18
N PRO A 1052 -17.34 93.84 -2.35
CA PRO A 1052 -16.28 92.82 -2.41
C PRO A 1052 -14.95 93.33 -1.86
N SER A 1053 -14.13 92.37 -1.44
CA SER A 1053 -12.83 92.65 -0.88
C SER A 1053 -11.74 92.13 -1.81
N THR A 1054 -10.64 92.89 -1.90
CA THR A 1054 -9.46 92.40 -2.61
C THR A 1054 -8.81 91.26 -1.85
N TRP A 1055 -8.75 91.38 -0.51
CA TRP A 1055 -8.14 90.37 0.34
C TRP A 1055 -8.95 89.08 0.35
N LEU A 1056 -10.27 89.17 0.40
CA LEU A 1056 -11.10 87.97 0.50
C LEU A 1056 -11.12 87.22 -0.82
N THR A 1057 -11.14 87.95 -1.95
CA THR A 1057 -11.06 87.31 -3.26
C THR A 1057 -9.68 86.67 -3.48
N ALA A 1058 -8.62 87.36 -3.05
CA ALA A 1058 -7.26 86.83 -3.13
C ALA A 1058 -7.08 85.59 -2.25
N TYR A 1059 -7.69 85.59 -1.06
CA TYR A 1059 -7.57 84.44 -0.17
C TYR A 1059 -8.47 83.28 -0.58
N VAL A 1060 -9.61 83.57 -1.22
CA VAL A 1060 -10.45 82.53 -1.82
C VAL A 1060 -9.70 81.83 -2.95
N VAL A 1061 -8.99 82.62 -3.78
CA VAL A 1061 -8.16 82.06 -4.84
C VAL A 1061 -6.96 81.30 -4.25
N LYS A 1062 -6.44 81.78 -3.12
CA LYS A 1062 -5.32 81.14 -2.42
C LYS A 1062 -5.70 79.78 -1.84
N VAL A 1063 -6.93 79.65 -1.34
CA VAL A 1063 -7.42 78.35 -0.91
C VAL A 1063 -7.72 77.44 -2.11
N PHE A 1064 -8.41 77.99 -3.12
CA PHE A 1064 -8.99 77.16 -4.17
C PHE A 1064 -7.94 76.66 -5.16
N SER A 1065 -6.88 77.42 -5.39
CA SER A 1065 -5.80 76.90 -6.22
C SER A 1065 -4.91 75.94 -5.45
N LEU A 1066 -4.97 75.95 -4.13
CA LEU A 1066 -4.29 74.92 -3.37
C LEU A 1066 -5.16 73.66 -3.31
N ALA A 1067 -6.47 73.80 -3.53
CA ALA A 1067 -7.37 72.66 -3.42
C ALA A 1067 -7.54 71.87 -4.71
N VAL A 1068 -7.02 72.34 -5.85
CA VAL A 1068 -7.25 71.65 -7.12
C VAL A 1068 -6.32 70.46 -7.27
N ASN A 1069 -5.29 70.37 -6.44
CA ASN A 1069 -4.36 69.24 -6.50
C ASN A 1069 -4.96 67.94 -5.96
N LEU A 1070 -6.09 68.00 -5.26
CA LEU A 1070 -6.80 66.80 -4.84
C LEU A 1070 -8.14 66.62 -5.55
N ILE A 1071 -9.05 67.60 -5.51
CA ILE A 1071 -10.25 67.61 -6.35
C ILE A 1071 -10.42 69.00 -6.95
N ALA A 1072 -10.53 69.06 -8.28
CA ALA A 1072 -10.90 70.26 -8.99
C ALA A 1072 -12.28 70.04 -9.63
N ILE A 1073 -13.14 71.05 -9.50
CA ILE A 1073 -14.48 70.96 -10.08
C ILE A 1073 -14.62 71.98 -11.20
N ASP A 1074 -14.44 73.26 -10.88
CA ASP A 1074 -14.61 74.33 -11.85
C ASP A 1074 -13.38 75.25 -11.83
N SER A 1075 -12.96 75.68 -13.01
CA SER A 1075 -11.81 76.54 -13.14
C SER A 1075 -12.16 77.97 -13.54
N GLN A 1076 -13.37 78.21 -14.03
CA GLN A 1076 -13.74 79.55 -14.48
C GLN A 1076 -14.01 80.50 -13.32
N VAL A 1077 -14.30 79.97 -12.11
CA VAL A 1077 -14.45 80.81 -10.94
C VAL A 1077 -13.10 81.39 -10.52
N LEU A 1078 -12.04 80.56 -10.59
CA LEU A 1078 -10.70 80.97 -10.20
C LEU A 1078 -10.12 82.00 -11.18
N CYS A 1079 -10.22 81.72 -12.48
CA CYS A 1079 -9.72 82.65 -13.49
C CYS A 1079 -10.58 83.90 -13.59
N GLY A 1080 -11.89 83.77 -13.34
CA GLY A 1080 -12.76 84.95 -13.28
C GLY A 1080 -12.46 85.84 -12.09
N ALA A 1081 -12.10 85.25 -10.95
CA ALA A 1081 -11.73 86.05 -9.79
C ALA A 1081 -10.35 86.68 -9.96
N VAL A 1082 -9.43 85.97 -10.63
CA VAL A 1082 -8.11 86.53 -10.96
C VAL A 1082 -8.25 87.70 -11.93
N LYS A 1083 -9.12 87.57 -12.92
CA LYS A 1083 -9.44 88.67 -13.83
C LYS A 1083 -10.17 89.81 -13.12
N TRP A 1084 -10.92 89.49 -12.06
CA TRP A 1084 -11.54 90.53 -11.24
C TRP A 1084 -10.49 91.34 -10.47
N LEU A 1085 -9.51 90.69 -9.85
CA LEU A 1085 -8.51 91.49 -9.13
C LEU A 1085 -7.54 92.19 -10.08
N ILE A 1086 -7.34 91.67 -11.28
CA ILE A 1086 -6.52 92.39 -12.25
C ILE A 1086 -7.27 93.61 -12.81
N LEU A 1087 -8.55 93.44 -13.17
CA LEU A 1087 -9.28 94.51 -13.84
C LEU A 1087 -9.72 95.61 -12.89
N GLU A 1088 -10.01 95.30 -11.62
CA GLU A 1088 -10.63 96.26 -10.73
C GLU A 1088 -9.72 96.82 -9.66
N LYS A 1089 -8.70 96.09 -9.22
CA LYS A 1089 -7.92 96.48 -8.05
C LYS A 1089 -6.45 96.70 -8.35
N GLN A 1090 -6.02 96.59 -9.61
CA GLN A 1090 -4.63 96.77 -9.97
C GLN A 1090 -4.44 98.13 -10.62
N LYS A 1091 -3.70 99.00 -9.96
CA LYS A 1091 -3.26 100.26 -10.53
C LYS A 1091 -2.10 100.03 -11.51
N PRO A 1092 -1.86 100.97 -12.44
CA PRO A 1092 -0.67 100.86 -13.29
C PRO A 1092 0.66 101.06 -12.56
N ASP A 1093 0.67 101.59 -11.34
CA ASP A 1093 1.88 101.65 -10.53
C ASP A 1093 2.35 100.27 -10.07
N GLY A 1094 1.45 99.29 -10.01
CA GLY A 1094 1.76 97.99 -9.45
C GLY A 1094 1.31 97.83 -8.02
N VAL A 1095 0.27 98.54 -7.60
CA VAL A 1095 -0.15 98.61 -6.22
C VAL A 1095 -1.57 98.07 -6.12
N PHE A 1096 -1.76 97.06 -5.27
CA PHE A 1096 -3.09 96.61 -4.88
C PHE A 1096 -3.49 97.35 -3.61
N GLN A 1097 -4.74 97.80 -3.57
CA GLN A 1097 -5.25 98.57 -2.45
C GLN A 1097 -6.47 97.87 -1.87
N GLU A 1098 -6.61 97.93 -0.54
CA GLU A 1098 -7.73 97.32 0.16
C GLU A 1098 -8.72 98.40 0.57
N ASP A 1099 -9.98 98.23 0.16
CA ASP A 1099 -11.04 99.12 0.60
C ASP A 1099 -11.59 98.73 1.98
N ALA A 1100 -11.19 97.57 2.49
CA ALA A 1100 -11.58 96.91 3.74
C ALA A 1100 -13.08 96.82 4.00
N PRO A 1101 -13.84 95.96 3.31
CA PRO A 1101 -15.19 95.62 3.77
C PRO A 1101 -15.25 94.36 4.63
N VAL A 1102 -14.11 93.86 5.10
CA VAL A 1102 -14.04 92.60 5.83
C VAL A 1102 -14.57 92.81 7.24
N ILE A 1103 -15.52 91.96 7.64
CA ILE A 1103 -16.15 92.11 8.95
C ILE A 1103 -15.22 91.61 10.05
N HIS A 1104 -14.64 90.43 9.86
CA HIS A 1104 -13.77 89.83 10.86
C HIS A 1104 -12.33 90.13 10.51
N GLN A 1105 -11.59 90.67 11.49
CA GLN A 1105 -10.17 90.92 11.33
C GLN A 1105 -9.31 89.77 11.84
N GLU A 1106 -9.93 88.62 12.13
CA GLU A 1106 -9.21 87.49 12.70
C GLU A 1106 -8.33 86.80 11.66
N MET A 1107 -8.85 86.63 10.44
CA MET A 1107 -8.11 85.91 9.41
C MET A 1107 -7.08 86.78 8.71
N ILE A 1108 -7.09 88.09 8.93
CA ILE A 1108 -6.21 89.01 8.21
C ILE A 1108 -4.76 88.83 8.66
N GLY A 1109 -4.55 88.61 9.96
CA GLY A 1109 -3.22 88.22 10.41
C GLY A 1109 -2.30 89.41 10.55
N GLY A 1110 -1.07 89.27 10.07
CA GLY A 1110 -0.07 90.31 10.21
C GLY A 1110 -0.28 91.51 9.32
N LEU A 1111 -1.17 91.40 8.32
CA LEU A 1111 -1.61 92.57 7.57
C LEU A 1111 -2.42 93.51 8.46
N ARG A 1112 -3.23 92.95 9.35
CA ARG A 1112 -3.89 93.75 10.38
C ARG A 1112 -2.87 94.22 11.40
N ASN A 1113 -2.94 95.52 11.73
CA ASN A 1113 -2.01 96.26 12.62
C ASN A 1113 -0.56 96.15 12.12
N ASN A 1114 -0.34 96.68 10.93
CA ASN A 1114 0.97 96.73 10.31
C ASN A 1114 1.29 98.16 9.90
N ASN A 1115 2.56 98.53 10.01
CA ASN A 1115 2.98 99.87 9.63
C ASN A 1115 2.98 100.05 8.12
N GLU A 1116 3.60 99.10 7.40
CA GLU A 1116 3.60 99.13 5.94
C GLU A 1116 2.57 98.13 5.41
N LYS A 1117 1.33 98.60 5.38
CA LYS A 1117 0.21 97.74 5.01
C LYS A 1117 0.15 97.49 3.50
N ASP A 1118 0.56 98.47 2.70
CA ASP A 1118 0.45 98.37 1.25
C ASP A 1118 1.46 97.39 0.68
N MET A 1119 2.66 97.35 1.27
CA MET A 1119 3.72 96.42 0.86
C MET A 1119 3.33 94.97 1.09
N ALA A 1120 2.87 94.65 2.31
CA ALA A 1120 2.48 93.29 2.65
C ALA A 1120 1.18 92.88 1.95
N LEU A 1121 0.28 93.84 1.73
CA LEU A 1121 -0.97 93.57 1.04
C LEU A 1121 -0.75 93.23 -0.42
N THR A 1122 0.08 94.03 -1.12
CA THR A 1122 0.35 93.79 -2.52
C THR A 1122 1.23 92.57 -2.71
N ALA A 1123 2.11 92.27 -1.73
CA ALA A 1123 2.89 91.03 -1.76
C ALA A 1123 1.99 89.81 -1.60
N PHE A 1124 0.99 89.90 -0.71
CA PHE A 1124 0.03 88.82 -0.51
C PHE A 1124 -0.82 88.58 -1.75
N VAL A 1125 -1.27 89.66 -2.40
CA VAL A 1125 -2.07 89.50 -3.62
C VAL A 1125 -1.19 89.05 -4.79
N LEU A 1126 0.11 89.38 -4.80
CA LEU A 1126 1.01 88.82 -5.81
C LEU A 1126 1.26 87.32 -5.61
N ILE A 1127 1.36 86.88 -4.35
CA ILE A 1127 1.41 85.45 -4.02
C ILE A 1127 0.14 84.75 -4.48
N SER A 1128 -1.01 85.38 -4.18
CA SER A 1128 -2.33 84.82 -4.45
C SER A 1128 -2.64 84.78 -5.94
N LEU A 1129 -2.07 85.72 -6.70
CA LEU A 1129 -2.12 85.60 -8.15
C LEU A 1129 -1.14 84.55 -8.66
N GLN A 1130 -0.02 84.35 -7.95
CA GLN A 1130 1.10 83.64 -8.58
C GLN A 1130 0.89 82.13 -8.51
N GLU A 1131 0.23 81.57 -7.45
CA GLU A 1131 0.11 80.11 -7.53
C GLU A 1131 -1.06 79.69 -8.42
N ALA A 1132 -1.97 80.61 -8.73
CA ALA A 1132 -3.04 80.38 -9.69
C ALA A 1132 -2.66 80.77 -11.11
N LYS A 1133 -1.38 81.07 -11.34
CA LYS A 1133 -0.93 81.44 -12.68
C LYS A 1133 -0.88 80.23 -13.60
N ASP A 1134 -0.49 79.06 -13.07
CA ASP A 1134 -0.28 77.88 -13.92
C ASP A 1134 -1.59 77.24 -14.39
N ILE A 1135 -2.72 77.59 -13.81
CA ILE A 1135 -4.02 77.13 -14.31
C ILE A 1135 -4.69 78.18 -15.19
N CYS A 1136 -4.56 79.45 -14.82
CA CYS A 1136 -5.18 80.55 -15.57
C CYS A 1136 -4.15 81.28 -16.43
N GLU A 1137 -3.18 80.54 -16.97
CA GLU A 1137 -2.23 81.13 -17.92
C GLU A 1137 -2.90 81.39 -19.25
N GLU A 1138 -3.66 80.41 -19.76
CA GLU A 1138 -4.36 80.58 -21.02
C GLU A 1138 -5.61 81.43 -20.87
N GLN A 1139 -6.28 81.34 -19.72
CA GLN A 1139 -7.54 82.07 -19.53
C GLN A 1139 -7.31 83.56 -19.31
N VAL A 1140 -6.27 83.91 -18.55
CA VAL A 1140 -5.94 85.30 -18.26
C VAL A 1140 -4.59 85.60 -18.90
N ASN A 1141 -4.58 86.56 -19.83
CA ASN A 1141 -3.34 86.93 -20.52
C ASN A 1141 -2.68 88.17 -19.92
N SER A 1142 -3.42 88.97 -19.16
CA SER A 1142 -2.89 90.19 -18.54
C SER A 1142 -2.26 89.92 -17.18
N LEU A 1143 -2.22 88.67 -16.75
CA LEU A 1143 -1.60 88.30 -15.47
C LEU A 1143 -0.08 88.54 -15.37
N PRO A 1144 0.79 88.18 -16.36
CA PRO A 1144 2.22 88.49 -16.15
C PRO A 1144 2.57 89.96 -16.24
N GLY A 1145 1.74 90.78 -16.90
CA GLY A 1145 1.95 92.22 -16.86
C GLY A 1145 1.71 92.81 -15.48
N SER A 1146 0.64 92.37 -14.81
CA SER A 1146 0.37 92.78 -13.43
C SER A 1146 1.39 92.20 -12.46
N ILE A 1147 1.90 91.00 -12.76
CA ILE A 1147 2.99 90.39 -12.00
C ILE A 1147 4.27 91.23 -12.11
N THR A 1148 4.58 91.71 -13.32
CA THR A 1148 5.76 92.54 -13.54
C THR A 1148 5.61 93.92 -12.91
N LYS A 1149 4.38 94.47 -12.93
CA LYS A 1149 4.13 95.76 -12.27
C LYS A 1149 4.25 95.67 -10.75
N ALA A 1150 3.74 94.57 -10.16
CA ALA A 1150 3.85 94.36 -8.72
C ALA A 1150 5.29 94.09 -8.31
N GLY A 1151 6.05 93.34 -9.14
CA GLY A 1151 7.46 93.14 -8.88
C GLY A 1151 8.30 94.39 -9.03
N ASP A 1152 7.94 95.27 -9.98
CA ASP A 1152 8.62 96.55 -10.10
C ASP A 1152 8.25 97.51 -8.99
N PHE A 1153 7.09 97.33 -8.35
CA PHE A 1153 6.81 98.13 -7.16
C PHE A 1153 7.65 97.56 -6.01
N LEU A 1154 7.72 96.23 -5.91
CA LEU A 1154 8.36 95.56 -4.76
C LEU A 1154 9.87 95.75 -4.75
N GLU A 1155 10.49 95.90 -5.92
CA GLU A 1155 11.92 96.13 -5.96
C GLU A 1155 12.31 97.57 -5.66
N ALA A 1156 11.34 98.49 -5.56
CA ALA A 1156 11.65 99.89 -5.32
C ALA A 1156 11.94 100.16 -3.85
N ASN A 1157 10.95 99.90 -2.98
CA ASN A 1157 11.01 100.30 -1.58
C ASN A 1157 11.33 99.13 -0.65
N TYR A 1158 12.22 98.23 -1.06
CA TYR A 1158 12.61 97.12 -0.21
C TYR A 1158 13.53 97.58 0.93
N MET A 1159 14.40 98.57 0.65
CA MET A 1159 15.23 99.18 1.69
C MET A 1159 14.44 100.01 2.69
N ASN A 1160 13.24 100.47 2.34
CA ASN A 1160 12.46 101.34 3.21
C ASN A 1160 11.61 100.58 4.22
N LEU A 1161 11.70 99.25 4.24
CA LEU A 1161 10.96 98.46 5.21
C LEU A 1161 11.76 98.32 6.51
N GLN A 1162 11.04 98.36 7.64
CA GLN A 1162 11.64 98.16 8.95
C GLN A 1162 10.93 97.08 9.77
N ARG A 1163 9.82 96.54 9.27
CA ARG A 1163 9.11 95.45 9.92
C ARG A 1163 9.43 94.15 9.20
N SER A 1164 9.87 93.12 9.94
CA SER A 1164 10.40 91.92 9.32
C SER A 1164 9.30 91.02 8.75
N TYR A 1165 8.04 91.24 9.14
CA TYR A 1165 6.91 90.59 8.46
C TYR A 1165 6.81 91.05 7.02
N THR A 1166 6.98 92.36 6.78
CA THR A 1166 6.91 92.90 5.43
C THR A 1166 8.11 92.48 4.59
N VAL A 1167 9.29 92.40 5.22
CA VAL A 1167 10.50 91.93 4.55
C VAL A 1167 10.37 90.44 4.21
N ALA A 1168 9.72 89.67 5.09
CA ALA A 1168 9.52 88.24 4.84
C ALA A 1168 8.51 88.00 3.71
N ILE A 1169 7.38 88.71 3.71
CA ILE A 1169 6.38 88.47 2.68
C ILE A 1169 6.81 89.08 1.33
N ALA A 1170 7.60 90.16 1.35
CA ALA A 1170 8.15 90.69 0.11
C ALA A 1170 9.31 89.86 -0.41
N GLY A 1171 10.07 89.22 0.48
CA GLY A 1171 11.09 88.27 0.05
C GLY A 1171 10.51 87.01 -0.54
N TYR A 1172 9.35 86.56 -0.04
CA TYR A 1172 8.69 85.45 -0.72
C TYR A 1172 8.06 85.88 -2.03
N ALA A 1173 7.51 87.10 -2.09
CA ALA A 1173 6.86 87.56 -3.32
C ALA A 1173 7.87 87.94 -4.40
N LEU A 1174 9.11 88.24 -4.04
CA LEU A 1174 10.16 88.47 -5.02
C LEU A 1174 11.05 87.25 -5.22
N ALA A 1175 10.98 86.26 -4.34
CA ALA A 1175 11.76 85.04 -4.52
C ALA A 1175 11.12 84.10 -5.51
N GLN A 1176 9.84 84.29 -5.82
CA GLN A 1176 9.11 83.35 -6.66
C GLN A 1176 9.32 83.65 -8.15
N MET A 1177 9.95 82.68 -8.85
CA MET A 1177 10.31 82.66 -10.28
C MET A 1177 10.77 83.96 -10.94
N GLY A 1178 11.61 84.71 -10.23
CA GLY A 1178 12.07 85.98 -10.76
C GLY A 1178 13.36 86.39 -10.11
N ARG A 1179 13.62 87.68 -10.13
CA ARG A 1179 14.89 88.25 -9.68
C ARG A 1179 14.75 88.82 -8.28
N LEU A 1180 15.80 88.67 -7.49
CA LEU A 1180 16.02 89.49 -6.30
C LEU A 1180 17.51 89.80 -6.25
N LYS A 1181 17.84 91.05 -5.94
CA LYS A 1181 19.21 91.50 -6.05
C LYS A 1181 20.00 91.11 -4.81
N GLY A 1182 21.30 91.43 -4.87
CA GLY A 1182 22.20 91.28 -3.75
C GLY A 1182 21.84 92.08 -2.50
N PRO A 1183 21.54 93.39 -2.64
CA PRO A 1183 20.92 94.11 -1.51
C PRO A 1183 19.57 93.58 -1.06
N LEU A 1184 18.73 93.08 -1.97
CA LEU A 1184 17.41 92.54 -1.60
C LEU A 1184 17.55 91.25 -0.78
N LEU A 1185 18.37 90.32 -1.28
CA LEU A 1185 18.63 89.07 -0.59
C LEU A 1185 19.43 89.28 0.68
N ASN A 1186 20.32 90.29 0.70
CA ASN A 1186 21.10 90.59 1.89
C ASN A 1186 20.23 91.21 2.98
N LYS A 1187 19.28 92.06 2.61
CA LYS A 1187 18.36 92.61 3.60
C LYS A 1187 17.35 91.57 4.06
N PHE A 1188 17.01 90.61 3.19
CA PHE A 1188 16.15 89.50 3.61
C PHE A 1188 16.89 88.57 4.58
N LEU A 1189 18.19 88.38 4.37
CA LEU A 1189 18.96 87.53 5.27
C LEU A 1189 19.28 88.22 6.59
N THR A 1190 19.59 89.51 6.55
CA THR A 1190 20.10 90.19 7.74
C THR A 1190 19.00 90.61 8.71
N THR A 1191 17.73 90.53 8.32
CA THR A 1191 16.63 90.82 9.24
C THR A 1191 16.21 89.59 10.05
N ALA A 1192 16.81 88.44 9.77
CA ALA A 1192 16.58 87.23 10.55
C ALA A 1192 17.29 87.36 11.88
N LYS A 1193 16.54 87.57 12.96
CA LYS A 1193 17.13 87.65 14.28
C LYS A 1193 17.52 86.26 14.76
N ASP A 1194 18.79 86.14 15.21
CA ASP A 1194 19.48 84.90 15.59
C ASP A 1194 19.55 83.87 14.44
N LYS A 1195 19.50 84.35 13.19
CA LYS A 1195 19.57 83.60 11.93
C LYS A 1195 18.49 82.52 11.78
N ASN A 1196 17.40 82.59 12.54
CA ASN A 1196 16.35 81.57 12.46
C ASN A 1196 14.93 82.11 12.50
N ARG A 1197 14.68 83.33 12.97
CA ARG A 1197 13.32 83.82 13.12
C ARG A 1197 13.21 85.25 12.60
N TRP A 1198 12.01 85.58 12.15
CA TRP A 1198 11.63 86.89 11.63
C TRP A 1198 10.62 87.46 12.62
N GLU A 1199 11.11 88.10 13.68
CA GLU A 1199 10.27 88.45 14.82
C GLU A 1199 10.07 89.96 14.90
N ASP A 1200 8.85 90.36 15.21
CA ASP A 1200 8.40 91.73 15.32
C ASP A 1200 7.64 91.88 16.62
N PRO A 1201 7.55 93.11 17.16
CA PRO A 1201 6.62 93.35 18.27
C PRO A 1201 5.17 93.23 17.82
N GLY A 1202 4.40 92.46 18.57
CA GLY A 1202 3.03 92.15 18.25
C GLY A 1202 2.68 90.75 18.69
N LYS A 1203 1.69 90.16 18.03
CA LYS A 1203 1.30 88.79 18.32
C LYS A 1203 2.30 87.80 17.74
N GLN A 1204 2.37 86.61 18.36
CA GLN A 1204 3.33 85.60 17.95
C GLN A 1204 2.91 84.91 16.65
N LEU A 1205 1.61 84.91 16.34
CA LEU A 1205 1.11 84.25 15.14
C LEU A 1205 1.53 84.99 13.88
N TYR A 1206 1.67 86.32 13.97
CA TYR A 1206 2.16 87.13 12.86
C TYR A 1206 3.61 86.79 12.54
N ASN A 1207 4.41 86.58 13.60
CA ASN A 1207 5.82 86.21 13.42
C ASN A 1207 5.95 84.77 12.93
N VAL A 1208 5.04 83.89 13.34
CA VAL A 1208 5.02 82.51 12.85
C VAL A 1208 4.70 82.47 11.36
N GLU A 1209 3.74 83.31 10.92
CA GLU A 1209 3.42 83.45 9.50
C GLU A 1209 4.58 84.08 8.72
N ALA A 1210 5.31 85.01 9.35
CA ALA A 1210 6.48 85.61 8.73
C ALA A 1210 7.63 84.61 8.55
N THR A 1211 7.88 83.76 9.55
CA THR A 1211 8.89 82.72 9.42
C THR A 1211 8.48 81.65 8.42
N SER A 1212 7.18 81.39 8.29
CA SER A 1212 6.71 80.44 7.30
C SER A 1212 6.85 80.97 5.88
N TYR A 1213 6.57 82.27 5.68
CA TYR A 1213 6.83 82.91 4.38
C TYR A 1213 8.33 82.98 4.09
N ALA A 1214 9.16 83.16 5.13
CA ALA A 1214 10.61 83.17 4.95
C ALA A 1214 11.15 81.79 4.58
N LEU A 1215 10.58 80.73 5.17
CA LEU A 1215 11.02 79.38 4.84
C LEU A 1215 10.54 78.99 3.45
N LEU A 1216 9.37 79.49 3.02
CA LEU A 1216 8.91 79.30 1.65
C LEU A 1216 9.80 80.05 0.66
N ALA A 1217 10.27 81.25 1.05
CA ALA A 1217 11.22 82.00 0.23
C ALA A 1217 12.57 81.30 0.12
N LEU A 1218 13.05 80.74 1.22
CA LEU A 1218 14.35 80.07 1.21
C LEU A 1218 14.28 78.71 0.52
N LEU A 1219 13.11 78.07 0.51
CA LEU A 1219 12.94 76.86 -0.27
C LEU A 1219 12.76 77.16 -1.75
N GLN A 1220 12.21 78.33 -2.09
CA GLN A 1220 12.01 78.65 -3.50
C GLN A 1220 13.31 79.03 -4.19
N LEU A 1221 14.27 79.59 -3.46
CA LEU A 1221 15.53 80.02 -4.05
C LEU A 1221 16.58 78.92 -4.13
N LYS A 1222 16.22 77.68 -3.73
CA LYS A 1222 17.08 76.49 -3.68
C LYS A 1222 18.29 76.72 -2.77
N ASP A 1223 18.00 77.34 -1.63
CA ASP A 1223 19.00 77.59 -0.60
C ASP A 1223 18.73 76.65 0.56
N PHE A 1224 19.73 75.82 0.90
CA PHE A 1224 19.56 74.80 1.92
C PHE A 1224 20.41 75.08 3.16
N ASP A 1225 21.07 76.23 3.23
CA ASP A 1225 21.89 76.58 4.39
C ASP A 1225 21.15 77.36 5.45
N PHE A 1226 20.25 78.26 5.06
CA PHE A 1226 19.45 79.03 6.01
C PHE A 1226 18.13 78.36 6.36
N VAL A 1227 17.77 77.29 5.65
CA VAL A 1227 16.55 76.55 5.98
C VAL A 1227 16.58 75.84 7.35
N PRO A 1228 17.60 75.03 7.73
CA PRO A 1228 17.49 74.22 9.00
C PRO A 1228 17.43 74.99 10.32
N PRO A 1229 18.04 76.18 10.52
CA PRO A 1229 17.71 76.92 11.76
C PRO A 1229 16.28 77.42 11.85
N VAL A 1230 15.68 77.84 10.73
CA VAL A 1230 14.26 78.18 10.70
C VAL A 1230 13.40 76.94 10.92
N VAL A 1231 13.89 75.78 10.48
CA VAL A 1231 13.21 74.50 10.68
C VAL A 1231 13.18 74.12 12.16
N ARG A 1232 14.33 74.22 12.85
CA ARG A 1232 14.34 73.93 14.28
C ARG A 1232 13.62 74.98 15.11
N TRP A 1233 13.57 76.24 14.64
CA TRP A 1233 12.80 77.24 15.36
C TRP A 1233 11.30 77.02 15.17
N LEU A 1234 10.88 76.53 14.01
CA LEU A 1234 9.47 76.20 13.83
C LEU A 1234 9.10 74.92 14.57
N ASN A 1235 10.04 73.98 14.69
CA ASN A 1235 9.78 72.74 15.41
C ASN A 1235 9.73 72.97 16.91
N GLU A 1236 10.51 73.94 17.42
CA GLU A 1236 10.44 74.24 18.84
C GLU A 1236 9.29 75.18 19.21
N GLN A 1237 8.61 75.78 18.22
CA GLN A 1237 7.46 76.63 18.54
C GLN A 1237 6.24 75.81 18.93
N ARG A 1238 6.14 74.56 18.42
CA ARG A 1238 5.08 73.58 18.72
C ARG A 1238 3.69 74.10 18.38
N TYR A 1239 3.57 74.80 17.25
CA TYR A 1239 2.29 75.32 16.80
C TYR A 1239 1.58 74.28 15.96
N TYR A 1240 0.45 73.78 16.46
CA TYR A 1240 -0.33 72.75 15.78
C TYR A 1240 -1.59 73.30 15.13
N GLY A 1241 -1.73 74.61 15.08
CA GLY A 1241 -2.88 75.22 14.45
C GLY A 1241 -4.07 75.36 15.38
N GLY A 1242 -5.13 75.93 14.83
CA GLY A 1242 -6.37 76.12 15.56
C GLY A 1242 -6.33 77.35 16.47
N GLY A 1243 -7.52 77.73 16.91
CA GLY A 1243 -7.66 78.82 17.86
C GLY A 1243 -8.30 80.05 17.23
N TYR A 1244 -8.29 81.14 18.00
CA TYR A 1244 -8.91 82.40 17.60
C TYR A 1244 -7.90 83.26 16.87
N GLY A 1245 -8.27 83.72 15.67
CA GLY A 1245 -7.40 84.55 14.87
C GLY A 1245 -6.16 83.85 14.34
N SER A 1246 -6.29 82.61 13.90
CA SER A 1246 -5.15 81.77 13.59
C SER A 1246 -5.16 81.22 12.17
N THR A 1247 -5.97 81.78 11.27
CA THR A 1247 -6.22 81.21 9.95
C THR A 1247 -4.99 81.29 9.04
N GLN A 1248 -4.40 82.50 8.96
CA GLN A 1248 -3.17 82.75 8.22
C GLN A 1248 -2.01 81.91 8.75
N ALA A 1249 -1.88 81.85 10.08
CA ALA A 1249 -0.77 81.14 10.72
C ALA A 1249 -0.83 79.64 10.43
N THR A 1250 -2.04 79.07 10.55
CA THR A 1250 -2.27 77.63 10.33
C THR A 1250 -2.08 77.24 8.88
N PHE A 1251 -2.48 78.10 7.92
CA PHE A 1251 -2.26 77.77 6.52
C PHE A 1251 -0.77 77.83 6.17
N MET A 1252 -0.06 78.89 6.59
CA MET A 1252 1.33 78.98 6.15
C MET A 1252 2.29 78.06 6.89
N VAL A 1253 1.99 77.56 8.11
CA VAL A 1253 2.95 76.65 8.77
C VAL A 1253 2.95 75.30 8.04
N PHE A 1254 1.77 74.84 7.63
CA PHE A 1254 1.71 73.54 7.02
C PHE A 1254 2.00 73.61 5.54
N GLN A 1255 1.86 74.79 4.90
CA GLN A 1255 2.50 74.95 3.59
C GLN A 1255 4.01 74.94 3.69
N ALA A 1256 4.57 75.49 4.79
CA ALA A 1256 6.02 75.52 4.97
C ALA A 1256 6.61 74.14 5.17
N LEU A 1257 6.07 73.34 6.11
CA LEU A 1257 6.64 72.00 6.23
C LEU A 1257 6.09 71.02 5.19
N ALA A 1258 5.00 71.33 4.48
CA ALA A 1258 4.62 70.49 3.34
C ALA A 1258 5.60 70.70 2.19
N GLN A 1259 6.04 71.94 1.98
CA GLN A 1259 7.08 72.21 1.00
C GLN A 1259 8.43 71.68 1.46
N TYR A 1260 8.66 71.60 2.78
CA TYR A 1260 9.90 71.01 3.27
C TYR A 1260 9.86 69.50 3.00
N GLN A 1261 8.72 68.86 3.23
CA GLN A 1261 8.66 67.43 2.98
C GLN A 1261 8.60 67.10 1.49
N LYS A 1262 8.26 68.09 0.65
CA LYS A 1262 8.54 67.95 -0.78
C LYS A 1262 10.04 68.05 -1.06
N ASP A 1263 10.72 69.04 -0.48
CA ASP A 1263 12.10 69.37 -0.86
C ASP A 1263 13.16 68.84 0.09
N ALA A 1264 12.82 67.94 1.00
CA ALA A 1264 13.79 67.44 1.97
C ALA A 1264 14.70 66.35 1.42
N PRO A 1265 14.26 65.42 0.54
CA PRO A 1265 15.28 64.74 -0.29
C PRO A 1265 15.80 65.63 -1.41
N ASP A 1266 15.09 66.72 -1.74
CA ASP A 1266 15.27 67.71 -2.82
C ASP A 1266 15.55 67.10 -4.20
N HIS A 1267 15.10 65.87 -4.45
CA HIS A 1267 15.53 64.99 -5.55
C HIS A 1267 17.06 65.00 -5.71
N GLN A 1268 17.75 64.58 -4.65
CA GLN A 1268 19.21 64.55 -4.65
C GLN A 1268 19.72 63.51 -5.63
N GLU A 1269 19.43 62.23 -5.33
CA GLU A 1269 19.60 61.05 -6.20
C GLU A 1269 21.07 60.91 -6.65
N LEU A 1270 21.92 60.63 -5.65
CA LEU A 1270 23.37 60.74 -5.81
C LEU A 1270 23.89 59.71 -6.80
N ASN A 1271 24.52 60.20 -7.86
CA ASN A 1271 24.93 59.36 -8.97
C ASN A 1271 26.40 59.60 -9.22
N LEU A 1272 27.18 58.53 -9.21
CA LEU A 1272 28.58 58.60 -9.59
C LEU A 1272 28.70 57.84 -10.91
N ASP A 1273 29.02 58.57 -11.97
CA ASP A 1273 29.22 57.96 -13.28
C ASP A 1273 30.69 57.58 -13.42
N VAL A 1274 31.06 56.52 -12.69
CA VAL A 1274 32.46 56.12 -12.59
C VAL A 1274 32.78 55.20 -13.76
N SER A 1275 33.70 55.63 -14.60
CA SER A 1275 34.14 54.84 -15.75
C SER A 1275 35.56 54.39 -15.53
N LEU A 1276 35.80 53.09 -15.60
CA LEU A 1276 37.15 52.56 -15.52
C LEU A 1276 37.61 52.16 -16.92
N GLN A 1277 38.79 52.66 -17.29
CA GLN A 1277 39.41 52.39 -18.57
C GLN A 1277 40.65 51.52 -18.32
N LEU A 1278 40.75 50.44 -19.09
CA LEU A 1278 41.77 49.44 -18.93
C LEU A 1278 42.63 49.40 -20.19
N PRO A 1279 43.95 49.30 -20.08
CA PRO A 1279 44.77 48.93 -21.25
C PRO A 1279 44.67 47.46 -21.63
N SER A 1280 44.09 46.61 -20.77
CA SER A 1280 43.91 45.20 -21.11
C SER A 1280 42.83 45.02 -22.18
N ARG A 1281 41.71 45.72 -22.04
CA ARG A 1281 40.63 45.64 -23.00
C ARG A 1281 40.61 46.90 -23.86
N SER A 1282 39.72 46.91 -24.85
CA SER A 1282 39.63 47.98 -25.83
C SER A 1282 38.52 48.98 -25.52
N SER A 1283 37.89 48.88 -24.35
CA SER A 1283 36.76 49.75 -24.02
C SER A 1283 36.88 50.22 -22.59
N LYS A 1284 36.29 51.39 -22.32
CA LYS A 1284 36.10 51.89 -20.97
C LYS A 1284 34.69 51.52 -20.52
N ILE A 1285 34.58 50.88 -19.37
CA ILE A 1285 33.29 50.44 -18.85
C ILE A 1285 32.82 51.47 -17.84
N THR A 1286 31.64 52.02 -18.06
CA THR A 1286 31.04 52.97 -17.15
C THR A 1286 30.12 52.26 -16.18
N HIS A 1287 29.88 52.90 -15.04
CA HIS A 1287 28.98 52.39 -14.01
C HIS A 1287 28.31 53.59 -13.38
N ARG A 1288 26.98 53.65 -13.47
CA ARG A 1288 26.19 54.75 -12.94
C ARG A 1288 25.64 54.31 -11.60
N ILE A 1289 26.25 54.79 -10.51
CA ILE A 1289 25.77 54.47 -9.16
C ILE A 1289 24.71 55.51 -8.81
N HIS A 1290 23.46 55.06 -8.74
CA HIS A 1290 22.37 55.95 -8.38
C HIS A 1290 21.93 55.71 -6.93
N TRP A 1291 20.96 56.52 -6.49
CA TRP A 1291 20.28 56.28 -5.23
C TRP A 1291 19.34 55.09 -5.30
N GLU A 1292 18.92 54.71 -6.51
CA GLU A 1292 18.20 53.47 -6.76
C GLU A 1292 19.08 52.27 -6.40
N SER A 1293 18.52 51.35 -5.62
CA SER A 1293 19.27 50.27 -5.00
C SER A 1293 19.36 49.02 -5.86
N ALA A 1294 19.04 49.13 -7.16
CA ALA A 1294 19.22 48.00 -8.06
C ALA A 1294 20.69 47.74 -8.34
N SER A 1295 21.50 48.81 -8.39
CA SER A 1295 22.95 48.70 -8.58
C SER A 1295 23.62 49.65 -7.59
N LEU A 1296 23.89 49.14 -6.39
CA LEU A 1296 24.64 49.90 -5.39
C LEU A 1296 26.13 49.68 -5.53
N LEU A 1297 26.56 48.43 -5.49
CA LEU A 1297 27.97 48.06 -5.56
C LEU A 1297 28.16 47.07 -6.69
N ARG A 1298 29.25 47.22 -7.42
CA ARG A 1298 29.58 46.27 -8.49
C ARG A 1298 31.04 45.84 -8.38
N SER A 1299 31.29 44.61 -8.79
CA SER A 1299 32.61 44.00 -8.77
C SER A 1299 33.04 43.67 -10.20
N GLU A 1300 34.25 44.06 -10.55
CA GLU A 1300 34.84 43.81 -11.87
C GLU A 1300 36.06 42.92 -11.69
N GLU A 1301 36.11 41.82 -12.43
CA GLU A 1301 37.20 40.87 -12.30
C GLU A 1301 38.15 41.03 -13.48
N THR A 1302 39.44 41.16 -13.19
CA THR A 1302 40.45 41.31 -14.24
C THR A 1302 41.51 40.23 -14.06
N LYS A 1303 41.73 39.45 -15.12
CA LYS A 1303 42.71 38.37 -15.08
C LYS A 1303 44.12 38.87 -15.35
N GLU A 1304 44.27 40.10 -15.80
CA GLU A 1304 45.56 40.69 -16.09
C GLU A 1304 45.90 41.78 -15.08
N ASN A 1305 47.17 41.84 -14.70
CA ASN A 1305 47.63 42.77 -13.68
C ASN A 1305 48.35 43.93 -14.36
N GLU A 1306 47.70 45.09 -14.37
CA GLU A 1306 48.28 46.28 -14.98
C GLU A 1306 47.66 47.50 -14.32
N GLY A 1307 48.26 48.66 -14.60
CA GLY A 1307 47.70 49.91 -14.10
C GLY A 1307 46.47 50.30 -14.88
N PHE A 1308 45.39 50.63 -14.17
CA PHE A 1308 44.12 50.98 -14.77
C PHE A 1308 43.71 52.37 -14.33
N THR A 1309 42.89 53.04 -15.15
CA THR A 1309 42.47 54.40 -14.87
C THR A 1309 41.02 54.42 -14.45
N VAL A 1310 40.67 55.27 -13.49
CA VAL A 1310 39.31 55.40 -12.98
C VAL A 1310 38.94 56.88 -13.04
N THR A 1311 37.84 57.19 -13.73
CA THR A 1311 37.29 58.54 -13.75
C THR A 1311 36.00 58.52 -12.94
N ALA A 1312 36.01 59.15 -11.78
CA ALA A 1312 34.85 59.25 -10.90
C ALA A 1312 34.29 60.66 -11.03
N GLU A 1313 33.11 60.79 -11.62
CA GLU A 1313 32.49 62.09 -11.82
C GLU A 1313 31.04 62.01 -11.35
N GLY A 1314 30.47 63.20 -11.12
CA GLY A 1314 29.11 63.28 -10.61
C GLY A 1314 29.07 63.88 -9.22
N LYS A 1315 28.05 63.51 -8.44
CA LYS A 1315 27.87 64.02 -7.09
C LYS A 1315 27.51 62.84 -6.20
N GLY A 1316 28.20 62.73 -5.07
CA GLY A 1316 28.03 61.67 -4.12
C GLY A 1316 29.36 61.18 -3.59
N GLN A 1317 29.29 60.10 -2.80
CA GLN A 1317 30.46 59.49 -2.21
C GLN A 1317 30.48 58.00 -2.50
N GLY A 1318 31.67 57.48 -2.81
CA GLY A 1318 31.83 56.07 -3.11
C GLY A 1318 33.08 55.51 -2.48
N THR A 1319 33.19 54.19 -2.54
CA THR A 1319 34.34 53.45 -2.04
C THR A 1319 34.87 52.55 -3.13
N LEU A 1320 36.16 52.69 -3.44
CA LEU A 1320 36.88 51.83 -4.35
C LEU A 1320 37.77 50.91 -3.53
N SER A 1321 37.42 49.63 -3.47
CA SER A 1321 38.23 48.63 -2.80
C SER A 1321 38.78 47.69 -3.86
N VAL A 1322 40.09 47.66 -4.02
CA VAL A 1322 40.73 46.86 -5.04
C VAL A 1322 41.69 45.88 -4.36
N VAL A 1323 41.45 44.58 -4.59
CA VAL A 1323 42.17 43.49 -3.93
C VAL A 1323 42.57 42.48 -4.99
N THR A 1324 43.86 42.14 -5.05
CA THR A 1324 44.35 41.12 -5.97
C THR A 1324 44.53 39.81 -5.21
N MET A 1325 43.83 38.77 -5.65
CA MET A 1325 44.03 37.42 -5.14
C MET A 1325 45.03 36.70 -6.04
N TYR A 1326 45.95 35.98 -5.41
CA TYR A 1326 47.08 35.39 -6.13
C TYR A 1326 47.61 34.21 -5.33
N HIS A 1327 48.58 33.51 -5.91
CA HIS A 1327 49.23 32.39 -5.25
C HIS A 1327 50.50 32.90 -4.57
N ALA A 1328 50.44 33.06 -3.25
CA ALA A 1328 51.60 33.49 -2.50
C ALA A 1328 52.44 32.28 -2.07
N LYS A 1329 53.74 32.49 -1.95
CA LYS A 1329 54.66 31.43 -1.56
C LYS A 1329 54.49 31.07 -0.09
N ALA A 1330 54.43 29.77 0.19
CA ALA A 1330 54.35 29.26 1.55
C ALA A 1330 55.75 29.00 2.07
N LYS A 1331 56.07 29.58 3.23
CA LYS A 1331 57.37 29.42 3.88
C LYS A 1331 57.23 28.65 5.19
N ASP A 1332 58.20 27.74 5.41
CA ASP A 1332 58.29 26.84 6.57
C ASP A 1332 57.04 25.97 6.71
N GLN A 1333 56.51 25.53 5.59
CA GLN A 1333 55.31 24.70 5.55
C GLN A 1333 55.65 23.39 4.85
N LEU A 1334 55.96 22.37 5.65
CA LEU A 1334 56.15 21.01 5.15
C LEU A 1334 54.84 20.24 5.10
N THR A 1335 53.72 20.88 5.51
CA THR A 1335 52.34 20.42 5.64
C THR A 1335 52.13 19.31 6.69
N CYS A 1336 53.17 18.97 7.44
CA CYS A 1336 53.05 18.16 8.65
C CYS A 1336 53.05 19.06 9.88
N ASN A 1337 52.12 20.02 9.88
CA ASN A 1337 52.11 21.01 10.94
C ASN A 1337 51.49 20.51 12.22
N LYS A 1338 50.70 19.44 12.17
CA LYS A 1338 50.06 18.89 13.36
C LYS A 1338 50.73 17.64 13.89
N PHE A 1339 51.45 16.90 13.06
CA PHE A 1339 52.08 15.66 13.47
C PHE A 1339 53.52 15.65 13.03
N ASP A 1340 54.37 15.01 13.82
CA ASP A 1340 55.74 14.70 13.43
C ASP A 1340 55.85 13.20 13.27
N LEU A 1341 56.34 12.77 12.11
CA LEU A 1341 56.40 11.36 11.79
C LEU A 1341 57.80 10.98 11.36
N LYS A 1342 58.35 9.95 11.99
CA LYS A 1342 59.64 9.38 11.62
C LYS A 1342 59.42 7.91 11.32
N VAL A 1343 59.49 7.55 10.04
CA VAL A 1343 59.31 6.17 9.61
C VAL A 1343 60.65 5.66 9.15
N THR A 1344 61.15 4.63 9.81
CA THR A 1344 62.40 3.99 9.45
C THR A 1344 62.16 2.53 9.15
N ILE A 1345 62.95 2.00 8.23
CA ILE A 1345 62.96 0.57 7.95
C ILE A 1345 64.41 0.08 8.04
N LYS A 1346 64.63 -0.96 8.83
CA LYS A 1346 65.98 -1.42 9.09
C LYS A 1346 66.08 -2.91 8.79
N PRO A 1347 67.16 -3.37 8.16
CA PRO A 1347 67.33 -4.80 7.96
C PRO A 1347 67.68 -5.49 9.27
N ALA A 1348 67.02 -6.61 9.51
CA ALA A 1348 67.17 -7.34 10.76
C ALA A 1348 68.47 -8.13 10.74
N PRO A 1349 69.42 -7.85 11.64
CA PRO A 1349 70.70 -8.56 11.56
C PRO A 1349 70.74 -9.91 12.26
N GLU A 1350 69.63 -10.39 12.82
CA GLU A 1350 69.64 -11.74 13.41
C GLU A 1350 69.63 -12.80 12.32
N THR A 1351 68.76 -12.63 11.31
CA THR A 1351 68.53 -13.52 10.15
C THR A 1351 68.17 -14.97 10.55
N GLU A 1352 67.63 -15.19 11.75
CA GLU A 1352 67.34 -16.54 12.20
C GLU A 1352 66.01 -16.67 12.96
N LYS A 1353 65.39 -15.57 13.39
CA LYS A 1353 64.26 -15.66 14.30
C LYS A 1353 62.94 -15.91 13.61
N ARG A 1354 62.86 -15.74 12.28
CA ARG A 1354 61.56 -15.97 11.64
C ARG A 1354 61.31 -17.47 11.43
N PRO A 1355 60.05 -17.90 11.51
CA PRO A 1355 59.75 -19.33 11.25
C PRO A 1355 59.44 -19.63 9.80
N GLN A 1356 59.01 -18.62 9.03
CA GLN A 1356 58.53 -18.86 7.67
C GLN A 1356 59.62 -18.73 6.61
N ASP A 1357 60.87 -18.49 7.04
CA ASP A 1357 62.11 -18.29 6.25
C ASP A 1357 61.93 -17.42 5.00
N ALA A 1358 61.55 -16.17 5.25
CA ALA A 1358 61.40 -15.20 4.17
C ALA A 1358 62.76 -14.71 3.70
N LYS A 1359 62.75 -13.97 2.59
CA LYS A 1359 64.00 -13.61 1.93
C LYS A 1359 64.71 -12.43 2.58
N ASN A 1360 63.97 -11.36 2.88
CA ASN A 1360 64.61 -10.12 3.34
C ASN A 1360 64.31 -9.81 4.81
N THR A 1361 63.02 -9.67 5.17
CA THR A 1361 62.50 -9.57 6.54
C THR A 1361 63.08 -8.38 7.31
N MET A 1362 62.73 -7.18 6.84
CA MET A 1362 63.12 -5.99 7.59
C MET A 1362 62.14 -5.69 8.74
N ILE A 1363 62.48 -4.65 9.49
CA ILE A 1363 61.76 -4.22 10.67
C ILE A 1363 61.37 -2.77 10.47
N LEU A 1364 60.08 -2.48 10.54
CA LEU A 1364 59.54 -1.16 10.30
C LEU A 1364 59.21 -0.51 11.63
N GLU A 1365 59.75 0.69 11.85
CA GLU A 1365 59.55 1.44 13.08
C GLU A 1365 58.95 2.79 12.75
N ILE A 1366 57.82 3.09 13.38
CA ILE A 1366 57.07 4.31 13.16
C ILE A 1366 57.02 5.08 14.47
N CYS A 1367 57.54 6.30 14.47
CA CYS A 1367 57.55 7.15 15.64
C CYS A 1367 56.73 8.39 15.34
N THR A 1368 55.58 8.52 15.98
CA THR A 1368 54.69 9.64 15.76
C THR A 1368 54.58 10.49 17.02
N ARG A 1369 54.59 11.80 16.85
CA ARG A 1369 54.43 12.74 17.93
C ARG A 1369 53.42 13.79 17.51
N TYR A 1370 52.70 14.33 18.46
CA TYR A 1370 51.72 15.38 18.17
C TYR A 1370 52.35 16.74 18.39
N ARG A 1371 51.92 17.70 17.60
CA ARG A 1371 52.34 19.09 17.76
C ARG A 1371 51.22 19.86 18.44
N GLY A 1372 51.49 20.40 19.61
CA GLY A 1372 50.50 21.16 20.34
C GLY A 1372 50.82 21.14 21.82
N ASP A 1373 49.80 21.47 22.61
CA ASP A 1373 49.91 21.57 24.06
C ASP A 1373 49.48 20.32 24.78
N GLN A 1374 48.72 19.44 24.13
CA GLN A 1374 48.13 18.29 24.79
C GLN A 1374 48.23 17.10 23.85
N ASP A 1375 47.89 15.92 24.39
CA ASP A 1375 47.88 14.71 23.59
C ASP A 1375 46.72 14.73 22.60
N ALA A 1376 46.87 13.97 21.52
CA ALA A 1376 45.85 13.91 20.50
C ALA A 1376 44.79 12.86 20.85
N THR A 1377 43.72 12.88 20.08
CA THR A 1377 42.63 11.91 20.20
C THR A 1377 42.99 10.64 19.42
N MET A 1378 41.98 9.80 19.15
CA MET A 1378 42.18 8.55 18.43
C MET A 1378 42.58 8.82 16.98
N SER A 1379 43.86 8.62 16.69
CA SER A 1379 44.43 8.88 15.38
C SER A 1379 44.55 7.57 14.60
N ILE A 1380 44.93 7.71 13.34
CA ILE A 1380 44.97 6.61 12.40
C ILE A 1380 46.33 6.60 11.73
N LEU A 1381 47.01 5.46 11.79
CA LEU A 1381 48.19 5.16 10.97
C LEU A 1381 47.75 4.27 9.83
N ASP A 1382 47.80 4.79 8.61
CA ASP A 1382 47.42 4.05 7.42
C ASP A 1382 48.77 3.69 6.79
N ILE A 1383 49.14 2.42 6.87
CA ILE A 1383 50.41 1.94 6.37
C ILE A 1383 50.13 1.18 5.08
N SER A 1384 50.47 1.77 3.95
CA SER A 1384 50.44 1.08 2.68
C SER A 1384 51.82 0.49 2.47
N MET A 1385 51.89 -0.84 2.41
CA MET A 1385 53.16 -1.54 2.43
C MET A 1385 53.78 -1.52 1.04
N MET A 1386 55.07 -1.90 0.99
CA MET A 1386 55.81 -1.92 -0.26
C MET A 1386 55.37 -3.09 -1.13
N THR A 1387 55.83 -3.09 -2.38
CA THR A 1387 55.52 -4.18 -3.28
C THR A 1387 56.28 -5.44 -2.89
N GLY A 1388 55.55 -6.53 -2.73
CA GLY A 1388 56.14 -7.77 -2.32
C GLY A 1388 56.33 -7.95 -0.83
N PHE A 1389 55.77 -7.06 -0.02
CA PHE A 1389 56.05 -7.07 1.41
C PHE A 1389 54.76 -7.17 2.20
N ALA A 1390 54.79 -8.00 3.24
CA ALA A 1390 53.64 -8.26 4.08
C ALA A 1390 54.03 -8.15 5.54
N PRO A 1391 53.15 -7.65 6.40
CA PRO A 1391 53.52 -7.51 7.81
C PRO A 1391 53.40 -8.83 8.54
N ASP A 1392 54.24 -8.98 9.58
CA ASP A 1392 54.25 -10.21 10.35
C ASP A 1392 53.05 -10.26 11.27
N THR A 1393 52.30 -11.36 11.19
CA THR A 1393 51.01 -11.45 11.88
C THR A 1393 51.16 -11.65 13.39
N ASP A 1394 52.30 -12.15 13.85
CA ASP A 1394 52.51 -12.30 15.29
C ASP A 1394 52.76 -10.96 15.96
N ASP A 1395 53.56 -10.09 15.33
CA ASP A 1395 53.73 -8.74 15.85
C ASP A 1395 52.49 -7.90 15.64
N LEU A 1396 51.69 -8.22 14.62
CA LEU A 1396 50.36 -7.65 14.45
C LEU A 1396 49.44 -7.99 15.60
N LYS A 1397 49.45 -9.25 16.04
CA LYS A 1397 48.63 -9.66 17.17
C LYS A 1397 49.18 -9.14 18.49
N GLN A 1398 50.49 -8.92 18.56
CA GLN A 1398 51.07 -8.32 19.78
C GLN A 1398 50.76 -6.83 19.86
N LEU A 1399 50.77 -6.13 18.73
CA LEU A 1399 50.42 -4.72 18.72
C LEU A 1399 48.92 -4.51 18.88
N ALA A 1400 48.12 -5.50 18.48
CA ALA A 1400 46.67 -5.40 18.67
C ALA A 1400 46.29 -5.55 20.14
N ASN A 1401 47.11 -6.24 20.92
CA ASN A 1401 46.84 -6.49 22.33
C ASN A 1401 47.36 -5.40 23.24
N GLY A 1402 47.92 -4.32 22.67
CA GLY A 1402 48.32 -3.20 23.50
C GLY A 1402 47.15 -2.41 24.03
N VAL A 1403 47.42 -1.58 25.03
CA VAL A 1403 46.35 -0.84 25.69
C VAL A 1403 46.03 0.46 24.96
N ASP A 1404 46.87 0.88 24.01
CA ASP A 1404 46.63 2.11 23.26
C ASP A 1404 46.52 1.90 21.76
N ARG A 1405 46.82 0.72 21.26
CA ARG A 1405 46.82 0.44 19.84
C ARG A 1405 45.74 -0.59 19.56
N TYR A 1406 44.80 -0.24 18.70
CA TYR A 1406 43.75 -1.16 18.29
C TYR A 1406 43.94 -1.49 16.82
N ILE A 1407 43.89 -2.77 16.50
CA ILE A 1407 44.03 -3.26 15.15
C ILE A 1407 42.83 -4.14 14.92
N SER A 1408 42.08 -3.87 13.85
CA SER A 1408 40.74 -4.42 13.70
C SER A 1408 40.75 -5.91 13.38
N LYS A 1409 39.60 -6.55 13.64
CA LYS A 1409 39.49 -7.99 13.55
C LYS A 1409 39.55 -8.48 12.11
N TYR A 1410 39.08 -7.66 11.16
CA TYR A 1410 39.12 -8.01 9.75
C TYR A 1410 40.55 -8.06 9.22
N GLU A 1411 41.43 -7.19 9.73
CA GLU A 1411 42.81 -7.19 9.30
C GLU A 1411 43.65 -8.28 9.96
N LEU A 1412 43.11 -8.99 10.95
CA LEU A 1412 43.86 -10.03 11.64
C LEU A 1412 43.50 -11.44 11.18
N ASP A 1413 42.25 -11.70 10.79
CA ASP A 1413 41.93 -13.00 10.22
C ASP A 1413 42.18 -13.05 8.71
N LYS A 1414 42.63 -11.96 8.11
CA LYS A 1414 43.11 -11.97 6.75
C LYS A 1414 44.42 -12.75 6.67
N ALA A 1415 44.75 -13.20 5.46
CA ALA A 1415 45.91 -14.04 5.25
C ALA A 1415 47.21 -13.24 5.36
N PHE A 1416 48.31 -13.97 5.47
CA PHE A 1416 49.63 -13.34 5.45
C PHE A 1416 49.91 -12.72 4.09
N SER A 1417 49.55 -13.42 3.02
CA SER A 1417 49.53 -12.81 1.70
C SER A 1417 48.25 -11.99 1.54
N ASP A 1418 48.18 -11.27 0.41
CA ASP A 1418 47.19 -10.27 -0.02
C ASP A 1418 46.71 -9.31 1.06
N ARG A 1419 47.61 -8.88 1.94
CA ARG A 1419 47.35 -7.82 2.92
C ARG A 1419 48.50 -6.82 2.77
N ASN A 1420 48.34 -5.90 1.83
CA ASN A 1420 49.35 -4.89 1.56
C ASN A 1420 48.99 -3.53 2.14
N THR A 1421 47.84 -3.42 2.81
CA THR A 1421 47.41 -2.18 3.43
C THR A 1421 46.95 -2.49 4.85
N LEU A 1422 47.40 -1.68 5.80
CA LEU A 1422 47.14 -1.91 7.21
C LEU A 1422 46.66 -0.61 7.83
N ILE A 1423 45.67 -0.70 8.73
CA ILE A 1423 45.22 0.46 9.50
C ILE A 1423 45.44 0.15 10.97
N ILE A 1424 46.10 1.07 11.67
CA ILE A 1424 46.33 0.97 13.12
C ILE A 1424 45.68 2.17 13.76
N TYR A 1425 44.78 1.94 14.70
CA TYR A 1425 44.08 3.02 15.38
C TYR A 1425 44.76 3.28 16.71
N LEU A 1426 45.41 4.43 16.83
CA LEU A 1426 46.02 4.83 18.09
C LEU A 1426 44.98 5.53 18.94
N ASP A 1427 44.96 5.22 20.23
CA ASP A 1427 44.04 5.90 21.12
C ASP A 1427 44.49 7.32 21.42
N LYS A 1428 45.79 7.54 21.55
CA LYS A 1428 46.32 8.87 21.77
C LYS A 1428 47.71 8.96 21.19
N VAL A 1429 48.11 10.17 20.83
CA VAL A 1429 49.46 10.48 20.38
C VAL A 1429 50.02 11.52 21.33
N SER A 1430 51.17 11.23 21.93
CA SER A 1430 51.75 12.15 22.90
C SER A 1430 52.35 13.36 22.23
N HIS A 1431 52.32 14.50 22.92
CA HIS A 1431 52.89 15.74 22.43
C HIS A 1431 54.24 16.04 23.05
N SER A 1432 54.81 15.12 23.82
CA SER A 1432 56.08 15.35 24.48
C SER A 1432 57.06 14.22 24.18
N GLU A 1433 56.53 13.03 23.95
CA GLU A 1433 57.33 11.84 23.71
C GLU A 1433 56.93 11.23 22.37
N ASP A 1434 57.92 10.71 21.65
CA ASP A 1434 57.65 10.04 20.38
C ASP A 1434 57.04 8.68 20.64
N ASP A 1435 55.76 8.52 20.32
CA ASP A 1435 55.10 7.22 20.43
C ASP A 1435 55.57 6.33 19.29
N CYS A 1436 56.34 5.30 19.62
CA CYS A 1436 57.01 4.48 18.63
C CYS A 1436 56.50 3.06 18.68
N LEU A 1437 56.14 2.51 17.52
CA LEU A 1437 55.77 1.12 17.38
C LEU A 1437 56.53 0.51 16.23
N ALA A 1438 56.99 -0.72 16.41
CA ALA A 1438 57.78 -1.40 15.40
C ALA A 1438 57.26 -2.81 15.20
N PHE A 1439 57.27 -3.27 13.96
CA PHE A 1439 56.89 -4.64 13.67
C PHE A 1439 57.68 -5.13 12.46
N LYS A 1440 57.79 -6.45 12.35
CA LYS A 1440 58.54 -7.04 11.26
C LYS A 1440 57.71 -7.10 9.98
N VAL A 1441 58.39 -6.94 8.86
CA VAL A 1441 57.79 -7.10 7.54
C VAL A 1441 58.65 -8.08 6.75
N HIS A 1442 57.97 -8.97 6.02
CA HIS A 1442 58.59 -10.07 5.30
C HIS A 1442 58.41 -9.87 3.81
N GLN A 1443 59.41 -10.26 3.04
CA GLN A 1443 59.33 -10.24 1.58
C GLN A 1443 58.71 -11.55 1.13
N TYR A 1444 57.40 -11.54 0.90
CA TYR A 1444 56.71 -12.77 0.57
C TYR A 1444 56.77 -13.13 -0.91
N PHE A 1445 57.06 -12.16 -1.78
CA PHE A 1445 57.58 -12.49 -3.10
C PHE A 1445 58.58 -11.42 -3.54
N ASN A 1446 59.70 -11.87 -4.06
CA ASN A 1446 60.73 -10.96 -4.55
C ASN A 1446 60.31 -10.40 -5.90
N VAL A 1447 60.39 -9.08 -6.05
CA VAL A 1447 60.06 -8.42 -7.29
C VAL A 1447 61.19 -7.43 -7.60
N GLU A 1448 61.32 -7.10 -8.88
CA GLU A 1448 62.23 -6.04 -9.29
C GLU A 1448 61.52 -4.70 -9.11
N LEU A 1449 62.32 -3.68 -8.75
CA LEU A 1449 61.92 -2.27 -8.58
C LEU A 1449 60.82 -2.12 -7.52
N ILE A 1450 61.24 -2.33 -6.26
CA ILE A 1450 60.35 -2.25 -5.12
C ILE A 1450 59.80 -0.85 -4.96
N GLN A 1451 58.47 -0.74 -5.00
CA GLN A 1451 57.79 0.53 -4.82
C GLN A 1451 57.92 1.00 -3.37
N PRO A 1452 58.16 2.29 -3.13
CA PRO A 1452 58.28 2.77 -1.74
C PRO A 1452 56.92 2.85 -1.07
N GLY A 1453 56.82 2.27 0.11
CA GLY A 1453 55.58 2.29 0.85
C GLY A 1453 55.36 3.61 1.55
N ALA A 1454 54.15 3.80 2.06
CA ALA A 1454 53.77 5.04 2.70
C ALA A 1454 53.16 4.77 4.06
N VAL A 1455 53.35 5.71 4.97
CA VAL A 1455 52.71 5.71 6.28
C VAL A 1455 52.10 7.08 6.47
N LYS A 1456 50.79 7.13 6.69
CA LYS A 1456 50.08 8.40 6.85
C LYS A 1456 49.41 8.43 8.21
N VAL A 1457 49.69 9.46 9.00
CA VAL A 1457 49.09 9.62 10.31
C VAL A 1457 48.14 10.81 10.28
N TYR A 1458 46.92 10.59 10.76
CA TYR A 1458 45.96 11.70 10.83
C TYR A 1458 44.99 11.47 11.97
N ALA A 1459 44.55 12.57 12.57
CA ALA A 1459 43.46 12.49 13.53
C ALA A 1459 42.15 12.22 12.81
N TYR A 1460 41.17 11.70 13.56
CA TYR A 1460 39.94 11.20 12.97
C TYR A 1460 39.03 12.31 12.44
N TYR A 1461 39.16 13.52 12.95
CA TYR A 1461 38.26 14.60 12.57
C TYR A 1461 38.78 15.42 11.41
N ASN A 1462 39.87 15.02 10.76
CA ASN A 1462 40.45 15.81 9.68
C ASN A 1462 41.24 14.91 8.75
N LEU A 1463 40.85 14.86 7.47
CA LEU A 1463 41.68 14.19 6.47
C LEU A 1463 42.91 15.00 6.15
N GLU A 1464 42.78 16.33 6.17
CA GLU A 1464 43.92 17.21 6.04
C GLU A 1464 44.57 17.37 7.41
N GLU A 1465 45.59 18.25 7.46
CA GLU A 1465 46.65 18.33 8.49
C GLU A 1465 47.13 16.95 8.97
N SER A 1466 47.44 16.11 8.00
CA SER A 1466 47.97 14.78 8.22
C SER A 1466 49.49 14.85 8.12
N CYS A 1467 50.14 13.69 8.12
CA CYS A 1467 51.55 13.61 7.79
C CYS A 1467 51.78 12.30 7.06
N THR A 1468 52.19 12.39 5.81
CA THR A 1468 52.47 11.22 4.98
C THR A 1468 53.96 11.13 4.76
N ARG A 1469 54.57 10.10 5.33
CA ARG A 1469 55.98 9.82 5.10
C ARG A 1469 56.11 8.57 4.25
N PHE A 1470 57.26 8.42 3.63
CA PHE A 1470 57.52 7.32 2.73
C PHE A 1470 58.74 6.56 3.21
N TYR A 1471 58.72 5.25 2.97
CA TYR A 1471 59.84 4.41 3.38
C TYR A 1471 60.17 3.44 2.26
N HIS A 1472 61.46 3.15 2.13
CA HIS A 1472 62.04 2.30 1.10
C HIS A 1472 63.42 1.94 1.62
N PRO A 1473 63.88 0.70 1.43
CA PRO A 1473 65.19 0.30 1.98
C PRO A 1473 66.40 0.92 1.30
N GLU A 1474 66.24 1.45 0.08
CA GLU A 1474 67.39 1.94 -0.67
C GLU A 1474 67.35 3.42 -0.98
N LYS A 1475 66.26 4.11 -0.68
CA LYS A 1475 66.13 5.53 -0.97
C LYS A 1475 65.92 6.30 0.33
N GLU A 1476 66.56 7.45 0.43
CA GLU A 1476 66.43 8.29 1.61
C GLU A 1476 65.06 8.95 1.63
N ASP A 1477 64.35 8.77 2.75
CA ASP A 1477 62.96 9.18 3.02
C ASP A 1477 61.95 8.57 2.03
N GLY A 1478 62.29 7.47 1.37
CA GLY A 1478 61.41 6.79 0.44
C GLY A 1478 61.10 7.55 -0.83
N LYS A 1479 61.91 8.55 -1.18
CA LYS A 1479 61.57 9.44 -2.27
C LYS A 1479 62.19 8.94 -3.56
N LEU A 1480 61.42 9.03 -4.64
CA LEU A 1480 61.94 8.70 -5.96
C LEU A 1480 62.91 9.78 -6.42
N ASN A 1481 63.92 9.38 -7.19
CA ASN A 1481 64.95 10.30 -7.62
C ASN A 1481 64.42 11.23 -8.70
N LYS A 1482 64.66 12.53 -8.53
CA LYS A 1482 64.28 13.51 -9.52
C LYS A 1482 65.31 14.62 -9.51
N LEU A 1483 65.59 15.14 -10.71
CA LEU A 1483 66.48 16.28 -10.87
C LEU A 1483 65.65 17.54 -10.82
N CYS A 1484 65.91 18.38 -9.82
CA CYS A 1484 65.09 19.56 -9.57
C CYS A 1484 65.96 20.80 -9.56
N ARG A 1485 65.47 21.85 -10.23
CA ARG A 1485 66.14 23.14 -10.27
C ARG A 1485 65.10 24.20 -10.56
N ASP A 1486 65.12 25.26 -9.73
CA ASP A 1486 64.17 26.41 -9.67
C ASP A 1486 62.71 26.01 -9.88
N GLU A 1487 62.27 25.03 -9.08
CA GLU A 1487 60.94 24.41 -9.10
C GLU A 1487 60.58 23.81 -10.46
N LEU A 1488 61.58 23.26 -11.16
CA LEU A 1488 61.35 22.49 -12.38
C LEU A 1488 62.06 21.15 -12.20
N CYS A 1489 61.32 20.07 -12.37
CA CYS A 1489 61.85 18.74 -12.04
C CYS A 1489 61.62 17.77 -13.18
N ARG A 1490 62.56 16.83 -13.31
CA ARG A 1490 62.50 15.74 -14.26
C ARG A 1490 62.70 14.44 -13.50
N CYS A 1491 61.99 13.39 -13.92
CA CYS A 1491 62.05 12.10 -13.26
C CYS A 1491 63.38 11.42 -13.55
N ALA A 1492 64.23 11.31 -12.54
CA ALA A 1492 65.53 10.66 -12.67
C ALA A 1492 65.50 9.21 -12.22
N GLU A 1493 64.35 8.56 -12.33
CA GLU A 1493 64.23 7.15 -11.98
C GLU A 1493 64.55 6.22 -13.14
N GLU A 1494 64.93 6.77 -14.30
CA GLU A 1494 65.38 5.95 -15.42
C GLU A 1494 66.81 5.48 -15.19
N ASN A 1495 67.28 4.64 -16.10
CA ASN A 1495 68.66 4.16 -16.03
C ASN A 1495 69.64 5.27 -16.40
N CYS A 1496 70.90 5.08 -15.98
CA CYS A 1496 71.86 6.17 -15.94
C CYS A 1496 72.37 6.56 -17.32
N PHE A 1497 72.68 5.58 -18.16
CA PHE A 1497 73.16 5.81 -19.51
C PHE A 1497 72.79 4.59 -20.35
N ILE A 1498 73.20 4.61 -21.62
CA ILE A 1498 72.86 3.52 -22.54
C ILE A 1498 73.73 2.32 -22.19
N GLN A 1499 73.09 1.25 -21.72
CA GLN A 1499 73.76 0.10 -21.10
C GLN A 1499 74.29 -0.92 -22.10
N LYS A 1500 74.44 -0.55 -23.37
CA LYS A 1500 75.14 -1.41 -24.32
C LYS A 1500 76.63 -1.41 -23.99
N SER A 1501 77.23 -2.60 -23.96
CA SER A 1501 78.64 -2.72 -23.63
C SER A 1501 79.50 -2.25 -24.79
N ASP A 1502 80.73 -1.83 -24.47
CA ASP A 1502 81.63 -1.28 -25.48
C ASP A 1502 82.22 -2.37 -26.38
N ASP A 1503 82.22 -3.62 -25.93
CA ASP A 1503 82.61 -4.74 -26.79
C ASP A 1503 81.47 -5.24 -27.64
N LYS A 1504 80.23 -5.15 -27.15
CA LYS A 1504 79.06 -5.62 -27.89
C LYS A 1504 78.65 -4.66 -29.01
N VAL A 1505 79.06 -3.41 -28.95
CA VAL A 1505 78.73 -2.44 -29.99
C VAL A 1505 79.81 -2.49 -31.07
N THR A 1506 79.38 -2.42 -32.32
CA THR A 1506 80.27 -2.38 -33.47
C THR A 1506 80.40 -0.96 -33.97
N LEU A 1507 81.17 -0.79 -35.04
CA LEU A 1507 81.26 0.50 -35.70
C LEU A 1507 79.96 0.84 -36.41
N GLU A 1508 79.34 -0.15 -37.05
CA GLU A 1508 78.10 0.06 -37.80
C GLU A 1508 76.92 0.33 -36.88
N GLU A 1509 76.94 -0.23 -35.66
CA GLU A 1509 75.92 0.09 -34.67
C GLU A 1509 76.04 1.53 -34.19
N ARG A 1510 77.27 2.02 -34.06
CA ARG A 1510 77.52 3.44 -33.76
C ARG A 1510 77.08 4.33 -34.92
N LEU A 1511 77.29 3.86 -36.16
CA LEU A 1511 76.87 4.60 -37.35
C LEU A 1511 75.35 4.67 -37.46
N ASP A 1512 74.66 3.61 -37.07
CA ASP A 1512 73.21 3.62 -37.12
C ASP A 1512 72.61 4.43 -35.97
N LYS A 1513 73.19 4.35 -34.77
CA LYS A 1513 72.62 5.05 -33.63
C LYS A 1513 72.94 6.55 -33.66
N ALA A 1514 74.14 6.92 -34.11
CA ALA A 1514 74.55 8.32 -34.05
C ALA A 1514 74.01 9.16 -35.19
N CYS A 1515 73.44 8.54 -36.22
CA CYS A 1515 72.91 9.27 -37.36
C CYS A 1515 71.40 9.43 -37.31
N GLU A 1516 70.79 9.14 -36.16
CA GLU A 1516 69.35 9.30 -36.00
C GLU A 1516 68.99 10.78 -35.90
N PRO A 1517 67.82 11.17 -36.42
CA PRO A 1517 67.37 12.57 -36.24
C PRO A 1517 66.95 12.90 -34.82
N GLY A 1518 66.65 11.89 -33.99
CA GLY A 1518 66.46 12.15 -32.57
C GLY A 1518 67.75 12.57 -31.88
N VAL A 1519 68.86 11.95 -32.26
CA VAL A 1519 70.17 12.27 -31.69
C VAL A 1519 70.62 13.63 -32.27
N ASP A 1520 70.84 14.60 -31.40
CA ASP A 1520 71.08 15.97 -31.80
C ASP A 1520 72.57 16.32 -31.81
N TYR A 1521 73.29 15.96 -30.74
CA TYR A 1521 74.71 16.27 -30.60
C TYR A 1521 75.51 14.97 -30.61
N VAL A 1522 76.68 15.01 -31.26
CA VAL A 1522 77.71 13.97 -31.14
C VAL A 1522 79.03 14.68 -30.92
N TYR A 1523 79.67 14.42 -29.77
CA TYR A 1523 80.93 15.09 -29.42
C TYR A 1523 81.97 14.09 -28.90
N LYS A 1524 83.23 14.28 -29.30
CA LYS A 1524 84.38 13.75 -28.59
C LYS A 1524 85.00 14.89 -27.80
N THR A 1525 85.04 14.77 -26.47
CA THR A 1525 85.30 15.91 -25.60
C THR A 1525 86.18 15.46 -24.43
N ARG A 1526 86.51 16.43 -23.58
CA ARG A 1526 87.19 16.15 -22.31
C ARG A 1526 86.40 16.83 -21.20
N LEU A 1527 86.69 16.45 -19.96
CA LEU A 1527 86.06 17.05 -18.80
C LEU A 1527 87.12 17.73 -17.93
N VAL A 1528 86.71 18.77 -17.21
CA VAL A 1528 87.63 19.55 -16.40
C VAL A 1528 87.33 19.36 -14.92
N LYS A 1529 86.10 19.69 -14.51
CA LYS A 1529 85.76 19.73 -13.09
C LYS A 1529 84.58 18.81 -12.78
N VAL A 1530 84.67 18.13 -11.64
CA VAL A 1530 83.60 17.29 -11.12
C VAL A 1530 83.21 17.87 -9.78
N GLN A 1531 81.99 18.41 -9.67
CA GLN A 1531 81.48 18.89 -8.39
C GLN A 1531 80.45 17.91 -7.88
N LEU A 1532 80.65 17.46 -6.64
CA LEU A 1532 79.75 16.51 -6.01
C LEU A 1532 78.86 17.25 -5.02
N SER A 1533 77.54 17.12 -5.21
CA SER A 1533 76.57 17.78 -4.34
C SER A 1533 75.58 16.74 -3.86
N ASN A 1534 74.73 17.15 -2.91
CA ASN A 1534 73.78 16.21 -2.32
C ASN A 1534 72.61 15.92 -3.26
N ASP A 1535 72.27 16.85 -4.15
CA ASP A 1535 71.15 16.63 -5.05
C ASP A 1535 71.60 16.00 -6.36
N PHE A 1536 72.58 16.62 -7.02
CA PHE A 1536 73.05 16.09 -8.30
C PHE A 1536 74.53 16.42 -8.46
N ASP A 1537 75.24 15.53 -9.15
CA ASP A 1537 76.65 15.72 -9.45
C ASP A 1537 76.80 16.39 -10.81
N GLU A 1538 77.62 17.44 -10.86
CA GLU A 1538 77.79 18.24 -12.06
C GLU A 1538 79.19 18.06 -12.61
N TYR A 1539 79.30 18.14 -13.93
CA TYR A 1539 80.56 17.93 -14.64
C TYR A 1539 80.77 19.11 -15.58
N ILE A 1540 81.66 20.04 -15.20
CA ILE A 1540 82.13 21.06 -16.12
C ILE A 1540 83.13 20.43 -17.08
N MET A 1541 82.86 20.58 -18.37
CA MET A 1541 83.38 19.77 -19.46
C MET A 1541 83.64 20.63 -20.68
N ALA A 1542 84.72 20.34 -21.39
CA ALA A 1542 85.27 21.23 -22.41
C ALA A 1542 85.20 20.56 -23.78
N ILE A 1543 85.03 21.37 -24.82
CA ILE A 1543 84.84 20.82 -26.17
C ILE A 1543 86.20 20.56 -26.82
N GLU A 1544 86.47 19.28 -27.09
CA GLU A 1544 87.68 18.93 -27.85
C GLU A 1544 87.40 18.91 -29.34
N GLN A 1545 86.33 18.22 -29.76
CA GLN A 1545 85.87 18.25 -31.14
C GLN A 1545 84.36 18.37 -31.15
N THR A 1546 83.85 18.86 -32.27
CA THR A 1546 82.41 18.92 -32.55
C THR A 1546 82.17 18.00 -33.76
N ILE A 1547 81.86 16.74 -33.47
CA ILE A 1547 81.67 15.75 -34.53
C ILE A 1547 80.36 16.01 -35.26
N LYS A 1548 79.29 16.27 -34.52
CA LYS A 1548 78.00 16.62 -35.11
C LYS A 1548 77.33 17.64 -34.19
N SER A 1549 77.30 18.90 -34.63
CA SER A 1549 76.65 19.96 -33.87
C SER A 1549 75.14 19.84 -34.01
N GLY A 1550 74.43 20.28 -32.97
CA GLY A 1550 72.98 20.25 -32.99
C GLY A 1550 72.34 21.61 -32.78
N SER A 1551 71.35 21.68 -31.89
CA SER A 1551 70.65 22.93 -31.62
C SER A 1551 71.45 23.87 -30.72
N ASP A 1552 72.51 23.39 -30.07
CA ASP A 1552 73.36 24.23 -29.23
C ASP A 1552 74.61 24.60 -30.03
N GLU A 1553 74.82 25.90 -30.21
CA GLU A 1553 75.99 26.41 -30.92
C GLU A 1553 77.12 26.57 -29.92
N VAL A 1554 77.97 25.56 -29.84
CA VAL A 1554 79.12 25.55 -28.93
C VAL A 1554 80.38 25.37 -29.76
N GLN A 1555 81.44 26.08 -29.37
CA GLN A 1555 82.71 26.04 -30.08
C GLN A 1555 83.71 25.18 -29.31
N VAL A 1556 84.82 24.86 -30.00
CA VAL A 1556 85.85 24.00 -29.45
C VAL A 1556 86.63 24.75 -28.38
N GLY A 1557 86.67 24.19 -27.17
CA GLY A 1557 87.31 24.80 -26.03
C GLY A 1557 86.36 25.43 -25.04
N GLN A 1558 85.11 25.66 -25.43
CA GLN A 1558 84.11 26.19 -24.53
C GLN A 1558 83.65 25.12 -23.54
N GLN A 1559 83.15 25.57 -22.40
CA GLN A 1559 82.77 24.66 -21.32
C GLN A 1559 81.25 24.64 -21.13
N ARG A 1560 80.72 23.44 -20.93
CA ARG A 1560 79.33 23.21 -20.59
C ARG A 1560 79.27 22.34 -19.34
N THR A 1561 78.05 22.06 -18.91
CA THR A 1561 77.80 21.30 -17.69
C THR A 1561 76.94 20.08 -18.00
N PHE A 1562 77.40 18.91 -17.54
CA PHE A 1562 76.58 17.70 -17.56
C PHE A 1562 76.06 17.47 -16.15
N ILE A 1563 74.75 17.31 -16.02
CA ILE A 1563 74.11 17.05 -14.74
C ILE A 1563 73.72 15.57 -14.68
N SER A 1564 74.12 14.88 -13.61
CA SER A 1564 73.70 13.51 -13.39
C SER A 1564 73.22 13.38 -11.96
N PRO A 1565 72.29 12.46 -11.69
CA PRO A 1565 71.97 12.13 -10.30
C PRO A 1565 73.12 11.39 -9.64
N ILE A 1566 73.10 11.43 -8.30
CA ILE A 1566 74.19 10.87 -7.50
C ILE A 1566 74.24 9.34 -7.56
N LYS A 1567 73.11 8.68 -7.83
CA LYS A 1567 73.07 7.23 -7.97
C LYS A 1567 73.77 6.73 -9.24
N CYS A 1568 74.01 7.61 -10.20
CA CYS A 1568 74.81 7.30 -11.37
C CYS A 1568 76.29 7.58 -11.16
N ARG A 1569 76.67 8.10 -9.98
CA ARG A 1569 78.08 8.43 -9.70
C ARG A 1569 78.94 7.18 -9.65
N GLU A 1570 78.43 6.10 -9.08
CA GLU A 1570 79.11 4.81 -9.20
C GLU A 1570 78.88 4.17 -10.56
N ALA A 1571 77.83 4.58 -11.28
CA ALA A 1571 77.47 3.88 -12.51
C ALA A 1571 78.22 4.44 -13.72
N LEU A 1572 78.45 5.76 -13.75
CA LEU A 1572 79.11 6.38 -14.88
C LEU A 1572 80.61 6.12 -14.89
N LYS A 1573 81.22 6.13 -13.69
CA LYS A 1573 82.67 5.99 -13.45
C LYS A 1573 83.49 7.01 -14.24
N LEU A 1574 83.13 8.28 -14.07
CA LEU A 1574 83.83 9.35 -14.78
C LEU A 1574 85.07 9.78 -14.01
N GLU A 1575 86.23 9.54 -14.59
CA GLU A 1575 87.51 9.92 -14.01
C GLU A 1575 88.00 11.19 -14.70
N GLU A 1576 88.64 12.06 -13.92
CA GLU A 1576 89.05 13.38 -14.41
C GLU A 1576 90.21 13.28 -15.38
N LYS A 1577 90.30 14.30 -16.26
CA LYS A 1577 91.25 14.43 -17.37
C LYS A 1577 91.22 13.23 -18.32
N LYS A 1578 90.04 12.70 -18.60
CA LYS A 1578 89.86 11.60 -19.53
C LYS A 1578 88.98 12.06 -20.68
N HIS A 1579 89.03 11.30 -21.77
CA HIS A 1579 88.23 11.60 -22.95
C HIS A 1579 87.04 10.65 -23.02
N TYR A 1580 85.87 11.21 -23.34
CA TYR A 1580 84.64 10.44 -23.38
C TYR A 1580 83.87 10.81 -24.63
N LEU A 1581 83.29 9.81 -25.27
CA LEU A 1581 82.36 10.01 -26.37
C LEU A 1581 80.95 10.10 -25.79
N MET A 1582 80.32 11.25 -25.96
CA MET A 1582 78.98 11.48 -25.47
C MET A 1582 78.06 11.98 -26.58
N TRP A 1583 76.99 11.23 -26.82
CA TRP A 1583 75.92 11.68 -27.70
C TRP A 1583 74.58 11.55 -26.98
N GLY A 1584 73.56 12.11 -27.60
CA GLY A 1584 72.21 12.03 -27.03
C GLY A 1584 71.26 12.94 -27.79
N LEU A 1585 70.06 13.07 -27.24
CA LEU A 1585 68.98 13.79 -27.89
C LEU A 1585 68.90 15.24 -27.39
N SER A 1586 68.01 16.00 -28.02
CA SER A 1586 67.77 17.40 -27.69
C SER A 1586 66.72 17.58 -26.61
N SER A 1587 66.18 16.50 -26.05
CA SER A 1587 65.22 16.59 -24.96
C SER A 1587 65.86 16.86 -23.62
N ASP A 1588 67.19 16.81 -23.53
CA ASP A 1588 67.91 17.05 -22.29
C ASP A 1588 68.35 18.50 -22.13
N PHE A 1589 67.74 19.43 -22.86
CA PHE A 1589 67.95 20.85 -22.63
C PHE A 1589 67.32 21.25 -21.30
N TRP A 1590 68.09 21.98 -20.48
CA TRP A 1590 67.64 22.34 -19.15
C TRP A 1590 67.53 23.84 -18.93
N GLY A 1591 68.60 24.59 -19.21
CA GLY A 1591 68.61 26.02 -19.00
C GLY A 1591 68.27 26.81 -20.25
N GLU A 1592 68.61 28.09 -20.20
CA GLU A 1592 68.43 28.97 -21.36
C GLU A 1592 69.62 28.85 -22.30
N LYS A 1593 69.64 29.66 -23.35
CA LYS A 1593 70.67 29.56 -24.37
C LYS A 1593 72.10 29.96 -23.93
N PRO A 1594 72.38 31.06 -23.20
CA PRO A 1594 73.78 31.27 -22.78
C PRO A 1594 74.21 30.41 -21.60
N ASN A 1595 73.28 29.80 -20.87
CA ASN A 1595 73.58 29.03 -19.67
C ASN A 1595 72.99 27.63 -19.77
N LEU A 1596 73.27 26.96 -20.89
CA LEU A 1596 72.66 25.67 -21.16
C LEU A 1596 73.29 24.55 -20.34
N SER A 1597 72.43 23.77 -19.70
CA SER A 1597 72.84 22.58 -18.97
C SER A 1597 72.21 21.37 -19.62
N TYR A 1598 72.86 20.23 -19.45
CA TYR A 1598 72.45 18.99 -20.10
C TYR A 1598 72.22 17.92 -19.04
N ILE A 1599 71.45 16.89 -19.42
CA ILE A 1599 71.06 15.82 -18.51
C ILE A 1599 71.56 14.51 -19.07
N ILE A 1600 72.30 13.75 -18.26
CA ILE A 1600 72.72 12.41 -18.64
C ILE A 1600 71.55 11.47 -18.45
N GLY A 1601 70.75 11.29 -19.50
CA GLY A 1601 69.55 10.50 -19.43
C GLY A 1601 69.78 9.04 -19.77
N LYS A 1602 68.67 8.31 -19.89
CA LYS A 1602 68.72 6.90 -20.27
C LYS A 1602 69.10 6.70 -21.73
N ASP A 1603 68.86 7.71 -22.57
CA ASP A 1603 69.22 7.67 -23.98
C ASP A 1603 70.51 8.40 -24.27
N THR A 1604 71.30 8.70 -23.24
CA THR A 1604 72.57 9.40 -23.39
C THR A 1604 73.69 8.39 -23.47
N TRP A 1605 74.45 8.43 -24.56
CA TRP A 1605 75.56 7.50 -24.79
C TRP A 1605 76.85 8.13 -24.25
N VAL A 1606 77.42 7.50 -23.23
CA VAL A 1606 78.72 7.86 -22.68
C VAL A 1606 79.64 6.65 -22.83
N GLU A 1607 80.77 6.86 -23.50
CA GLU A 1607 81.72 5.79 -23.80
C GLU A 1607 83.12 6.28 -23.44
N HIS A 1608 83.95 5.38 -22.93
CA HIS A 1608 85.34 5.73 -22.64
C HIS A 1608 86.15 5.78 -23.91
N TRP A 1609 86.82 6.91 -24.15
CA TRP A 1609 87.72 7.06 -25.28
C TRP A 1609 89.14 6.97 -24.74
N PRO A 1610 89.89 5.90 -25.02
CA PRO A 1610 91.28 5.84 -24.59
C PRO A 1610 92.16 6.78 -25.41
N GLU A 1611 93.30 7.14 -24.81
CA GLU A 1611 94.18 8.14 -25.40
C GLU A 1611 95.00 7.53 -26.54
N GLU A 1612 95.88 8.36 -27.11
CA GLU A 1612 96.63 7.98 -28.31
C GLU A 1612 97.71 6.96 -27.99
N ASP A 1613 98.35 7.09 -26.82
CA ASP A 1613 99.23 6.02 -26.34
C ASP A 1613 98.42 4.80 -25.91
N GLU A 1614 97.21 5.02 -25.36
CA GLU A 1614 96.38 3.93 -24.87
C GLU A 1614 95.74 3.11 -26.00
N CYS A 1615 95.80 3.60 -27.25
CA CYS A 1615 95.47 2.78 -28.40
C CYS A 1615 96.52 1.72 -28.72
N GLN A 1616 97.73 1.82 -28.15
CA GLN A 1616 98.78 0.85 -28.45
C GLN A 1616 98.56 -0.50 -27.79
N ASP A 1617 97.68 -0.61 -26.81
CA ASP A 1617 97.35 -1.89 -26.20
C ASP A 1617 96.48 -2.73 -27.13
N GLU A 1618 96.59 -4.05 -26.99
CA GLU A 1618 95.78 -4.95 -27.81
C GLU A 1618 94.32 -5.01 -27.35
N GLU A 1619 94.04 -4.66 -26.09
CA GLU A 1619 92.67 -4.65 -25.61
C GLU A 1619 91.90 -3.46 -26.16
N ASN A 1620 92.57 -2.33 -26.34
CA ASN A 1620 91.93 -1.10 -26.79
C ASN A 1620 92.12 -0.83 -28.27
N GLN A 1621 92.54 -1.85 -29.05
CA GLN A 1621 92.77 -1.65 -30.47
C GLN A 1621 91.45 -1.54 -31.24
N LYS A 1622 90.50 -2.43 -30.94
CA LYS A 1622 89.20 -2.45 -31.62
C LYS A 1622 88.38 -1.21 -31.32
N GLN A 1623 88.41 -0.75 -30.06
CA GLN A 1623 87.71 0.46 -29.66
C GLN A 1623 88.31 1.70 -30.32
N CYS A 1624 89.64 1.76 -30.43
CA CYS A 1624 90.30 2.89 -31.08
C CYS A 1624 90.04 2.90 -32.59
N GLN A 1625 89.98 1.71 -33.21
CA GLN A 1625 89.66 1.61 -34.63
C GLN A 1625 88.23 2.01 -34.91
N ASP A 1626 87.29 1.56 -34.07
CA ASP A 1626 85.87 1.90 -34.24
C ASP A 1626 85.62 3.39 -33.99
N LEU A 1627 86.29 3.97 -32.99
CA LEU A 1627 86.09 5.38 -32.69
C LEU A 1627 86.78 6.28 -33.70
N GLY A 1628 87.93 5.85 -34.24
CA GLY A 1628 88.57 6.59 -35.31
C GLY A 1628 87.80 6.57 -36.61
N ALA A 1629 87.23 5.41 -36.96
CA ALA A 1629 86.39 5.35 -38.15
C ALA A 1629 85.04 6.04 -37.94
N PHE A 1630 84.58 6.11 -36.68
CA PHE A 1630 83.41 6.88 -36.30
C PHE A 1630 83.62 8.37 -36.55
N THR A 1631 84.77 8.90 -36.10
CA THR A 1631 85.11 10.31 -36.33
C THR A 1631 85.36 10.59 -37.81
N GLU A 1632 86.05 9.69 -38.51
CA GLU A 1632 86.33 9.91 -39.93
C GLU A 1632 85.11 9.69 -40.81
N SER A 1633 84.06 9.03 -40.31
CA SER A 1633 82.83 8.93 -41.07
C SER A 1633 81.88 10.09 -40.82
N MET A 1634 81.73 10.53 -39.57
CA MET A 1634 80.76 11.62 -39.34
C MET A 1634 81.36 13.01 -39.53
N VAL A 1635 82.67 13.20 -39.35
CA VAL A 1635 83.25 14.52 -39.55
C VAL A 1635 83.39 14.83 -41.04
N VAL A 1636 83.96 13.90 -41.80
CA VAL A 1636 84.24 14.16 -43.21
C VAL A 1636 83.00 13.99 -44.07
N PHE A 1637 82.22 12.93 -43.82
CA PHE A 1637 81.13 12.57 -44.71
C PHE A 1637 79.74 12.85 -44.15
N GLY A 1638 79.60 12.99 -42.84
CA GLY A 1638 78.31 13.27 -42.25
C GLY A 1638 77.44 12.03 -42.13
N CYS A 1639 76.14 12.28 -41.96
CA CYS A 1639 75.16 11.23 -41.75
C CYS A 1639 74.17 11.19 -42.90
N PRO A 1640 74.11 10.09 -43.67
CA PRO A 1640 73.09 9.99 -44.72
C PRO A 1640 71.71 9.70 -44.14
N ASN A 1641 70.70 10.38 -44.71
CA ASN A 1641 69.29 10.33 -44.34
C ASN A 1641 69.01 10.62 -42.86
N GLN B 1 18.05 -8.48 -24.19
CA GLN B 1 17.99 -9.85 -24.69
C GLN B 1 18.17 -9.90 -26.19
N VAL B 2 18.77 -10.99 -26.69
CA VAL B 2 18.98 -11.17 -28.11
C VAL B 2 18.25 -12.43 -28.57
N GLN B 3 18.03 -12.51 -29.88
CA GLN B 3 17.62 -13.72 -30.55
C GLN B 3 18.81 -14.23 -31.34
N LEU B 4 18.99 -15.53 -31.39
CA LEU B 4 20.29 -16.07 -31.76
C LEU B 4 20.08 -17.27 -32.68
N VAL B 5 20.46 -17.14 -33.95
CA VAL B 5 20.31 -18.25 -34.90
C VAL B 5 21.68 -18.72 -35.33
N GLU B 6 21.72 -19.94 -35.88
CA GLU B 6 22.96 -20.57 -36.30
C GLU B 6 22.79 -21.14 -37.70
N THR B 7 23.78 -20.93 -38.56
CA THR B 7 23.70 -21.38 -39.94
C THR B 7 25.04 -22.00 -40.34
N GLY B 8 24.98 -23.13 -41.06
CA GLY B 8 26.19 -23.70 -41.61
C GLY B 8 26.54 -25.11 -41.21
N GLY B 9 25.53 -25.95 -40.94
CA GLY B 9 25.76 -27.34 -40.60
C GLY B 9 25.44 -28.28 -41.74
N GLY B 10 25.81 -29.55 -41.56
CA GLY B 10 25.50 -30.55 -42.57
C GLY B 10 26.50 -31.67 -42.73
N LEU B 11 26.60 -32.19 -43.95
CA LEU B 11 27.40 -33.37 -44.26
C LEU B 11 28.81 -32.94 -44.61
N VAL B 12 29.79 -33.47 -43.87
CA VAL B 12 31.21 -33.13 -44.04
C VAL B 12 32.02 -34.42 -44.01
N GLN B 13 32.94 -34.57 -44.97
CA GLN B 13 33.80 -35.74 -45.04
C GLN B 13 34.94 -35.63 -44.01
N ALA B 14 35.60 -36.76 -43.77
CA ALA B 14 36.63 -36.82 -42.73
C ALA B 14 37.90 -36.10 -43.15
N GLY B 15 38.45 -35.32 -42.23
CA GLY B 15 39.60 -34.48 -42.54
C GLY B 15 39.26 -33.21 -43.28
N GLY B 16 37.98 -32.84 -43.36
CA GLY B 16 37.55 -31.69 -44.13
C GLY B 16 37.63 -30.39 -43.36
N SER B 17 36.73 -29.47 -43.69
CA SER B 17 36.69 -28.16 -43.06
C SER B 17 35.25 -27.68 -42.98
N LEU B 18 34.96 -26.88 -41.97
CA LEU B 18 33.63 -26.30 -41.83
C LEU B 18 33.71 -24.87 -41.33
N ARG B 19 32.70 -24.10 -41.70
CA ARG B 19 32.54 -22.68 -41.39
C ARG B 19 31.07 -22.45 -41.06
N LEU B 20 30.78 -21.78 -39.94
CA LEU B 20 29.40 -21.48 -39.61
C LEU B 20 29.23 -19.99 -39.35
N SER B 21 28.04 -19.64 -38.87
CA SER B 21 27.69 -18.26 -38.60
C SER B 21 26.66 -18.24 -37.48
N CYS B 22 27.02 -17.59 -36.38
CA CYS B 22 26.12 -17.37 -35.26
C CYS B 22 25.62 -15.94 -35.36
N ALA B 23 24.36 -15.78 -35.77
CA ALA B 23 23.79 -14.47 -36.05
C ALA B 23 22.96 -14.03 -34.87
N ALA B 24 23.28 -12.85 -34.35
CA ALA B 24 22.52 -12.25 -33.25
C ALA B 24 21.59 -11.19 -33.80
N SER B 25 20.38 -11.12 -33.23
CA SER B 25 19.41 -10.14 -33.67
C SER B 25 19.79 -8.74 -33.21
N GLY B 26 20.19 -8.60 -31.95
CA GLY B 26 20.46 -7.31 -31.35
C GLY B 26 21.92 -6.93 -31.39
N SER B 27 22.31 -6.09 -30.44
CA SER B 27 23.66 -5.57 -30.39
C SER B 27 24.59 -6.55 -29.69
N ILE B 28 25.69 -6.91 -30.38
CA ILE B 28 26.71 -7.80 -29.84
C ILE B 28 27.71 -7.07 -28.95
N PHE B 29 27.67 -5.74 -28.92
CA PHE B 29 28.78 -4.98 -28.37
C PHE B 29 28.74 -4.85 -26.85
N SER B 30 27.68 -5.33 -26.20
CA SER B 30 27.63 -5.37 -24.76
C SER B 30 27.73 -6.78 -24.21
N ILE B 31 27.96 -7.77 -25.06
CA ILE B 31 28.03 -9.16 -24.65
C ILE B 31 29.50 -9.50 -24.45
N ASN B 32 29.84 -9.92 -23.23
CA ASN B 32 31.23 -10.12 -22.87
C ASN B 32 31.80 -11.40 -23.49
N ALA B 33 31.01 -12.47 -23.52
CA ALA B 33 31.50 -13.72 -24.08
C ALA B 33 30.46 -14.36 -24.97
N MET B 34 30.87 -14.86 -26.13
CA MET B 34 30.03 -15.82 -26.82
C MET B 34 30.81 -17.08 -27.13
N GLY B 35 30.13 -18.22 -27.01
CA GLY B 35 30.78 -19.50 -27.13
C GLY B 35 30.00 -20.44 -28.03
N TRP B 36 30.72 -21.44 -28.51
CA TRP B 36 30.15 -22.56 -29.23
C TRP B 36 30.13 -23.76 -28.31
N PHE B 37 28.97 -24.39 -28.19
CA PHE B 37 28.75 -25.56 -27.38
C PHE B 37 28.19 -26.67 -28.26
N ARG B 38 28.84 -27.81 -28.27
CA ARG B 38 28.32 -28.92 -29.07
C ARG B 38 27.66 -29.94 -28.16
N GLN B 39 26.83 -30.78 -28.78
CA GLN B 39 26.11 -31.83 -28.07
C GLN B 39 26.16 -33.10 -28.92
N ALA B 40 26.90 -34.09 -28.44
CA ALA B 40 26.98 -35.39 -29.08
C ALA B 40 25.67 -36.14 -28.88
N PRO B 41 25.34 -37.10 -29.75
CA PRO B 41 24.19 -37.98 -29.48
C PRO B 41 24.45 -38.89 -28.30
N GLY B 42 23.58 -38.81 -27.29
CA GLY B 42 23.71 -39.61 -26.10
C GLY B 42 24.67 -39.08 -25.06
N LYS B 43 25.10 -37.82 -25.16
CA LYS B 43 26.09 -37.27 -24.26
C LYS B 43 25.66 -35.89 -23.78
N GLU B 44 26.56 -35.13 -23.15
CA GLU B 44 26.20 -33.86 -22.55
C GLU B 44 26.11 -32.75 -23.61
N ARG B 45 25.99 -31.53 -23.15
CA ARG B 45 26.23 -30.32 -23.94
C ARG B 45 27.47 -29.69 -23.34
N GLU B 46 28.65 -30.08 -23.82
CA GLU B 46 29.88 -29.62 -23.21
C GLU B 46 30.52 -28.51 -24.02
N PHE B 47 31.53 -27.90 -23.42
CA PHE B 47 32.17 -26.69 -23.93
C PHE B 47 33.04 -27.00 -25.15
N VAL B 48 33.04 -26.08 -26.12
CA VAL B 48 33.93 -26.24 -27.26
C VAL B 48 34.79 -24.99 -27.44
N ALA B 49 34.17 -23.80 -27.48
CA ALA B 49 34.96 -22.60 -27.72
C ALA B 49 34.26 -21.39 -27.13
N THR B 50 35.04 -20.35 -26.82
CA THR B 50 34.46 -19.06 -26.47
C THR B 50 35.42 -17.92 -26.83
N ILE B 51 34.81 -16.76 -27.09
CA ILE B 51 35.48 -15.56 -27.57
C ILE B 51 35.02 -14.38 -26.71
N ASN B 52 35.98 -13.48 -26.47
CA ASN B 52 35.94 -12.25 -25.68
C ASN B 52 35.03 -11.21 -26.33
N ARG B 53 34.83 -10.10 -25.61
CA ARG B 53 34.14 -8.93 -26.16
C ARG B 53 34.95 -8.29 -27.29
N SER B 54 36.26 -8.19 -27.13
CA SER B 54 37.11 -7.59 -28.15
C SER B 54 37.69 -8.60 -29.12
N GLY B 55 37.50 -9.89 -28.87
CA GLY B 55 38.08 -10.90 -29.72
C GLY B 55 39.52 -11.25 -29.42
N GLY B 56 40.11 -10.65 -28.39
CA GLY B 56 41.52 -10.89 -28.12
C GLY B 56 41.83 -12.09 -27.26
N ARG B 57 40.82 -12.72 -26.66
CA ARG B 57 41.02 -13.88 -25.80
C ARG B 57 40.15 -15.03 -26.27
N THR B 58 40.78 -16.17 -26.51
CA THR B 58 40.11 -17.37 -26.96
C THR B 58 40.25 -18.44 -25.89
N TYR B 59 39.19 -19.19 -25.65
CA TYR B 59 39.34 -20.43 -24.88
C TYR B 59 38.73 -21.57 -25.66
N TYR B 60 39.48 -22.66 -25.77
CA TYR B 60 39.02 -23.88 -26.41
C TYR B 60 38.97 -24.97 -25.36
N ALA B 61 38.23 -26.04 -25.66
CA ALA B 61 38.32 -27.22 -24.82
C ALA B 61 39.56 -28.03 -25.20
N ASP B 62 39.83 -29.08 -24.42
CA ASP B 62 41.09 -29.81 -24.58
C ASP B 62 41.11 -30.70 -25.81
N SER B 63 39.95 -31.20 -26.24
CA SER B 63 39.92 -32.11 -27.38
C SER B 63 39.95 -31.37 -28.71
N VAL B 64 39.77 -30.06 -28.71
CA VAL B 64 39.52 -29.31 -29.93
C VAL B 64 40.59 -28.25 -30.18
N LYS B 65 41.77 -28.42 -29.58
CA LYS B 65 42.66 -27.28 -29.34
C LYS B 65 43.38 -26.84 -30.60
N GLY B 66 44.02 -27.76 -31.31
CA GLY B 66 44.74 -27.37 -32.50
C GLY B 66 43.91 -27.29 -33.76
N ARG B 67 42.62 -27.63 -33.68
CA ARG B 67 41.82 -27.81 -34.88
C ARG B 67 40.70 -26.79 -35.06
N PHE B 68 40.32 -26.07 -34.01
CA PHE B 68 39.14 -25.22 -34.07
C PHE B 68 39.60 -23.77 -33.95
N THR B 69 38.78 -22.85 -34.48
CA THR B 69 39.12 -21.44 -34.41
C THR B 69 37.82 -20.64 -34.31
N ILE B 70 37.71 -19.80 -33.29
CA ILE B 70 36.54 -18.96 -33.08
C ILE B 70 36.92 -17.52 -33.40
N SER B 71 36.06 -16.82 -34.13
CA SER B 71 36.26 -15.42 -34.44
C SER B 71 34.96 -14.67 -34.18
N ARG B 72 35.10 -13.38 -33.93
CA ARG B 72 33.97 -12.51 -33.65
C ARG B 72 34.08 -11.28 -34.54
N ASP B 73 32.96 -10.84 -35.11
CA ASP B 73 32.94 -9.64 -35.93
C ASP B 73 31.76 -8.86 -35.38
N ASN B 74 32.05 -7.68 -34.82
CA ASN B 74 31.05 -6.84 -34.20
C ASN B 74 30.44 -5.84 -35.15
N GLY B 75 30.80 -5.88 -36.43
CA GLY B 75 30.20 -4.98 -37.40
C GLY B 75 28.74 -5.32 -37.68
N LYS B 76 28.42 -6.59 -37.83
CA LYS B 76 27.07 -7.01 -38.13
C LYS B 76 26.61 -8.14 -37.22
N ASN B 77 27.23 -8.23 -36.04
CA ASN B 77 26.91 -9.15 -34.93
C ASN B 77 26.99 -10.62 -35.37
N MET B 78 28.20 -11.04 -35.72
CA MET B 78 28.41 -12.38 -36.28
C MET B 78 29.60 -13.07 -35.64
N VAL B 79 29.38 -14.27 -35.10
CA VAL B 79 30.42 -15.08 -34.48
C VAL B 79 30.61 -16.34 -35.33
N TYR B 80 31.85 -16.63 -35.69
CA TYR B 80 32.14 -17.67 -36.67
C TYR B 80 32.98 -18.73 -36.00
N LEU B 81 32.68 -20.00 -36.25
CA LEU B 81 33.51 -21.12 -35.80
C LEU B 81 33.99 -21.88 -37.01
N GLN B 82 35.29 -22.14 -37.07
CA GLN B 82 35.91 -22.80 -38.20
C GLN B 82 36.62 -24.06 -37.73
N MET B 83 36.29 -25.18 -38.36
CA MET B 83 37.02 -26.43 -38.17
C MET B 83 37.92 -26.75 -39.34
N HIS B 84 39.16 -27.13 -39.02
CA HIS B 84 40.04 -27.85 -39.91
C HIS B 84 40.27 -29.24 -39.30
N SER B 85 40.52 -30.22 -40.17
CA SER B 85 40.97 -31.59 -39.83
C SER B 85 39.97 -32.32 -38.91
N LEU B 86 38.78 -32.56 -39.45
CA LEU B 86 37.74 -33.24 -38.70
C LEU B 86 38.04 -34.73 -38.55
N LYS B 87 37.75 -35.25 -37.37
CA LYS B 87 37.68 -36.52 -36.68
C LYS B 87 36.20 -36.91 -36.55
N PRO B 88 35.79 -38.17 -36.68
CA PRO B 88 34.34 -38.49 -36.66
C PRO B 88 33.67 -38.45 -35.30
N GLU B 89 34.36 -38.06 -34.23
CA GLU B 89 33.74 -37.84 -32.93
C GLU B 89 33.21 -36.42 -32.76
N ASP B 90 33.30 -35.58 -33.79
CA ASP B 90 32.74 -34.24 -33.76
C ASP B 90 31.33 -34.17 -34.32
N THR B 91 30.68 -35.33 -34.52
CA THR B 91 29.29 -35.38 -35.00
C THR B 91 28.37 -34.89 -33.89
N ALA B 92 27.86 -33.67 -34.04
CA ALA B 92 27.19 -33.06 -32.90
C ALA B 92 26.22 -31.98 -33.37
N ILE B 93 25.33 -31.60 -32.46
CA ILE B 93 24.50 -30.41 -32.66
C ILE B 93 25.23 -29.23 -32.04
N TYR B 94 25.52 -28.23 -32.85
CA TYR B 94 26.31 -27.08 -32.40
C TYR B 94 25.40 -25.90 -32.14
N TYR B 95 25.48 -25.34 -30.94
CA TYR B 95 24.72 -24.17 -30.54
C TYR B 95 25.69 -23.04 -30.24
N CYS B 96 25.21 -21.83 -30.41
CA CYS B 96 25.96 -20.63 -30.08
C CYS B 96 25.29 -19.91 -28.93
N ALA B 97 26.07 -19.44 -27.98
CA ALA B 97 25.55 -18.97 -26.71
C ALA B 97 26.16 -17.65 -26.31
N ALA B 98 25.33 -16.78 -25.75
CA ALA B 98 25.73 -15.47 -25.26
C ALA B 98 25.72 -15.47 -23.74
N GLY B 99 26.83 -15.05 -23.15
CA GLY B 99 26.94 -14.97 -21.70
C GLY B 99 27.79 -13.80 -21.27
N THR B 100 27.73 -13.50 -19.98
CA THR B 100 28.30 -12.28 -19.43
C THR B 100 29.77 -12.41 -19.06
N GLY B 101 30.46 -13.43 -19.55
CA GLY B 101 31.89 -13.51 -19.40
C GLY B 101 32.37 -14.20 -18.13
N TRP B 102 31.51 -14.35 -17.14
CA TRP B 102 31.88 -14.99 -15.90
C TRP B 102 31.92 -16.50 -16.10
N SER B 103 33.10 -17.10 -15.90
CA SER B 103 33.45 -18.51 -16.13
C SER B 103 33.06 -18.93 -17.54
N PRO B 104 33.80 -18.51 -18.57
CA PRO B 104 33.33 -18.70 -19.94
C PRO B 104 33.47 -20.11 -20.48
N GLN B 105 34.08 -21.02 -19.73
CA GLN B 105 34.22 -22.40 -20.16
C GLN B 105 33.12 -23.30 -19.61
N THR B 106 32.16 -22.75 -18.88
CA THR B 106 31.03 -23.51 -18.37
C THR B 106 29.74 -22.90 -18.93
N ASP B 107 28.75 -23.75 -19.17
CA ASP B 107 27.50 -23.31 -19.78
C ASP B 107 26.54 -22.63 -18.81
N CYS B 108 26.85 -22.58 -17.53
CA CYS B 108 25.88 -22.16 -16.53
C CYS B 108 25.75 -20.65 -16.40
N GLU B 109 26.55 -19.87 -17.12
CA GLU B 109 26.39 -18.43 -17.15
C GLU B 109 26.00 -17.91 -18.51
N TYR B 110 26.01 -18.75 -19.54
CA TYR B 110 25.56 -18.35 -20.86
C TYR B 110 24.04 -18.31 -20.85
N ASN B 111 23.50 -17.08 -20.79
CA ASN B 111 22.06 -16.92 -20.63
C ASN B 111 21.31 -17.19 -21.91
N TYR B 112 21.81 -16.73 -23.06
CA TYR B 112 21.04 -16.77 -24.29
C TYR B 112 21.59 -17.84 -25.21
N TRP B 113 20.70 -18.64 -25.79
CA TRP B 113 21.10 -19.79 -26.56
C TRP B 113 20.39 -19.81 -27.90
N GLY B 114 20.98 -20.53 -28.84
CA GLY B 114 20.37 -20.79 -30.13
C GLY B 114 19.77 -22.18 -30.21
N GLN B 115 19.40 -22.57 -31.43
CA GLN B 115 18.82 -23.88 -31.66
C GLN B 115 19.80 -24.90 -32.18
N GLY B 116 20.80 -24.47 -32.93
CA GLY B 116 21.88 -25.38 -33.27
C GLY B 116 21.75 -25.96 -34.67
N THR B 117 22.90 -26.29 -35.25
CA THR B 117 22.95 -27.00 -36.53
C THR B 117 23.52 -28.38 -36.31
N GLN B 118 22.99 -29.35 -37.04
CA GLN B 118 23.48 -30.72 -36.97
C GLN B 118 24.69 -30.83 -37.89
N VAL B 119 25.83 -31.24 -37.34
CA VAL B 119 27.06 -31.36 -38.11
C VAL B 119 27.46 -32.83 -38.06
N THR B 120 27.43 -33.48 -39.22
CA THR B 120 27.75 -34.90 -39.34
C THR B 120 28.97 -35.05 -40.22
N VAL B 121 30.08 -35.48 -39.64
CA VAL B 121 31.28 -35.83 -40.39
C VAL B 121 31.33 -37.36 -40.52
N SER B 122 31.55 -37.82 -41.74
CA SER B 122 31.46 -39.24 -42.07
C SER B 122 32.85 -39.83 -42.29
N SER B 123 33.05 -41.06 -41.81
CA SER B 123 34.34 -41.72 -41.97
C SER B 123 34.16 -43.16 -42.46
N SER C 1 -44.87 16.11 36.23
CA SER C 1 -45.08 14.71 36.60
C SER C 1 -43.98 13.83 36.01
N PRO C 2 -43.42 12.93 36.83
CA PRO C 2 -42.38 12.02 36.31
C PRO C 2 -42.98 10.95 35.43
N MET C 3 -42.27 10.60 34.37
CA MET C 3 -42.67 9.53 33.49
C MET C 3 -41.59 8.46 33.51
N TYR C 4 -41.98 7.23 33.79
CA TYR C 4 -41.07 6.09 33.85
C TYR C 4 -41.14 5.34 32.53
N SER C 5 -39.99 5.03 31.96
CA SER C 5 -39.92 4.42 30.65
C SER C 5 -38.95 3.25 30.66
N ILE C 6 -39.39 2.14 30.09
CA ILE C 6 -38.53 0.98 29.87
C ILE C 6 -38.23 0.89 28.38
N ILE C 7 -37.05 0.37 28.07
CA ILE C 7 -36.60 0.21 26.69
C ILE C 7 -35.98 -1.18 26.58
N THR C 8 -36.48 -1.98 25.64
CA THR C 8 -36.14 -3.38 25.47
C THR C 8 -35.78 -3.61 24.01
N PRO C 9 -35.00 -4.64 23.69
CA PRO C 9 -34.96 -5.11 22.30
C PRO C 9 -36.31 -5.62 21.83
N ASN C 10 -36.52 -5.54 20.51
CA ASN C 10 -37.79 -5.94 19.90
C ASN C 10 -38.03 -7.43 20.00
N ILE C 11 -36.97 -8.22 19.86
CA ILE C 11 -37.06 -9.67 19.92
C ILE C 11 -36.13 -10.13 21.04
N LEU C 12 -36.69 -10.65 22.13
CA LEU C 12 -35.87 -11.21 23.18
C LEU C 12 -35.33 -12.57 22.75
N ARG C 13 -34.19 -12.94 23.33
CA ARG C 13 -33.52 -14.19 22.97
C ARG C 13 -33.41 -15.08 24.20
N LEU C 14 -33.42 -16.39 23.98
CA LEU C 14 -33.29 -17.38 25.03
C LEU C 14 -31.82 -17.71 25.27
N GLU C 15 -31.41 -17.72 26.55
CA GLU C 15 -30.01 -17.86 26.99
C GLU C 15 -29.08 -16.84 26.33
N SER C 16 -29.52 -15.59 26.27
CA SER C 16 -28.66 -14.48 25.89
C SER C 16 -28.84 -13.36 26.90
N GLU C 17 -27.78 -12.56 27.07
CA GLU C 17 -27.82 -11.44 27.99
C GLU C 17 -28.63 -10.32 27.35
N GLU C 18 -29.80 -10.03 27.91
CA GLU C 18 -30.68 -9.00 27.41
C GLU C 18 -30.68 -7.82 28.35
N THR C 19 -30.50 -6.63 27.79
CA THR C 19 -30.38 -5.40 28.56
C THR C 19 -31.61 -4.54 28.34
N MET C 20 -32.15 -3.99 29.42
CA MET C 20 -33.22 -3.02 29.37
C MET C 20 -32.75 -1.70 29.96
N VAL C 21 -33.15 -0.62 29.30
CA VAL C 21 -32.82 0.72 29.74
C VAL C 21 -34.01 1.26 30.52
N LEU C 22 -33.78 1.58 31.77
CA LEU C 22 -34.82 2.07 32.67
C LEU C 22 -34.56 3.54 32.90
N GLU C 23 -35.55 4.38 32.65
CA GLU C 23 -35.39 5.80 32.84
C GLU C 23 -36.57 6.34 33.62
N ALA C 24 -36.32 7.36 34.44
CA ALA C 24 -37.37 8.01 35.21
C ALA C 24 -37.23 9.51 34.98
N HIS C 25 -37.87 10.00 33.92
CA HIS C 25 -37.78 11.40 33.56
C HIS C 25 -38.58 12.25 34.54
N ASP C 26 -37.94 13.37 34.96
CA ASP C 26 -38.45 14.34 35.94
C ASP C 26 -38.78 13.70 37.29
N ALA C 27 -37.95 12.75 37.71
CA ALA C 27 -38.14 12.10 39.00
C ALA C 27 -37.41 12.86 40.09
N GLN C 28 -37.77 12.55 41.34
CA GLN C 28 -37.12 13.11 42.52
C GLN C 28 -36.63 11.98 43.40
N GLY C 29 -35.35 12.02 43.76
CA GLY C 29 -34.80 11.06 44.69
C GLY C 29 -34.56 9.69 44.07
N ASP C 30 -34.25 8.74 44.94
CA ASP C 30 -34.01 7.37 44.51
C ASP C 30 -35.34 6.69 44.19
N VAL C 31 -35.42 6.12 42.99
CA VAL C 31 -36.60 5.36 42.56
C VAL C 31 -36.18 3.92 42.39
N PRO C 32 -36.60 3.00 43.26
CA PRO C 32 -36.22 1.59 43.08
C PRO C 32 -37.15 0.87 42.13
N VAL C 33 -36.63 0.33 41.03
CA VAL C 33 -37.43 -0.43 40.08
C VAL C 33 -37.11 -1.91 40.25
N THR C 34 -38.15 -2.73 40.24
CA THR C 34 -38.01 -4.17 40.19
C THR C 34 -38.64 -4.63 38.88
N VAL C 35 -37.86 -5.29 38.06
CA VAL C 35 -38.39 -5.83 36.81
C VAL C 35 -38.60 -7.33 36.99
N THR C 36 -39.63 -7.84 36.32
CA THR C 36 -40.03 -9.24 36.38
C THR C 36 -40.49 -9.65 34.99
N VAL C 37 -39.90 -10.71 34.46
CA VAL C 37 -40.31 -11.26 33.18
C VAL C 37 -41.10 -12.53 33.47
N HIS C 38 -42.38 -12.50 33.13
CA HIS C 38 -43.27 -13.65 33.20
C HIS C 38 -43.66 -14.08 31.80
N ASP C 39 -44.33 -15.22 31.72
CA ASP C 39 -44.88 -15.66 30.44
C ASP C 39 -46.12 -14.84 30.11
N PHE C 40 -46.43 -14.78 28.81
CA PHE C 40 -47.57 -13.96 28.38
C PHE C 40 -48.93 -14.58 28.67
N PRO C 41 -49.28 -15.84 28.23
CA PRO C 41 -50.66 -16.29 28.51
C PRO C 41 -50.80 -16.79 29.94
N GLY C 42 -51.48 -16.02 30.77
CA GLY C 42 -51.82 -16.48 32.10
C GLY C 42 -51.07 -15.81 33.24
N LYS C 43 -49.78 -15.52 33.01
CA LYS C 43 -48.85 -14.90 33.97
C LYS C 43 -48.75 -15.73 35.26
N LYS C 44 -48.27 -16.96 35.13
CA LYS C 44 -48.20 -17.84 36.29
C LYS C 44 -46.78 -17.99 36.80
N LEU C 45 -45.82 -18.18 35.90
CA LEU C 45 -44.45 -18.45 36.28
C LEU C 45 -43.58 -17.22 36.06
N VAL C 46 -42.53 -17.11 36.86
CA VAL C 46 -41.62 -15.97 36.82
C VAL C 46 -40.32 -16.45 36.20
N LEU C 47 -40.08 -16.07 34.95
CA LEU C 47 -38.83 -16.46 34.30
C LEU C 47 -37.65 -15.64 34.81
N SER C 48 -37.86 -14.36 35.11
CA SER C 48 -36.76 -13.56 35.64
C SER C 48 -37.28 -12.50 36.60
N SER C 49 -36.42 -12.06 37.50
CA SER C 49 -36.77 -11.01 38.47
C SER C 49 -35.49 -10.32 38.91
N GLU C 50 -35.33 -9.05 38.53
CA GLU C 50 -34.16 -8.27 38.91
C GLU C 50 -34.61 -7.00 39.62
N LYS C 51 -33.66 -6.37 40.32
CA LYS C 51 -33.93 -5.16 41.09
C LYS C 51 -32.77 -4.19 40.92
N THR C 52 -33.10 -2.91 40.74
CA THR C 52 -32.09 -1.87 40.53
C THR C 52 -32.67 -0.55 41.03
N VAL C 53 -31.89 0.20 41.81
CA VAL C 53 -32.33 1.53 42.21
C VAL C 53 -31.86 2.54 41.18
N LEU C 54 -32.59 3.65 41.06
CA LEU C 54 -32.23 4.75 40.18
C LEU C 54 -31.92 5.96 41.04
N THR C 55 -30.77 6.52 40.82
CA THR C 55 -30.21 7.61 41.58
C THR C 55 -30.32 8.92 40.80
N PRO C 56 -30.46 10.06 41.47
CA PRO C 56 -30.40 11.35 40.77
C PRO C 56 -29.00 11.75 40.32
N ALA C 57 -27.95 11.04 40.76
CA ALA C 57 -26.60 11.32 40.28
C ALA C 57 -26.44 10.91 38.82
N THR C 58 -27.15 9.86 38.39
CA THR C 58 -27.11 9.40 37.02
C THR C 58 -28.29 9.99 36.21
N ASN C 59 -28.98 10.97 36.83
CA ASN C 59 -30.23 11.60 36.34
C ASN C 59 -31.32 10.56 36.07
N HIS C 60 -31.43 9.60 36.99
CA HIS C 60 -32.45 8.55 37.05
C HIS C 60 -32.48 7.68 35.79
N MET C 61 -31.30 7.30 35.31
CA MET C 61 -31.23 6.34 34.22
C MET C 61 -30.34 5.20 34.67
N GLY C 62 -30.84 3.98 34.53
CA GLY C 62 -30.06 2.79 34.77
C GLY C 62 -30.39 1.73 33.73
N ASN C 63 -29.81 0.56 33.91
CA ASN C 63 -30.08 -0.56 33.03
C ASN C 63 -30.13 -1.83 33.86
N VAL C 64 -30.80 -2.84 33.29
CA VAL C 64 -30.99 -4.13 33.95
C VAL C 64 -30.62 -5.21 32.94
N THR C 65 -29.69 -6.07 33.32
CA THR C 65 -29.30 -7.21 32.50
C THR C 65 -29.92 -8.47 33.05
N PHE C 66 -30.58 -9.25 32.20
CA PHE C 66 -31.07 -10.55 32.63
C PHE C 66 -30.78 -11.57 31.55
N THR C 67 -31.26 -12.79 31.77
CA THR C 67 -31.14 -13.88 30.81
C THR C 67 -32.37 -14.75 30.98
N ILE C 68 -33.18 -14.85 29.93
CA ILE C 68 -34.44 -15.59 30.00
C ILE C 68 -34.15 -17.08 29.88
N PRO C 69 -34.52 -17.90 30.87
CA PRO C 69 -34.23 -19.32 30.79
C PRO C 69 -35.19 -20.07 29.87
N ALA C 70 -34.66 -21.10 29.23
CA ALA C 70 -35.46 -22.01 28.44
C ALA C 70 -36.02 -23.08 29.36
N ASN C 71 -37.29 -22.93 29.74
CA ASN C 71 -37.98 -23.91 30.56
C ASN C 71 -39.34 -24.08 29.90
N ARG C 72 -40.32 -24.62 30.64
CA ARG C 72 -41.77 -24.64 30.35
C ARG C 72 -42.13 -25.59 29.18
N GLU C 73 -41.15 -26.28 28.60
CA GLU C 73 -41.16 -26.83 27.23
C GLU C 73 -41.66 -25.77 26.26
N PHE C 74 -40.80 -24.75 26.11
CA PHE C 74 -41.00 -23.69 25.13
C PHE C 74 -40.99 -24.24 23.70
N LYS C 75 -40.14 -25.24 23.45
CA LYS C 75 -40.03 -25.81 22.11
C LYS C 75 -41.18 -26.75 21.77
N SER C 76 -41.97 -27.18 22.77
CA SER C 76 -43.10 -28.06 22.49
C SER C 76 -44.26 -27.31 21.87
N GLU C 77 -44.40 -26.02 22.15
CA GLU C 77 -45.44 -25.21 21.51
C GLU C 77 -44.97 -24.81 20.12
N LYS C 78 -45.69 -25.25 19.10
CA LYS C 78 -45.28 -25.06 17.72
C LYS C 78 -46.43 -24.48 16.90
N GLY C 79 -46.07 -23.85 15.79
CA GLY C 79 -47.02 -23.30 14.85
C GLY C 79 -47.30 -21.82 15.04
N ARG C 80 -47.02 -21.27 16.22
CA ARG C 80 -47.26 -19.86 16.48
C ARG C 80 -46.01 -19.18 17.00
N ASN C 81 -46.14 -17.94 17.45
CA ASN C 81 -45.04 -17.20 18.04
C ASN C 81 -45.18 -17.16 19.55
N LYS C 82 -44.06 -16.93 20.22
CA LYS C 82 -43.99 -16.96 21.67
C LYS C 82 -43.73 -15.57 22.21
N PHE C 83 -44.47 -15.20 23.25
CA PHE C 83 -44.39 -13.87 23.84
C PHE C 83 -44.14 -13.99 25.33
N VAL C 84 -43.46 -12.99 25.89
CA VAL C 84 -43.34 -12.85 27.33
C VAL C 84 -43.83 -11.46 27.70
N THR C 85 -44.16 -11.30 28.97
CA THR C 85 -44.58 -10.02 29.53
C THR C 85 -43.50 -9.53 30.46
N VAL C 86 -42.92 -8.38 30.16
CA VAL C 86 -41.92 -7.75 30.99
C VAL C 86 -42.61 -6.64 31.78
N GLN C 87 -42.57 -6.74 33.10
CA GLN C 87 -43.29 -5.83 33.99
C GLN C 87 -42.28 -5.18 34.92
N ALA C 88 -42.15 -3.86 34.84
CA ALA C 88 -41.28 -3.10 35.71
C ALA C 88 -42.12 -2.30 36.68
N THR C 89 -41.83 -2.43 37.97
CA THR C 89 -42.50 -1.68 39.02
C THR C 89 -41.54 -0.64 39.55
N PHE C 90 -41.87 0.63 39.34
CA PHE C 90 -41.05 1.76 39.74
C PHE C 90 -41.44 2.27 41.13
N GLY C 91 -41.48 1.37 42.09
CA GLY C 91 -42.04 1.71 43.39
C GLY C 91 -43.52 1.43 43.44
N THR C 92 -44.31 2.20 42.69
CA THR C 92 -45.75 1.99 42.62
C THR C 92 -46.26 1.89 41.19
N GLN C 93 -45.67 2.64 40.27
CA GLN C 93 -46.14 2.66 38.89
C GLN C 93 -45.66 1.41 38.15
N VAL C 94 -46.59 0.74 37.47
CA VAL C 94 -46.32 -0.53 36.81
C VAL C 94 -46.36 -0.30 35.31
N VAL C 95 -45.23 -0.55 34.64
CA VAL C 95 -45.11 -0.42 33.20
C VAL C 95 -44.78 -1.78 32.64
N GLU C 96 -45.61 -2.30 31.75
CA GLU C 96 -45.35 -3.62 31.21
C GLU C 96 -45.45 -3.61 29.69
N LYS C 97 -44.78 -4.57 29.08
CA LYS C 97 -44.70 -4.67 27.63
C LYS C 97 -44.62 -6.13 27.24
N VAL C 98 -45.42 -6.52 26.24
CA VAL C 98 -45.42 -7.88 25.72
C VAL C 98 -44.45 -7.93 24.54
N VAL C 99 -43.40 -8.73 24.68
CA VAL C 99 -42.30 -8.74 23.73
C VAL C 99 -42.06 -10.17 23.26
N LEU C 100 -41.87 -10.32 21.94
CA LEU C 100 -41.64 -11.61 21.31
C LEU C 100 -40.30 -12.21 21.74
N VAL C 101 -40.28 -13.54 21.85
CA VAL C 101 -39.09 -14.30 22.17
C VAL C 101 -38.81 -15.24 21.00
N SER C 102 -37.62 -15.14 20.43
CA SER C 102 -37.20 -16.06 19.38
C SER C 102 -36.68 -17.34 20.00
N LEU C 103 -36.92 -18.45 19.30
CA LEU C 103 -36.24 -19.70 19.61
C LEU C 103 -34.94 -19.71 18.82
N GLN C 104 -33.96 -18.98 19.36
CA GLN C 104 -32.66 -18.75 18.72
C GLN C 104 -31.68 -18.27 19.77
N SER C 105 -30.55 -18.95 19.91
CA SER C 105 -29.62 -18.63 20.98
C SER C 105 -28.23 -18.24 20.52
N GLY C 106 -27.94 -18.30 19.22
CA GLY C 106 -26.61 -17.95 18.76
C GLY C 106 -26.40 -18.45 17.33
N TYR C 107 -25.14 -18.60 16.97
CA TYR C 107 -24.77 -19.02 15.63
C TYR C 107 -23.88 -20.25 15.70
N LEU C 108 -23.95 -21.05 14.65
CA LEU C 108 -23.05 -22.17 14.43
C LEU C 108 -22.42 -22.01 13.07
N PHE C 109 -21.10 -22.13 13.01
CA PHE C 109 -20.38 -22.04 11.75
C PHE C 109 -19.71 -23.38 11.51
N ILE C 110 -20.12 -24.08 10.46
CA ILE C 110 -19.56 -25.36 10.10
C ILE C 110 -18.53 -25.14 9.02
N GLN C 111 -17.32 -25.64 9.22
CA GLN C 111 -16.33 -25.64 8.16
C GLN C 111 -15.82 -27.05 7.97
N THR C 112 -15.48 -27.38 6.73
CA THR C 112 -14.92 -28.67 6.38
C THR C 112 -13.50 -28.47 5.89
N ASP C 113 -12.74 -29.57 5.88
CA ASP C 113 -11.36 -29.48 5.41
C ASP C 113 -11.28 -29.35 3.90
N LYS C 114 -12.29 -29.80 3.18
CA LYS C 114 -12.33 -29.69 1.74
C LYS C 114 -13.70 -29.18 1.33
N THR C 115 -13.89 -29.01 0.02
CA THR C 115 -15.20 -28.70 -0.53
C THR C 115 -15.76 -29.83 -1.38
N ILE C 116 -14.92 -30.75 -1.84
CA ILE C 116 -15.37 -31.88 -2.63
C ILE C 116 -14.69 -33.14 -2.09
N TYR C 117 -15.42 -34.25 -2.08
CA TYR C 117 -14.93 -35.48 -1.46
C TYR C 117 -15.17 -36.68 -2.35
N THR C 118 -14.22 -37.59 -2.37
CA THR C 118 -14.45 -38.88 -3.01
C THR C 118 -15.23 -39.78 -2.05
N PRO C 119 -15.98 -40.76 -2.57
CA PRO C 119 -16.50 -41.82 -1.70
C PRO C 119 -15.38 -42.65 -1.13
N GLY C 120 -15.58 -43.11 0.11
CA GLY C 120 -14.54 -43.81 0.82
C GLY C 120 -13.61 -42.92 1.61
N SER C 121 -13.74 -41.61 1.48
CA SER C 121 -12.86 -40.67 2.17
C SER C 121 -13.45 -40.34 3.54
N THR C 122 -12.92 -39.31 4.18
CA THR C 122 -13.33 -38.92 5.53
C THR C 122 -13.55 -37.42 5.56
N VAL C 123 -14.76 -37.00 5.90
CA VAL C 123 -15.06 -35.60 6.10
C VAL C 123 -14.70 -35.22 7.53
N LEU C 124 -13.75 -34.31 7.67
CA LEU C 124 -13.38 -33.74 8.95
C LEU C 124 -13.95 -32.34 9.00
N TYR C 125 -14.89 -32.10 9.90
CA TYR C 125 -15.56 -30.82 9.97
C TYR C 125 -15.56 -30.28 11.38
N ARG C 126 -15.31 -28.99 11.52
CA ARG C 126 -15.38 -28.30 12.78
C ARG C 126 -16.66 -27.49 12.85
N ILE C 127 -17.27 -27.48 14.04
CA ILE C 127 -18.43 -26.65 14.30
C ILE C 127 -18.04 -25.62 15.36
N PHE C 128 -18.17 -24.35 15.02
CA PHE C 128 -17.89 -23.25 15.93
C PHE C 128 -19.21 -22.78 16.51
N THR C 129 -19.36 -22.88 17.83
CA THR C 129 -20.58 -22.50 18.52
C THR C 129 -20.37 -21.15 19.18
N VAL C 130 -21.10 -20.13 18.74
CA VAL C 130 -20.93 -18.79 19.26
C VAL C 130 -22.29 -18.24 19.65
N ASN C 131 -22.27 -17.22 20.52
CA ASN C 131 -23.49 -16.52 20.90
C ASN C 131 -23.69 -15.30 19.99
N HIS C 132 -24.57 -14.39 20.41
CA HIS C 132 -24.86 -13.21 19.60
C HIS C 132 -23.72 -12.19 19.64
N LYS C 133 -22.85 -12.25 20.63
CA LYS C 133 -21.65 -11.43 20.68
C LYS C 133 -20.44 -12.14 20.08
N LEU C 134 -20.67 -13.27 19.42
CA LEU C 134 -19.70 -14.12 18.71
C LEU C 134 -18.60 -14.68 19.61
N LEU C 135 -18.81 -14.75 20.90
CA LEU C 135 -17.98 -15.33 21.95
C LEU C 135 -18.32 -16.81 22.11
N PRO C 136 -17.39 -17.64 22.60
CA PRO C 136 -17.70 -19.07 22.79
C PRO C 136 -18.74 -19.35 23.87
N VAL C 137 -19.52 -20.39 23.64
CA VAL C 137 -20.54 -20.83 24.58
C VAL C 137 -20.45 -22.35 24.73
N GLY C 138 -20.90 -22.84 25.88
CA GLY C 138 -21.05 -24.27 26.08
C GLY C 138 -22.48 -24.70 25.94
N ARG C 139 -22.84 -25.26 24.79
CA ARG C 139 -24.21 -25.69 24.52
C ARG C 139 -24.14 -27.03 23.78
N THR C 140 -25.25 -27.77 23.84
CA THR C 140 -25.33 -29.06 23.20
C THR C 140 -26.01 -28.93 21.85
N VAL C 141 -25.37 -29.49 20.82
CA VAL C 141 -25.83 -29.36 19.45
C VAL C 141 -26.19 -30.73 18.89
N MET C 142 -27.08 -30.69 17.89
CA MET C 142 -27.45 -31.84 17.08
C MET C 142 -26.85 -31.64 15.71
N VAL C 143 -26.10 -32.63 15.24
CA VAL C 143 -25.46 -32.60 13.92
C VAL C 143 -26.11 -33.67 13.06
N ASN C 144 -26.53 -33.29 11.86
CA ASN C 144 -27.13 -34.22 10.91
C ASN C 144 -26.35 -34.14 9.61
N ILE C 145 -25.97 -35.29 9.08
CA ILE C 145 -25.35 -35.39 7.76
C ILE C 145 -26.33 -36.12 6.87
N GLU C 146 -26.68 -35.50 5.74
CA GLU C 146 -27.74 -35.99 4.87
C GLU C 146 -27.32 -35.97 3.40
N ASN C 147 -27.99 -36.80 2.62
CA ASN C 147 -27.66 -37.10 1.24
C ASN C 147 -28.26 -36.01 0.33
N PRO C 148 -28.08 -36.09 -1.00
CA PRO C 148 -28.91 -35.26 -1.89
C PRO C 148 -30.41 -35.52 -1.82
N GLU C 149 -30.86 -36.69 -1.37
CA GLU C 149 -32.28 -36.95 -1.21
C GLU C 149 -32.88 -36.29 0.03
N GLY C 150 -32.06 -35.74 0.92
CA GLY C 150 -32.55 -35.16 2.15
C GLY C 150 -32.74 -36.15 3.28
N ILE C 151 -32.43 -37.42 3.06
CA ILE C 151 -32.52 -38.46 4.07
C ILE C 151 -31.36 -38.29 5.04
N PRO C 152 -31.62 -38.09 6.34
CA PRO C 152 -30.51 -37.89 7.29
C PRO C 152 -29.74 -39.16 7.56
N VAL C 153 -28.51 -39.22 7.07
CA VAL C 153 -27.72 -40.44 7.18
C VAL C 153 -27.16 -40.58 8.59
N LYS C 154 -26.51 -39.54 9.10
CA LYS C 154 -25.90 -39.60 10.42
C LYS C 154 -26.52 -38.56 11.34
N GLN C 155 -27.02 -39.01 12.48
CA GLN C 155 -27.47 -38.14 13.56
C GLN C 155 -26.47 -38.21 14.71
N ASP C 156 -26.12 -37.06 15.27
CA ASP C 156 -25.12 -36.99 16.31
C ASP C 156 -25.52 -35.92 17.33
N SER C 157 -25.11 -36.12 18.57
CA SER C 157 -25.46 -35.24 19.68
C SER C 157 -24.20 -34.92 20.45
N LEU C 158 -23.71 -33.68 20.36
CA LEU C 158 -22.47 -33.29 21.01
C LEU C 158 -22.70 -32.14 21.98
N SER C 159 -21.66 -31.82 22.74
CA SER C 159 -21.68 -30.72 23.69
C SER C 159 -20.41 -29.90 23.53
N SER C 160 -20.51 -28.60 23.82
CA SER C 160 -19.41 -27.67 23.66
C SER C 160 -18.83 -27.20 24.98
N GLN C 161 -19.13 -27.91 26.08
CA GLN C 161 -18.62 -27.50 27.38
C GLN C 161 -17.15 -27.87 27.51
N ASN C 162 -16.35 -26.89 27.99
CA ASN C 162 -14.89 -26.96 28.12
C ASN C 162 -14.20 -27.33 26.82
N GLN C 163 -14.67 -26.75 25.72
CA GLN C 163 -14.10 -27.00 24.41
C GLN C 163 -13.72 -25.73 23.67
N LEU C 164 -13.97 -24.55 24.25
CA LEU C 164 -13.71 -23.21 23.70
C LEU C 164 -14.39 -22.98 22.36
N GLY C 165 -15.57 -23.57 22.16
CA GLY C 165 -16.38 -23.31 21.00
C GLY C 165 -16.12 -24.21 19.81
N VAL C 166 -14.94 -24.80 19.70
CA VAL C 166 -14.56 -25.59 18.54
C VAL C 166 -14.95 -27.04 18.77
N LEU C 167 -15.68 -27.62 17.83
CA LEU C 167 -16.09 -29.02 17.89
C LEU C 167 -15.54 -29.76 16.70
N PRO C 168 -14.42 -30.49 16.84
CA PRO C 168 -13.95 -31.32 15.73
C PRO C 168 -14.78 -32.60 15.66
N LEU C 169 -15.22 -32.94 14.45
CA LEU C 169 -16.02 -34.12 14.22
C LEU C 169 -15.58 -34.74 12.90
N SER C 170 -15.86 -36.03 12.76
CA SER C 170 -15.43 -36.74 11.56
C SER C 170 -16.54 -37.70 11.13
N TRP C 171 -16.56 -37.98 9.83
CA TRP C 171 -17.48 -38.97 9.30
C TRP C 171 -16.85 -39.64 8.09
N ASP C 172 -16.77 -40.96 8.14
CA ASP C 172 -16.24 -41.74 7.03
C ASP C 172 -17.37 -42.00 6.04
N ILE C 173 -17.21 -41.52 4.82
CA ILE C 173 -18.20 -41.76 3.77
C ILE C 173 -18.10 -43.22 3.32
N PRO C 174 -19.20 -43.95 3.24
CA PRO C 174 -19.14 -45.30 2.68
C PRO C 174 -19.02 -45.25 1.17
N GLU C 175 -18.71 -46.42 0.59
CA GLU C 175 -18.49 -46.50 -0.84
C GLU C 175 -19.79 -46.42 -1.63
N LEU C 176 -20.89 -46.91 -1.07
CA LEU C 176 -22.17 -46.95 -1.76
C LEU C 176 -22.95 -45.72 -1.35
N VAL C 177 -22.72 -44.61 -2.06
CA VAL C 177 -23.37 -43.35 -1.75
C VAL C 177 -23.96 -42.73 -3.01
N ASN C 178 -24.89 -41.82 -2.81
CA ASN C 178 -25.48 -41.03 -3.88
C ASN C 178 -24.64 -39.77 -4.07
N MET C 179 -24.20 -39.54 -5.30
CA MET C 179 -23.28 -38.47 -5.61
C MET C 179 -24.04 -37.14 -5.68
N GLY C 180 -23.40 -36.07 -5.22
CA GLY C 180 -24.05 -34.78 -5.27
C GLY C 180 -23.80 -33.98 -4.02
N GLN C 181 -24.69 -33.01 -3.77
CA GLN C 181 -24.50 -32.04 -2.69
C GLN C 181 -25.00 -32.62 -1.38
N TRP C 182 -24.11 -33.25 -0.64
CA TRP C 182 -24.42 -33.68 0.72
C TRP C 182 -24.40 -32.47 1.65
N LYS C 183 -25.21 -32.53 2.70
CA LYS C 183 -25.42 -31.37 3.55
C LYS C 183 -25.23 -31.71 5.01
N ILE C 184 -24.62 -30.79 5.75
CA ILE C 184 -24.49 -30.88 7.21
C ILE C 184 -25.37 -29.80 7.81
N ARG C 185 -26.30 -30.20 8.66
CA ARG C 185 -27.16 -29.28 9.39
C ARG C 185 -26.94 -29.46 10.87
N ALA C 186 -26.51 -28.41 11.56
CA ALA C 186 -26.31 -28.44 12.99
C ALA C 186 -27.22 -27.41 13.63
N TYR C 187 -27.85 -27.79 14.74
CA TYR C 187 -28.72 -26.86 15.44
C TYR C 187 -28.55 -27.02 16.95
N TYR C 188 -28.87 -25.96 17.68
CA TYR C 188 -28.82 -26.03 19.13
C TYR C 188 -29.99 -26.86 19.66
N GLU C 189 -29.81 -27.40 20.87
CA GLU C 189 -30.86 -28.22 21.47
C GLU C 189 -32.04 -27.37 21.92
N ASN C 190 -31.77 -26.17 22.45
CA ASN C 190 -32.85 -25.29 22.88
C ASN C 190 -33.57 -24.62 21.72
N SER C 191 -32.98 -24.57 20.53
CA SER C 191 -33.56 -23.89 19.38
C SER C 191 -33.56 -24.81 18.18
N PRO C 192 -34.50 -25.76 18.10
CA PRO C 192 -34.49 -26.71 16.98
C PRO C 192 -35.11 -26.18 15.70
N GLN C 193 -35.74 -24.99 15.72
CA GLN C 193 -36.37 -24.46 14.53
C GLN C 193 -35.41 -23.68 13.65
N GLN C 194 -34.17 -23.49 14.07
CA GLN C 194 -33.20 -22.72 13.31
C GLN C 194 -31.93 -23.55 13.12
N VAL C 195 -31.74 -24.06 11.92
CA VAL C 195 -30.60 -24.91 11.59
C VAL C 195 -29.55 -24.08 10.89
N PHE C 196 -28.30 -24.51 11.01
CA PHE C 196 -27.18 -23.93 10.29
C PHE C 196 -26.56 -25.01 9.43
N SER C 197 -26.42 -24.74 8.15
CA SER C 197 -26.06 -25.78 7.20
C SER C 197 -24.85 -25.37 6.38
N THR C 198 -24.07 -26.37 5.99
CA THR C 198 -23.05 -26.23 4.97
C THR C 198 -23.15 -27.41 4.01
N GLU C 199 -22.54 -27.28 2.85
CA GLU C 199 -22.64 -28.29 1.81
C GLU C 199 -21.26 -28.75 1.40
N PHE C 200 -21.14 -30.06 1.18
CA PHE C 200 -19.95 -30.62 0.54
C PHE C 200 -20.42 -31.55 -0.56
N GLU C 201 -19.65 -31.63 -1.63
CA GLU C 201 -20.04 -32.39 -2.79
C GLU C 201 -19.31 -33.73 -2.80
N VAL C 202 -20.07 -34.82 -2.87
CA VAL C 202 -19.49 -36.14 -3.09
C VAL C 202 -19.44 -36.37 -4.59
N LYS C 203 -18.24 -36.65 -5.10
CA LYS C 203 -18.01 -36.83 -6.52
C LYS C 203 -16.78 -37.71 -6.70
N GLU C 204 -16.77 -38.49 -7.78
CA GLU C 204 -15.62 -39.32 -8.14
C GLU C 204 -14.69 -38.48 -8.99
N TYR C 205 -13.64 -37.94 -8.39
CA TYR C 205 -12.74 -37.05 -9.11
C TYR C 205 -11.31 -37.54 -9.01
N VAL C 206 -10.43 -36.84 -9.72
CA VAL C 206 -9.00 -36.85 -9.49
C VAL C 206 -8.56 -35.39 -9.48
N LEU C 207 -7.43 -35.13 -8.86
CA LEU C 207 -6.99 -33.75 -8.68
C LEU C 207 -6.40 -33.20 -9.97
N PRO C 208 -6.81 -32.02 -10.42
CA PRO C 208 -6.21 -31.43 -11.61
C PRO C 208 -4.85 -30.85 -11.32
N SER C 209 -4.08 -30.67 -12.38
CA SER C 209 -2.73 -30.13 -12.25
C SER C 209 -2.66 -28.62 -12.40
N PHE C 210 -3.77 -27.98 -12.78
CA PHE C 210 -3.72 -26.57 -13.14
C PHE C 210 -5.11 -25.97 -12.95
N GLU C 211 -5.15 -24.64 -12.94
CA GLU C 211 -6.40 -23.89 -12.81
C GLU C 211 -6.63 -23.08 -14.08
N VAL C 212 -7.89 -22.76 -14.32
CA VAL C 212 -8.31 -21.98 -15.47
C VAL C 212 -9.18 -20.84 -14.96
N ILE C 213 -8.78 -19.61 -15.26
CA ILE C 213 -9.57 -18.42 -14.93
C ILE C 213 -10.14 -17.87 -16.22
N VAL C 214 -11.46 -17.79 -16.29
CA VAL C 214 -12.15 -17.22 -17.43
C VAL C 214 -12.58 -15.82 -17.03
N GLU C 215 -11.87 -14.81 -17.53
CA GLU C 215 -12.17 -13.44 -17.17
C GLU C 215 -12.61 -12.64 -18.40
N PRO C 216 -13.84 -12.15 -18.43
CA PRO C 216 -14.21 -11.21 -19.50
C PRO C 216 -13.58 -9.85 -19.24
N THR C 217 -13.46 -9.07 -20.31
CA THR C 217 -12.77 -7.78 -20.22
C THR C 217 -13.60 -6.75 -19.48
N GLU C 218 -14.91 -6.91 -19.46
CA GLU C 218 -15.78 -6.17 -18.57
C GLU C 218 -16.62 -7.17 -17.80
N LYS C 219 -17.06 -6.79 -16.59
CA LYS C 219 -17.85 -7.70 -15.78
C LYS C 219 -19.30 -7.79 -16.24
N PHE C 220 -19.71 -6.96 -17.18
CA PHE C 220 -21.03 -6.93 -17.80
C PHE C 220 -20.86 -7.22 -19.29
N TYR C 221 -21.95 -7.07 -20.03
CA TYR C 221 -21.87 -6.97 -21.48
C TYR C 221 -22.85 -5.91 -21.94
N TYR C 222 -22.32 -4.85 -22.55
CA TYR C 222 -23.17 -3.82 -23.13
C TYR C 222 -23.84 -4.37 -24.38
N ILE C 223 -25.14 -4.11 -24.51
CA ILE C 223 -25.91 -4.74 -25.58
C ILE C 223 -25.64 -4.07 -26.93
N TYR C 224 -25.34 -2.78 -26.93
CA TYR C 224 -25.01 -2.07 -28.15
C TYR C 224 -23.52 -2.04 -28.44
N ASN C 225 -22.72 -2.77 -27.67
CA ASN C 225 -21.30 -2.88 -27.92
C ASN C 225 -21.08 -3.77 -29.13
N GLU C 226 -20.56 -3.19 -30.21
CA GLU C 226 -20.40 -3.92 -31.46
C GLU C 226 -19.18 -4.83 -31.48
N LYS C 227 -18.26 -4.67 -30.51
CA LYS C 227 -17.09 -5.53 -30.44
C LYS C 227 -17.43 -6.94 -29.97
N GLY C 228 -18.53 -7.11 -29.23
CA GLY C 228 -18.88 -8.38 -28.67
C GLY C 228 -18.18 -8.63 -27.35
N LEU C 229 -18.59 -9.71 -26.69
CA LEU C 229 -18.02 -10.08 -25.40
C LEU C 229 -16.68 -10.76 -25.64
N GLU C 230 -15.59 -10.09 -25.27
CA GLU C 230 -14.25 -10.62 -25.43
C GLU C 230 -13.76 -11.12 -24.08
N VAL C 231 -13.45 -12.42 -23.99
CA VAL C 231 -12.98 -12.99 -22.74
C VAL C 231 -11.56 -13.52 -22.92
N THR C 232 -10.89 -13.68 -21.78
CA THR C 232 -9.52 -14.10 -21.65
C THR C 232 -9.47 -15.39 -20.85
N ILE C 233 -8.81 -16.40 -21.39
CA ILE C 233 -8.63 -17.68 -20.73
C ILE C 233 -7.21 -17.70 -20.19
N THR C 234 -7.07 -17.63 -18.87
CA THR C 234 -5.77 -17.66 -18.21
C THR C 234 -5.62 -19.02 -17.55
N ALA C 235 -4.90 -19.91 -18.20
CA ALA C 235 -4.63 -21.24 -17.66
C ALA C 235 -3.26 -21.19 -16.99
N ARG C 236 -3.21 -21.52 -15.72
CA ARG C 236 -2.01 -21.38 -14.92
C ARG C 236 -1.83 -22.67 -14.13
N PHE C 237 -0.60 -23.17 -14.07
CA PHE C 237 -0.31 -24.35 -13.27
C PHE C 237 -0.42 -24.03 -11.78
N LEU C 238 -0.61 -25.09 -10.99
CA LEU C 238 -0.87 -24.92 -9.56
C LEU C 238 0.37 -24.48 -8.81
N TYR C 239 1.55 -24.83 -9.30
CA TYR C 239 2.80 -24.39 -8.68
C TYR C 239 3.29 -23.08 -9.25
N GLY C 240 2.55 -22.45 -10.16
CA GLY C 240 2.89 -21.14 -10.64
C GLY C 240 3.68 -21.12 -11.93
N LYS C 241 3.26 -21.89 -12.92
CA LYS C 241 3.90 -21.91 -14.22
C LYS C 241 2.85 -21.72 -15.30
N LYS C 242 3.29 -21.28 -16.47
CA LYS C 242 2.36 -21.04 -17.57
C LYS C 242 1.96 -22.36 -18.22
N VAL C 243 0.81 -22.32 -18.88
CA VAL C 243 0.19 -23.50 -19.47
C VAL C 243 0.11 -23.30 -20.97
N GLU C 244 0.68 -24.23 -21.73
CA GLU C 244 0.54 -24.26 -23.17
C GLU C 244 -0.39 -25.41 -23.53
N GLY C 245 -1.51 -25.10 -24.15
CA GLY C 245 -2.50 -26.10 -24.48
C GLY C 245 -3.52 -25.61 -25.46
N THR C 246 -4.75 -26.10 -25.32
CA THR C 246 -5.81 -25.80 -26.27
C THR C 246 -7.13 -25.65 -25.52
N ALA C 247 -7.79 -24.52 -25.69
CA ALA C 247 -9.04 -24.24 -25.00
C ALA C 247 -10.21 -24.38 -25.97
N PHE C 248 -11.29 -24.98 -25.49
CA PHE C 248 -12.57 -25.04 -26.19
C PHE C 248 -13.55 -24.18 -25.42
N VAL C 249 -14.03 -23.11 -26.03
CA VAL C 249 -14.78 -22.08 -25.34
C VAL C 249 -16.16 -22.00 -25.97
N ILE C 250 -17.20 -22.22 -25.16
CA ILE C 250 -18.58 -22.07 -25.61
C ILE C 250 -19.21 -20.94 -24.79
N PHE C 251 -20.24 -20.34 -25.38
CA PHE C 251 -21.00 -19.27 -24.76
C PHE C 251 -22.46 -19.68 -24.69
N GLY C 252 -23.18 -19.06 -23.77
CA GLY C 252 -24.60 -19.34 -23.67
C GLY C 252 -25.33 -18.25 -22.92
N ILE C 253 -26.64 -18.22 -23.12
CA ILE C 253 -27.51 -17.26 -22.46
C ILE C 253 -28.22 -17.98 -21.32
N GLN C 254 -28.06 -17.45 -20.11
CA GLN C 254 -28.80 -17.89 -18.95
C GLN C 254 -30.03 -17.00 -18.83
N ASP C 255 -31.19 -17.57 -19.11
CA ASP C 255 -32.47 -16.88 -19.01
C ASP C 255 -33.18 -17.43 -17.79
N GLY C 256 -33.23 -16.62 -16.73
CA GLY C 256 -33.88 -17.01 -15.49
C GLY C 256 -33.16 -18.13 -14.79
N GLU C 257 -33.72 -19.33 -14.90
CA GLU C 257 -33.08 -20.55 -14.40
C GLU C 257 -32.52 -21.44 -15.48
N GLN C 258 -32.90 -21.24 -16.75
CA GLN C 258 -32.46 -22.19 -17.77
C GLN C 258 -31.31 -21.62 -18.59
N ARG C 259 -30.60 -22.51 -19.28
CA ARG C 259 -29.43 -22.15 -20.07
C ARG C 259 -29.62 -22.64 -21.49
N ILE C 260 -29.43 -21.74 -22.45
CA ILE C 260 -29.43 -22.09 -23.87
C ILE C 260 -28.02 -21.80 -24.37
N SER C 261 -27.34 -22.84 -24.86
CA SER C 261 -26.00 -22.69 -25.39
C SER C 261 -26.07 -22.20 -26.84
N LEU C 262 -25.04 -21.46 -27.26
CA LEU C 262 -24.97 -21.02 -28.63
C LEU C 262 -23.94 -21.90 -29.33
N PRO C 263 -24.35 -22.89 -30.12
CA PRO C 263 -23.40 -23.90 -30.60
C PRO C 263 -22.52 -23.45 -31.74
N GLU C 264 -22.90 -22.39 -32.45
CA GLU C 264 -22.05 -21.82 -33.49
C GLU C 264 -21.07 -20.80 -32.94
N SER C 265 -21.17 -20.46 -31.67
CA SER C 265 -20.23 -19.57 -31.01
C SER C 265 -19.08 -20.33 -30.36
N LEU C 266 -19.05 -21.65 -30.51
CA LEU C 266 -18.04 -22.49 -29.87
C LEU C 266 -16.75 -22.43 -30.67
N LYS C 267 -15.67 -21.99 -30.02
CA LYS C 267 -14.40 -21.75 -30.69
C LYS C 267 -13.28 -22.50 -30.00
N ARG C 268 -12.35 -23.01 -30.80
CA ARG C 268 -11.17 -23.69 -30.30
C ARG C 268 -9.97 -22.77 -30.52
N ILE C 269 -9.31 -22.39 -29.43
CA ILE C 269 -8.20 -21.45 -29.48
C ILE C 269 -6.97 -22.13 -28.90
N PRO C 270 -5.77 -21.72 -29.28
CA PRO C 270 -4.58 -22.19 -28.57
C PRO C 270 -4.28 -21.31 -27.37
N ILE C 271 -3.73 -21.94 -26.34
CA ILE C 271 -3.28 -21.25 -25.13
C ILE C 271 -1.77 -21.25 -25.16
N GLU C 272 -1.18 -20.15 -25.58
CA GLU C 272 0.25 -19.93 -25.55
C GLU C 272 0.58 -19.04 -24.37
N ASP C 273 1.65 -19.41 -23.66
CA ASP C 273 2.18 -18.88 -22.39
C ASP C 273 1.14 -18.56 -21.33
N GLY C 274 0.10 -19.38 -21.23
CA GLY C 274 -0.88 -19.23 -20.19
C GLY C 274 -1.97 -18.22 -20.45
N SER C 275 -2.23 -17.87 -21.70
CA SER C 275 -3.27 -16.90 -22.00
C SER C 275 -3.87 -17.17 -23.36
N GLY C 276 -5.14 -16.83 -23.50
CA GLY C 276 -5.82 -16.89 -24.79
C GLY C 276 -6.96 -15.89 -24.82
N GLU C 277 -7.31 -15.47 -26.03
CA GLU C 277 -8.39 -14.51 -26.24
C GLU C 277 -9.46 -15.14 -27.12
N VAL C 278 -10.72 -14.99 -26.74
CA VAL C 278 -11.82 -15.45 -27.59
C VAL C 278 -12.96 -14.45 -27.46
N VAL C 279 -13.44 -13.95 -28.60
CA VAL C 279 -14.50 -12.96 -28.66
C VAL C 279 -15.76 -13.62 -29.22
N LEU C 280 -16.82 -13.65 -28.42
CA LEU C 280 -18.15 -13.89 -28.96
C LEU C 280 -18.62 -12.59 -29.58
N SER C 281 -18.95 -12.60 -30.86
CA SER C 281 -19.37 -11.35 -31.46
C SER C 281 -20.85 -11.11 -31.16
N ARG C 282 -21.30 -9.90 -31.49
CA ARG C 282 -22.69 -9.55 -31.23
C ARG C 282 -23.62 -10.22 -32.23
N LYS C 283 -23.16 -10.39 -33.46
CA LYS C 283 -24.04 -10.88 -34.51
C LYS C 283 -24.20 -12.40 -34.47
N VAL C 284 -23.33 -13.11 -33.74
CA VAL C 284 -23.55 -14.55 -33.55
C VAL C 284 -24.41 -14.77 -32.30
N LEU C 285 -24.32 -13.84 -31.33
CA LEU C 285 -25.21 -13.85 -30.17
C LEU C 285 -26.65 -13.55 -30.57
N LEU C 286 -26.84 -12.63 -31.53
CA LEU C 286 -28.18 -12.17 -31.85
C LEU C 286 -29.00 -13.19 -32.63
N ASP C 287 -28.36 -14.07 -33.39
CA ASP C 287 -29.09 -15.18 -34.00
C ASP C 287 -28.87 -16.50 -33.27
N GLY C 288 -28.28 -16.47 -32.08
CA GLY C 288 -28.25 -17.65 -31.24
C GLY C 288 -29.62 -17.89 -30.67
N VAL C 289 -30.12 -16.91 -29.90
CA VAL C 289 -31.55 -16.80 -29.69
C VAL C 289 -32.21 -16.41 -31.02
N GLN C 290 -33.42 -16.94 -31.27
CA GLN C 290 -33.91 -17.22 -32.63
C GLN C 290 -34.12 -15.99 -33.53
N ASN C 291 -34.98 -15.02 -33.14
CA ASN C 291 -35.00 -13.64 -33.64
C ASN C 291 -35.79 -12.69 -32.73
N PRO C 292 -35.27 -12.32 -31.55
CA PRO C 292 -35.89 -11.19 -30.84
C PRO C 292 -35.22 -9.87 -31.21
N ARG C 293 -35.63 -8.79 -30.56
CA ARG C 293 -34.82 -7.59 -30.61
C ARG C 293 -33.65 -7.73 -29.64
N ALA C 294 -32.70 -6.80 -29.74
CA ALA C 294 -31.55 -6.82 -28.84
C ALA C 294 -31.94 -6.38 -27.43
N GLU C 295 -32.98 -5.58 -27.31
CA GLU C 295 -33.43 -5.11 -26.00
C GLU C 295 -34.17 -6.17 -25.20
N ASP C 296 -34.57 -7.28 -25.83
CA ASP C 296 -35.15 -8.39 -25.09
C ASP C 296 -34.09 -9.19 -24.33
N LEU C 297 -32.82 -9.06 -24.70
CA LEU C 297 -31.73 -9.73 -24.01
C LEU C 297 -31.34 -9.05 -22.70
N VAL C 298 -31.85 -7.85 -22.43
CA VAL C 298 -31.51 -7.15 -21.21
C VAL C 298 -32.22 -7.81 -20.03
N GLY C 299 -31.46 -8.13 -19.00
CA GLY C 299 -31.99 -8.87 -17.87
C GLY C 299 -31.46 -10.29 -17.88
N LYS C 300 -31.32 -10.86 -19.07
CA LYS C 300 -30.72 -12.18 -19.20
C LYS C 300 -29.20 -12.08 -19.03
N SER C 301 -28.61 -13.19 -18.62
CA SER C 301 -27.18 -13.24 -18.36
C SER C 301 -26.47 -14.05 -19.43
N LEU C 302 -25.14 -13.93 -19.45
CA LEU C 302 -24.29 -14.73 -20.31
C LEU C 302 -23.37 -15.59 -19.44
N TYR C 303 -23.03 -16.76 -19.96
CA TYR C 303 -22.02 -17.59 -19.33
C TYR C 303 -21.08 -18.12 -20.40
N VAL C 304 -19.86 -18.45 -19.98
CA VAL C 304 -18.84 -18.94 -20.88
C VAL C 304 -18.15 -20.13 -20.22
N SER C 305 -18.12 -21.26 -20.93
CA SER C 305 -17.49 -22.47 -20.43
C SER C 305 -16.24 -22.76 -21.24
N ALA C 306 -15.10 -22.90 -20.55
CA ALA C 306 -13.83 -23.16 -21.21
C ALA C 306 -13.28 -24.48 -20.71
N THR C 307 -13.05 -25.41 -21.62
CA THR C 307 -12.40 -26.67 -21.32
C THR C 307 -10.99 -26.62 -21.91
N VAL C 308 -9.99 -26.61 -21.03
CA VAL C 308 -8.60 -26.50 -21.46
C VAL C 308 -7.96 -27.87 -21.38
N ILE C 309 -7.43 -28.32 -22.51
CA ILE C 309 -6.67 -29.55 -22.64
C ILE C 309 -5.19 -29.16 -22.69
N LEU C 310 -4.34 -30.02 -22.13
CA LEU C 310 -2.91 -29.78 -22.15
C LEU C 310 -2.32 -30.19 -23.49
N HIS C 311 -1.11 -29.71 -23.75
CA HIS C 311 -0.42 -30.09 -24.98
C HIS C 311 0.08 -31.52 -24.94
N SER C 312 0.29 -32.07 -23.74
CA SER C 312 0.53 -33.50 -23.62
C SER C 312 -0.76 -34.30 -23.65
N GLY C 313 -1.91 -33.64 -23.46
CA GLY C 313 -3.18 -34.33 -23.43
C GLY C 313 -3.48 -35.04 -22.13
N SER C 314 -2.66 -34.83 -21.09
CA SER C 314 -2.80 -35.60 -19.86
C SER C 314 -3.92 -35.08 -18.97
N ASP C 315 -4.18 -33.77 -18.97
CA ASP C 315 -5.11 -33.19 -18.02
C ASP C 315 -6.13 -32.30 -18.72
N MET C 316 -7.35 -32.32 -18.19
CA MET C 316 -8.45 -31.49 -18.64
C MET C 316 -8.94 -30.66 -17.47
N VAL C 317 -9.21 -29.38 -17.70
CA VAL C 317 -9.91 -28.57 -16.69
C VAL C 317 -11.05 -27.85 -17.37
N GLN C 318 -12.27 -28.07 -16.88
CA GLN C 318 -13.44 -27.29 -17.30
C GLN C 318 -13.68 -26.21 -16.26
N ALA C 319 -13.76 -24.97 -16.70
CA ALA C 319 -14.05 -23.84 -15.82
C ALA C 319 -15.13 -23.00 -16.46
N GLU C 320 -16.11 -22.60 -15.67
CA GLU C 320 -17.26 -21.84 -16.16
C GLU C 320 -17.31 -20.50 -15.46
N ARG C 321 -17.41 -19.43 -16.24
CA ARG C 321 -17.67 -18.11 -15.73
C ARG C 321 -19.13 -17.80 -16.04
N SER C 322 -19.95 -17.74 -15.00
CA SER C 322 -21.37 -17.51 -15.15
C SER C 322 -21.74 -16.15 -14.57
N GLY C 323 -22.98 -15.74 -14.85
CA GLY C 323 -23.48 -14.47 -14.34
C GLY C 323 -22.84 -13.24 -14.95
N ILE C 324 -22.59 -13.25 -16.25
CA ILE C 324 -22.19 -12.04 -16.95
C ILE C 324 -23.46 -11.40 -17.49
N PRO C 325 -23.93 -10.29 -16.92
CA PRO C 325 -25.25 -9.79 -17.31
C PRO C 325 -25.21 -8.97 -18.59
N ILE C 326 -26.29 -9.05 -19.34
CA ILE C 326 -26.52 -8.18 -20.49
C ILE C 326 -27.32 -6.99 -20.01
N VAL C 327 -26.76 -5.79 -20.13
CA VAL C 327 -27.31 -4.63 -19.48
C VAL C 327 -26.98 -3.38 -20.32
N THR C 328 -27.89 -2.41 -20.29
CA THR C 328 -27.76 -1.18 -21.03
C THR C 328 -26.93 -0.12 -20.31
N SER C 329 -26.62 -0.32 -19.04
CA SER C 329 -25.84 0.66 -18.31
C SER C 329 -24.78 -0.06 -17.48
N PRO C 330 -23.57 0.50 -17.39
CA PRO C 330 -22.49 -0.17 -16.65
C PRO C 330 -22.63 -0.12 -15.14
N TYR C 331 -23.57 0.64 -14.59
CA TYR C 331 -23.69 0.83 -13.16
C TYR C 331 -25.11 0.52 -12.72
N GLN C 332 -25.34 0.64 -11.41
CA GLN C 332 -26.64 0.35 -10.82
C GLN C 332 -26.76 1.16 -9.53
N ILE C 333 -27.84 1.89 -9.41
CA ILE C 333 -28.09 2.71 -8.24
C ILE C 333 -28.95 1.93 -7.27
N HIS C 334 -28.58 1.93 -6.00
CA HIS C 334 -29.36 1.27 -4.95
C HIS C 334 -29.56 2.22 -3.79
N PHE C 335 -30.74 2.13 -3.19
CA PHE C 335 -31.12 2.96 -2.05
C PHE C 335 -31.34 2.10 -0.81
N THR C 336 -30.63 0.98 -0.70
CA THR C 336 -30.82 0.08 0.43
C THR C 336 -30.20 0.62 1.70
N LYS C 337 -29.18 1.48 1.59
CA LYS C 337 -28.48 2.00 2.74
C LYS C 337 -28.97 3.38 3.15
N THR C 338 -30.01 3.88 2.51
CA THR C 338 -30.60 5.19 2.77
C THR C 338 -31.84 5.03 3.62
N PRO C 339 -32.12 5.97 4.53
CA PRO C 339 -33.45 6.02 5.16
C PRO C 339 -34.53 6.33 4.14
N LYS C 340 -35.71 5.81 4.38
CA LYS C 340 -36.87 6.17 3.59
C LYS C 340 -37.68 7.29 4.21
N TYR C 341 -37.18 7.88 5.30
CA TYR C 341 -37.91 8.92 6.00
C TYR C 341 -37.00 10.10 6.25
N PHE C 342 -37.53 11.30 6.03
CA PHE C 342 -36.77 12.52 6.20
C PHE C 342 -37.48 13.43 7.18
N LYS C 343 -36.72 14.33 7.78
CA LYS C 343 -37.28 15.39 8.58
C LYS C 343 -37.46 16.62 7.70
N PRO C 344 -38.64 17.22 7.63
CA PRO C 344 -38.83 18.42 6.79
C PRO C 344 -38.12 19.63 7.38
N GLY C 345 -37.21 20.21 6.59
CA GLY C 345 -36.40 21.32 7.00
C GLY C 345 -34.93 20.98 7.17
N MET C 346 -34.65 19.84 7.75
CA MET C 346 -33.29 19.33 7.85
C MET C 346 -32.77 18.85 6.51
N PRO C 347 -31.45 18.78 6.34
CA PRO C 347 -30.91 18.05 5.19
C PRO C 347 -31.20 16.57 5.27
N PHE C 348 -31.32 15.97 4.09
CA PHE C 348 -31.51 14.54 3.93
C PHE C 348 -30.23 13.98 3.32
N ASP C 349 -29.59 13.06 4.02
CA ASP C 349 -28.34 12.48 3.58
C ASP C 349 -28.64 11.19 2.86
N LEU C 350 -28.26 11.11 1.58
CA LEU C 350 -28.46 9.93 0.76
C LEU C 350 -27.18 9.10 0.76
N MET C 351 -27.30 7.84 1.15
CA MET C 351 -26.22 6.88 0.98
C MET C 351 -26.53 6.09 -0.28
N VAL C 352 -26.07 6.62 -1.41
CA VAL C 352 -26.34 6.00 -2.70
C VAL C 352 -25.32 4.88 -2.91
N PHE C 353 -25.81 3.65 -3.08
CA PHE C 353 -24.97 2.47 -3.25
C PHE C 353 -24.86 2.21 -4.75
N VAL C 354 -23.73 2.56 -5.34
CA VAL C 354 -23.51 2.35 -6.76
C VAL C 354 -22.76 1.03 -6.93
N THR C 355 -23.36 0.10 -7.67
CA THR C 355 -22.79 -1.22 -7.86
C THR C 355 -22.58 -1.51 -9.34
N ASN C 356 -21.60 -2.36 -9.61
CA ASN C 356 -21.53 -3.04 -10.89
C ASN C 356 -22.69 -4.04 -10.97
N PRO C 357 -23.17 -4.37 -12.18
CA PRO C 357 -24.34 -5.27 -12.28
C PRO C 357 -24.08 -6.73 -11.94
N ASP C 358 -22.83 -7.14 -11.69
CA ASP C 358 -22.56 -8.43 -11.09
C ASP C 358 -22.61 -8.40 -9.57
N GLY C 359 -22.90 -7.24 -8.97
CA GLY C 359 -23.06 -7.11 -7.55
C GLY C 359 -21.89 -6.47 -6.82
N SER C 360 -20.76 -6.31 -7.49
CA SER C 360 -19.60 -5.71 -6.85
C SER C 360 -19.79 -4.21 -6.70
N PRO C 361 -19.31 -3.60 -5.62
CA PRO C 361 -19.41 -2.14 -5.46
C PRO C 361 -18.51 -1.39 -6.44
N ALA C 362 -18.96 -0.20 -6.80
CA ALA C 362 -18.29 0.61 -7.81
C ALA C 362 -17.48 1.71 -7.16
N TYR C 363 -16.25 1.89 -7.65
CA TYR C 363 -15.29 2.83 -7.10
C TYR C 363 -15.16 4.04 -8.00
N ARG C 364 -15.16 5.24 -7.37
CA ARG C 364 -14.90 6.55 -7.98
C ARG C 364 -15.87 6.88 -9.12
N VAL C 365 -17.14 6.61 -8.88
CA VAL C 365 -18.20 6.86 -9.86
C VAL C 365 -18.90 8.17 -9.49
N PRO C 366 -18.91 9.17 -10.38
CA PRO C 366 -19.64 10.40 -10.08
C PRO C 366 -21.14 10.17 -10.19
N VAL C 367 -21.89 10.74 -9.25
CA VAL C 367 -23.32 10.51 -9.15
C VAL C 367 -23.96 11.79 -8.65
N ALA C 368 -25.21 12.03 -9.05
CA ALA C 368 -25.86 13.30 -8.77
C ALA C 368 -27.37 13.15 -8.70
N VAL C 369 -27.99 13.99 -7.89
CA VAL C 369 -29.45 14.15 -7.88
C VAL C 369 -29.86 14.83 -9.17
N GLN C 370 -30.95 14.36 -9.77
CA GLN C 370 -31.59 15.06 -10.88
C GLN C 370 -32.13 16.40 -10.42
N GLY C 371 -31.79 17.46 -11.15
CA GLY C 371 -32.20 18.80 -10.82
C GLY C 371 -31.27 19.55 -9.88
N GLU C 372 -30.26 18.88 -9.32
CA GLU C 372 -29.30 19.48 -8.39
C GLU C 372 -27.90 19.22 -8.94
N ASP C 373 -27.41 20.15 -9.76
CA ASP C 373 -26.13 19.97 -10.43
C ASP C 373 -24.95 20.16 -9.48
N THR C 374 -25.14 20.88 -8.37
CA THR C 374 -24.04 21.10 -7.44
C THR C 374 -23.72 19.87 -6.62
N VAL C 375 -24.72 19.02 -6.37
CA VAL C 375 -24.52 17.84 -5.52
C VAL C 375 -24.05 16.73 -6.45
N GLN C 376 -22.75 16.73 -6.73
CA GLN C 376 -22.11 15.67 -7.50
C GLN C 376 -21.00 15.07 -6.65
N SER C 377 -21.05 13.76 -6.43
CA SER C 377 -20.06 13.15 -5.55
C SER C 377 -19.56 11.84 -6.14
N LEU C 378 -18.38 11.45 -5.70
CA LEU C 378 -17.74 10.21 -6.11
C LEU C 378 -17.93 9.15 -5.04
N THR C 379 -18.10 7.91 -5.47
CA THR C 379 -18.26 6.81 -4.53
C THR C 379 -16.94 6.44 -3.89
N GLN C 380 -17.01 6.01 -2.64
CA GLN C 380 -15.84 5.61 -1.88
C GLN C 380 -15.58 4.11 -2.10
N GLY C 381 -14.70 3.54 -1.28
CA GLY C 381 -14.26 2.16 -1.47
C GLY C 381 -15.31 1.11 -1.15
N ASP C 382 -16.34 1.48 -0.40
CA ASP C 382 -17.48 0.60 -0.15
C ASP C 382 -18.57 0.76 -1.19
N GLY C 383 -18.35 1.57 -2.22
CA GLY C 383 -19.34 1.79 -3.25
C GLY C 383 -20.45 2.72 -2.85
N VAL C 384 -20.31 3.45 -1.75
CA VAL C 384 -21.35 4.31 -1.21
C VAL C 384 -20.92 5.76 -1.35
N ALA C 385 -21.75 6.56 -1.99
CA ALA C 385 -21.52 8.00 -2.11
C ALA C 385 -22.56 8.74 -1.28
N LYS C 386 -22.15 9.86 -0.71
CA LYS C 386 -23.02 10.64 0.17
C LYS C 386 -23.53 11.86 -0.59
N LEU C 387 -24.84 11.98 -0.66
CA LEU C 387 -25.52 13.03 -1.42
C LEU C 387 -26.44 13.74 -0.44
N SER C 388 -26.00 14.87 0.10
CA SER C 388 -26.77 15.55 1.15
C SER C 388 -27.57 16.67 0.50
N ILE C 389 -28.89 16.50 0.44
CA ILE C 389 -29.77 17.47 -0.19
C ILE C 389 -30.51 18.24 0.90
N ASN C 390 -31.07 19.37 0.52
CA ASN C 390 -31.87 20.17 1.42
C ASN C 390 -33.34 19.91 1.16
N THR C 391 -34.13 19.85 2.23
CA THR C 391 -35.53 19.50 2.15
C THR C 391 -36.40 20.70 2.45
N HIS C 392 -37.55 20.76 1.81
CA HIS C 392 -38.49 21.84 2.05
C HIS C 392 -39.20 21.61 3.39
N PRO C 393 -39.52 22.66 4.13
CA PRO C 393 -40.27 22.46 5.39
C PRO C 393 -41.78 22.34 5.16
N SER C 394 -42.19 21.23 4.55
CA SER C 394 -43.58 20.97 4.27
C SER C 394 -43.81 19.47 4.29
N GLN C 395 -45.07 19.07 4.52
CA GLN C 395 -45.44 17.66 4.64
C GLN C 395 -45.75 17.07 3.26
N LYS C 396 -44.70 16.95 2.46
CA LYS C 396 -44.79 16.45 1.11
C LYS C 396 -43.71 15.40 0.89
N PRO C 397 -44.03 14.27 0.25
CA PRO C 397 -43.01 13.27 -0.03
C PRO C 397 -42.00 13.75 -1.07
N LEU C 398 -40.76 13.30 -0.90
CA LEU C 398 -39.67 13.66 -1.79
C LEU C 398 -39.49 12.56 -2.82
N SER C 399 -39.56 12.94 -4.10
CA SER C 399 -39.29 12.02 -5.20
C SER C 399 -37.86 12.32 -5.67
N ILE C 400 -36.90 11.66 -5.04
CA ILE C 400 -35.49 11.92 -5.30
C ILE C 400 -35.04 11.00 -6.42
N THR C 401 -34.69 11.57 -7.57
CA THR C 401 -34.16 10.82 -8.69
C THR C 401 -32.66 11.01 -8.76
N VAL C 402 -31.92 9.91 -8.74
CA VAL C 402 -30.48 9.93 -8.66
C VAL C 402 -29.93 9.23 -9.89
N ARG C 403 -29.04 9.91 -10.63
CA ARG C 403 -28.44 9.40 -11.84
C ARG C 403 -26.93 9.44 -11.77
N THR C 404 -26.30 8.50 -12.47
CA THR C 404 -24.86 8.49 -12.63
C THR C 404 -24.45 9.59 -13.60
N LYS C 405 -23.41 10.35 -13.24
CA LYS C 405 -22.86 11.40 -14.09
C LYS C 405 -21.44 11.08 -14.53
N LYS C 406 -21.20 9.84 -14.94
CA LYS C 406 -19.91 9.48 -15.52
C LYS C 406 -19.79 10.06 -16.91
N GLN C 407 -18.70 10.78 -17.17
CA GLN C 407 -18.55 11.53 -18.41
C GLN C 407 -18.06 10.69 -19.57
N GLU C 408 -17.55 9.48 -19.32
CA GLU C 408 -17.06 8.63 -20.40
C GLU C 408 -18.17 7.88 -21.11
N LEU C 409 -19.38 7.91 -20.60
CA LEU C 409 -20.52 7.19 -21.16
C LEU C 409 -21.53 8.18 -21.74
N SER C 410 -22.44 7.65 -22.54
CA SER C 410 -23.49 8.45 -23.14
C SER C 410 -24.62 8.67 -22.13
N GLU C 411 -25.65 9.40 -22.55
CA GLU C 411 -26.77 9.67 -21.66
C GLU C 411 -27.69 8.46 -21.49
N ALA C 412 -27.66 7.52 -22.42
CA ALA C 412 -28.42 6.28 -22.30
C ALA C 412 -27.68 5.20 -21.54
N GLU C 413 -26.45 5.48 -21.10
CA GLU C 413 -25.64 4.52 -20.36
C GLU C 413 -25.43 4.95 -18.92
N GLN C 414 -26.40 5.66 -18.34
CA GLN C 414 -26.34 6.05 -16.95
C GLN C 414 -27.47 5.38 -16.17
N ALA C 415 -27.14 4.87 -14.99
CA ALA C 415 -28.14 4.21 -14.16
C ALA C 415 -28.92 5.24 -13.37
N THR C 416 -30.24 5.13 -13.38
CA THR C 416 -31.12 6.01 -12.63
C THR C 416 -31.90 5.19 -11.61
N ARG C 417 -32.22 5.82 -10.47
CA ARG C 417 -33.23 5.25 -9.60
C ARG C 417 -33.96 6.37 -8.88
N THR C 418 -35.23 6.12 -8.55
CA THR C 418 -36.08 7.08 -7.87
C THR C 418 -36.51 6.54 -6.52
N MET C 419 -36.42 7.39 -5.49
CA MET C 419 -36.86 7.08 -4.14
C MET C 419 -38.04 7.97 -3.79
N GLN C 420 -39.11 7.37 -3.30
CA GLN C 420 -40.13 8.11 -2.57
C GLN C 420 -39.76 8.10 -1.09
N ALA C 421 -39.56 9.28 -0.51
CA ALA C 421 -39.23 9.41 0.90
C ALA C 421 -40.32 10.20 1.61
N LEU C 422 -40.77 9.69 2.74
CA LEU C 422 -41.91 10.25 3.45
C LEU C 422 -41.45 11.17 4.58
N PRO C 423 -42.22 12.21 4.92
CA PRO C 423 -41.86 13.04 6.07
C PRO C 423 -42.10 12.33 7.38
N TYR C 424 -41.26 12.65 8.36
CA TYR C 424 -41.45 12.21 9.74
C TYR C 424 -42.70 12.89 10.31
N SER C 425 -43.48 12.12 11.07
CA SER C 425 -44.75 12.60 11.59
C SER C 425 -44.60 12.97 13.06
N THR C 426 -44.63 14.26 13.34
CA THR C 426 -44.68 14.73 14.72
C THR C 426 -46.05 14.48 15.31
N VAL C 427 -46.07 14.21 16.62
CA VAL C 427 -47.33 13.98 17.30
C VAL C 427 -47.99 15.32 17.60
N GLY C 428 -49.24 15.47 17.15
CA GLY C 428 -50.00 16.69 17.37
C GLY C 428 -49.64 17.85 16.47
N ASN C 429 -48.81 17.61 15.44
CA ASN C 429 -48.26 18.61 14.52
C ASN C 429 -47.54 19.74 15.26
N SER C 430 -46.72 19.35 16.23
CA SER C 430 -46.01 20.30 17.09
C SER C 430 -44.65 20.68 16.53
N ASN C 431 -44.28 20.17 15.35
CA ASN C 431 -43.02 20.28 14.60
C ASN C 431 -41.75 20.22 15.44
N ASN C 432 -41.71 19.31 16.42
CA ASN C 432 -40.52 19.09 17.22
C ASN C 432 -39.75 17.92 16.61
N TYR C 433 -38.61 18.22 16.01
CA TYR C 433 -37.83 17.21 15.30
C TYR C 433 -36.47 17.03 15.96
N LEU C 434 -35.92 15.83 15.82
CA LEU C 434 -34.57 15.53 16.22
C LEU C 434 -33.80 15.06 15.01
N HIS C 435 -32.60 15.60 14.81
CA HIS C 435 -31.77 15.29 13.66
C HIS C 435 -30.45 14.74 14.16
N LEU C 436 -30.02 13.62 13.58
CA LEU C 436 -28.84 12.90 14.04
C LEU C 436 -27.83 12.95 12.89
N SER C 437 -27.05 14.01 12.85
CA SER C 437 -26.10 14.21 11.76
C SER C 437 -24.84 13.40 12.06
N VAL C 438 -24.57 12.41 11.22
CA VAL C 438 -23.31 11.69 11.23
C VAL C 438 -22.72 11.87 9.85
N LEU C 439 -21.58 12.55 9.76
CA LEU C 439 -20.96 12.83 8.47
C LEU C 439 -19.55 12.26 8.52
N ARG C 440 -19.45 10.97 8.24
CA ARG C 440 -18.17 10.30 8.13
C ARG C 440 -18.26 9.24 7.05
N THR C 441 -17.19 9.12 6.27
CA THR C 441 -17.20 8.23 5.11
C THR C 441 -16.97 6.78 5.54
N GLU C 442 -15.80 6.50 6.09
CA GLU C 442 -15.45 5.16 6.54
C GLU C 442 -15.15 5.18 8.03
N LEU C 443 -15.68 4.20 8.74
CA LEU C 443 -15.46 4.07 10.16
C LEU C 443 -14.55 2.89 10.45
N ARG C 444 -13.73 3.02 11.47
CA ARG C 444 -12.81 1.99 11.90
C ARG C 444 -12.79 1.96 13.41
N PRO C 445 -12.44 0.83 14.03
CA PRO C 445 -12.26 0.81 15.48
C PRO C 445 -11.08 1.68 15.92
N GLY C 446 -11.26 2.34 17.06
CA GLY C 446 -10.28 3.27 17.58
C GLY C 446 -10.54 4.72 17.22
N GLU C 447 -11.27 4.98 16.13
CA GLU C 447 -11.57 6.33 15.74
C GLU C 447 -12.70 6.90 16.59
N THR C 448 -12.88 8.21 16.51
CA THR C 448 -13.92 8.91 17.26
C THR C 448 -14.93 9.50 16.29
N LEU C 449 -16.20 9.17 16.49
CA LEU C 449 -17.28 9.62 15.64
C LEU C 449 -18.01 10.76 16.33
N ASN C 450 -18.02 11.92 15.70
CA ASN C 450 -18.72 13.08 16.25
C ASN C 450 -20.15 13.06 15.75
N VAL C 451 -21.09 12.78 16.63
CA VAL C 451 -22.50 12.74 16.26
C VAL C 451 -23.13 14.06 16.65
N ASN C 452 -23.70 14.76 15.67
CA ASN C 452 -24.32 16.04 15.91
C ASN C 452 -25.79 15.85 16.23
N PHE C 453 -26.21 16.30 17.39
CA PHE C 453 -27.59 16.20 17.86
C PHE C 453 -28.20 17.57 17.61
N LEU C 454 -29.07 17.68 16.60
CA LEU C 454 -29.73 18.91 16.24
C LEU C 454 -31.19 18.85 16.65
N LEU C 455 -31.71 19.95 17.16
CA LEU C 455 -33.03 19.98 17.77
C LEU C 455 -33.87 21.08 17.14
N ARG C 456 -35.08 20.75 16.68
CA ARG C 456 -36.03 21.74 16.21
C ARG C 456 -37.20 21.77 17.18
N MET C 457 -37.46 22.95 17.75
CA MET C 457 -38.31 23.10 18.91
C MET C 457 -38.58 24.57 19.13
N ASP C 458 -39.77 24.89 19.63
CA ASP C 458 -40.17 26.27 19.88
C ASP C 458 -39.88 26.64 21.33
N ARG C 459 -39.30 27.83 21.52
CA ARG C 459 -38.68 28.15 22.80
C ARG C 459 -39.66 28.64 23.87
N ALA C 460 -40.96 28.46 23.71
CA ALA C 460 -41.86 28.49 24.85
C ALA C 460 -41.68 27.26 25.72
N HIS C 461 -41.25 26.15 25.12
CA HIS C 461 -40.99 24.91 25.84
C HIS C 461 -39.52 24.67 26.12
N GLU C 462 -38.65 25.66 25.90
CA GLU C 462 -37.23 25.42 26.13
C GLU C 462 -36.91 25.45 27.62
N ALA C 463 -35.77 24.82 27.94
CA ALA C 463 -35.26 24.36 29.24
C ALA C 463 -36.17 23.34 29.92
N LYS C 464 -37.12 22.75 29.21
CA LYS C 464 -37.77 21.52 29.64
C LYS C 464 -37.02 20.29 29.18
N ILE C 465 -36.05 20.47 28.29
CA ILE C 465 -35.23 19.39 27.77
C ILE C 465 -33.80 19.69 28.17
N ARG C 466 -33.18 18.75 28.89
CA ARG C 466 -31.82 18.93 29.36
C ARG C 466 -30.90 17.79 28.93
N TYR C 467 -31.43 16.77 28.27
CA TYR C 467 -30.62 15.63 27.89
C TYR C 467 -31.24 14.95 26.68
N TYR C 468 -30.40 14.26 25.93
CA TYR C 468 -30.84 13.32 24.92
C TYR C 468 -30.41 11.93 25.34
N THR C 469 -31.31 10.96 25.27
CA THR C 469 -30.93 9.59 25.59
C THR C 469 -30.54 8.88 24.31
N TYR C 470 -29.33 8.34 24.27
CA TYR C 470 -28.86 7.63 23.08
C TYR C 470 -28.61 6.17 23.44
N LEU C 471 -28.86 5.30 22.46
CA LEU C 471 -28.73 3.86 22.57
C LEU C 471 -27.98 3.36 21.35
N ILE C 472 -27.11 2.38 21.53
CA ILE C 472 -26.38 1.78 20.43
C ILE C 472 -26.91 0.36 20.27
N MET C 473 -27.41 0.02 19.08
CA MET C 473 -27.78 -1.34 18.73
C MET C 473 -26.73 -1.92 17.81
N ASN C 474 -26.03 -2.93 18.29
CA ASN C 474 -25.07 -3.68 17.50
C ASN C 474 -25.33 -5.16 17.72
N LYS C 475 -25.37 -5.91 16.60
CA LYS C 475 -25.64 -7.36 16.55
C LYS C 475 -26.97 -7.73 17.21
N GLY C 476 -27.98 -6.88 17.04
CA GLY C 476 -29.31 -7.20 17.50
C GLY C 476 -29.56 -7.02 18.98
N ARG C 477 -28.63 -6.43 19.72
CA ARG C 477 -28.84 -6.19 21.14
C ARG C 477 -28.20 -4.87 21.53
N LEU C 478 -28.63 -4.34 22.67
CA LEU C 478 -28.12 -3.07 23.17
C LEU C 478 -26.69 -3.24 23.65
N LEU C 479 -25.81 -2.35 23.21
CA LEU C 479 -24.40 -2.39 23.59
C LEU C 479 -24.03 -1.29 24.56
N LYS C 480 -24.42 -0.06 24.27
CA LYS C 480 -24.10 1.06 25.15
C LYS C 480 -25.27 2.01 25.13
N ALA C 481 -25.78 2.34 26.30
CA ALA C 481 -26.85 3.30 26.46
C ALA C 481 -26.39 4.41 27.38
N GLY C 482 -26.65 5.66 26.99
CA GLY C 482 -26.18 6.76 27.79
C GLY C 482 -27.05 7.97 27.62
N ARG C 483 -26.67 9.03 28.33
CA ARG C 483 -27.29 10.33 28.21
C ARG C 483 -26.25 11.32 27.71
N GLN C 484 -26.68 12.25 26.87
CA GLN C 484 -25.88 13.39 26.46
C GLN C 484 -26.52 14.62 27.07
N VAL C 485 -25.75 15.38 27.84
CA VAL C 485 -26.27 16.53 28.56
C VAL C 485 -26.33 17.71 27.61
N ARG C 486 -27.44 18.44 27.64
CA ARG C 486 -27.66 19.56 26.73
C ARG C 486 -28.14 20.74 27.55
N GLU C 487 -27.30 21.76 27.69
CA GLU C 487 -27.65 22.95 28.43
C GLU C 487 -28.65 23.78 27.60
N PRO C 488 -29.53 24.56 28.25
CA PRO C 488 -30.46 25.40 27.50
C PRO C 488 -29.76 26.55 26.80
N GLY C 489 -30.14 26.78 25.55
CA GLY C 489 -29.46 27.69 24.68
C GLY C 489 -28.56 27.02 23.65
N GLN C 490 -28.21 25.76 23.86
CA GLN C 490 -27.45 25.00 22.87
C GLN C 490 -28.42 24.49 21.82
N ASP C 491 -28.29 25.00 20.59
CA ASP C 491 -29.15 24.54 19.51
C ASP C 491 -28.76 23.15 19.04
N LEU C 492 -27.47 22.85 19.03
CA LEU C 492 -27.00 21.52 18.70
C LEU C 492 -25.83 21.18 19.61
N VAL C 493 -25.71 19.89 19.94
CA VAL C 493 -24.57 19.43 20.70
C VAL C 493 -23.87 18.32 19.91
N VAL C 494 -22.69 17.95 20.36
CA VAL C 494 -21.90 16.91 19.71
C VAL C 494 -21.58 15.85 20.75
N LEU C 495 -21.99 14.61 20.48
CA LEU C 495 -21.57 13.48 21.28
C LEU C 495 -20.38 12.82 20.62
N PRO C 496 -19.20 12.81 21.23
CA PRO C 496 -18.08 12.04 20.68
C PRO C 496 -18.17 10.58 21.11
N LEU C 497 -18.48 9.71 20.15
CA LEU C 497 -18.54 8.28 20.39
C LEU C 497 -17.18 7.66 20.10
N SER C 498 -16.65 6.92 21.08
CA SER C 498 -15.40 6.20 20.87
C SER C 498 -15.74 4.87 20.22
N ILE C 499 -15.45 4.74 18.93
CA ILE C 499 -15.74 3.53 18.17
C ILE C 499 -14.70 2.49 18.55
N THR C 500 -15.10 1.55 19.39
CA THR C 500 -14.21 0.48 19.83
C THR C 500 -14.31 -0.70 18.86
N THR C 501 -13.69 -1.81 19.22
CA THR C 501 -13.61 -2.95 18.32
C THR C 501 -14.85 -3.83 18.35
N ASP C 502 -15.77 -3.61 19.28
CA ASP C 502 -17.00 -4.40 19.30
C ASP C 502 -18.17 -3.67 18.65
N PHE C 503 -17.90 -2.62 17.90
CA PHE C 503 -18.92 -1.96 17.09
C PHE C 503 -19.03 -2.57 15.70
N ILE C 504 -18.12 -3.48 15.34
CA ILE C 504 -18.14 -4.23 14.08
C ILE C 504 -19.37 -5.14 14.08
N PRO C 505 -20.16 -5.22 12.99
CA PRO C 505 -20.05 -4.57 11.67
C PRO C 505 -20.77 -3.25 11.48
N SER C 506 -21.80 -2.95 12.27
CA SER C 506 -22.56 -1.73 12.12
C SER C 506 -23.22 -1.44 13.46
N PHE C 507 -23.72 -0.22 13.60
CA PHE C 507 -24.51 0.08 14.78
C PHE C 507 -25.59 1.10 14.42
N ARG C 508 -26.74 0.94 15.07
CA ARG C 508 -27.81 1.90 14.98
C ARG C 508 -27.75 2.78 16.22
N LEU C 509 -27.51 4.06 16.02
CA LEU C 509 -27.55 5.02 17.12
C LEU C 509 -28.94 5.63 17.16
N VAL C 510 -29.62 5.43 18.28
CA VAL C 510 -31.01 5.81 18.44
C VAL C 510 -31.07 6.85 19.55
N ALA C 511 -31.58 8.03 19.26
CA ALA C 511 -31.66 9.06 20.26
C ALA C 511 -33.10 9.52 20.42
N TYR C 512 -33.44 9.91 21.64
CA TYR C 512 -34.76 10.48 21.86
C TYR C 512 -34.70 11.51 22.98
N TYR C 513 -35.73 12.36 22.99
CA TYR C 513 -36.01 13.23 24.12
C TYR C 513 -37.50 13.24 24.36
N THR C 514 -37.88 13.81 25.51
CA THR C 514 -39.27 13.91 25.92
C THR C 514 -39.53 15.31 26.43
N LEU C 515 -40.75 15.80 26.21
CA LEU C 515 -41.19 17.03 26.86
C LEU C 515 -42.67 16.96 27.17
N ILE C 516 -43.18 18.04 27.73
CA ILE C 516 -44.61 18.23 27.96
C ILE C 516 -45.03 19.38 27.08
N GLY C 517 -45.90 19.10 26.10
CA GLY C 517 -46.24 20.06 25.08
C GLY C 517 -47.26 21.08 25.55
N ALA C 518 -47.82 21.81 24.57
CA ALA C 518 -48.81 22.83 24.87
C ALA C 518 -50.15 22.20 25.24
N SER C 519 -50.45 21.01 24.70
CA SER C 519 -51.67 20.31 25.08
C SER C 519 -51.55 19.63 26.43
N GLY C 520 -50.32 19.45 26.94
CA GLY C 520 -50.10 18.93 28.27
C GLY C 520 -49.70 17.47 28.35
N GLN C 521 -49.75 16.74 27.24
CA GLN C 521 -49.35 15.34 27.27
C GLN C 521 -47.84 15.22 27.10
N ARG C 522 -47.32 14.04 27.43
CA ARG C 522 -45.92 13.75 27.18
C ARG C 522 -45.71 13.50 25.69
N GLU C 523 -44.69 14.12 25.13
CA GLU C 523 -44.36 14.01 23.72
C GLU C 523 -42.94 13.47 23.60
N VAL C 524 -42.79 12.36 22.89
CA VAL C 524 -41.50 11.69 22.71
C VAL C 524 -41.07 11.92 21.28
N VAL C 525 -39.87 12.46 21.10
CA VAL C 525 -39.32 12.70 19.76
C VAL C 525 -38.04 11.88 19.64
N ALA C 526 -37.99 11.03 18.63
CA ALA C 526 -36.88 10.11 18.45
C ALA C 526 -36.36 10.17 17.03
N ASP C 527 -35.08 9.82 16.88
CA ASP C 527 -34.45 9.69 15.59
C ASP C 527 -33.42 8.58 15.69
N SER C 528 -32.98 8.09 14.53
CA SER C 528 -32.02 7.00 14.51
C SER C 528 -31.17 7.12 13.27
N VAL C 529 -29.95 6.61 13.36
CA VAL C 529 -29.06 6.56 12.21
C VAL C 529 -28.37 5.20 12.22
N TRP C 530 -27.96 4.76 11.05
CA TRP C 530 -27.28 3.48 10.87
C TRP C 530 -25.89 3.77 10.34
N VAL C 531 -24.88 3.41 11.12
CA VAL C 531 -23.49 3.68 10.78
C VAL C 531 -22.79 2.36 10.51
N ASP C 532 -22.13 2.27 9.36
CA ASP C 532 -21.40 1.08 8.96
C ASP C 532 -19.95 1.21 9.40
N VAL C 533 -19.49 0.26 10.18
CA VAL C 533 -18.09 0.14 10.57
C VAL C 533 -17.45 -0.83 9.57
N LYS C 534 -16.13 -0.72 9.38
CA LYS C 534 -15.44 -1.58 8.43
C LYS C 534 -15.38 -3.02 8.95
N ASP C 535 -15.85 -3.95 8.14
CA ASP C 535 -16.02 -5.35 8.53
C ASP C 535 -14.66 -6.03 8.56
N SER C 536 -14.02 -5.99 9.70
CA SER C 536 -12.79 -6.73 9.96
C SER C 536 -13.04 -7.73 11.09
N CYS C 537 -11.98 -8.40 11.50
CA CYS C 537 -12.04 -9.22 12.69
C CYS C 537 -12.12 -8.34 13.93
N VAL C 538 -12.77 -8.86 14.98
CA VAL C 538 -12.77 -8.17 16.26
C VAL C 538 -11.37 -8.22 16.87
N GLY C 539 -10.75 -9.38 16.86
CA GLY C 539 -9.33 -9.47 17.16
C GLY C 539 -8.53 -9.39 15.90
N SER C 540 -7.50 -10.23 15.78
CA SER C 540 -6.73 -10.33 14.54
C SER C 540 -6.14 -11.71 14.46
N LEU C 541 -5.88 -12.16 13.24
CA LEU C 541 -5.21 -13.45 13.01
C LEU C 541 -4.50 -13.38 11.68
N VAL C 542 -3.17 -13.48 11.71
CA VAL C 542 -2.35 -13.44 10.50
C VAL C 542 -1.47 -14.67 10.51
N VAL C 543 -1.56 -15.47 9.45
CA VAL C 543 -0.69 -16.63 9.27
C VAL C 543 0.26 -16.30 8.11
N LYS C 544 1.56 -16.36 8.38
CA LYS C 544 2.55 -16.08 7.36
C LYS C 544 3.74 -17.00 7.55
N SER C 545 4.78 -16.78 6.76
CA SER C 545 5.96 -17.64 6.81
C SER C 545 6.88 -17.20 7.94
N GLY C 546 7.30 -18.16 8.74
CA GLY C 546 8.17 -17.90 9.86
C GLY C 546 9.65 -17.99 9.57
N GLN C 547 10.03 -18.07 8.30
CA GLN C 547 11.42 -18.14 7.89
C GLN C 547 11.69 -17.05 6.87
N SER C 548 12.86 -17.14 6.22
CA SER C 548 13.29 -16.09 5.30
C SER C 548 12.50 -16.10 4.01
N GLU C 549 12.15 -17.29 3.52
CA GLU C 549 11.45 -17.59 2.26
C GLU C 549 12.15 -17.00 1.04
N ASP C 550 13.49 -16.94 1.05
CA ASP C 550 14.23 -16.68 -0.17
C ASP C 550 14.18 -17.90 -1.08
N ARG C 551 14.26 -19.08 -0.50
CA ARG C 551 14.14 -20.33 -1.23
C ARG C 551 12.68 -20.62 -1.57
N GLN C 552 12.48 -21.46 -2.57
CA GLN C 552 11.19 -22.07 -2.80
C GLN C 552 11.13 -23.36 -2.02
N PRO C 553 10.01 -23.72 -1.40
CA PRO C 553 9.94 -24.96 -0.64
C PRO C 553 10.02 -26.21 -1.51
N VAL C 554 10.46 -27.29 -0.89
CA VAL C 554 10.74 -28.58 -1.54
C VAL C 554 9.75 -29.54 -0.87
N PRO C 555 9.26 -30.59 -1.54
CA PRO C 555 8.39 -31.56 -0.87
C PRO C 555 9.12 -32.34 0.20
N GLY C 556 8.56 -32.33 1.41
CA GLY C 556 9.19 -32.92 2.56
C GLY C 556 10.02 -31.96 3.40
N GLN C 557 10.21 -30.73 2.94
CA GLN C 557 10.99 -29.77 3.69
C GLN C 557 10.20 -29.22 4.87
N GLN C 558 10.87 -29.16 6.02
CA GLN C 558 10.29 -28.53 7.20
C GLN C 558 10.13 -27.04 6.99
N MET C 559 8.97 -26.51 7.38
CA MET C 559 8.63 -25.11 7.19
C MET C 559 8.16 -24.53 8.52
N THR C 560 8.66 -23.34 8.85
CA THR C 560 8.22 -22.62 10.03
C THR C 560 7.06 -21.70 9.65
N LEU C 561 5.94 -21.86 10.33
CA LEU C 561 4.74 -21.07 10.10
C LEU C 561 4.51 -20.16 11.29
N LYS C 562 4.33 -18.87 11.03
CA LYS C 562 4.17 -17.88 12.09
C LYS C 562 2.70 -17.48 12.17
N ILE C 563 2.10 -17.69 13.34
CA ILE C 563 0.70 -17.39 13.59
C ILE C 563 0.65 -16.27 14.61
N GLU C 564 0.09 -15.13 14.22
CA GLU C 564 -0.06 -13.99 15.11
C GLU C 564 -1.53 -13.80 15.39
N GLY C 565 -1.90 -13.85 16.67
CA GLY C 565 -3.29 -13.69 17.05
C GLY C 565 -3.47 -13.06 18.41
N ASP C 566 -4.59 -13.35 19.05
CA ASP C 566 -4.82 -12.84 20.40
C ASP C 566 -4.30 -13.84 21.42
N HIS C 567 -4.09 -13.35 22.64
CA HIS C 567 -3.60 -14.21 23.71
C HIS C 567 -4.70 -15.12 24.23
N GLY C 568 -4.39 -16.41 24.32
CA GLY C 568 -5.34 -17.39 24.79
C GLY C 568 -6.31 -17.89 23.74
N ALA C 569 -6.18 -17.44 22.49
CA ALA C 569 -7.08 -17.86 21.43
C ALA C 569 -6.73 -19.26 20.96
N ARG C 570 -7.75 -20.09 20.77
CA ARG C 570 -7.57 -21.41 20.19
C ARG C 570 -7.58 -21.27 18.68
N VAL C 571 -6.45 -21.57 18.04
CA VAL C 571 -6.30 -21.44 16.60
C VAL C 571 -6.39 -22.81 15.98
N VAL C 572 -7.38 -23.02 15.14
CA VAL C 572 -7.52 -24.26 14.40
C VAL C 572 -7.09 -24.01 12.96
N LEU C 573 -6.47 -25.00 12.36
CA LEU C 573 -5.82 -24.85 11.07
C LEU C 573 -6.32 -25.91 10.10
N VAL C 574 -6.18 -25.61 8.81
CA VAL C 574 -6.32 -26.60 7.75
C VAL C 574 -5.39 -26.19 6.61
N ALA C 575 -4.78 -27.17 5.95
CA ALA C 575 -4.00 -26.96 4.75
C ALA C 575 -4.60 -27.84 3.66
N VAL C 576 -4.97 -27.24 2.55
CA VAL C 576 -5.76 -27.91 1.52
C VAL C 576 -5.14 -27.57 0.17
N ASP C 577 -5.00 -28.59 -0.68
CA ASP C 577 -4.54 -28.41 -2.06
C ASP C 577 -5.50 -27.52 -2.84
N LYS C 578 -4.94 -26.70 -3.73
CA LYS C 578 -5.75 -25.74 -4.47
C LYS C 578 -6.49 -26.38 -5.63
N GLY C 579 -6.18 -27.62 -6.01
CA GLY C 579 -6.95 -28.34 -7.01
C GLY C 579 -8.35 -28.70 -6.55
N VAL C 580 -8.55 -28.81 -5.23
CA VAL C 580 -9.89 -28.91 -4.66
C VAL C 580 -10.70 -27.66 -4.96
N PHE C 581 -10.05 -26.49 -4.89
CA PHE C 581 -10.74 -25.25 -5.24
C PHE C 581 -10.82 -25.03 -6.74
N VAL C 582 -10.02 -25.75 -7.53
CA VAL C 582 -10.28 -25.81 -8.97
C VAL C 582 -11.57 -26.57 -9.22
N LEU C 583 -11.75 -27.71 -8.56
CA LEU C 583 -12.93 -28.54 -8.79
C LEU C 583 -14.18 -27.94 -8.14
N ASN C 584 -14.05 -27.38 -6.95
CA ASN C 584 -15.22 -26.86 -6.23
C ASN C 584 -14.74 -25.77 -5.28
N LYS C 585 -15.06 -24.52 -5.58
CA LYS C 585 -14.56 -23.40 -4.79
C LYS C 585 -15.60 -22.78 -3.89
N LYS C 586 -16.85 -23.22 -3.95
CA LYS C 586 -17.90 -22.64 -3.13
C LYS C 586 -17.92 -23.30 -1.76
N ASN C 587 -18.81 -22.79 -0.89
CA ASN C 587 -19.05 -23.23 0.49
C ASN C 587 -17.78 -23.17 1.34
N LYS C 588 -16.99 -22.12 1.15
CA LYS C 588 -15.82 -21.89 2.00
C LYS C 588 -16.19 -20.94 3.13
N LEU C 589 -15.43 -21.04 4.22
CA LEU C 589 -15.65 -20.22 5.41
C LEU C 589 -14.76 -18.99 5.33
N THR C 590 -15.37 -17.82 5.36
CA THR C 590 -14.64 -16.56 5.35
C THR C 590 -15.21 -15.67 6.44
N GLN C 591 -14.52 -14.56 6.69
CA GLN C 591 -14.99 -13.59 7.68
C GLN C 591 -16.23 -12.84 7.19
N SER C 592 -16.31 -12.60 5.88
CA SER C 592 -17.44 -11.89 5.30
C SER C 592 -18.72 -12.70 5.36
N LYS C 593 -18.60 -14.04 5.26
CA LYS C 593 -19.76 -14.91 5.42
C LYS C 593 -20.28 -14.88 6.86
N ILE C 594 -19.37 -14.78 7.83
CA ILE C 594 -19.73 -14.64 9.24
C ILE C 594 -20.45 -13.32 9.47
N TRP C 595 -19.95 -12.24 8.86
CA TRP C 595 -20.58 -10.95 9.09
C TRP C 595 -21.88 -10.79 8.31
N ASP C 596 -22.07 -11.49 7.18
CA ASP C 596 -23.40 -11.40 6.58
C ASP C 596 -24.39 -12.33 7.26
N VAL C 597 -23.91 -13.40 7.93
CA VAL C 597 -24.79 -14.20 8.78
C VAL C 597 -25.25 -13.38 9.99
N VAL C 598 -24.33 -12.60 10.58
CA VAL C 598 -24.65 -11.70 11.68
C VAL C 598 -25.58 -10.57 11.23
N GLU C 599 -25.30 -9.99 10.05
CA GLU C 599 -26.10 -8.87 9.55
C GLU C 599 -27.48 -9.30 9.06
N LYS C 600 -27.63 -10.55 8.63
CA LYS C 600 -28.96 -11.03 8.26
C LYS C 600 -29.84 -11.31 9.47
N ALA C 601 -29.24 -11.51 10.65
CA ALA C 601 -30.00 -11.78 11.86
C ALA C 601 -30.26 -10.52 12.67
N ASP C 602 -30.07 -9.34 12.09
CA ASP C 602 -30.35 -8.09 12.79
C ASP C 602 -31.86 -7.89 12.90
N ILE C 603 -32.28 -7.38 14.05
CA ILE C 603 -33.71 -7.10 14.26
C ILE C 603 -34.10 -5.72 13.77
N GLY C 604 -33.15 -4.87 13.44
CA GLY C 604 -33.47 -3.61 12.80
C GLY C 604 -33.68 -3.78 11.31
N CYS C 605 -34.61 -3.01 10.76
CA CYS C 605 -35.01 -3.17 9.37
C CYS C 605 -34.66 -1.97 8.51
N THR C 606 -35.16 -0.81 8.85
CA THR C 606 -34.91 0.40 8.09
C THR C 606 -33.61 1.02 8.54
N PRO C 607 -32.68 1.37 7.64
CA PRO C 607 -31.39 1.92 8.07
C PRO C 607 -31.43 3.42 8.35
N GLY C 608 -32.29 3.82 9.26
CA GLY C 608 -32.46 5.23 9.54
C GLY C 608 -33.70 5.52 10.33
N SER C 609 -34.43 6.56 9.94
CA SER C 609 -35.56 7.05 10.74
C SER C 609 -36.82 6.24 10.42
N GLY C 610 -37.95 6.73 10.90
CA GLY C 610 -39.21 6.05 10.71
C GLY C 610 -40.35 7.01 10.48
N LYS C 611 -41.59 6.52 10.60
CA LYS C 611 -42.75 7.37 10.42
C LYS C 611 -42.95 8.32 11.59
N ASP C 612 -42.81 7.82 12.81
CA ASP C 612 -42.89 8.62 14.02
C ASP C 612 -41.90 8.02 15.01
N TYR C 613 -42.07 8.32 16.30
CA TYR C 613 -41.18 7.80 17.33
C TYR C 613 -41.29 6.29 17.47
N ALA C 614 -42.51 5.75 17.37
CA ALA C 614 -42.71 4.31 17.42
C ALA C 614 -42.16 3.64 16.17
N GLY C 615 -42.23 4.33 15.04
CA GLY C 615 -41.59 3.84 13.83
C GLY C 615 -40.08 3.82 13.93
N VAL C 616 -39.50 4.82 14.60
CA VAL C 616 -38.04 4.89 14.80
C VAL C 616 -37.58 3.76 15.70
N PHE C 617 -38.31 3.52 16.79
CA PHE C 617 -37.94 2.47 17.74
C PHE C 617 -38.20 1.08 17.16
N SER C 618 -39.30 0.90 16.41
CA SER C 618 -39.61 -0.41 15.87
C SER C 618 -38.74 -0.76 14.68
N ASP C 619 -38.40 0.24 13.85
CA ASP C 619 -37.48 0.00 12.74
C ASP C 619 -36.06 -0.16 13.23
N ALA C 620 -35.74 0.40 14.39
CA ALA C 620 -34.44 0.15 14.99
C ALA C 620 -34.36 -1.24 15.59
N GLY C 621 -35.48 -1.79 16.02
CA GLY C 621 -35.47 -3.05 16.74
C GLY C 621 -35.50 -2.82 18.23
N LEU C 622 -36.46 -2.00 18.67
CA LEU C 622 -36.61 -1.68 20.09
C LEU C 622 -38.08 -1.60 20.43
N THR C 623 -38.38 -1.85 21.70
CA THR C 623 -39.67 -1.52 22.29
C THR C 623 -39.42 -0.43 23.33
N PHE C 624 -40.06 0.70 23.14
CA PHE C 624 -40.10 1.77 24.11
C PHE C 624 -41.47 1.72 24.76
N THR C 625 -41.52 1.71 26.09
CA THR C 625 -42.79 1.71 26.80
C THR C 625 -42.74 2.75 27.90
N SER C 626 -43.82 3.52 28.04
CA SER C 626 -43.86 4.62 28.98
C SER C 626 -44.93 4.38 30.04
N SER C 627 -44.83 5.13 31.13
CA SER C 627 -45.85 5.07 32.17
C SER C 627 -47.12 5.80 31.76
N SER C 628 -47.00 6.82 30.91
CA SER C 628 -48.16 7.58 30.46
C SER C 628 -48.82 6.98 29.23
N GLY C 629 -48.23 5.95 28.63
CA GLY C 629 -48.87 5.27 27.52
C GLY C 629 -48.35 5.70 26.16
N GLN C 630 -47.04 5.81 26.02
CA GLN C 630 -46.40 6.18 24.76
C GLN C 630 -45.68 4.99 24.14
N GLN C 631 -46.29 3.81 24.22
CA GLN C 631 -45.65 2.59 23.78
C GLN C 631 -45.62 2.49 22.27
N THR C 632 -44.66 1.70 21.77
CA THR C 632 -44.60 1.43 20.35
C THR C 632 -45.59 0.34 19.98
N ALA C 633 -45.83 0.20 18.68
CA ALA C 633 -46.61 -0.92 18.17
C ALA C 633 -45.82 -2.21 18.35
N GLN C 634 -46.53 -3.30 18.67
CA GLN C 634 -45.87 -4.52 19.06
C GLN C 634 -45.29 -5.25 17.84
N ARG C 635 -44.30 -6.10 18.11
CA ARG C 635 -43.70 -6.94 17.09
C ARG C 635 -44.25 -8.35 17.23
N ALA C 636 -44.81 -8.87 16.15
CA ALA C 636 -45.38 -10.21 16.18
C ALA C 636 -44.77 -11.16 15.16
N GLU C 637 -43.86 -10.68 14.32
CA GLU C 637 -43.26 -11.49 13.27
C GLU C 637 -41.78 -11.71 13.59
N LEU C 638 -41.28 -12.90 13.25
CA LEU C 638 -39.88 -13.22 13.50
C LEU C 638 -38.97 -12.43 12.58
N GLN C 639 -39.36 -12.27 11.32
CA GLN C 639 -38.59 -11.51 10.34
C GLN C 639 -39.41 -10.30 9.95
N CYS C 640 -38.82 -9.11 10.10
CA CYS C 640 -39.52 -7.89 9.74
C CYS C 640 -39.53 -7.76 8.21
N PRO C 641 -40.67 -7.35 7.62
CA PRO C 641 -40.99 -7.79 6.27
C PRO C 641 -40.31 -6.96 5.19
N GLN C 642 -40.67 -7.29 3.95
CA GLN C 642 -40.10 -6.70 2.74
C GLN C 642 -41.24 -6.39 1.78
N PRO C 643 -41.07 -5.41 0.90
CA PRO C 643 -42.09 -5.18 -0.13
C PRO C 643 -42.04 -6.25 -1.23
N LEU C 729 24.35 -52.77 -21.15
CA LEU C 729 23.26 -52.59 -20.19
C LEU C 729 23.41 -51.27 -19.44
N ASP C 730 24.60 -50.68 -19.54
CA ASP C 730 25.08 -49.46 -18.85
C ASP C 730 24.96 -49.70 -17.34
N GLU C 731 24.45 -48.73 -16.58
CA GLU C 731 24.27 -48.90 -15.14
C GLU C 731 22.86 -48.45 -14.78
N ASP C 732 22.33 -49.06 -13.71
CA ASP C 732 21.01 -48.68 -13.22
C ASP C 732 21.14 -47.39 -12.43
N ILE C 733 20.66 -46.30 -13.01
CA ILE C 733 20.86 -44.99 -12.42
C ILE C 733 19.86 -44.77 -11.27
N ILE C 734 18.70 -45.43 -11.36
CA ILE C 734 17.69 -45.40 -10.29
C ILE C 734 18.21 -46.12 -9.05
N ALA C 735 18.83 -47.28 -9.22
CA ALA C 735 19.35 -48.04 -8.08
C ALA C 735 20.59 -47.38 -7.49
N GLU C 736 21.31 -46.58 -8.27
CA GLU C 736 22.39 -45.78 -7.71
C GLU C 736 21.86 -44.56 -6.97
N GLU C 737 20.72 -44.01 -7.39
CA GLU C 737 20.20 -42.81 -6.76
C GLU C 737 19.58 -43.08 -5.40
N ASN C 738 19.09 -44.31 -5.17
CA ASN C 738 18.39 -44.77 -3.97
C ASN C 738 17.19 -43.87 -3.63
N ILE C 739 16.26 -43.81 -4.58
CA ILE C 739 15.14 -42.90 -4.46
C ILE C 739 14.12 -43.46 -3.49
N VAL C 740 13.84 -42.72 -2.43
CA VAL C 740 12.62 -42.94 -1.68
C VAL C 740 11.53 -42.13 -2.39
N SER C 741 10.33 -42.69 -2.43
CA SER C 741 9.31 -42.13 -3.30
C SER C 741 8.48 -41.12 -2.55
N ARG C 742 8.09 -40.07 -3.27
CA ARG C 742 7.06 -39.16 -2.78
C ARG C 742 5.75 -39.93 -2.74
N SER C 743 5.17 -40.07 -1.56
CA SER C 743 4.05 -40.98 -1.38
C SER C 743 2.87 -40.29 -0.71
N GLU C 744 3.16 -39.36 0.18
CA GLU C 744 2.12 -38.69 0.95
C GLU C 744 1.54 -37.57 0.11
N PHE C 745 0.44 -37.83 -0.58
CA PHE C 745 -0.31 -36.82 -1.31
C PHE C 745 -1.71 -36.73 -0.73
N PRO C 746 -1.91 -35.96 0.35
CA PRO C 746 -3.27 -35.74 0.81
C PRO C 746 -3.90 -34.54 0.14
N GLU C 747 -5.21 -34.62 -0.05
CA GLU C 747 -5.94 -33.48 -0.56
C GLU C 747 -6.17 -32.44 0.51
N SER C 748 -6.14 -32.84 1.78
CA SER C 748 -6.18 -31.89 2.88
C SER C 748 -5.40 -32.48 4.05
N TRP C 749 -4.69 -31.63 4.76
CA TRP C 749 -3.89 -32.03 5.92
C TRP C 749 -3.83 -30.83 6.86
N LEU C 750 -2.95 -30.95 7.88
CA LEU C 750 -2.75 -29.97 8.96
C LEU C 750 -4.05 -29.68 9.71
N TRP C 751 -4.71 -30.75 10.16
CA TRP C 751 -5.95 -30.63 10.92
C TRP C 751 -5.62 -30.53 12.41
N ASN C 752 -5.03 -29.38 12.76
CA ASN C 752 -4.38 -29.21 14.05
C ASN C 752 -5.07 -28.14 14.88
N VAL C 753 -4.94 -28.29 16.20
CA VAL C 753 -5.48 -27.34 17.17
C VAL C 753 -4.30 -26.80 17.97
N GLU C 754 -4.14 -25.48 17.97
CA GLU C 754 -3.06 -24.82 18.70
C GLU C 754 -3.67 -23.84 19.69
N ASP C 755 -2.88 -23.51 20.71
CA ASP C 755 -3.27 -22.50 21.69
C ASP C 755 -2.14 -21.50 21.79
N LEU C 756 -2.47 -20.22 21.68
CA LEU C 756 -1.47 -19.16 21.73
C LEU C 756 -1.25 -18.76 23.18
N LYS C 757 -0.38 -19.49 23.85
CA LYS C 757 -0.06 -19.26 25.26
C LYS C 757 1.22 -18.46 25.43
N GLU C 758 1.76 -17.91 24.34
CA GLU C 758 2.92 -17.03 24.44
C GLU C 758 2.54 -15.70 25.08
N PRO C 759 3.47 -15.04 25.76
CA PRO C 759 3.20 -13.69 26.26
C PRO C 759 3.07 -12.69 25.12
N PRO C 760 2.04 -11.84 25.15
CA PRO C 760 1.76 -11.00 23.99
C PRO C 760 2.66 -9.78 23.91
N LYS C 761 2.86 -9.32 22.68
CA LYS C 761 3.41 -8.00 22.41
C LYS C 761 2.28 -7.19 21.80
N ASN C 762 1.92 -6.08 22.48
CA ASN C 762 0.81 -5.17 22.14
C ASN C 762 -0.54 -5.89 22.03
N GLY C 763 -0.75 -6.92 22.84
CA GLY C 763 -1.96 -7.72 22.75
C GLY C 763 -1.94 -8.77 21.65
N ILE C 764 -0.81 -9.02 21.01
CA ILE C 764 -0.71 -9.98 19.91
C ILE C 764 0.30 -11.04 20.31
N SER C 765 -0.14 -12.30 20.34
CA SER C 765 0.72 -13.43 20.65
C SER C 765 1.17 -14.11 19.36
N THR C 766 2.44 -14.44 19.29
CA THR C 766 3.06 -15.00 18.09
C THR C 766 3.55 -16.41 18.39
N LYS C 767 3.10 -17.37 17.60
CA LYS C 767 3.48 -18.76 17.74
C LYS C 767 4.21 -19.21 16.49
N LEU C 768 5.29 -19.96 16.67
CA LEU C 768 6.02 -20.56 15.56
C LEU C 768 5.73 -22.05 15.54
N MET C 769 5.42 -22.56 14.35
CA MET C 769 5.00 -23.95 14.18
C MET C 769 5.91 -24.61 13.17
N ASN C 770 6.52 -25.72 13.54
CA ASN C 770 7.40 -26.45 12.64
C ASN C 770 6.57 -27.56 11.99
N ILE C 771 6.11 -27.30 10.76
CA ILE C 771 5.32 -28.27 10.03
C ILE C 771 6.22 -28.95 9.02
N PHE C 772 5.79 -30.11 8.55
CA PHE C 772 6.48 -30.82 7.49
C PHE C 772 5.56 -30.84 6.28
N LEU C 773 6.03 -30.26 5.17
CA LEU C 773 5.22 -30.14 3.98
C LEU C 773 5.06 -31.49 3.30
N LYS C 774 3.87 -31.71 2.75
CA LYS C 774 3.56 -32.99 2.13
C LYS C 774 4.22 -33.09 0.76
N ASP C 775 4.15 -34.29 0.19
CA ASP C 775 4.95 -34.62 -0.98
C ASP C 775 4.35 -34.16 -2.29
N SER C 776 3.19 -33.50 -2.27
CA SER C 776 2.62 -33.00 -3.51
C SER C 776 3.35 -31.75 -3.97
N ILE C 777 3.39 -31.56 -5.29
CA ILE C 777 3.96 -30.36 -5.88
C ILE C 777 2.78 -29.54 -6.38
N THR C 778 2.40 -28.56 -5.56
CA THR C 778 1.20 -27.77 -5.75
C THR C 778 1.32 -26.52 -4.88
N THR C 779 0.23 -25.80 -4.73
CA THR C 779 0.13 -24.69 -3.80
C THR C 779 -0.84 -25.07 -2.70
N TRP C 780 -0.36 -25.06 -1.46
CA TRP C 780 -1.19 -25.33 -0.31
C TRP C 780 -1.81 -24.04 0.18
N GLU C 781 -3.12 -24.06 0.38
CA GLU C 781 -3.84 -22.96 0.98
C GLU C 781 -4.03 -23.31 2.45
N ILE C 782 -3.57 -22.44 3.34
CA ILE C 782 -3.64 -22.66 4.78
C ILE C 782 -4.63 -21.66 5.34
N LEU C 783 -5.66 -22.17 5.99
CA LEU C 783 -6.73 -21.37 6.55
C LEU C 783 -6.78 -21.62 8.05
N ALA C 784 -6.77 -20.54 8.83
CA ALA C 784 -6.77 -20.64 10.28
C ALA C 784 -7.90 -19.81 10.85
N VAL C 785 -8.58 -20.38 11.84
CA VAL C 785 -9.64 -19.70 12.57
C VAL C 785 -9.23 -19.60 14.03
N SER C 786 -9.20 -18.39 14.57
CA SER C 786 -8.90 -18.16 15.98
C SER C 786 -10.21 -18.00 16.73
N MET C 787 -10.28 -18.60 17.91
CA MET C 787 -11.50 -18.62 18.69
C MET C 787 -11.09 -18.20 20.10
N SER C 788 -11.42 -16.97 20.49
CA SER C 788 -10.96 -16.38 21.73
C SER C 788 -12.12 -15.99 22.61
N ASP C 789 -11.88 -16.01 23.93
CA ASP C 789 -12.93 -15.78 24.92
C ASP C 789 -13.37 -14.32 24.95
N LYS C 790 -12.43 -13.38 24.82
CA LYS C 790 -12.77 -11.97 24.86
C LYS C 790 -12.86 -11.33 23.49
N LYS C 791 -12.25 -11.92 22.47
CA LYS C 791 -12.29 -11.36 21.13
C LYS C 791 -13.30 -12.04 20.21
N GLY C 792 -13.49 -13.34 20.33
CA GLY C 792 -14.47 -14.00 19.48
C GLY C 792 -13.86 -14.84 18.37
N ILE C 793 -14.55 -14.94 17.24
CA ILE C 793 -14.12 -15.79 16.14
C ILE C 793 -13.54 -14.92 15.04
N CYS C 794 -12.32 -15.23 14.60
CA CYS C 794 -11.68 -14.51 13.52
C CYS C 794 -11.15 -15.52 12.51
N VAL C 795 -11.56 -15.36 11.25
CA VAL C 795 -11.06 -16.21 10.17
C VAL C 795 -9.97 -15.44 9.45
N ALA C 796 -8.78 -16.03 9.38
CA ALA C 796 -7.65 -15.37 8.77
C ALA C 796 -7.76 -15.36 7.25
N ASP C 797 -6.98 -14.48 6.63
CA ASP C 797 -6.77 -14.57 5.20
C ASP C 797 -5.97 -15.82 4.88
N PRO C 798 -6.26 -16.51 3.78
CA PRO C 798 -5.56 -17.76 3.49
C PRO C 798 -4.13 -17.51 3.03
N PHE C 799 -3.22 -18.35 3.51
CA PHE C 799 -1.80 -18.21 3.23
C PHE C 799 -1.38 -19.32 2.28
N GLU C 800 -0.70 -18.96 1.19
CA GLU C 800 -0.40 -19.90 0.13
C GLU C 800 1.08 -20.25 0.14
N VAL C 801 1.37 -21.55 0.16
CA VAL C 801 2.73 -22.07 0.09
C VAL C 801 2.87 -22.81 -1.23
N THR C 802 3.68 -22.30 -2.13
CA THR C 802 3.91 -22.98 -3.41
C THR C 802 5.13 -23.88 -3.28
N VAL C 803 4.90 -25.17 -3.40
CA VAL C 803 5.96 -26.17 -3.33
C VAL C 803 6.30 -26.60 -4.75
N MET C 804 7.58 -26.54 -5.12
CA MET C 804 7.98 -26.81 -6.49
C MET C 804 9.41 -27.30 -6.53
N GLN C 805 9.65 -28.35 -7.32
CA GLN C 805 10.98 -28.78 -7.73
C GLN C 805 11.24 -28.34 -9.15
N ASP C 806 12.50 -28.43 -9.57
CA ASP C 806 12.83 -28.05 -10.94
C ASP C 806 12.56 -29.18 -11.92
N PHE C 807 12.69 -30.43 -11.47
CA PHE C 807 12.33 -31.59 -12.27
C PHE C 807 11.50 -32.51 -11.41
N PHE C 808 10.37 -32.97 -11.92
CA PHE C 808 9.53 -33.87 -11.12
C PHE C 808 8.67 -34.74 -12.03
N ILE C 809 7.89 -35.62 -11.38
CA ILE C 809 6.97 -36.53 -12.02
C ILE C 809 5.56 -36.21 -11.55
N ASP C 810 4.61 -36.19 -12.49
CA ASP C 810 3.19 -36.11 -12.16
C ASP C 810 2.54 -37.37 -12.71
N LEU C 811 2.06 -38.23 -11.83
CA LEU C 811 1.46 -39.50 -12.23
C LEU C 811 -0.04 -39.27 -12.40
N ARG C 812 -0.49 -39.17 -13.64
CA ARG C 812 -1.90 -38.88 -13.91
C ARG C 812 -2.70 -40.18 -13.94
N LEU C 813 -2.94 -40.71 -12.75
CA LEU C 813 -3.73 -41.90 -12.61
C LEU C 813 -5.22 -41.57 -12.75
N PRO C 814 -6.03 -42.50 -13.26
CA PRO C 814 -7.48 -42.32 -13.17
C PRO C 814 -7.96 -42.61 -11.75
N TYR C 815 -9.22 -42.25 -11.49
CA TYR C 815 -9.79 -42.49 -10.18
C TYR C 815 -10.04 -43.97 -9.94
N SER C 816 -10.93 -44.56 -10.73
CA SER C 816 -11.26 -45.97 -10.61
C SER C 816 -11.02 -46.64 -11.96
N VAL C 817 -10.37 -47.78 -11.93
CA VAL C 817 -10.13 -48.58 -13.12
C VAL C 817 -10.81 -49.92 -12.91
N VAL C 818 -11.74 -50.28 -13.79
CA VAL C 818 -12.41 -51.56 -13.64
C VAL C 818 -11.47 -52.68 -14.09
N ARG C 819 -11.76 -53.89 -13.61
CA ARG C 819 -10.79 -54.97 -13.61
C ARG C 819 -10.70 -55.66 -14.97
N ASN C 820 -9.48 -56.15 -15.26
CA ASN C 820 -9.18 -57.14 -16.31
C ASN C 820 -9.41 -56.60 -17.73
N GLU C 821 -9.01 -55.36 -17.94
CA GLU C 821 -8.86 -54.82 -19.29
C GLU C 821 -7.75 -53.79 -19.25
N GLN C 822 -7.20 -53.49 -20.43
CA GLN C 822 -6.08 -52.57 -20.51
C GLN C 822 -6.50 -51.14 -20.25
N VAL C 823 -5.65 -50.41 -19.53
CA VAL C 823 -5.73 -48.96 -19.44
C VAL C 823 -4.34 -48.41 -19.69
N GLU C 824 -4.32 -47.14 -20.07
CA GLU C 824 -3.07 -46.43 -20.25
C GLU C 824 -2.96 -45.34 -19.21
N ILE C 825 -1.88 -45.37 -18.44
CA ILE C 825 -1.59 -44.33 -17.47
C ILE C 825 -0.42 -43.51 -18.00
N ARG C 826 -0.35 -42.27 -17.56
CA ARG C 826 0.66 -41.34 -18.03
C ARG C 826 1.50 -40.86 -16.85
N ALA C 827 2.81 -40.87 -17.03
CA ALA C 827 3.73 -40.23 -16.09
C ALA C 827 4.30 -39.02 -16.82
N VAL C 828 3.87 -37.84 -16.43
CA VAL C 828 4.32 -36.62 -17.09
C VAL C 828 5.52 -36.10 -16.32
N LEU C 829 6.70 -36.22 -16.92
CA LEU C 829 7.91 -35.68 -16.34
C LEU C 829 8.04 -34.22 -16.75
N TYR C 830 8.20 -33.34 -15.77
CA TYR C 830 8.31 -31.90 -15.98
C TYR C 830 9.74 -31.48 -15.73
N ASN C 831 10.29 -30.70 -16.66
CA ASN C 831 11.62 -30.12 -16.53
C ASN C 831 11.47 -28.62 -16.68
N TYR C 832 11.94 -27.88 -15.68
CA TYR C 832 11.77 -26.43 -15.64
C TYR C 832 13.10 -25.70 -15.60
N ARG C 833 14.15 -26.32 -16.12
CA ARG C 833 15.40 -25.61 -16.33
C ARG C 833 15.27 -24.69 -17.54
N GLN C 834 15.99 -23.58 -17.49
CA GLN C 834 15.89 -22.61 -18.57
C GLN C 834 16.66 -23.04 -19.81
N ASN C 835 17.84 -23.62 -19.63
CA ASN C 835 18.75 -23.84 -20.76
C ASN C 835 19.30 -25.26 -20.76
N GLN C 836 18.56 -26.24 -20.24
CA GLN C 836 19.08 -27.60 -20.12
C GLN C 836 18.09 -28.60 -20.69
N GLU C 837 18.56 -29.44 -21.59
CA GLU C 837 17.78 -30.53 -22.18
C GLU C 837 18.12 -31.80 -21.41
N LEU C 838 17.15 -32.31 -20.65
CA LEU C 838 17.44 -33.38 -19.71
C LEU C 838 17.34 -34.74 -20.38
N LYS C 839 18.21 -35.65 -19.97
CA LYS C 839 18.14 -37.06 -20.36
C LYS C 839 17.78 -37.83 -19.10
N VAL C 840 16.56 -38.37 -19.07
CA VAL C 840 15.95 -38.90 -17.85
C VAL C 840 15.72 -40.39 -18.04
N ARG C 841 16.22 -41.20 -17.12
CA ARG C 841 15.90 -42.62 -17.10
C ARG C 841 14.69 -42.82 -16.20
N VAL C 842 13.60 -43.34 -16.77
CA VAL C 842 12.32 -43.43 -16.07
C VAL C 842 11.88 -44.89 -16.04
N GLU C 843 11.35 -45.31 -14.89
CA GLU C 843 11.09 -46.72 -14.62
C GLU C 843 9.75 -46.86 -13.93
N LEU C 844 8.92 -47.78 -14.42
CA LEU C 844 7.71 -48.20 -13.73
C LEU C 844 8.05 -49.44 -12.91
N LEU C 845 7.75 -49.38 -11.62
CA LEU C 845 8.08 -50.50 -10.74
C LEU C 845 7.12 -51.66 -10.96
N HIS C 846 7.65 -52.88 -10.92
CA HIS C 846 6.87 -54.05 -11.27
C HIS C 846 5.99 -54.47 -10.09
N ASN C 847 4.79 -53.94 -10.06
CA ASN C 847 3.76 -54.47 -9.17
C ASN C 847 3.26 -55.80 -9.72
N PRO C 848 3.17 -56.85 -8.89
CA PRO C 848 2.60 -58.11 -9.37
C PRO C 848 1.09 -58.07 -9.58
N ALA C 849 0.40 -57.05 -9.07
CA ALA C 849 -1.04 -56.95 -9.26
C ALA C 849 -1.41 -56.51 -10.66
N PHE C 850 -0.49 -55.90 -11.41
CA PHE C 850 -0.77 -55.44 -12.76
C PHE C 850 -0.08 -56.34 -13.77
N CYS C 851 -0.80 -56.66 -14.84
CA CYS C 851 -0.20 -57.36 -15.97
C CYS C 851 0.41 -56.33 -16.91
N SER C 852 1.69 -56.47 -17.18
CA SER C 852 2.39 -55.58 -18.10
C SER C 852 3.38 -56.43 -18.90
N LEU C 853 4.29 -55.76 -19.59
CA LEU C 853 5.30 -56.46 -20.37
C LEU C 853 6.35 -57.10 -19.47
N ALA C 854 7.05 -58.10 -20.01
CA ALA C 854 8.13 -58.78 -19.30
C ALA C 854 9.44 -58.47 -20.02
N THR C 855 10.04 -57.36 -19.64
CA THR C 855 11.16 -56.78 -20.38
C THR C 855 12.45 -57.56 -20.14
N THR C 856 13.42 -57.34 -21.04
CA THR C 856 14.70 -58.03 -20.98
C THR C 856 15.57 -57.56 -19.82
N LYS C 857 15.34 -56.36 -19.32
CA LYS C 857 16.02 -55.87 -18.14
C LYS C 857 15.31 -56.26 -16.85
N ARG C 858 14.15 -56.93 -16.95
CA ARG C 858 13.20 -57.35 -15.92
C ARG C 858 12.60 -56.19 -15.14
N ARG C 859 12.63 -54.97 -15.69
CA ARG C 859 12.03 -53.79 -15.08
C ARG C 859 11.69 -52.85 -16.23
N HIS C 860 10.50 -52.28 -16.18
CA HIS C 860 9.98 -51.51 -17.32
C HIS C 860 10.57 -50.11 -17.26
N GLN C 861 11.73 -49.93 -17.85
CA GLN C 861 12.42 -48.66 -17.83
C GLN C 861 12.83 -48.25 -19.24
N GLN C 862 12.98 -46.94 -19.42
CA GLN C 862 13.38 -46.37 -20.70
C GLN C 862 14.09 -45.05 -20.48
N THR C 863 14.96 -44.71 -21.42
CA THR C 863 15.66 -43.44 -21.41
C THR C 863 14.93 -42.48 -22.33
N VAL C 864 14.48 -41.35 -21.80
CA VAL C 864 13.77 -40.35 -22.58
C VAL C 864 14.53 -39.03 -22.47
N THR C 865 14.13 -38.06 -23.29
CA THR C 865 14.73 -36.74 -23.25
C THR C 865 13.63 -35.68 -23.20
N ILE C 866 13.90 -34.63 -22.42
CA ILE C 866 12.94 -33.56 -22.19
C ILE C 866 13.58 -32.24 -22.63
N PRO C 867 12.93 -31.46 -23.49
CA PRO C 867 13.42 -30.11 -23.80
C PRO C 867 13.23 -29.16 -22.62
N PRO C 868 13.98 -28.07 -22.54
CA PRO C 868 13.86 -27.17 -21.39
C PRO C 868 12.54 -26.41 -21.33
N LYS C 869 12.12 -26.15 -20.09
CA LYS C 869 10.83 -25.51 -19.72
C LYS C 869 9.64 -26.25 -20.32
N SER C 870 9.67 -27.57 -20.26
CA SER C 870 8.66 -28.36 -20.95
C SER C 870 8.40 -29.66 -20.21
N SER C 871 7.36 -30.35 -20.65
CA SER C 871 6.92 -31.61 -20.08
C SER C 871 7.03 -32.71 -21.12
N LEU C 872 6.89 -33.94 -20.66
CA LEU C 872 6.92 -35.10 -21.53
C LEU C 872 6.13 -36.22 -20.89
N SER C 873 5.14 -36.75 -21.57
CA SER C 873 4.27 -37.79 -21.03
C SER C 873 4.79 -39.15 -21.47
N VAL C 874 5.06 -40.02 -20.50
CA VAL C 874 5.46 -41.40 -20.75
C VAL C 874 4.24 -42.28 -20.56
N PRO C 875 3.82 -43.04 -21.56
CA PRO C 875 2.65 -43.92 -21.39
C PRO C 875 3.01 -45.31 -20.92
N TYR C 876 2.09 -45.89 -20.15
CA TYR C 876 2.27 -47.24 -19.63
C TYR C 876 0.93 -47.97 -19.73
N VAL C 877 0.92 -49.13 -20.34
CA VAL C 877 -0.30 -49.93 -20.39
C VAL C 877 -0.27 -50.95 -19.25
N ILE C 878 -1.39 -51.05 -18.56
CA ILE C 878 -1.52 -51.96 -17.43
C ILE C 878 -2.87 -52.65 -17.50
N VAL C 879 -2.88 -53.93 -17.15
CA VAL C 879 -4.11 -54.68 -16.89
C VAL C 879 -4.15 -54.93 -15.39
N PRO C 880 -5.04 -54.28 -14.64
CA PRO C 880 -5.17 -54.61 -13.22
C PRO C 880 -5.91 -55.93 -13.05
N LEU C 881 -5.39 -56.77 -12.15
CA LEU C 881 -5.90 -58.10 -11.98
C LEU C 881 -6.59 -58.33 -10.65
N LYS C 882 -6.28 -57.55 -9.63
CA LYS C 882 -6.90 -57.69 -8.31
C LYS C 882 -7.55 -56.38 -7.92
N THR C 883 -8.71 -56.48 -7.28
CA THR C 883 -9.45 -55.32 -6.83
C THR C 883 -8.81 -54.72 -5.59
N GLY C 884 -9.21 -53.51 -5.26
CA GLY C 884 -8.74 -52.84 -4.07
C GLY C 884 -7.80 -51.69 -4.41
N LEU C 885 -7.16 -51.16 -3.37
CA LEU C 885 -6.23 -50.05 -3.54
C LEU C 885 -4.88 -50.62 -3.96
N GLN C 886 -4.50 -50.39 -5.22
CA GLN C 886 -3.25 -50.94 -5.73
C GLN C 886 -2.27 -49.81 -6.02
N GLU C 887 -1.00 -50.17 -6.14
CA GLU C 887 0.09 -49.24 -5.96
C GLU C 887 0.90 -49.12 -7.24
N VAL C 888 1.06 -47.89 -7.73
CA VAL C 888 1.82 -47.60 -8.94
C VAL C 888 2.99 -46.73 -8.55
N GLU C 889 4.20 -47.17 -8.85
CA GLU C 889 5.42 -46.44 -8.52
C GLU C 889 6.21 -46.14 -9.78
N VAL C 890 6.53 -44.87 -9.99
CA VAL C 890 7.34 -44.43 -11.12
C VAL C 890 8.53 -43.68 -10.57
N LYS C 891 9.73 -44.16 -10.86
CA LYS C 891 10.97 -43.55 -10.41
C LYS C 891 11.74 -43.04 -11.61
N ALA C 892 12.13 -41.76 -11.57
CA ALA C 892 12.89 -41.17 -12.66
C ALA C 892 14.14 -40.52 -12.10
N ALA C 893 15.23 -40.58 -12.86
CA ALA C 893 16.46 -39.96 -12.40
C ALA C 893 17.23 -39.41 -13.60
N VAL C 894 17.79 -38.23 -13.42
CA VAL C 894 18.43 -37.50 -14.51
C VAL C 894 19.83 -38.04 -14.73
N TYR C 895 20.19 -38.27 -15.99
CA TYR C 895 21.57 -38.56 -16.33
C TYR C 895 22.41 -37.31 -16.14
N HIS C 896 23.65 -37.50 -15.67
CA HIS C 896 24.70 -36.50 -15.47
C HIS C 896 24.30 -35.37 -14.51
N HIS C 897 23.33 -35.59 -13.63
CA HIS C 897 22.91 -34.62 -12.63
C HIS C 897 22.52 -35.40 -11.38
N PHE C 898 22.77 -34.83 -10.22
CA PHE C 898 22.66 -35.62 -8.98
C PHE C 898 21.31 -35.47 -8.31
N ILE C 899 20.24 -35.77 -9.07
CA ILE C 899 18.87 -35.51 -8.66
C ILE C 899 17.95 -36.57 -9.27
N SER C 900 16.78 -36.72 -8.66
CA SER C 900 15.83 -37.77 -9.01
C SER C 900 14.48 -37.39 -8.45
N ASP C 901 13.47 -38.19 -8.82
CA ASP C 901 12.15 -38.11 -8.22
C ASP C 901 11.49 -39.47 -8.29
N GLY C 902 10.49 -39.68 -7.45
CA GLY C 902 9.73 -40.90 -7.51
C GLY C 902 8.34 -40.69 -6.94
N VAL C 903 7.32 -41.09 -7.68
CA VAL C 903 5.93 -40.90 -7.25
C VAL C 903 5.31 -42.28 -7.08
N ARG C 904 4.80 -42.54 -5.88
CA ARG C 904 4.12 -43.78 -5.54
C ARG C 904 2.68 -43.40 -5.18
N LYS C 905 1.73 -43.83 -5.99
CA LYS C 905 0.34 -43.46 -5.82
C LYS C 905 -0.55 -44.69 -5.88
N SER C 906 -1.62 -44.67 -5.09
CA SER C 906 -2.55 -45.79 -5.02
C SER C 906 -3.82 -45.43 -5.77
N LEU C 907 -4.26 -46.33 -6.63
CA LEU C 907 -5.48 -46.18 -7.41
C LEU C 907 -6.45 -47.31 -7.07
N LYS C 908 -7.73 -47.00 -7.16
CA LYS C 908 -8.78 -47.97 -6.83
C LYS C 908 -9.05 -48.84 -8.03
N VAL C 909 -9.04 -50.15 -7.83
CA VAL C 909 -9.44 -51.11 -8.84
C VAL C 909 -10.78 -51.68 -8.40
N VAL C 910 -11.82 -51.37 -9.17
CA VAL C 910 -13.19 -51.79 -8.88
C VAL C 910 -13.48 -53.01 -9.74
N PRO C 911 -14.46 -53.85 -9.39
CA PRO C 911 -14.84 -54.94 -10.30
C PRO C 911 -15.59 -54.41 -11.52
N GLU C 912 -15.84 -55.34 -12.45
CA GLU C 912 -16.27 -55.00 -13.81
C GLU C 912 -17.70 -54.48 -13.89
N GLY C 913 -18.50 -54.69 -12.86
CA GLY C 913 -19.88 -54.28 -12.92
C GLY C 913 -20.10 -52.84 -12.50
N ILE C 914 -21.35 -52.41 -12.61
CA ILE C 914 -21.77 -51.05 -12.27
C ILE C 914 -22.63 -51.09 -11.01
N ARG C 915 -22.62 -49.99 -10.29
CA ARG C 915 -23.45 -49.83 -9.10
C ARG C 915 -24.84 -49.36 -9.50
N MET C 916 -25.89 -50.09 -9.09
CA MET C 916 -27.21 -49.47 -9.09
C MET C 916 -27.92 -49.88 -7.80
N ASN C 917 -29.17 -49.48 -7.73
CA ASN C 917 -29.85 -49.22 -6.48
C ASN C 917 -31.34 -49.47 -6.63
N LYS C 918 -31.81 -50.49 -5.89
CA LYS C 918 -33.13 -51.07 -6.06
C LYS C 918 -33.81 -51.15 -4.71
N THR C 919 -35.13 -51.25 -4.73
CA THR C 919 -35.92 -51.27 -3.51
C THR C 919 -36.31 -52.70 -3.18
N VAL C 920 -35.85 -53.16 -2.00
CA VAL C 920 -36.24 -54.49 -1.54
C VAL C 920 -37.64 -54.45 -0.92
N ALA C 921 -37.90 -53.48 -0.05
CA ALA C 921 -39.16 -53.47 0.67
C ALA C 921 -39.68 -52.06 0.89
N VAL C 922 -40.98 -51.87 0.67
CA VAL C 922 -41.74 -50.71 1.12
C VAL C 922 -42.90 -51.26 1.95
N ARG C 923 -42.92 -50.92 3.24
CA ARG C 923 -43.92 -51.47 4.16
C ARG C 923 -44.52 -50.34 4.99
N THR C 924 -45.84 -50.31 5.09
CA THR C 924 -46.52 -49.33 5.91
C THR C 924 -46.75 -49.91 7.30
N LEU C 925 -46.21 -49.24 8.32
CA LEU C 925 -46.32 -49.69 9.70
C LEU C 925 -47.50 -49.00 10.36
N ASP C 926 -48.45 -49.80 10.83
CA ASP C 926 -49.60 -49.30 11.58
C ASP C 926 -49.98 -50.38 12.58
N PRO C 927 -49.51 -50.28 13.83
CA PRO C 927 -49.74 -51.36 14.80
C PRO C 927 -51.15 -51.43 15.34
N GLU C 928 -51.94 -50.36 15.22
CA GLU C 928 -53.34 -50.37 15.60
C GLU C 928 -54.24 -50.88 14.50
N ARG C 929 -53.70 -51.15 13.31
CA ARG C 929 -54.48 -51.63 12.19
C ARG C 929 -53.99 -52.99 11.68
N LEU C 930 -52.69 -53.20 11.61
CA LEU C 930 -52.13 -54.48 11.20
C LEU C 930 -51.54 -55.20 12.39
N GLY C 931 -51.36 -56.51 12.23
CA GLY C 931 -50.81 -57.32 13.30
C GLY C 931 -51.86 -57.73 14.32
N ARG C 932 -51.37 -58.11 15.49
CA ARG C 932 -52.22 -58.54 16.59
C ARG C 932 -51.64 -57.99 17.90
N GLU C 933 -52.52 -57.92 18.91
CA GLU C 933 -52.27 -57.50 20.32
C GLU C 933 -51.54 -56.15 20.46
N GLY C 934 -51.75 -55.26 19.50
CA GLY C 934 -51.13 -53.94 19.54
C GLY C 934 -49.77 -53.84 18.91
N VAL C 935 -49.17 -54.96 18.51
CA VAL C 935 -47.85 -54.96 17.88
C VAL C 935 -47.98 -55.43 16.44
N GLN C 936 -46.89 -55.26 15.69
CA GLN C 936 -46.85 -55.69 14.30
C GLN C 936 -45.42 -56.14 13.98
N LYS C 937 -45.27 -57.41 13.63
CA LYS C 937 -43.97 -57.98 13.31
C LYS C 937 -43.86 -58.14 11.80
N GLU C 938 -42.82 -57.55 11.22
CA GLU C 938 -42.52 -57.65 9.80
C GLU C 938 -41.22 -58.40 9.63
N ASP C 939 -41.30 -59.59 9.05
CA ASP C 939 -40.14 -60.39 8.69
C ASP C 939 -39.60 -59.85 7.37
N ILE C 940 -38.58 -59.00 7.45
CA ILE C 940 -37.99 -58.43 6.24
C ILE C 940 -37.15 -59.51 5.55
N PRO C 941 -37.38 -59.77 4.27
CA PRO C 941 -36.59 -60.80 3.56
C PRO C 941 -35.18 -60.31 3.29
N PRO C 942 -34.23 -61.22 3.04
CA PRO C 942 -32.92 -60.79 2.54
C PRO C 942 -33.01 -60.33 1.10
N ALA C 943 -31.91 -59.72 0.64
CA ALA C 943 -31.89 -59.09 -0.66
C ALA C 943 -31.90 -60.12 -1.78
N ASP C 944 -32.66 -59.83 -2.83
CA ASP C 944 -33.00 -60.77 -3.89
C ASP C 944 -32.10 -60.60 -5.09
N LEU C 945 -30.81 -60.38 -4.84
CA LEU C 945 -29.89 -59.96 -5.88
C LEU C 945 -29.51 -61.14 -6.77
N SER C 946 -30.03 -61.12 -8.00
CA SER C 946 -29.76 -62.18 -8.96
C SER C 946 -28.77 -61.78 -10.04
N ASP C 947 -28.51 -60.49 -10.23
CA ASP C 947 -27.56 -60.01 -11.22
C ASP C 947 -26.27 -59.51 -10.59
N GLN C 948 -26.00 -59.89 -9.35
CA GLN C 948 -24.86 -59.38 -8.60
C GLN C 948 -23.57 -60.00 -9.13
N VAL C 949 -22.51 -59.19 -9.15
CA VAL C 949 -21.14 -59.68 -9.40
C VAL C 949 -20.74 -60.61 -8.26
N PRO C 950 -20.14 -61.77 -8.55
CA PRO C 950 -19.62 -62.63 -7.46
C PRO C 950 -18.45 -61.97 -6.74
N ASP C 951 -18.44 -62.16 -5.42
CA ASP C 951 -17.47 -61.60 -4.45
C ASP C 951 -17.44 -60.07 -4.53
N THR C 952 -18.56 -59.47 -4.13
CA THR C 952 -18.69 -58.03 -4.07
C THR C 952 -19.33 -57.63 -2.76
N GLU C 953 -19.37 -56.31 -2.53
CA GLU C 953 -19.92 -55.78 -1.29
C GLU C 953 -21.28 -55.15 -1.57
N SER C 954 -22.23 -55.45 -0.70
CA SER C 954 -23.57 -54.86 -0.75
C SER C 954 -23.88 -54.23 0.59
N GLU C 955 -24.68 -53.16 0.57
CA GLU C 955 -25.07 -52.46 1.78
C GLU C 955 -26.55 -52.13 1.70
N THR C 956 -27.31 -52.52 2.73
CA THR C 956 -28.73 -52.24 2.75
C THR C 956 -29.04 -51.11 3.73
N ARG C 957 -29.91 -50.20 3.30
CA ARG C 957 -30.31 -49.03 4.06
C ARG C 957 -31.75 -49.23 4.53
N ILE C 958 -31.96 -49.04 5.83
CA ILE C 958 -33.25 -49.23 6.48
C ILE C 958 -33.75 -47.85 6.90
N LEU C 959 -34.90 -47.46 6.35
CA LEU C 959 -35.44 -46.12 6.51
C LEU C 959 -36.74 -46.22 7.29
N LEU C 960 -36.75 -45.67 8.49
CA LEU C 960 -37.96 -45.55 9.30
C LEU C 960 -38.40 -44.09 9.28
N GLN C 961 -39.64 -43.85 8.87
CA GLN C 961 -40.13 -42.48 8.80
C GLN C 961 -41.57 -42.41 9.30
N GLY C 962 -41.81 -41.53 10.28
CA GLY C 962 -43.17 -41.31 10.75
C GLY C 962 -43.98 -40.44 9.81
N THR C 963 -45.31 -40.58 9.88
CA THR C 963 -46.21 -39.83 9.03
C THR C 963 -47.10 -38.93 9.87
N PRO C 964 -47.12 -37.62 9.64
CA PRO C 964 -48.00 -36.74 10.42
C PRO C 964 -49.45 -36.86 9.98
N VAL C 965 -50.34 -36.45 10.89
CA VAL C 965 -51.78 -36.50 10.66
C VAL C 965 -52.36 -35.10 10.84
N ALA C 966 -53.45 -34.84 10.12
CA ALA C 966 -54.06 -33.52 10.13
C ALA C 966 -55.59 -33.54 10.16
N GLN C 967 -56.24 -34.71 10.26
CA GLN C 967 -57.69 -34.76 10.35
C GLN C 967 -58.16 -34.32 11.72
N MET C 968 -57.34 -34.56 12.75
CA MET C 968 -57.68 -34.37 14.14
C MET C 968 -57.52 -32.92 14.63
N THR C 969 -56.80 -32.08 13.90
CA THR C 969 -56.85 -30.64 14.12
C THR C 969 -58.10 -30.08 13.47
N GLU C 970 -58.72 -29.10 14.14
CA GLU C 970 -60.00 -28.56 13.70
C GLU C 970 -59.93 -27.03 13.68
N ASP C 971 -61.08 -26.41 13.41
CA ASP C 971 -61.17 -24.96 13.27
C ASP C 971 -61.37 -24.30 14.64
N ALA C 972 -61.23 -22.98 14.65
CA ALA C 972 -61.42 -22.17 15.85
C ALA C 972 -62.23 -20.93 15.50
N VAL C 973 -62.89 -20.36 16.51
CA VAL C 973 -63.69 -19.16 16.32
C VAL C 973 -62.77 -17.95 16.20
N ASP C 974 -63.05 -17.10 15.22
CA ASP C 974 -62.25 -15.90 15.00
C ASP C 974 -62.45 -14.88 16.11
N ALA C 975 -61.36 -14.19 16.47
CA ALA C 975 -61.38 -13.23 17.57
C ALA C 975 -62.05 -11.91 17.19
N GLU C 976 -62.20 -11.63 15.89
CA GLU C 976 -62.79 -10.36 15.45
C GLU C 976 -64.29 -10.29 15.73
N ARG C 977 -64.94 -11.44 15.89
CA ARG C 977 -66.33 -11.48 16.36
C ARG C 977 -66.45 -11.45 17.87
N LEU C 978 -65.32 -11.43 18.60
CA LEU C 978 -65.35 -11.43 20.06
C LEU C 978 -65.04 -10.08 20.66
N LYS C 979 -64.87 -9.03 19.84
CA LYS C 979 -64.40 -7.73 20.32
C LYS C 979 -65.46 -6.97 21.11
N HIS C 980 -66.73 -7.37 21.01
CA HIS C 980 -67.77 -6.82 21.87
C HIS C 980 -67.85 -7.51 23.22
N LEU C 981 -67.06 -8.56 23.45
CA LEU C 981 -67.14 -9.28 24.71
C LEU C 981 -66.39 -8.58 25.85
N ILE C 982 -65.59 -7.57 25.53
CA ILE C 982 -64.85 -6.82 26.54
C ILE C 982 -65.79 -5.74 27.08
N VAL C 983 -66.35 -5.98 28.27
CA VAL C 983 -67.41 -5.15 28.83
C VAL C 983 -66.90 -4.51 30.12
N THR C 984 -66.99 -3.18 30.19
CA THR C 984 -66.64 -2.45 31.41
C THR C 984 -67.77 -2.57 32.42
N PRO C 985 -67.52 -3.10 33.62
CA PRO C 985 -68.64 -3.50 34.49
C PRO C 985 -69.10 -2.37 35.41
N SER C 986 -70.36 -2.48 35.83
CA SER C 986 -70.96 -1.62 36.84
C SER C 986 -72.19 -2.33 37.39
N GLY C 987 -72.83 -1.70 38.36
CA GLY C 987 -74.17 -2.06 38.77
C GLY C 987 -74.23 -2.73 40.12
N CYS C 988 -75.37 -3.40 40.36
CA CYS C 988 -75.63 -4.14 41.59
C CYS C 988 -75.08 -5.55 41.46
N GLY C 989 -75.46 -6.44 42.39
CA GLY C 989 -74.80 -7.72 42.59
C GLY C 989 -75.07 -8.78 41.55
N GLU C 990 -75.99 -8.53 40.61
CA GLU C 990 -76.22 -9.42 39.48
C GLU C 990 -75.85 -8.76 38.15
N GLN C 991 -76.04 -7.44 38.09
CA GLN C 991 -75.56 -6.63 36.98
C GLN C 991 -74.03 -6.60 36.93
N ASN C 992 -73.38 -6.76 38.09
CA ASN C 992 -71.93 -6.95 38.11
C ASN C 992 -71.52 -8.25 37.43
N MET C 993 -72.22 -9.36 37.67
CA MET C 993 -71.91 -10.62 36.98
C MET C 993 -72.23 -10.56 35.48
N ILE C 994 -73.25 -9.77 35.13
CA ILE C 994 -73.54 -9.47 33.73
C ILE C 994 -72.40 -8.68 33.09
N GLY C 995 -71.81 -7.74 33.84
CA GLY C 995 -70.62 -7.04 33.39
C GLY C 995 -69.34 -7.87 33.36
N MET C 996 -69.23 -8.85 34.28
CA MET C 996 -68.15 -9.84 34.32
C MET C 996 -68.05 -10.72 33.10
N THR C 997 -69.11 -11.50 32.87
CA THR C 997 -68.96 -12.86 32.33
C THR C 997 -68.40 -12.97 30.89
N PRO C 998 -68.82 -12.15 29.87
CA PRO C 998 -68.11 -12.19 28.58
C PRO C 998 -66.65 -11.75 28.62
N THR C 999 -66.27 -10.82 29.50
CA THR C 999 -64.88 -10.37 29.57
C THR C 999 -63.97 -11.45 30.14
N VAL C 1000 -64.44 -12.12 31.20
CA VAL C 1000 -63.69 -13.21 31.84
C VAL C 1000 -63.56 -14.39 30.88
N ILE C 1001 -64.65 -14.75 30.19
CA ILE C 1001 -64.54 -15.89 29.28
C ILE C 1001 -63.87 -15.49 27.96
N ALA C 1002 -63.81 -14.19 27.62
CA ALA C 1002 -63.08 -13.78 26.43
C ALA C 1002 -61.58 -13.84 26.67
N VAL C 1003 -61.14 -13.42 27.87
CA VAL C 1003 -59.74 -13.53 28.25
C VAL C 1003 -59.32 -14.99 28.38
N HIS C 1004 -60.21 -15.84 28.95
CA HIS C 1004 -59.91 -17.27 29.09
C HIS C 1004 -59.90 -18.00 27.75
N TYR C 1005 -60.84 -17.68 26.85
CA TYR C 1005 -60.90 -18.36 25.56
C TYR C 1005 -59.77 -17.92 24.64
N LEU C 1006 -59.42 -16.63 24.65
CA LEU C 1006 -58.29 -16.19 23.86
C LEU C 1006 -56.95 -16.57 24.47
N ASP C 1007 -56.92 -16.86 25.78
CA ASP C 1007 -55.72 -17.43 26.38
C ASP C 1007 -55.57 -18.91 26.02
N GLU C 1008 -56.69 -19.63 25.92
CA GLU C 1008 -56.61 -21.04 25.57
C GLU C 1008 -56.31 -21.24 24.08
N THR C 1009 -56.93 -20.44 23.21
CA THR C 1009 -56.68 -20.58 21.78
C THR C 1009 -55.36 -19.94 21.35
N GLU C 1010 -54.81 -19.04 22.18
CA GLU C 1010 -53.66 -18.18 21.88
C GLU C 1010 -53.85 -17.39 20.58
N GLN C 1011 -55.01 -16.75 20.48
CA GLN C 1011 -55.36 -15.90 19.35
C GLN C 1011 -55.14 -14.42 19.64
N TRP C 1012 -54.25 -14.10 20.59
CA TRP C 1012 -53.99 -12.72 20.94
C TRP C 1012 -53.12 -12.00 19.90
N GLU C 1013 -52.42 -12.75 19.06
CA GLU C 1013 -51.58 -12.15 18.02
C GLU C 1013 -52.43 -11.51 16.93
N LYS C 1014 -53.51 -12.18 16.53
CA LYS C 1014 -54.43 -11.63 15.54
C LYS C 1014 -55.44 -10.65 16.15
N PHE C 1015 -55.50 -10.56 17.48
CA PHE C 1015 -56.44 -9.67 18.16
C PHE C 1015 -55.79 -8.42 18.73
N GLY C 1016 -54.53 -8.51 19.17
CA GLY C 1016 -53.87 -7.38 19.79
C GLY C 1016 -53.45 -7.68 21.21
N LEU C 1017 -52.14 -7.67 21.46
CA LEU C 1017 -51.63 -8.06 22.78
C LEU C 1017 -51.84 -6.96 23.81
N GLU C 1018 -51.89 -5.70 23.38
CA GLU C 1018 -51.96 -4.56 24.30
C GLU C 1018 -53.33 -4.41 24.94
N LYS C 1019 -54.36 -5.08 24.41
CA LYS C 1019 -55.65 -5.14 25.10
C LYS C 1019 -55.66 -6.18 26.21
N ARG C 1020 -54.68 -7.09 26.22
CA ARG C 1020 -54.68 -8.23 27.13
C ARG C 1020 -54.48 -7.81 28.59
N GLN C 1021 -53.78 -6.70 28.80
CA GLN C 1021 -53.74 -6.12 30.14
C GLN C 1021 -55.07 -5.51 30.52
N GLY C 1022 -55.72 -4.81 29.57
CA GLY C 1022 -56.79 -3.88 29.92
C GLY C 1022 -58.06 -4.57 30.38
N ALA C 1023 -58.46 -5.63 29.67
CA ALA C 1023 -59.55 -6.49 30.14
C ALA C 1023 -59.16 -7.24 31.41
N LEU C 1024 -57.87 -7.52 31.59
CA LEU C 1024 -57.37 -8.07 32.84
C LEU C 1024 -57.47 -7.04 33.98
N GLU C 1025 -57.47 -5.75 33.66
CA GLU C 1025 -57.82 -4.75 34.67
C GLU C 1025 -59.30 -4.83 35.00
N LEU C 1026 -60.15 -5.13 34.00
CA LEU C 1026 -61.60 -5.18 34.20
C LEU C 1026 -62.01 -6.34 35.10
N ILE C 1027 -61.31 -7.47 34.95
CA ILE C 1027 -61.49 -8.60 35.86
C ILE C 1027 -60.94 -8.24 37.25
N LYS C 1028 -59.90 -7.40 37.30
CA LYS C 1028 -59.49 -6.85 38.59
C LYS C 1028 -60.50 -5.80 39.08
N LYS C 1029 -61.14 -5.09 38.14
CA LYS C 1029 -62.35 -4.34 38.46
C LYS C 1029 -63.51 -5.26 38.80
N GLY C 1030 -63.42 -6.51 38.33
CA GLY C 1030 -64.17 -7.59 38.95
C GLY C 1030 -64.00 -7.71 40.44
N TYR C 1031 -62.77 -7.96 40.90
CA TYR C 1031 -62.62 -8.62 42.20
C TYR C 1031 -62.70 -7.61 43.34
N THR C 1032 -62.68 -6.32 43.01
CA THR C 1032 -63.03 -5.29 43.98
C THR C 1032 -64.54 -5.18 44.18
N GLN C 1033 -65.32 -5.34 43.10
CA GLN C 1033 -66.72 -4.89 43.11
C GLN C 1033 -67.74 -5.97 43.47
N GLN C 1034 -67.31 -7.17 43.86
CA GLN C 1034 -68.27 -8.15 44.34
C GLN C 1034 -68.00 -8.56 45.80
N LEU C 1035 -66.78 -8.34 46.30
CA LEU C 1035 -66.52 -8.52 47.72
C LEU C 1035 -67.20 -7.45 48.58
N ALA C 1036 -67.56 -6.30 47.99
CA ALA C 1036 -68.48 -5.38 48.64
C ALA C 1036 -69.89 -5.96 48.71
N PHE C 1037 -70.30 -6.73 47.71
CA PHE C 1037 -71.61 -7.37 47.71
C PHE C 1037 -71.58 -8.78 48.27
N ARG C 1038 -70.45 -9.21 48.80
CA ARG C 1038 -70.36 -10.50 49.50
C ARG C 1038 -70.92 -10.33 50.90
N GLN C 1039 -71.86 -11.21 51.28
CA GLN C 1039 -72.44 -11.14 52.60
C GLN C 1039 -71.46 -11.69 53.65
N PRO C 1040 -71.58 -11.25 54.92
CA PRO C 1040 -70.67 -11.77 55.97
C PRO C 1040 -70.91 -13.22 56.37
N SER C 1041 -71.97 -13.88 55.90
CA SER C 1041 -72.19 -15.30 56.13
C SER C 1041 -71.60 -16.17 55.03
N SER C 1042 -70.58 -15.65 54.31
CA SER C 1042 -69.94 -16.26 53.13
C SER C 1042 -70.94 -16.62 52.05
N ALA C 1043 -71.89 -15.70 51.81
CA ALA C 1043 -72.95 -15.88 50.83
C ALA C 1043 -72.96 -14.68 49.89
N PHE C 1044 -73.70 -14.82 48.80
CA PHE C 1044 -73.76 -13.79 47.76
C PHE C 1044 -75.21 -13.49 47.41
N ALA C 1045 -75.57 -12.21 47.47
CA ALA C 1045 -76.90 -11.76 47.12
C ALA C 1045 -76.78 -10.53 46.21
N ALA C 1046 -77.94 -10.00 45.80
CA ALA C 1046 -77.94 -8.81 44.95
C ALA C 1046 -77.59 -7.57 45.75
N PHE C 1047 -78.05 -7.49 47.00
CA PHE C 1047 -77.74 -6.40 47.91
C PHE C 1047 -77.16 -6.99 49.20
N VAL C 1048 -76.75 -6.08 50.10
CA VAL C 1048 -76.34 -6.53 51.43
C VAL C 1048 -77.55 -6.88 52.29
N LYS C 1049 -78.72 -6.31 52.01
CA LYS C 1049 -79.95 -6.63 52.73
C LYS C 1049 -80.80 -7.65 51.98
N ARG C 1050 -80.40 -8.05 50.78
CA ARG C 1050 -81.11 -9.07 50.03
C ARG C 1050 -80.83 -10.43 50.64
N ALA C 1051 -81.84 -11.30 50.60
CA ALA C 1051 -81.68 -12.69 51.02
C ALA C 1051 -80.72 -13.42 50.06
N PRO C 1052 -79.89 -14.32 50.56
CA PRO C 1052 -78.93 -15.00 49.68
C PRO C 1052 -79.59 -16.06 48.82
N SER C 1053 -78.90 -16.40 47.73
CA SER C 1053 -79.37 -17.36 46.75
C SER C 1053 -78.40 -18.54 46.66
N THR C 1054 -78.95 -19.72 46.39
CA THR C 1054 -78.11 -20.87 46.09
C THR C 1054 -77.49 -20.73 44.70
N TRP C 1055 -78.30 -20.28 43.73
CA TRP C 1055 -77.87 -20.21 42.33
C TRP C 1055 -76.83 -19.11 42.11
N LEU C 1056 -77.02 -17.95 42.75
CA LEU C 1056 -76.10 -16.83 42.57
C LEU C 1056 -74.74 -17.12 43.21
N THR C 1057 -74.75 -17.72 44.41
CA THR C 1057 -73.52 -18.12 45.08
C THR C 1057 -72.80 -19.23 44.32
N ALA C 1058 -73.57 -20.18 43.76
CA ALA C 1058 -73.00 -21.26 42.96
C ALA C 1058 -72.39 -20.74 41.65
N TYR C 1059 -73.05 -19.77 41.00
CA TYR C 1059 -72.49 -19.26 39.76
C TYR C 1059 -71.32 -18.31 40.00
N VAL C 1060 -71.29 -17.64 41.16
CA VAL C 1060 -70.11 -16.88 41.59
C VAL C 1060 -68.93 -17.82 41.85
N VAL C 1061 -69.19 -18.99 42.45
CA VAL C 1061 -68.19 -20.04 42.63
C VAL C 1061 -67.70 -20.59 41.28
N LYS C 1062 -68.63 -20.76 40.33
CA LYS C 1062 -68.29 -21.28 39.01
C LYS C 1062 -67.46 -20.28 38.19
N VAL C 1063 -67.74 -18.98 38.34
CA VAL C 1063 -66.93 -17.96 37.69
C VAL C 1063 -65.55 -17.85 38.33
N PHE C 1064 -65.51 -17.83 39.67
CA PHE C 1064 -64.26 -17.62 40.40
C PHE C 1064 -63.35 -18.83 40.38
N SER C 1065 -63.87 -20.03 40.11
CA SER C 1065 -63.01 -21.20 39.96
C SER C 1065 -62.26 -21.14 38.63
N LEU C 1066 -62.94 -20.71 37.56
CA LEU C 1066 -62.27 -20.55 36.29
C LEU C 1066 -61.40 -19.29 36.25
N ALA C 1067 -61.66 -18.32 37.12
CA ALA C 1067 -60.83 -17.13 37.20
C ALA C 1067 -59.54 -17.32 37.99
N VAL C 1068 -59.37 -18.49 38.62
CA VAL C 1068 -58.19 -18.77 39.44
C VAL C 1068 -56.94 -18.88 38.58
N ASN C 1069 -57.07 -19.41 37.36
CA ASN C 1069 -55.95 -19.59 36.44
C ASN C 1069 -55.39 -18.28 35.88
N LEU C 1070 -56.09 -17.17 36.04
CA LEU C 1070 -55.66 -15.90 35.46
C LEU C 1070 -55.40 -14.81 36.49
N ILE C 1071 -56.21 -14.68 37.54
CA ILE C 1071 -56.03 -13.68 38.60
C ILE C 1071 -56.38 -14.34 39.93
N ALA C 1072 -55.42 -14.38 40.85
CA ALA C 1072 -55.64 -14.94 42.18
C ALA C 1072 -55.31 -13.89 43.23
N ILE C 1073 -56.28 -13.59 44.09
CA ILE C 1073 -56.08 -12.65 45.19
C ILE C 1073 -56.41 -13.35 46.51
N ASP C 1074 -57.63 -13.88 46.61
CA ASP C 1074 -58.10 -14.55 47.81
C ASP C 1074 -58.73 -15.89 47.44
N SER C 1075 -58.45 -16.91 48.26
CA SER C 1075 -59.01 -18.23 48.04
C SER C 1075 -60.02 -18.65 49.10
N GLN C 1076 -60.09 -17.95 50.24
CA GLN C 1076 -61.02 -18.31 51.29
C GLN C 1076 -62.45 -17.89 50.98
N VAL C 1077 -62.65 -16.99 50.01
CA VAL C 1077 -63.99 -16.58 49.60
C VAL C 1077 -64.69 -17.72 48.87
N LEU C 1078 -63.95 -18.40 47.98
CA LEU C 1078 -64.49 -19.53 47.22
C LEU C 1078 -64.80 -20.72 48.11
N CYS C 1079 -63.88 -21.04 49.03
CA CYS C 1079 -64.08 -22.15 49.96
C CYS C 1079 -65.16 -21.84 50.99
N GLY C 1080 -65.25 -20.58 51.43
CA GLY C 1080 -66.33 -20.19 52.33
C GLY C 1080 -67.70 -20.22 51.65
N ALA C 1081 -67.76 -19.86 50.37
CA ALA C 1081 -69.03 -19.92 49.64
C ALA C 1081 -69.42 -21.36 49.35
N VAL C 1082 -68.44 -22.24 49.11
CA VAL C 1082 -68.70 -23.68 48.97
C VAL C 1082 -69.19 -24.27 50.29
N LYS C 1083 -68.60 -23.82 51.41
CA LYS C 1083 -69.02 -24.27 52.74
C LYS C 1083 -70.42 -23.77 53.09
N TRP C 1084 -70.78 -22.57 52.63
CA TRP C 1084 -72.15 -22.09 52.80
C TRP C 1084 -73.12 -22.85 51.90
N LEU C 1085 -72.65 -23.23 50.71
CA LEU C 1085 -73.50 -23.98 49.77
C LEU C 1085 -73.79 -25.38 50.27
N ILE C 1086 -72.86 -25.98 51.01
CA ILE C 1086 -73.07 -27.31 51.58
C ILE C 1086 -73.79 -27.26 52.92
N LEU C 1087 -73.43 -26.30 53.79
CA LEU C 1087 -73.97 -26.28 55.15
C LEU C 1087 -75.40 -25.76 55.22
N GLU C 1088 -75.82 -24.96 54.25
CA GLU C 1088 -77.15 -24.35 54.32
C GLU C 1088 -78.15 -24.92 53.33
N LYS C 1089 -77.72 -25.25 52.10
CA LYS C 1089 -78.64 -25.60 51.03
C LYS C 1089 -78.41 -27.02 50.50
N GLN C 1090 -78.13 -27.97 51.39
CA GLN C 1090 -77.97 -29.37 51.01
C GLN C 1090 -78.84 -30.24 51.92
N LYS C 1091 -79.90 -30.80 51.36
CA LYS C 1091 -80.69 -31.79 52.06
C LYS C 1091 -79.93 -33.13 52.08
N PRO C 1092 -80.27 -34.02 53.02
CA PRO C 1092 -79.70 -35.39 52.96
C PRO C 1092 -80.17 -36.22 51.77
N ASP C 1093 -81.26 -35.84 51.10
CA ASP C 1093 -81.64 -36.44 49.83
C ASP C 1093 -80.66 -36.09 48.71
N GLY C 1094 -79.94 -34.98 48.82
CA GLY C 1094 -79.08 -34.52 47.75
C GLY C 1094 -79.72 -33.53 46.83
N VAL C 1095 -80.70 -32.78 47.30
CA VAL C 1095 -81.51 -31.90 46.47
C VAL C 1095 -81.10 -30.46 46.74
N PHE C 1096 -80.67 -29.75 45.70
CA PHE C 1096 -80.46 -28.31 45.78
C PHE C 1096 -81.77 -27.60 45.46
N GLN C 1097 -82.16 -26.66 46.30
CA GLN C 1097 -83.44 -25.97 46.18
C GLN C 1097 -83.22 -24.46 46.20
N GLU C 1098 -83.99 -23.76 45.38
CA GLU C 1098 -83.88 -22.31 45.23
C GLU C 1098 -85.07 -21.64 45.88
N ASP C 1099 -84.80 -20.68 46.77
CA ASP C 1099 -85.86 -19.89 47.40
C ASP C 1099 -86.21 -18.65 46.58
N ALA C 1100 -85.53 -18.43 45.46
CA ALA C 1100 -85.63 -17.34 44.48
C ALA C 1100 -85.60 -15.92 45.06
N PRO C 1101 -84.45 -15.40 45.49
CA PRO C 1101 -84.33 -13.95 45.67
C PRO C 1101 -83.69 -13.21 44.49
N VAL C 1102 -83.50 -13.89 43.36
CA VAL C 1102 -82.86 -13.30 42.19
C VAL C 1102 -83.81 -12.32 41.54
N ILE C 1103 -83.38 -11.07 41.38
CA ILE C 1103 -84.27 -10.03 40.88
C ILE C 1103 -84.43 -10.13 39.37
N HIS C 1104 -83.33 -10.26 38.65
CA HIS C 1104 -83.36 -10.33 37.20
C HIS C 1104 -83.36 -11.79 36.77
N GLN C 1105 -84.30 -12.15 35.89
CA GLN C 1105 -84.41 -13.50 35.35
C GLN C 1105 -83.67 -13.66 34.02
N GLU C 1106 -82.77 -12.74 33.69
CA GLU C 1106 -82.16 -12.76 32.37
C GLU C 1106 -81.02 -13.78 32.27
N MET C 1107 -80.13 -13.81 33.27
CA MET C 1107 -78.97 -14.68 33.21
C MET C 1107 -79.22 -16.07 33.78
N ILE C 1108 -80.45 -16.37 34.18
CA ILE C 1108 -80.79 -17.65 34.82
C ILE C 1108 -80.68 -18.80 33.82
N GLY C 1109 -81.17 -18.62 32.61
CA GLY C 1109 -80.84 -19.55 31.55
C GLY C 1109 -81.88 -20.65 31.40
N GLY C 1110 -81.40 -21.88 31.19
CA GLY C 1110 -82.27 -22.96 30.74
C GLY C 1110 -83.20 -23.49 31.80
N LEU C 1111 -82.81 -23.42 33.07
CA LEU C 1111 -83.69 -23.85 34.15
C LEU C 1111 -84.79 -22.84 34.46
N ARG C 1112 -84.67 -21.60 33.97
CA ARG C 1112 -85.82 -20.71 33.94
C ARG C 1112 -86.79 -21.21 32.85
N ASN C 1113 -88.07 -21.35 33.23
CA ASN C 1113 -89.14 -21.98 32.45
C ASN C 1113 -88.76 -23.39 32.02
N ASN C 1114 -88.53 -24.24 33.01
CA ASN C 1114 -88.16 -25.64 32.82
C ASN C 1114 -89.16 -26.52 33.54
N ASN C 1115 -89.48 -27.66 32.94
CA ASN C 1115 -90.36 -28.64 33.58
C ASN C 1115 -89.65 -29.32 34.74
N GLU C 1116 -88.44 -29.80 34.51
CA GLU C 1116 -87.63 -30.42 35.55
C GLU C 1116 -86.58 -29.42 36.05
N LYS C 1117 -87.07 -28.46 36.85
CA LYS C 1117 -86.20 -27.41 37.38
C LYS C 1117 -85.31 -27.92 38.50
N ASP C 1118 -85.78 -28.92 39.26
CA ASP C 1118 -85.07 -29.37 40.45
C ASP C 1118 -83.81 -30.18 40.08
N MET C 1119 -83.92 -31.09 39.12
CA MET C 1119 -82.78 -31.89 38.71
C MET C 1119 -81.75 -31.07 37.95
N ALA C 1120 -82.22 -30.09 37.16
CA ALA C 1120 -81.30 -29.20 36.46
C ALA C 1120 -80.59 -28.24 37.42
N LEU C 1121 -81.30 -27.80 38.47
CA LEU C 1121 -80.69 -26.95 39.50
C LEU C 1121 -79.67 -27.74 40.32
N THR C 1122 -79.99 -28.99 40.65
CA THR C 1122 -79.07 -29.88 41.37
C THR C 1122 -77.84 -30.19 40.54
N ALA C 1123 -78.02 -30.38 39.24
CA ALA C 1123 -76.90 -30.61 38.33
C ALA C 1123 -76.03 -29.37 38.16
N PHE C 1124 -76.64 -28.18 38.11
CA PHE C 1124 -75.88 -26.94 37.94
C PHE C 1124 -75.05 -26.61 39.17
N VAL C 1125 -75.65 -26.75 40.36
CA VAL C 1125 -74.89 -26.47 41.58
C VAL C 1125 -73.89 -27.60 41.87
N LEU C 1126 -74.15 -28.83 41.38
CA LEU C 1126 -73.16 -29.90 41.47
C LEU C 1126 -71.95 -29.63 40.55
N ILE C 1127 -72.20 -29.12 39.35
CA ILE C 1127 -71.13 -28.76 38.41
C ILE C 1127 -70.32 -27.58 38.95
N SER C 1128 -71.02 -26.62 39.58
CA SER C 1128 -70.34 -25.49 40.23
C SER C 1128 -69.53 -25.92 41.44
N LEU C 1129 -69.99 -26.94 42.18
CA LEU C 1129 -69.20 -27.48 43.29
C LEU C 1129 -67.99 -28.26 42.79
N GLN C 1130 -68.13 -28.96 41.65
CA GLN C 1130 -66.98 -29.69 41.11
C GLN C 1130 -65.99 -28.78 40.41
N GLU C 1131 -66.38 -27.54 40.05
CA GLU C 1131 -65.39 -26.60 39.53
C GLU C 1131 -64.43 -26.12 40.62
N ALA C 1132 -64.87 -26.09 41.87
CA ALA C 1132 -64.06 -25.62 42.98
C ALA C 1132 -63.56 -26.74 43.89
N LYS C 1133 -63.57 -27.99 43.40
CA LYS C 1133 -63.14 -29.10 44.24
C LYS C 1133 -61.61 -29.15 44.37
N ASP C 1134 -60.90 -28.85 43.28
CA ASP C 1134 -59.44 -28.95 43.28
C ASP C 1134 -58.77 -27.81 44.04
N ILE C 1135 -59.49 -26.73 44.30
CA ILE C 1135 -58.95 -25.59 45.03
C ILE C 1135 -59.33 -25.64 46.51
N CYS C 1136 -60.54 -26.09 46.81
CA CYS C 1136 -61.06 -26.15 48.18
C CYS C 1136 -61.20 -27.59 48.67
N GLU C 1137 -60.24 -28.45 48.32
CA GLU C 1137 -60.25 -29.83 48.82
C GLU C 1137 -59.87 -29.89 50.28
N GLU C 1138 -58.82 -29.16 50.67
CA GLU C 1138 -58.36 -29.19 52.06
C GLU C 1138 -59.24 -28.32 52.96
N GLN C 1139 -59.77 -27.21 52.43
CA GLN C 1139 -60.58 -26.31 53.26
C GLN C 1139 -61.96 -26.89 53.52
N VAL C 1140 -62.57 -27.53 52.52
CA VAL C 1140 -63.91 -28.08 52.64
C VAL C 1140 -63.78 -29.60 52.59
N ASN C 1141 -64.11 -30.26 53.70
CA ASN C 1141 -64.01 -31.72 53.81
C ASN C 1141 -65.34 -32.43 53.60
N SER C 1142 -66.47 -31.72 53.68
CA SER C 1142 -67.78 -32.31 53.46
C SER C 1142 -68.22 -32.25 52.00
N LEU C 1143 -67.36 -31.75 51.12
CA LEU C 1143 -67.67 -31.67 49.69
C LEU C 1143 -67.88 -33.02 48.96
N PRO C 1144 -67.06 -34.09 49.13
CA PRO C 1144 -67.39 -35.34 48.42
C PRO C 1144 -68.64 -36.06 48.95
N GLY C 1145 -69.05 -35.82 50.20
CA GLY C 1145 -70.32 -36.37 50.67
C GLY C 1145 -71.52 -35.75 49.99
N SER C 1146 -71.50 -34.42 49.83
CA SER C 1146 -72.55 -33.73 49.08
C SER C 1146 -72.49 -34.06 47.59
N ILE C 1147 -71.28 -34.31 47.07
CA ILE C 1147 -71.10 -34.77 45.69
C ILE C 1147 -71.73 -36.15 45.49
N THR C 1148 -71.54 -37.05 46.47
CA THR C 1148 -72.12 -38.39 46.41
C THR C 1148 -73.64 -38.35 46.55
N LYS C 1149 -74.16 -37.46 47.41
CA LYS C 1149 -75.61 -37.34 47.57
C LYS C 1149 -76.27 -36.72 46.33
N ALA C 1150 -75.61 -35.74 45.71
CA ALA C 1150 -76.15 -35.14 44.49
C ALA C 1150 -76.07 -36.11 43.31
N GLY C 1151 -75.01 -36.93 43.26
CA GLY C 1151 -74.93 -37.97 42.23
C GLY C 1151 -75.94 -39.08 42.42
N ASP C 1152 -76.22 -39.44 43.68
CA ASP C 1152 -77.24 -40.44 43.97
C ASP C 1152 -78.64 -39.91 43.71
N PHE C 1153 -78.86 -38.60 43.85
CA PHE C 1153 -80.13 -38.02 43.44
C PHE C 1153 -80.26 -37.96 41.93
N LEU C 1154 -79.17 -37.63 41.23
CA LEU C 1154 -79.25 -37.45 39.78
C LEU C 1154 -79.30 -38.78 39.03
N GLU C 1155 -78.75 -39.85 39.61
CA GLU C 1155 -78.82 -41.15 38.93
C GLU C 1155 -80.20 -41.77 39.02
N ALA C 1156 -80.98 -41.43 40.04
CA ALA C 1156 -82.27 -42.08 40.26
C ALA C 1156 -83.33 -41.58 39.29
N ASN C 1157 -83.30 -40.29 38.96
CA ASN C 1157 -84.34 -39.67 38.13
C ASN C 1157 -83.88 -39.43 36.70
N TYR C 1158 -82.85 -40.14 36.24
CA TYR C 1158 -82.34 -39.93 34.89
C TYR C 1158 -83.25 -40.54 33.82
N MET C 1159 -84.01 -41.58 34.17
CA MET C 1159 -84.92 -42.20 33.19
C MET C 1159 -86.16 -41.36 32.95
N ASN C 1160 -86.62 -40.62 33.96
CA ASN C 1160 -87.92 -39.98 33.90
C ASN C 1160 -87.89 -38.60 33.27
N LEU C 1161 -86.73 -38.11 32.85
CA LEU C 1161 -86.65 -36.81 32.21
C LEU C 1161 -87.13 -36.89 30.77
N GLN C 1162 -87.78 -35.83 30.31
CA GLN C 1162 -88.23 -35.71 28.93
C GLN C 1162 -87.66 -34.49 28.22
N ARG C 1163 -87.20 -33.48 28.95
CA ARG C 1163 -86.56 -32.30 28.38
C ARG C 1163 -85.11 -32.64 28.08
N SER C 1164 -84.60 -32.17 26.93
CA SER C 1164 -83.22 -32.46 26.56
C SER C 1164 -82.22 -31.68 27.39
N TYR C 1165 -82.65 -30.54 27.97
CA TYR C 1165 -81.74 -29.69 28.75
C TYR C 1165 -81.36 -30.34 30.07
N THR C 1166 -82.32 -30.96 30.77
CA THR C 1166 -82.00 -31.58 32.05
C THR C 1166 -81.23 -32.88 31.85
N VAL C 1167 -81.45 -33.58 30.72
CA VAL C 1167 -80.65 -34.74 30.35
C VAL C 1167 -79.21 -34.33 30.07
N ALA C 1168 -79.02 -33.18 29.39
CA ALA C 1168 -77.68 -32.70 29.06
C ALA C 1168 -76.92 -32.22 30.30
N ILE C 1169 -77.59 -31.46 31.18
CA ILE C 1169 -76.91 -30.93 32.36
C ILE C 1169 -76.68 -32.05 33.40
N ALA C 1170 -77.56 -33.07 33.46
CA ALA C 1170 -77.30 -34.21 34.33
C ALA C 1170 -76.26 -35.15 33.74
N GLY C 1171 -76.15 -35.22 32.42
CA GLY C 1171 -75.07 -35.99 31.80
C GLY C 1171 -73.71 -35.37 32.02
N TYR C 1172 -73.62 -34.04 31.98
CA TYR C 1172 -72.35 -33.41 32.32
C TYR C 1172 -72.09 -33.48 33.83
N ALA C 1173 -73.14 -33.43 34.66
CA ALA C 1173 -72.95 -33.53 36.10
C ALA C 1173 -72.59 -34.94 36.55
N LEU C 1174 -72.95 -35.96 35.78
CA LEU C 1174 -72.53 -37.33 36.08
C LEU C 1174 -71.28 -37.74 35.32
N ALA C 1175 -70.88 -36.97 34.30
CA ALA C 1175 -69.69 -37.29 33.54
C ALA C 1175 -68.41 -36.82 34.20
N GLN C 1176 -68.48 -35.89 35.14
CA GLN C 1176 -67.29 -35.34 35.78
C GLN C 1176 -66.79 -36.33 36.83
N MET C 1177 -65.68 -37.02 36.49
CA MET C 1177 -64.86 -38.00 37.23
C MET C 1177 -65.64 -38.97 38.14
N GLY C 1178 -66.81 -39.40 37.67
CA GLY C 1178 -67.66 -40.31 38.41
C GLY C 1178 -68.21 -41.38 37.51
N ARG C 1179 -69.39 -41.90 37.82
CA ARG C 1179 -69.98 -42.99 37.05
C ARG C 1179 -71.23 -42.51 36.33
N LEU C 1180 -71.43 -43.07 35.14
CA LEU C 1180 -72.72 -43.05 34.45
C LEU C 1180 -72.89 -44.40 33.80
N LYS C 1181 -74.11 -44.92 33.82
CA LYS C 1181 -74.35 -46.29 33.41
C LYS C 1181 -74.56 -46.36 31.90
N GLY C 1182 -74.66 -47.60 31.40
CA GLY C 1182 -74.99 -47.88 30.02
C GLY C 1182 -76.34 -47.37 29.53
N PRO C 1183 -77.43 -47.60 30.28
CA PRO C 1183 -78.68 -46.88 30.00
C PRO C 1183 -78.60 -45.36 30.12
N LEU C 1184 -77.78 -44.84 31.04
CA LEU C 1184 -77.63 -43.39 31.18
C LEU C 1184 -76.92 -42.78 29.98
N LEU C 1185 -75.84 -43.42 29.53
CA LEU C 1185 -75.10 -42.97 28.35
C LEU C 1185 -75.91 -43.18 27.07
N ASN C 1186 -76.71 -44.26 27.04
CA ASN C 1186 -77.56 -44.54 25.88
C ASN C 1186 -78.70 -43.53 25.75
N LYS C 1187 -79.33 -43.16 26.87
CA LYS C 1187 -80.37 -42.14 26.86
C LYS C 1187 -79.79 -40.75 26.61
N PHE C 1188 -78.55 -40.52 27.05
CA PHE C 1188 -77.86 -39.26 26.78
C PHE C 1188 -77.50 -39.13 25.30
N LEU C 1189 -77.10 -40.24 24.67
CA LEU C 1189 -76.76 -40.20 23.25
C LEU C 1189 -77.99 -40.17 22.35
N THR C 1190 -79.06 -40.89 22.72
CA THR C 1190 -80.20 -41.04 21.81
C THR C 1190 -81.16 -39.86 21.86
N THR C 1191 -81.02 -38.96 22.83
CA THR C 1191 -81.93 -37.82 22.92
C THR C 1191 -81.52 -36.65 22.04
N ALA C 1192 -80.38 -36.75 21.36
CA ALA C 1192 -79.93 -35.72 20.44
C ALA C 1192 -80.63 -35.92 19.10
N LYS C 1193 -81.33 -34.90 18.63
CA LYS C 1193 -81.95 -34.96 17.31
C LYS C 1193 -80.89 -34.74 16.24
N ASP C 1194 -80.87 -35.65 15.25
CA ASP C 1194 -79.93 -35.73 14.11
C ASP C 1194 -78.47 -35.88 14.53
N LYS C 1195 -78.23 -36.40 15.76
CA LYS C 1195 -76.93 -36.79 16.33
C LYS C 1195 -75.91 -35.64 16.41
N ASN C 1196 -76.36 -34.38 16.39
CA ASN C 1196 -75.45 -33.25 16.44
C ASN C 1196 -75.91 -32.13 17.37
N ARG C 1197 -77.19 -32.02 17.69
CA ARG C 1197 -77.68 -30.92 18.51
C ARG C 1197 -78.61 -31.46 19.59
N TRP C 1198 -78.71 -30.72 20.69
CA TRP C 1198 -79.63 -31.01 21.77
C TRP C 1198 -80.67 -29.89 21.78
N GLU C 1199 -81.86 -30.18 21.28
CA GLU C 1199 -82.87 -29.15 21.04
C GLU C 1199 -84.14 -29.46 21.80
N ASP C 1200 -84.74 -28.41 22.35
CA ASP C 1200 -85.99 -28.44 23.09
C ASP C 1200 -86.81 -27.24 22.67
N PRO C 1201 -88.15 -27.30 22.82
CA PRO C 1201 -88.96 -26.08 22.68
C PRO C 1201 -88.61 -25.03 23.73
N GLY C 1202 -88.61 -23.78 23.29
CA GLY C 1202 -88.18 -22.65 24.08
C GLY C 1202 -87.26 -21.77 23.27
N LYS C 1203 -86.45 -20.97 23.96
CA LYS C 1203 -85.49 -20.11 23.27
C LYS C 1203 -84.29 -20.92 22.81
N GLN C 1204 -83.61 -20.40 21.78
CA GLN C 1204 -82.50 -21.14 21.16
C GLN C 1204 -81.23 -21.09 22.00
N LEU C 1205 -81.11 -20.12 22.91
CA LEU C 1205 -79.94 -20.02 23.77
C LEU C 1205 -79.89 -21.17 24.77
N TYR C 1206 -81.06 -21.64 25.20
CA TYR C 1206 -81.13 -22.79 26.11
C TYR C 1206 -80.71 -24.07 25.40
N ASN C 1207 -81.03 -24.18 24.11
CA ASN C 1207 -80.64 -25.36 23.33
C ASN C 1207 -79.16 -25.34 23.00
N VAL C 1208 -78.61 -24.14 22.76
CA VAL C 1208 -77.17 -23.96 22.56
C VAL C 1208 -76.40 -24.30 23.85
N GLU C 1209 -76.97 -23.90 25.00
CA GLU C 1209 -76.43 -24.29 26.31
C GLU C 1209 -76.52 -25.80 26.53
N ALA C 1210 -77.60 -26.44 26.06
CA ALA C 1210 -77.76 -27.89 26.21
C ALA C 1210 -76.76 -28.68 25.36
N THR C 1211 -76.53 -28.25 24.10
CA THR C 1211 -75.54 -28.98 23.30
C THR C 1211 -74.11 -28.64 23.73
N SER C 1212 -73.91 -27.48 24.39
CA SER C 1212 -72.63 -27.22 25.03
C SER C 1212 -72.41 -28.09 26.27
N TYR C 1213 -73.50 -28.37 27.01
CA TYR C 1213 -73.44 -29.31 28.13
C TYR C 1213 -73.11 -30.72 27.66
N ALA C 1214 -73.67 -31.10 26.52
CA ALA C 1214 -73.37 -32.39 25.92
C ALA C 1214 -71.94 -32.45 25.37
N LEU C 1215 -71.44 -31.34 24.82
CA LEU C 1215 -70.06 -31.29 24.32
C LEU C 1215 -69.06 -31.38 25.46
N LEU C 1216 -69.34 -30.70 26.58
CA LEU C 1216 -68.46 -30.81 27.74
C LEU C 1216 -68.57 -32.17 28.42
N ALA C 1217 -69.74 -32.82 28.33
CA ALA C 1217 -69.88 -34.19 28.82
C ALA C 1217 -69.09 -35.18 27.97
N LEU C 1218 -69.12 -35.01 26.64
CA LEU C 1218 -68.37 -35.91 25.76
C LEU C 1218 -66.88 -35.66 25.83
N LEU C 1219 -66.45 -34.41 26.06
CA LEU C 1219 -65.03 -34.13 26.26
C LEU C 1219 -64.57 -34.58 27.64
N GLN C 1220 -65.48 -34.62 28.62
CA GLN C 1220 -65.11 -35.10 29.95
C GLN C 1220 -64.94 -36.62 29.96
N LEU C 1221 -65.69 -37.34 29.13
CA LEU C 1221 -65.65 -38.80 29.07
C LEU C 1221 -64.63 -39.33 28.07
N LYS C 1222 -63.81 -38.45 27.48
CA LYS C 1222 -62.76 -38.76 26.50
C LYS C 1222 -63.30 -39.49 25.26
N ASP C 1223 -64.47 -39.07 24.80
CA ASP C 1223 -65.08 -39.60 23.59
C ASP C 1223 -65.01 -38.55 22.50
N PHE C 1224 -64.62 -38.98 21.29
CA PHE C 1224 -64.46 -38.06 20.17
C PHE C 1224 -65.16 -38.52 18.91
N ASP C 1225 -66.01 -39.55 18.98
CA ASP C 1225 -66.78 -39.98 17.82
C ASP C 1225 -68.09 -39.21 17.68
N PHE C 1226 -68.64 -38.70 18.79
CA PHE C 1226 -69.83 -37.87 18.77
C PHE C 1226 -69.51 -36.38 18.82
N VAL C 1227 -68.23 -36.04 18.99
CA VAL C 1227 -67.85 -34.63 19.18
C VAL C 1227 -67.89 -33.77 17.91
N PRO C 1228 -67.29 -34.17 16.74
CA PRO C 1228 -67.26 -33.20 15.57
C PRO C 1228 -68.60 -32.87 14.92
N PRO C 1229 -69.66 -33.71 14.94
CA PRO C 1229 -70.99 -33.16 14.60
C PRO C 1229 -71.50 -32.09 15.56
N VAL C 1230 -71.22 -32.20 16.86
CA VAL C 1230 -71.60 -31.18 17.83
C VAL C 1230 -70.80 -29.89 17.60
N VAL C 1231 -69.51 -30.05 17.28
CA VAL C 1231 -68.63 -28.91 16.98
C VAL C 1231 -69.04 -28.23 15.68
N ARG C 1232 -69.45 -29.01 14.67
CA ARG C 1232 -69.91 -28.44 13.40
C ARG C 1232 -71.26 -27.75 13.54
N TRP C 1233 -72.14 -28.27 14.40
CA TRP C 1233 -73.41 -27.58 14.62
C TRP C 1233 -73.23 -26.32 15.46
N LEU C 1234 -72.26 -26.33 16.39
CA LEU C 1234 -72.00 -25.12 17.16
C LEU C 1234 -71.28 -24.06 16.34
N ASN C 1235 -70.45 -24.47 15.38
CA ASN C 1235 -69.83 -23.53 14.47
C ASN C 1235 -70.81 -23.02 13.42
N GLU C 1236 -71.81 -23.82 13.07
CA GLU C 1236 -72.82 -23.39 12.11
C GLU C 1236 -73.87 -22.46 12.72
N GLN C 1237 -73.95 -22.37 14.05
CA GLN C 1237 -74.92 -21.49 14.68
C GLN C 1237 -74.52 -20.02 14.61
N ARG C 1238 -73.21 -19.75 14.44
CA ARG C 1238 -72.62 -18.41 14.37
C ARG C 1238 -72.93 -17.55 15.60
N TYR C 1239 -72.90 -18.17 16.78
CA TYR C 1239 -73.15 -17.47 18.02
C TYR C 1239 -71.83 -16.95 18.58
N TYR C 1240 -71.76 -15.65 18.82
CA TYR C 1240 -70.55 -15.00 19.31
C TYR C 1240 -70.73 -14.38 20.68
N GLY C 1241 -71.86 -14.67 21.34
CA GLY C 1241 -72.12 -14.13 22.66
C GLY C 1241 -72.63 -12.70 22.64
N GLY C 1242 -72.89 -12.19 23.83
CA GLY C 1242 -73.35 -10.83 23.99
C GLY C 1242 -74.83 -10.63 23.73
N GLY C 1243 -75.45 -9.71 24.45
CA GLY C 1243 -76.84 -9.36 24.24
C GLY C 1243 -77.63 -9.40 25.54
N TYR C 1244 -78.95 -9.50 25.37
CA TYR C 1244 -79.89 -9.45 26.48
C TYR C 1244 -80.28 -10.86 26.89
N GLY C 1245 -80.02 -11.20 28.16
CA GLY C 1245 -80.36 -12.52 28.68
C GLY C 1245 -79.52 -13.65 28.14
N SER C 1246 -78.28 -13.36 27.75
CA SER C 1246 -77.45 -14.34 27.06
C SER C 1246 -76.13 -14.63 27.78
N THR C 1247 -76.02 -14.28 29.06
CA THR C 1247 -74.77 -14.39 29.83
C THR C 1247 -74.33 -15.85 30.04
N GLN C 1248 -75.31 -16.75 30.27
CA GLN C 1248 -75.06 -18.17 30.46
C GLN C 1248 -74.44 -18.82 29.22
N ALA C 1249 -75.02 -18.55 28.05
CA ALA C 1249 -74.52 -19.09 26.79
C ALA C 1249 -73.17 -18.47 26.42
N THR C 1250 -73.02 -17.16 26.66
CA THR C 1250 -71.78 -16.42 26.38
C THR C 1250 -70.62 -16.96 27.21
N PHE C 1251 -70.89 -17.33 28.45
CA PHE C 1251 -69.89 -18.06 29.24
C PHE C 1251 -69.61 -19.43 28.66
N MET C 1252 -70.64 -20.26 28.54
CA MET C 1252 -70.28 -21.65 28.57
C MET C 1252 -70.04 -22.23 27.17
N VAL C 1253 -70.51 -21.57 26.10
CA VAL C 1253 -70.13 -22.02 24.75
C VAL C 1253 -68.66 -21.70 24.46
N PHE C 1254 -68.10 -20.66 25.08
CA PHE C 1254 -66.68 -20.40 24.89
C PHE C 1254 -65.83 -21.19 25.90
N GLN C 1255 -66.39 -21.53 27.05
CA GLN C 1255 -65.74 -22.49 27.95
C GLN C 1255 -65.64 -23.88 27.31
N ALA C 1256 -66.71 -24.33 26.65
CA ALA C 1256 -66.72 -25.62 25.99
C ALA C 1256 -65.85 -25.62 24.73
N LEU C 1257 -65.81 -24.50 24.01
CA LEU C 1257 -64.91 -24.40 22.88
C LEU C 1257 -63.45 -24.30 23.31
N ALA C 1258 -63.16 -23.70 24.47
CA ALA C 1258 -61.81 -23.70 25.01
C ALA C 1258 -61.40 -25.10 25.48
N GLN C 1259 -62.35 -25.86 26.05
CA GLN C 1259 -62.06 -27.23 26.44
C GLN C 1259 -61.92 -28.14 25.22
N TYR C 1260 -62.59 -27.80 24.11
CA TYR C 1260 -62.36 -28.53 22.87
C TYR C 1260 -61.01 -28.19 22.26
N GLN C 1261 -60.57 -26.93 22.40
CA GLN C 1261 -59.25 -26.55 21.90
C GLN C 1261 -58.13 -27.11 22.77
N LYS C 1262 -58.41 -27.35 24.06
CA LYS C 1262 -57.43 -27.98 24.93
C LYS C 1262 -57.24 -29.45 24.59
N ASP C 1263 -58.34 -30.19 24.42
CA ASP C 1263 -58.28 -31.61 24.15
C ASP C 1263 -57.91 -31.87 22.69
N ALA C 1264 -57.05 -32.87 22.49
CA ALA C 1264 -56.41 -33.30 21.24
C ALA C 1264 -55.75 -32.15 20.50
N PRO C 1265 -54.59 -31.67 20.95
CA PRO C 1265 -53.91 -30.57 20.24
C PRO C 1265 -53.14 -31.09 19.04
N ASP C 1266 -52.34 -30.20 18.45
CA ASP C 1266 -51.53 -30.60 17.30
C ASP C 1266 -50.32 -31.44 17.69
N HIS C 1267 -49.95 -31.45 18.98
CA HIS C 1267 -48.92 -32.36 19.48
C HIS C 1267 -49.61 -33.52 20.19
N GLN C 1268 -49.69 -34.67 19.51
CA GLN C 1268 -50.26 -35.86 20.14
C GLN C 1268 -49.31 -36.51 21.13
N GLU C 1269 -47.99 -36.31 20.93
CA GLU C 1269 -46.91 -37.10 21.55
C GLU C 1269 -47.13 -38.60 21.38
N LEU C 1270 -47.20 -39.01 20.11
CA LEU C 1270 -47.31 -40.43 19.77
C LEU C 1270 -46.01 -41.15 20.08
N ASN C 1271 -46.11 -42.46 20.27
CA ASN C 1271 -44.96 -43.27 20.66
C ASN C 1271 -44.93 -44.53 19.81
N LEU C 1272 -44.21 -44.48 18.71
CA LEU C 1272 -43.98 -45.65 17.84
C LEU C 1272 -42.68 -46.28 18.28
N ASP C 1273 -42.76 -47.23 19.22
CA ASP C 1273 -41.58 -47.91 19.74
C ASP C 1273 -41.20 -49.02 18.76
N VAL C 1274 -40.44 -48.63 17.74
CA VAL C 1274 -40.08 -49.52 16.65
C VAL C 1274 -38.72 -50.12 16.97
N SER C 1275 -38.67 -51.43 17.19
CA SER C 1275 -37.44 -52.14 17.53
C SER C 1275 -37.09 -53.11 16.42
N LEU C 1276 -35.88 -52.96 15.89
CA LEU C 1276 -35.36 -53.87 14.88
C LEU C 1276 -34.48 -54.89 15.59
N GLN C 1277 -34.76 -56.17 15.40
CA GLN C 1277 -33.78 -57.19 15.77
C GLN C 1277 -33.30 -57.93 14.52
N LEU C 1278 -31.97 -58.02 14.41
CA LEU C 1278 -31.18 -58.46 13.29
C LEU C 1278 -30.36 -59.68 13.71
N PRO C 1279 -30.32 -60.74 12.91
CA PRO C 1279 -29.45 -61.87 13.26
C PRO C 1279 -27.97 -61.63 12.96
N SER C 1280 -27.64 -60.58 12.20
CA SER C 1280 -26.24 -60.28 11.89
C SER C 1280 -25.49 -59.71 13.09
N ARG C 1281 -26.20 -59.07 14.02
CA ARG C 1281 -25.60 -58.50 15.21
C ARG C 1281 -26.22 -59.14 16.45
N SER C 1282 -25.61 -58.87 17.60
CA SER C 1282 -26.02 -59.46 18.86
C SER C 1282 -26.93 -58.55 19.68
N SER C 1283 -27.38 -57.42 19.10
CA SER C 1283 -28.20 -56.46 19.81
C SER C 1283 -29.38 -56.05 18.95
N LYS C 1284 -30.47 -55.66 19.61
CA LYS C 1284 -31.62 -55.09 18.93
C LYS C 1284 -31.61 -53.58 19.13
N ILE C 1285 -31.94 -52.85 18.06
CA ILE C 1285 -31.88 -51.39 18.07
C ILE C 1285 -33.31 -50.87 18.04
N THR C 1286 -33.69 -50.14 19.08
CA THR C 1286 -35.04 -49.60 19.20
C THR C 1286 -35.02 -48.07 19.06
N HIS C 1287 -36.11 -47.54 18.52
CA HIS C 1287 -36.27 -46.10 18.33
C HIS C 1287 -37.70 -45.71 18.68
N ARG C 1288 -37.85 -44.63 19.42
CA ARG C 1288 -39.15 -44.08 19.77
C ARG C 1288 -39.42 -42.91 18.82
N ILE C 1289 -40.24 -43.17 17.80
CA ILE C 1289 -40.55 -42.15 16.78
C ILE C 1289 -41.69 -41.31 17.35
N HIS C 1290 -41.32 -40.17 17.93
CA HIS C 1290 -42.29 -39.30 18.57
C HIS C 1290 -42.82 -38.25 17.60
N TRP C 1291 -43.70 -37.39 18.11
CA TRP C 1291 -44.06 -36.16 17.42
C TRP C 1291 -42.94 -35.13 17.52
N GLU C 1292 -42.09 -35.26 18.53
CA GLU C 1292 -40.85 -34.48 18.62
C GLU C 1292 -39.93 -34.83 17.45
N SER C 1293 -39.37 -33.79 16.82
CA SER C 1293 -38.65 -33.93 15.57
C SER C 1293 -37.14 -34.16 15.77
N ALA C 1294 -36.76 -34.83 16.86
CA ALA C 1294 -35.36 -35.22 17.05
C ALA C 1294 -34.96 -36.29 16.06
N SER C 1295 -35.76 -37.35 15.95
CA SER C 1295 -35.59 -38.37 14.90
C SER C 1295 -36.95 -38.66 14.29
N LEU C 1296 -37.35 -37.83 13.31
CA LEU C 1296 -38.51 -38.18 12.49
C LEU C 1296 -38.17 -39.29 11.52
N LEU C 1297 -36.93 -39.34 11.07
CA LEU C 1297 -36.45 -40.39 10.18
C LEU C 1297 -35.20 -41.00 10.78
N ARG C 1298 -35.07 -42.32 10.65
CA ARG C 1298 -33.90 -43.04 11.10
C ARG C 1298 -33.38 -43.92 9.97
N SER C 1299 -32.09 -43.79 9.67
CA SER C 1299 -31.42 -44.59 8.66
C SER C 1299 -30.44 -45.55 9.35
N GLU C 1300 -30.56 -46.83 9.03
CA GLU C 1300 -29.67 -47.86 9.58
C GLU C 1300 -29.00 -48.59 8.42
N GLU C 1301 -27.67 -48.57 8.41
CA GLU C 1301 -26.89 -49.20 7.35
C GLU C 1301 -26.41 -50.57 7.83
N THR C 1302 -26.56 -51.57 6.97
CA THR C 1302 -26.09 -52.91 7.30
C THR C 1302 -25.25 -53.45 6.15
N LYS C 1303 -24.02 -53.86 6.47
CA LYS C 1303 -23.15 -54.46 5.48
C LYS C 1303 -23.53 -55.91 5.19
N GLU C 1304 -23.99 -56.64 6.21
CA GLU C 1304 -24.38 -58.03 6.03
C GLU C 1304 -25.74 -58.13 5.37
N ASN C 1305 -25.89 -59.10 4.47
CA ASN C 1305 -27.16 -59.38 3.83
C ASN C 1305 -27.78 -60.58 4.53
N GLU C 1306 -28.80 -60.32 5.35
CA GLU C 1306 -29.50 -61.36 6.08
C GLU C 1306 -30.92 -60.87 6.36
N GLY C 1307 -31.84 -61.82 6.47
CA GLY C 1307 -33.23 -61.45 6.74
C GLY C 1307 -33.42 -61.07 8.20
N PHE C 1308 -33.94 -59.87 8.43
CA PHE C 1308 -34.09 -59.33 9.78
C PHE C 1308 -35.57 -59.08 10.05
N THR C 1309 -35.87 -58.64 11.27
CA THR C 1309 -37.24 -58.45 11.69
C THR C 1309 -37.43 -57.08 12.33
N VAL C 1310 -38.59 -56.49 12.07
CA VAL C 1310 -38.99 -55.18 12.59
C VAL C 1310 -40.25 -55.38 13.44
N THR C 1311 -40.22 -54.91 14.69
CA THR C 1311 -41.38 -54.95 15.56
C THR C 1311 -41.84 -53.53 15.83
N ALA C 1312 -43.04 -53.19 15.37
CA ALA C 1312 -43.60 -51.85 15.52
C ALA C 1312 -44.79 -51.91 16.45
N GLU C 1313 -44.76 -51.12 17.52
CA GLU C 1313 -45.88 -51.02 18.44
C GLU C 1313 -46.13 -49.56 18.79
N GLY C 1314 -47.37 -49.26 19.13
CA GLY C 1314 -47.79 -47.92 19.51
C GLY C 1314 -48.83 -47.38 18.56
N LYS C 1315 -49.17 -46.11 18.77
CA LYS C 1315 -50.14 -45.41 17.95
C LYS C 1315 -49.42 -44.58 16.89
N GLY C 1316 -50.10 -44.37 15.76
CA GLY C 1316 -49.55 -43.59 14.67
C GLY C 1316 -49.28 -44.45 13.44
N GLN C 1317 -48.78 -43.78 12.41
CA GLN C 1317 -48.51 -44.40 11.12
C GLN C 1317 -47.08 -44.11 10.68
N GLY C 1318 -46.45 -45.08 10.02
CA GLY C 1318 -45.11 -44.88 9.53
C GLY C 1318 -44.86 -45.66 8.26
N THR C 1319 -43.71 -45.39 7.65
CA THR C 1319 -43.26 -46.11 6.47
C THR C 1319 -41.85 -46.63 6.72
N LEU C 1320 -41.56 -47.77 6.09
CA LEU C 1320 -40.32 -48.49 6.26
C LEU C 1320 -39.81 -48.89 4.89
N SER C 1321 -38.61 -48.42 4.54
CA SER C 1321 -38.03 -48.65 3.23
C SER C 1321 -36.70 -49.37 3.38
N VAL C 1322 -36.60 -50.57 2.83
CA VAL C 1322 -35.35 -51.33 2.81
C VAL C 1322 -34.84 -51.29 1.38
N VAL C 1323 -33.70 -50.63 1.18
CA VAL C 1323 -33.13 -50.35 -0.13
C VAL C 1323 -31.69 -50.82 -0.16
N THR C 1324 -31.36 -51.72 -1.09
CA THR C 1324 -30.04 -52.34 -1.12
C THR C 1324 -29.23 -51.75 -2.28
N MET C 1325 -28.05 -51.20 -1.96
CA MET C 1325 -27.08 -50.78 -2.95
C MET C 1325 -26.03 -51.86 -3.12
N TYR C 1326 -25.74 -52.21 -4.37
CA TYR C 1326 -24.83 -53.31 -4.69
C TYR C 1326 -24.33 -53.12 -6.10
N HIS C 1327 -23.49 -54.06 -6.54
CA HIS C 1327 -22.90 -54.05 -7.88
C HIS C 1327 -23.60 -55.09 -8.74
N ALA C 1328 -24.34 -54.64 -9.75
CA ALA C 1328 -24.89 -55.55 -10.74
C ALA C 1328 -23.81 -55.99 -11.71
N LYS C 1329 -24.03 -57.12 -12.37
CA LYS C 1329 -23.20 -57.50 -13.51
C LYS C 1329 -23.46 -56.55 -14.67
N ALA C 1330 -22.40 -56.28 -15.43
CA ALA C 1330 -22.44 -55.26 -16.47
C ALA C 1330 -23.28 -55.70 -17.65
N LYS C 1331 -23.87 -54.72 -18.32
CA LYS C 1331 -24.76 -54.97 -19.45
C LYS C 1331 -23.95 -55.09 -20.74
N ASP C 1332 -24.66 -55.01 -21.87
CA ASP C 1332 -23.97 -55.00 -23.17
C ASP C 1332 -23.30 -53.67 -23.44
N GLN C 1333 -23.70 -52.60 -22.75
CA GLN C 1333 -23.04 -51.31 -22.88
C GLN C 1333 -21.65 -51.35 -22.26
N LEU C 1334 -20.72 -50.67 -22.93
CA LEU C 1334 -19.32 -50.63 -22.54
C LEU C 1334 -18.90 -49.18 -22.42
N THR C 1335 -17.58 -48.95 -22.33
CA THR C 1335 -17.10 -47.58 -22.29
C THR C 1335 -17.09 -46.93 -23.67
N CYS C 1336 -17.19 -47.75 -24.73
CA CYS C 1336 -17.34 -47.23 -26.08
C CYS C 1336 -18.81 -47.22 -26.49
N ASN C 1337 -19.67 -46.61 -25.68
CA ASN C 1337 -21.09 -46.54 -25.98
C ASN C 1337 -21.46 -45.28 -26.73
N LYS C 1338 -20.51 -44.37 -26.96
CA LYS C 1338 -20.79 -43.14 -27.68
C LYS C 1338 -19.86 -42.90 -28.86
N PHE C 1339 -18.85 -43.73 -29.07
CA PHE C 1339 -17.96 -43.58 -30.21
C PHE C 1339 -17.60 -44.96 -30.73
N ASP C 1340 -17.71 -45.14 -32.04
CA ASP C 1340 -17.28 -46.36 -32.72
C ASP C 1340 -15.87 -46.11 -33.26
N LEU C 1341 -14.88 -46.80 -32.70
CA LEU C 1341 -13.50 -46.58 -33.06
C LEU C 1341 -12.89 -47.86 -33.58
N LYS C 1342 -12.24 -47.78 -34.74
CA LYS C 1342 -11.50 -48.89 -35.33
C LYS C 1342 -10.10 -48.41 -35.63
N VAL C 1343 -9.12 -48.96 -34.93
CA VAL C 1343 -7.72 -48.58 -35.08
C VAL C 1343 -6.97 -49.77 -35.63
N THR C 1344 -6.32 -49.60 -36.78
CA THR C 1344 -5.49 -50.64 -37.36
C THR C 1344 -4.11 -50.08 -37.64
N ILE C 1345 -3.13 -50.96 -37.61
CA ILE C 1345 -1.79 -50.62 -38.06
C ILE C 1345 -1.29 -51.74 -38.98
N LYS C 1346 -0.77 -51.34 -40.14
CA LYS C 1346 -0.36 -52.27 -41.18
C LYS C 1346 1.07 -51.97 -41.58
N PRO C 1347 1.79 -52.95 -42.12
CA PRO C 1347 3.06 -52.63 -42.80
C PRO C 1347 2.79 -51.84 -44.06
N ALA C 1348 3.65 -50.86 -44.30
CA ALA C 1348 3.48 -49.93 -45.42
C ALA C 1348 3.81 -50.62 -46.74
N PRO C 1349 3.13 -50.23 -47.83
CA PRO C 1349 3.48 -50.75 -49.16
C PRO C 1349 4.61 -49.99 -49.86
N GLU C 1350 5.38 -49.18 -49.13
CA GLU C 1350 6.53 -48.49 -49.67
C GLU C 1350 7.63 -49.49 -50.00
N THR C 1351 8.48 -49.12 -50.96
CA THR C 1351 9.66 -49.92 -51.29
C THR C 1351 10.68 -49.95 -50.16
N GLU C 1352 10.68 -48.91 -49.31
CA GLU C 1352 11.41 -48.82 -48.04
C GLU C 1352 12.94 -48.92 -48.24
N LYS C 1353 13.48 -47.88 -48.87
CA LYS C 1353 14.89 -47.77 -49.24
C LYS C 1353 15.75 -47.25 -48.07
N ARG C 1354 15.62 -47.93 -46.93
CA ARG C 1354 16.09 -47.58 -45.59
C ARG C 1354 15.74 -46.14 -45.20
N PRO C 1355 14.48 -45.84 -44.89
CA PRO C 1355 14.17 -44.47 -44.42
C PRO C 1355 14.64 -44.22 -43.00
N GLN C 1356 14.69 -45.26 -42.17
CA GLN C 1356 15.22 -45.18 -40.82
C GLN C 1356 16.17 -46.35 -40.60
N ASP C 1357 16.76 -46.39 -39.40
CA ASP C 1357 17.67 -47.47 -39.05
C ASP C 1357 16.92 -48.79 -38.81
N ALA C 1358 15.81 -48.72 -38.07
CA ALA C 1358 15.00 -49.92 -37.84
C ALA C 1358 13.96 -50.14 -38.93
N LYS C 1359 13.74 -49.14 -39.80
CA LYS C 1359 13.15 -49.23 -41.14
C LYS C 1359 11.64 -49.47 -41.16
N ASN C 1360 11.03 -49.78 -40.02
CA ASN C 1360 9.63 -50.24 -39.98
C ASN C 1360 8.68 -49.05 -40.06
N THR C 1361 8.49 -48.56 -41.28
CA THR C 1361 7.44 -47.60 -41.56
C THR C 1361 6.12 -48.34 -41.62
N MET C 1362 5.15 -47.91 -40.81
CA MET C 1362 3.85 -48.55 -40.74
C MET C 1362 2.76 -47.52 -41.00
N ILE C 1363 1.62 -48.00 -41.49
CA ILE C 1363 0.46 -47.18 -41.77
C ILE C 1363 -0.50 -47.33 -40.60
N LEU C 1364 -0.79 -46.24 -39.90
CA LEU C 1364 -1.75 -46.24 -38.82
C LEU C 1364 -3.04 -45.60 -39.33
N GLU C 1365 -4.13 -46.35 -39.24
CA GLU C 1365 -5.43 -45.90 -39.73
C GLU C 1365 -6.43 -45.90 -38.59
N ILE C 1366 -7.10 -44.77 -38.40
CA ILE C 1366 -8.05 -44.57 -37.32
C ILE C 1366 -9.37 -44.18 -37.96
N CYS C 1367 -10.41 -44.97 -37.70
CA CYS C 1367 -11.74 -44.72 -38.25
C CYS C 1367 -12.71 -44.53 -37.09
N THR C 1368 -13.28 -43.34 -36.98
CA THR C 1368 -14.16 -43.02 -35.87
C THR C 1368 -15.54 -42.61 -36.37
N ARG C 1369 -16.56 -42.97 -35.60
CA ARG C 1369 -17.94 -42.68 -35.90
C ARG C 1369 -18.62 -42.29 -34.59
N TYR C 1370 -19.62 -41.42 -34.67
CA TYR C 1370 -20.36 -41.01 -33.49
C TYR C 1370 -21.60 -41.88 -33.35
N ARG C 1371 -21.74 -42.53 -32.19
CA ARG C 1371 -22.94 -43.32 -31.92
C ARG C 1371 -24.05 -42.36 -31.54
N GLY C 1372 -24.77 -41.89 -32.54
CA GLY C 1372 -25.84 -40.94 -32.31
C GLY C 1372 -26.56 -40.65 -33.62
N ASP C 1373 -27.50 -39.71 -33.54
CA ASP C 1373 -28.30 -39.31 -34.69
C ASP C 1373 -27.89 -37.97 -35.27
N GLN C 1374 -26.93 -37.28 -34.65
CA GLN C 1374 -26.37 -36.06 -35.22
C GLN C 1374 -24.87 -36.07 -34.94
N ASP C 1375 -24.14 -35.26 -35.72
CA ASP C 1375 -22.69 -35.23 -35.63
C ASP C 1375 -22.21 -34.54 -34.36
N ALA C 1376 -21.08 -35.00 -33.84
CA ALA C 1376 -20.49 -34.42 -32.65
C ALA C 1376 -19.71 -33.15 -33.00
N THR C 1377 -19.33 -32.40 -31.97
CA THR C 1377 -18.71 -31.09 -32.14
C THR C 1377 -17.33 -31.08 -31.51
N MET C 1378 -16.30 -31.12 -32.37
CA MET C 1378 -14.86 -31.04 -32.04
C MET C 1378 -14.44 -32.14 -31.05
N SER C 1379 -14.48 -33.36 -31.55
CA SER C 1379 -13.88 -34.46 -30.80
C SER C 1379 -12.35 -34.38 -30.85
N ILE C 1380 -11.73 -34.95 -29.83
CA ILE C 1380 -10.29 -34.94 -29.63
C ILE C 1380 -9.79 -36.37 -29.75
N LEU C 1381 -8.65 -36.54 -30.43
CA LEU C 1381 -8.00 -37.83 -30.66
C LEU C 1381 -6.62 -37.79 -30.04
N ASP C 1382 -6.46 -38.42 -28.87
CA ASP C 1382 -5.15 -38.56 -28.23
C ASP C 1382 -4.52 -39.86 -28.72
N ILE C 1383 -3.49 -39.75 -29.53
CA ILE C 1383 -2.76 -40.90 -30.04
C ILE C 1383 -1.46 -40.97 -29.27
N SER C 1384 -1.39 -41.85 -28.28
CA SER C 1384 -0.15 -42.16 -27.61
C SER C 1384 0.55 -43.23 -28.42
N MET C 1385 1.75 -42.93 -28.89
CA MET C 1385 2.41 -43.78 -29.88
C MET C 1385 3.11 -44.93 -29.16
N MET C 1386 3.80 -45.77 -29.93
CA MET C 1386 4.43 -46.97 -29.41
C MET C 1386 5.72 -46.64 -28.67
N THR C 1387 6.40 -47.67 -28.20
CA THR C 1387 7.78 -47.53 -27.77
C THR C 1387 8.66 -47.61 -29.01
N GLY C 1388 9.24 -46.48 -29.39
CA GLY C 1388 10.15 -46.43 -30.50
C GLY C 1388 9.55 -45.92 -31.79
N PHE C 1389 8.29 -45.52 -31.81
CA PHE C 1389 7.62 -45.12 -33.03
C PHE C 1389 7.30 -43.63 -33.00
N ALA C 1390 7.49 -42.98 -34.13
CA ALA C 1390 7.21 -41.56 -34.25
C ALA C 1390 6.36 -41.30 -35.49
N PRO C 1391 5.43 -40.36 -35.43
CA PRO C 1391 4.62 -40.05 -36.62
C PRO C 1391 5.43 -39.31 -37.67
N ASP C 1392 5.05 -39.51 -38.93
CA ASP C 1392 5.70 -38.85 -40.04
C ASP C 1392 5.19 -37.42 -40.16
N THR C 1393 6.12 -36.46 -40.18
CA THR C 1393 5.76 -35.04 -40.05
C THR C 1393 5.10 -34.51 -41.32
N ASP C 1394 5.38 -35.11 -42.47
CA ASP C 1394 4.75 -34.68 -43.72
C ASP C 1394 3.27 -35.07 -43.75
N ASP C 1395 2.94 -36.27 -43.27
CA ASP C 1395 1.55 -36.67 -43.17
C ASP C 1395 0.81 -35.93 -42.06
N LEU C 1396 1.54 -35.54 -41.00
CA LEU C 1396 0.94 -34.72 -39.96
C LEU C 1396 0.65 -33.31 -40.46
N LYS C 1397 1.54 -32.76 -41.29
CA LYS C 1397 1.28 -31.44 -41.87
C LYS C 1397 0.22 -31.52 -42.96
N GLN C 1398 0.07 -32.68 -43.59
CA GLN C 1398 -1.04 -32.87 -44.52
C GLN C 1398 -2.37 -32.95 -43.78
N LEU C 1399 -2.40 -33.66 -42.65
CA LEU C 1399 -3.64 -33.78 -41.88
C LEU C 1399 -3.99 -32.49 -41.15
N ALA C 1400 -2.99 -31.66 -40.84
CA ALA C 1400 -3.27 -30.35 -40.26
C ALA C 1400 -3.84 -29.38 -41.29
N ASN C 1401 -3.60 -29.63 -42.58
CA ASN C 1401 -4.11 -28.77 -43.64
C ASN C 1401 -5.53 -29.12 -44.04
N GLY C 1402 -6.13 -30.15 -43.46
CA GLY C 1402 -7.51 -30.47 -43.76
C GLY C 1402 -8.47 -29.48 -43.14
N VAL C 1403 -9.71 -29.51 -43.66
CA VAL C 1403 -10.72 -28.58 -43.17
C VAL C 1403 -11.26 -29.02 -41.80
N ASP C 1404 -11.33 -30.32 -41.53
CA ASP C 1404 -11.86 -30.83 -40.29
C ASP C 1404 -10.80 -31.03 -39.22
N ARG C 1405 -9.73 -31.75 -39.55
CA ARG C 1405 -8.69 -32.05 -38.58
C ARG C 1405 -7.82 -30.82 -38.32
N TYR C 1406 -7.31 -30.73 -37.10
CA TYR C 1406 -6.37 -29.68 -36.74
C TYR C 1406 -5.37 -30.25 -35.76
N ILE C 1407 -4.12 -30.33 -36.17
CA ILE C 1407 -3.00 -30.61 -35.29
C ILE C 1407 -2.37 -29.27 -34.93
N SER C 1408 -2.08 -29.08 -33.65
CA SER C 1408 -1.52 -27.82 -33.18
C SER C 1408 -0.09 -27.63 -33.65
N LYS C 1409 0.36 -26.38 -33.60
CA LYS C 1409 1.70 -26.04 -34.07
C LYS C 1409 2.78 -26.56 -33.13
N TYR C 1410 2.44 -26.74 -31.85
CA TYR C 1410 3.35 -27.29 -30.85
C TYR C 1410 3.68 -28.75 -31.14
N GLU C 1411 2.75 -29.50 -31.73
CA GLU C 1411 3.06 -30.86 -32.12
C GLU C 1411 3.88 -30.90 -33.41
N LEU C 1412 3.88 -29.82 -34.18
CA LEU C 1412 4.58 -29.81 -35.45
C LEU C 1412 6.00 -29.27 -35.32
N ASP C 1413 6.25 -28.33 -34.40
CA ASP C 1413 7.60 -27.81 -34.26
C ASP C 1413 8.53 -28.74 -33.49
N LYS C 1414 7.98 -29.73 -32.78
CA LYS C 1414 8.80 -30.67 -32.05
C LYS C 1414 9.49 -31.62 -33.02
N ALA C 1415 10.58 -32.23 -32.54
CA ALA C 1415 11.46 -33.01 -33.41
C ALA C 1415 10.87 -34.40 -33.67
N PHE C 1416 11.61 -35.18 -34.47
CA PHE C 1416 11.24 -36.55 -34.76
C PHE C 1416 11.34 -37.42 -33.51
N SER C 1417 12.38 -37.23 -32.72
CA SER C 1417 12.50 -37.93 -31.46
C SER C 1417 11.59 -37.29 -30.42
N ASP C 1418 11.42 -38.01 -29.30
CA ASP C 1418 10.64 -37.69 -28.08
C ASP C 1418 9.20 -37.22 -28.35
N ARG C 1419 8.60 -37.68 -29.44
CA ARG C 1419 7.17 -37.45 -29.71
C ARG C 1419 6.47 -38.80 -29.70
N ASN C 1420 6.13 -39.25 -28.50
CA ASN C 1420 5.32 -40.45 -28.33
C ASN C 1420 3.85 -40.12 -28.13
N THR C 1421 3.50 -38.84 -28.12
CA THR C 1421 2.13 -38.41 -27.88
C THR C 1421 1.76 -37.37 -28.93
N LEU C 1422 0.63 -37.58 -29.59
CA LEU C 1422 0.11 -36.66 -30.58
C LEU C 1422 -1.35 -36.38 -30.27
N ILE C 1423 -1.76 -35.13 -30.37
CA ILE C 1423 -3.15 -34.75 -30.16
C ILE C 1423 -3.68 -34.20 -31.46
N ILE C 1424 -4.68 -34.87 -32.03
CA ILE C 1424 -5.34 -34.41 -33.25
C ILE C 1424 -6.74 -33.95 -32.88
N TYR C 1425 -7.00 -32.66 -33.10
CA TYR C 1425 -8.30 -32.09 -32.80
C TYR C 1425 -9.14 -32.17 -34.06
N LEU C 1426 -10.23 -32.91 -33.99
CA LEU C 1426 -11.20 -32.91 -35.08
C LEU C 1426 -12.14 -31.71 -34.93
N ASP C 1427 -12.98 -31.50 -35.93
CA ASP C 1427 -14.03 -30.50 -35.85
C ASP C 1427 -15.41 -31.12 -35.79
N LYS C 1428 -15.59 -32.28 -36.42
CA LYS C 1428 -16.85 -33.00 -36.39
C LYS C 1428 -16.56 -34.47 -36.59
N VAL C 1429 -17.42 -35.30 -36.05
CA VAL C 1429 -17.39 -36.74 -36.29
C VAL C 1429 -18.74 -37.12 -36.87
N SER C 1430 -18.73 -37.69 -38.08
CA SER C 1430 -19.98 -38.03 -38.75
C SER C 1430 -20.61 -39.26 -38.12
N HIS C 1431 -21.90 -39.18 -37.83
CA HIS C 1431 -22.63 -40.29 -37.23
C HIS C 1431 -23.14 -41.28 -38.25
N SER C 1432 -22.95 -41.00 -39.54
CA SER C 1432 -23.42 -41.88 -40.61
C SER C 1432 -22.33 -42.82 -41.11
N GLU C 1433 -21.21 -42.28 -41.57
CA GLU C 1433 -20.11 -43.06 -42.10
C GLU C 1433 -18.91 -42.97 -41.17
N ASP C 1434 -17.86 -43.70 -41.52
CA ASP C 1434 -16.63 -43.72 -40.74
C ASP C 1434 -15.71 -42.61 -41.21
N ASP C 1435 -15.33 -41.72 -40.31
CA ASP C 1435 -14.28 -40.73 -40.58
C ASP C 1435 -12.94 -41.41 -40.40
N CYS C 1436 -12.23 -41.64 -41.49
CA CYS C 1436 -11.00 -42.41 -41.48
C CYS C 1436 -9.82 -41.51 -41.82
N LEU C 1437 -8.77 -41.57 -41.03
CA LEU C 1437 -7.53 -40.87 -41.31
C LEU C 1437 -6.37 -41.82 -41.06
N ALA C 1438 -5.38 -41.80 -41.95
CA ALA C 1438 -4.24 -42.68 -41.86
C ALA C 1438 -2.96 -41.91 -42.09
N PHE C 1439 -1.94 -42.23 -41.32
CA PHE C 1439 -0.65 -41.58 -41.49
C PHE C 1439 0.47 -42.56 -41.20
N LYS C 1440 1.67 -42.20 -41.63
CA LYS C 1440 2.83 -43.05 -41.49
C LYS C 1440 3.48 -42.86 -40.13
N VAL C 1441 4.00 -43.94 -39.58
CA VAL C 1441 4.86 -43.91 -38.41
C VAL C 1441 6.15 -44.64 -38.76
N HIS C 1442 7.23 -44.25 -38.11
CA HIS C 1442 8.53 -44.83 -38.37
C HIS C 1442 9.14 -45.29 -37.06
N GLN C 1443 9.87 -46.40 -37.10
CA GLN C 1443 10.57 -46.92 -35.94
C GLN C 1443 11.92 -46.24 -35.87
N TYR C 1444 12.01 -45.15 -35.11
CA TYR C 1444 13.25 -44.37 -35.11
C TYR C 1444 14.34 -44.97 -34.23
N PHE C 1445 14.01 -45.88 -33.31
CA PHE C 1445 15.02 -46.75 -32.73
C PHE C 1445 14.38 -48.09 -32.41
N ASN C 1446 15.16 -49.15 -32.58
CA ASN C 1446 14.66 -50.51 -32.41
C ASN C 1446 14.71 -50.91 -30.94
N VAL C 1447 13.58 -51.37 -30.42
CA VAL C 1447 13.49 -51.86 -29.05
C VAL C 1447 12.65 -53.14 -29.05
N GLU C 1448 13.18 -54.20 -28.43
CA GLU C 1448 12.46 -55.46 -28.33
C GLU C 1448 11.29 -55.34 -27.37
N LEU C 1449 10.24 -56.13 -27.64
CA LEU C 1449 8.94 -56.13 -26.94
C LEU C 1449 8.32 -54.74 -26.91
N ILE C 1450 7.87 -54.33 -28.10
CA ILE C 1450 7.22 -53.04 -28.31
C ILE C 1450 5.92 -52.97 -27.52
N GLN C 1451 5.81 -51.94 -26.71
CA GLN C 1451 4.59 -51.60 -25.98
C GLN C 1451 3.49 -51.23 -26.96
N PRO C 1452 2.27 -51.73 -26.79
CA PRO C 1452 1.17 -51.34 -27.70
C PRO C 1452 0.71 -49.92 -27.43
N GLY C 1453 0.53 -49.15 -28.49
CA GLY C 1453 0.09 -47.78 -28.35
C GLY C 1453 -1.40 -47.67 -28.16
N ALA C 1454 -1.85 -46.47 -27.84
CA ALA C 1454 -3.26 -46.23 -27.55
C ALA C 1454 -3.78 -45.09 -28.40
N VAL C 1455 -5.06 -45.19 -28.76
CA VAL C 1455 -5.79 -44.14 -29.46
C VAL C 1455 -7.08 -43.92 -28.68
N LYS C 1456 -7.30 -42.69 -28.24
CA LYS C 1456 -8.44 -42.38 -27.39
C LYS C 1456 -9.21 -41.22 -28.01
N VAL C 1457 -10.49 -41.42 -28.25
CA VAL C 1457 -11.34 -40.40 -28.87
C VAL C 1457 -12.42 -40.01 -27.88
N TYR C 1458 -12.58 -38.70 -27.69
CA TYR C 1458 -13.64 -38.23 -26.79
C TYR C 1458 -14.14 -36.87 -27.26
N ALA C 1459 -15.36 -36.54 -26.86
CA ALA C 1459 -15.88 -35.20 -27.11
C ALA C 1459 -15.25 -34.21 -26.13
N TYR C 1460 -15.41 -32.92 -26.41
CA TYR C 1460 -14.76 -31.89 -25.62
C TYR C 1460 -15.43 -31.75 -24.25
N TYR C 1461 -16.76 -31.87 -24.21
CA TYR C 1461 -17.52 -31.56 -23.01
C TYR C 1461 -17.51 -32.67 -21.99
N ASN C 1462 -16.94 -33.83 -22.31
CA ASN C 1462 -16.91 -34.95 -21.37
C ASN C 1462 -15.68 -35.80 -21.64
N LEU C 1463 -14.79 -35.90 -20.64
CA LEU C 1463 -13.71 -36.87 -20.70
C LEU C 1463 -14.23 -38.29 -20.50
N GLU C 1464 -15.40 -38.43 -19.86
CA GLU C 1464 -16.14 -39.68 -19.87
C GLU C 1464 -16.70 -39.98 -21.25
N GLU C 1465 -17.23 -41.20 -21.38
CA GLU C 1465 -17.59 -41.93 -22.61
C GLU C 1465 -16.57 -41.80 -23.73
N SER C 1466 -15.29 -41.89 -23.37
CA SER C 1466 -14.22 -41.93 -24.34
C SER C 1466 -14.04 -43.35 -24.84
N CYS C 1467 -13.80 -43.50 -26.14
CA CYS C 1467 -13.49 -44.80 -26.71
C CYS C 1467 -11.98 -44.93 -26.84
N THR C 1468 -11.40 -45.93 -26.19
CA THR C 1468 -9.97 -46.15 -26.19
C THR C 1468 -9.69 -47.49 -26.83
N ARG C 1469 -8.92 -47.48 -27.91
CA ARG C 1469 -8.46 -48.70 -28.56
C ARG C 1469 -6.95 -48.77 -28.47
N PHE C 1470 -6.43 -49.97 -28.60
CA PHE C 1470 -4.99 -50.19 -28.51
C PHE C 1470 -4.52 -50.85 -29.79
N TYR C 1471 -3.32 -50.51 -30.21
CA TYR C 1471 -2.80 -50.99 -31.49
C TYR C 1471 -1.37 -51.47 -31.34
N HIS C 1472 -1.08 -52.59 -32.01
CA HIS C 1472 0.17 -53.32 -31.97
C HIS C 1472 0.22 -54.15 -33.24
N PRO C 1473 1.38 -54.29 -33.89
CA PRO C 1473 1.40 -54.98 -35.20
C PRO C 1473 1.26 -56.49 -35.11
N GLU C 1474 1.45 -57.09 -33.93
CA GLU C 1474 1.31 -58.54 -33.81
C GLU C 1474 0.48 -58.94 -32.60
N LYS C 1475 -0.45 -58.09 -32.17
CA LYS C 1475 -1.36 -58.41 -31.08
C LYS C 1475 -2.78 -58.10 -31.51
N GLU C 1476 -3.73 -58.86 -30.97
CA GLU C 1476 -5.14 -58.75 -31.37
C GLU C 1476 -5.80 -57.61 -30.59
N ASP C 1477 -6.05 -56.50 -31.31
CA ASP C 1477 -6.61 -55.23 -30.84
C ASP C 1477 -5.66 -54.76 -29.72
N GLY C 1478 -4.37 -54.78 -30.04
CA GLY C 1478 -3.26 -54.44 -29.15
C GLY C 1478 -3.11 -55.12 -27.80
N LYS C 1479 -3.82 -56.21 -27.54
CA LYS C 1479 -4.03 -56.67 -26.18
C LYS C 1479 -2.84 -57.43 -25.62
N LEU C 1480 -2.45 -57.07 -24.40
CA LEU C 1480 -1.57 -57.92 -23.61
C LEU C 1480 -2.35 -59.17 -23.26
N ASN C 1481 -1.84 -60.32 -23.70
CA ASN C 1481 -2.58 -61.56 -23.59
C ASN C 1481 -2.60 -62.07 -22.15
N LYS C 1482 -3.80 -62.42 -21.69
CA LYS C 1482 -4.03 -62.89 -20.33
C LYS C 1482 -4.98 -64.06 -20.40
N LEU C 1483 -4.86 -64.97 -19.44
CA LEU C 1483 -5.75 -66.11 -19.38
C LEU C 1483 -6.85 -65.85 -18.35
N CYS C 1484 -8.10 -66.00 -18.78
CA CYS C 1484 -9.25 -65.55 -18.01
C CYS C 1484 -10.29 -66.65 -17.89
N ARG C 1485 -10.87 -66.77 -16.70
CA ARG C 1485 -11.92 -67.72 -16.41
C ARG C 1485 -12.71 -67.20 -15.22
N ASP C 1486 -14.05 -67.22 -15.36
CA ASP C 1486 -15.12 -66.77 -14.44
C ASP C 1486 -14.78 -65.49 -13.68
N GLU C 1487 -14.50 -64.44 -14.48
CA GLU C 1487 -14.11 -63.09 -14.03
C GLU C 1487 -12.87 -63.11 -13.15
N LEU C 1488 -11.89 -63.95 -13.50
CA LEU C 1488 -10.60 -63.90 -12.84
C LEU C 1488 -9.54 -64.16 -13.89
N CYS C 1489 -8.55 -63.27 -13.97
CA CYS C 1489 -7.54 -63.31 -15.02
C CYS C 1489 -6.15 -63.32 -14.41
N ARG C 1490 -5.22 -63.95 -15.13
CA ARG C 1490 -3.82 -63.95 -14.78
C ARG C 1490 -3.01 -63.55 -16.01
N CYS C 1491 -1.92 -62.84 -15.78
CA CYS C 1491 -1.12 -62.27 -16.86
C CYS C 1491 -0.33 -63.34 -17.59
N ALA C 1492 -0.54 -63.43 -18.90
CA ALA C 1492 0.18 -64.39 -19.73
C ALA C 1492 1.16 -63.69 -20.66
N GLU C 1493 1.60 -62.48 -20.31
CA GLU C 1493 2.54 -61.73 -21.14
C GLU C 1493 3.98 -62.19 -20.91
N GLU C 1494 4.22 -62.95 -19.84
CA GLU C 1494 5.56 -63.43 -19.52
C GLU C 1494 6.00 -64.55 -20.48
N ASN C 1495 7.26 -64.95 -20.35
CA ASN C 1495 7.87 -65.97 -21.18
C ASN C 1495 7.19 -67.33 -21.01
N CYS C 1496 7.22 -68.12 -22.09
CA CYS C 1496 6.31 -69.26 -22.26
C CYS C 1496 6.64 -70.41 -21.32
N PHE C 1497 7.90 -70.81 -21.25
CA PHE C 1497 8.35 -71.91 -20.42
C PHE C 1497 9.84 -71.71 -20.16
N ILE C 1498 10.45 -72.69 -19.50
CA ILE C 1498 11.88 -72.59 -19.18
C ILE C 1498 12.66 -72.91 -20.45
N GLN C 1499 13.33 -71.90 -21.00
CA GLN C 1499 13.94 -71.98 -22.32
C GLN C 1499 15.36 -72.55 -22.30
N LYS C 1500 15.71 -73.34 -21.29
CA LYS C 1500 16.95 -74.10 -21.33
C LYS C 1500 16.80 -75.22 -22.35
N SER C 1501 17.81 -75.39 -23.20
CA SER C 1501 17.75 -76.42 -24.23
C SER C 1501 17.96 -77.81 -23.62
N ASP C 1502 17.50 -78.83 -24.37
CA ASP C 1502 17.57 -80.20 -23.89
C ASP C 1502 18.99 -80.77 -23.90
N ASP C 1503 19.88 -80.22 -24.73
CA ASP C 1503 21.26 -80.65 -24.76
C ASP C 1503 22.12 -79.92 -23.74
N LYS C 1504 21.74 -78.70 -23.36
CA LYS C 1504 22.50 -77.92 -22.39
C LYS C 1504 22.21 -78.31 -20.94
N VAL C 1505 21.18 -79.11 -20.70
CA VAL C 1505 20.83 -79.55 -19.35
C VAL C 1505 21.34 -80.99 -19.18
N THR C 1506 21.87 -81.28 -18.00
CA THR C 1506 22.42 -82.59 -17.68
C THR C 1506 21.49 -83.32 -16.71
N LEU C 1507 21.95 -84.48 -16.26
CA LEU C 1507 21.21 -85.25 -15.25
C LEU C 1507 21.26 -84.54 -13.89
N GLU C 1508 22.41 -83.98 -13.54
CA GLU C 1508 22.59 -83.30 -12.26
C GLU C 1508 21.82 -81.98 -12.22
N GLU C 1509 21.71 -81.29 -13.36
CA GLU C 1509 20.95 -80.05 -13.42
C GLU C 1509 19.44 -80.31 -13.31
N ARG C 1510 18.98 -81.42 -13.92
CA ARG C 1510 17.59 -81.84 -13.77
C ARG C 1510 17.28 -82.25 -12.34
N LEU C 1511 18.23 -82.93 -11.68
CA LEU C 1511 18.04 -83.33 -10.29
C LEU C 1511 18.08 -82.13 -9.34
N ASP C 1512 18.88 -81.11 -9.68
CA ASP C 1512 18.95 -79.92 -8.84
C ASP C 1512 17.72 -79.04 -9.02
N LYS C 1513 17.21 -78.93 -10.25
CA LYS C 1513 16.02 -78.12 -10.46
C LYS C 1513 14.74 -78.82 -10.00
N ALA C 1514 14.72 -80.16 -10.07
CA ALA C 1514 13.52 -80.89 -9.70
C ALA C 1514 13.33 -81.00 -8.19
N CYS C 1515 14.41 -80.94 -7.42
CA CYS C 1515 14.35 -81.17 -5.98
C CYS C 1515 14.13 -79.89 -5.18
N GLU C 1516 13.79 -78.79 -5.84
CA GLU C 1516 13.47 -77.55 -5.13
C GLU C 1516 12.10 -77.68 -4.46
N PRO C 1517 11.92 -77.09 -3.27
CA PRO C 1517 10.60 -77.11 -2.64
C PRO C 1517 9.58 -76.19 -3.30
N GLY C 1518 10.03 -75.24 -4.12
CA GLY C 1518 9.09 -74.47 -4.92
C GLY C 1518 8.42 -75.30 -5.99
N VAL C 1519 9.16 -76.22 -6.60
CA VAL C 1519 8.58 -77.15 -7.57
C VAL C 1519 7.77 -78.19 -6.81
N ASP C 1520 6.48 -78.28 -7.12
CA ASP C 1520 5.58 -79.09 -6.31
C ASP C 1520 5.36 -80.48 -6.87
N TYR C 1521 5.25 -80.60 -8.20
CA TYR C 1521 4.84 -81.84 -8.84
C TYR C 1521 5.74 -82.14 -10.02
N VAL C 1522 6.02 -83.43 -10.24
CA VAL C 1522 6.71 -83.90 -11.45
C VAL C 1522 5.83 -85.00 -12.06
N TYR C 1523 5.46 -84.83 -13.32
CA TYR C 1523 4.62 -85.81 -14.00
C TYR C 1523 5.25 -86.22 -15.33
N LYS C 1524 5.05 -87.49 -15.69
CA LYS C 1524 5.26 -87.95 -17.05
C LYS C 1524 3.89 -88.02 -17.72
N THR C 1525 3.71 -87.24 -18.78
CA THR C 1525 2.40 -87.01 -19.36
C THR C 1525 2.36 -87.56 -20.78
N ARG C 1526 1.14 -87.66 -21.31
CA ARG C 1526 0.91 -88.11 -22.68
C ARG C 1526 -0.25 -87.32 -23.26
N LEU C 1527 -0.05 -86.77 -24.46
CA LEU C 1527 -1.03 -85.88 -25.07
C LEU C 1527 -2.12 -86.69 -25.76
N VAL C 1528 -3.37 -86.37 -25.42
CA VAL C 1528 -4.53 -87.05 -25.99
C VAL C 1528 -5.26 -86.08 -26.92
N LYS C 1529 -5.61 -84.90 -26.40
CA LYS C 1529 -6.37 -83.93 -27.17
C LYS C 1529 -5.77 -82.54 -27.00
N VAL C 1530 -5.80 -81.78 -28.09
CA VAL C 1530 -5.39 -80.37 -28.10
C VAL C 1530 -6.63 -79.57 -28.48
N GLN C 1531 -7.24 -78.93 -27.48
CA GLN C 1531 -8.39 -78.06 -27.70
C GLN C 1531 -7.88 -76.66 -28.02
N LEU C 1532 -8.10 -76.22 -29.26
CA LEU C 1532 -7.62 -74.92 -29.71
C LEU C 1532 -8.73 -73.88 -29.60
N SER C 1533 -8.42 -72.78 -28.93
CA SER C 1533 -9.36 -71.68 -28.77
C SER C 1533 -8.59 -70.37 -28.90
N ASN C 1534 -9.32 -69.28 -29.14
CA ASN C 1534 -8.68 -68.00 -29.40
C ASN C 1534 -8.12 -67.35 -28.15
N ASP C 1535 -8.70 -67.64 -26.97
CA ASP C 1535 -8.19 -67.04 -25.75
C ASP C 1535 -7.01 -67.84 -25.19
N PHE C 1536 -7.14 -69.16 -25.11
CA PHE C 1536 -6.07 -70.00 -24.62
C PHE C 1536 -6.22 -71.39 -25.21
N ASP C 1537 -5.09 -72.09 -25.34
CA ASP C 1537 -5.08 -73.46 -25.80
C ASP C 1537 -5.02 -74.41 -24.61
N GLU C 1538 -5.75 -75.52 -24.72
CA GLU C 1538 -5.79 -76.53 -23.68
C GLU C 1538 -5.19 -77.82 -24.20
N TYR C 1539 -4.29 -78.41 -23.43
CA TYR C 1539 -3.70 -79.71 -23.74
C TYR C 1539 -4.14 -80.68 -22.66
N ILE C 1540 -4.76 -81.78 -23.06
CA ILE C 1540 -5.20 -82.79 -22.09
C ILE C 1540 -4.04 -83.78 -21.93
N MET C 1541 -3.46 -83.80 -20.74
CA MET C 1541 -2.37 -84.70 -20.38
C MET C 1541 -2.94 -85.92 -19.68
N ALA C 1542 -2.60 -87.10 -20.19
CA ALA C 1542 -2.84 -88.35 -19.47
C ALA C 1542 -1.59 -88.66 -18.65
N ILE C 1543 -1.76 -88.82 -17.34
CA ILE C 1543 -0.64 -89.00 -16.43
C ILE C 1543 -0.09 -90.42 -16.58
N GLU C 1544 1.02 -90.55 -17.32
CA GLU C 1544 1.62 -91.86 -17.52
C GLU C 1544 2.35 -92.34 -16.28
N GLN C 1545 2.93 -91.41 -15.50
CA GLN C 1545 3.69 -91.76 -14.31
C GLN C 1545 3.65 -90.58 -13.35
N THR C 1546 3.18 -90.85 -12.13
CA THR C 1546 3.18 -89.83 -11.07
C THR C 1546 4.57 -89.87 -10.44
N ILE C 1547 5.49 -89.09 -11.01
CA ILE C 1547 6.89 -89.12 -10.60
C ILE C 1547 7.07 -88.43 -9.24
N LYS C 1548 6.34 -87.34 -9.01
CA LYS C 1548 6.31 -86.66 -7.71
C LYS C 1548 4.94 -86.03 -7.55
N SER C 1549 4.12 -86.61 -6.68
CA SER C 1549 2.82 -86.05 -6.36
C SER C 1549 2.98 -84.94 -5.34
N GLY C 1550 2.36 -83.79 -5.61
CA GLY C 1550 2.41 -82.66 -4.70
C GLY C 1550 1.11 -82.46 -3.94
N SER C 1551 0.53 -81.28 -4.07
CA SER C 1551 -0.74 -80.99 -3.41
C SER C 1551 -1.94 -81.51 -4.18
N ASP C 1552 -1.75 -81.98 -5.42
CA ASP C 1552 -2.82 -82.53 -6.23
C ASP C 1552 -2.73 -84.05 -6.19
N GLU C 1553 -3.79 -84.70 -5.71
CA GLU C 1553 -3.86 -86.16 -5.66
C GLU C 1553 -4.40 -86.66 -6.99
N VAL C 1554 -3.48 -86.96 -7.92
CA VAL C 1554 -3.82 -87.45 -9.25
C VAL C 1554 -3.18 -88.82 -9.43
N GLN C 1555 -3.95 -89.75 -9.98
CA GLN C 1555 -3.49 -91.12 -10.17
C GLN C 1555 -3.04 -91.32 -11.62
N VAL C 1556 -2.45 -92.50 -11.87
CA VAL C 1556 -1.98 -92.83 -13.20
C VAL C 1556 -3.15 -93.19 -14.08
N GLY C 1557 -3.28 -92.52 -15.22
CA GLY C 1557 -4.39 -92.71 -16.13
C GLY C 1557 -5.43 -91.61 -16.09
N GLN C 1558 -5.41 -90.76 -15.09
CA GLN C 1558 -6.32 -89.62 -15.04
C GLN C 1558 -5.86 -88.52 -15.99
N GLN C 1559 -6.80 -87.67 -16.36
CA GLN C 1559 -6.56 -86.62 -17.33
C GLN C 1559 -6.57 -85.26 -16.65
N ARG C 1560 -5.59 -84.43 -16.99
CA ARG C 1560 -5.49 -83.08 -16.46
C ARG C 1560 -5.40 -82.09 -17.62
N THR C 1561 -6.20 -81.03 -17.53
CA THR C 1561 -6.19 -79.98 -18.53
C THR C 1561 -5.05 -79.00 -18.22
N PHE C 1562 -4.28 -78.66 -19.24
CA PHE C 1562 -3.16 -77.73 -19.11
C PHE C 1562 -3.47 -76.52 -19.98
N ILE C 1563 -3.44 -75.34 -19.38
CA ILE C 1563 -3.79 -74.10 -20.06
C ILE C 1563 -2.52 -73.38 -20.45
N SER C 1564 -2.41 -73.02 -21.73
CA SER C 1564 -1.29 -72.22 -22.21
C SER C 1564 -1.84 -71.08 -23.07
N PRO C 1565 -1.13 -69.95 -23.13
CA PRO C 1565 -1.48 -68.93 -24.13
C PRO C 1565 -1.14 -69.40 -25.53
N ILE C 1566 -1.83 -68.79 -26.51
CA ILE C 1566 -1.70 -69.22 -27.89
C ILE C 1566 -0.37 -68.80 -28.52
N LYS C 1567 0.32 -67.81 -27.94
CA LYS C 1567 1.63 -67.40 -28.43
C LYS C 1567 2.72 -68.42 -28.13
N CYS C 1568 2.48 -69.35 -27.21
CA CYS C 1568 3.34 -70.49 -26.99
C CYS C 1568 3.01 -71.67 -27.89
N ARG C 1569 1.98 -71.53 -28.75
CA ARG C 1569 1.55 -72.63 -29.62
C ARG C 1569 2.61 -72.96 -30.65
N GLU C 1570 3.30 -71.95 -31.18
CA GLU C 1570 4.48 -72.19 -31.98
C GLU C 1570 5.72 -72.46 -31.14
N ALA C 1571 5.68 -72.14 -29.84
CA ALA C 1571 6.88 -72.25 -29.02
C ALA C 1571 6.97 -73.58 -28.30
N LEU C 1572 5.84 -74.11 -27.84
CA LEU C 1572 5.86 -75.38 -27.12
C LEU C 1572 6.07 -76.56 -28.08
N LYS C 1573 5.47 -76.47 -29.28
CA LYS C 1573 5.47 -77.51 -30.32
C LYS C 1573 4.97 -78.87 -29.80
N LEU C 1574 3.91 -78.83 -29.01
CA LEU C 1574 3.35 -80.06 -28.45
C LEU C 1574 2.60 -80.83 -29.51
N GLU C 1575 2.93 -82.10 -29.65
CA GLU C 1575 2.32 -82.98 -30.66
C GLU C 1575 1.54 -84.07 -29.96
N GLU C 1576 0.43 -84.48 -30.58
CA GLU C 1576 -0.45 -85.49 -30.01
C GLU C 1576 0.20 -86.88 -30.06
N LYS C 1577 -0.20 -87.71 -29.08
CA LYS C 1577 0.38 -89.04 -28.80
C LYS C 1577 1.89 -88.99 -28.58
N LYS C 1578 2.36 -87.99 -27.85
CA LYS C 1578 3.76 -87.88 -27.48
C LYS C 1578 3.90 -87.81 -25.97
N HIS C 1579 5.05 -88.26 -25.47
CA HIS C 1579 5.34 -88.26 -24.06
C HIS C 1579 6.20 -87.05 -23.70
N TYR C 1580 5.97 -86.51 -22.50
CA TYR C 1580 6.70 -85.34 -22.03
C TYR C 1580 7.04 -85.48 -20.55
N LEU C 1581 8.16 -84.89 -20.16
CA LEU C 1581 8.49 -84.67 -18.76
C LEU C 1581 8.21 -83.21 -18.42
N MET C 1582 7.36 -82.98 -17.43
CA MET C 1582 7.06 -81.61 -17.05
C MET C 1582 7.08 -81.50 -15.53
N TRP C 1583 7.59 -80.37 -15.03
CA TRP C 1583 7.44 -80.03 -13.62
C TRP C 1583 7.10 -78.55 -13.51
N GLY C 1584 6.47 -78.19 -12.39
CA GLY C 1584 6.05 -76.82 -12.19
C GLY C 1584 5.87 -76.51 -10.72
N LEU C 1585 5.56 -75.26 -10.45
CA LEU C 1585 5.37 -74.78 -9.09
C LEU C 1585 3.92 -74.92 -8.66
N SER C 1586 3.69 -74.76 -7.35
CA SER C 1586 2.34 -74.80 -6.81
C SER C 1586 1.56 -73.51 -7.04
N SER C 1587 2.23 -72.44 -7.48
CA SER C 1587 1.55 -71.19 -7.80
C SER C 1587 0.85 -71.23 -9.16
N ASP C 1588 1.08 -72.26 -9.97
CA ASP C 1588 0.42 -72.41 -11.26
C ASP C 1588 -0.90 -73.13 -11.16
N PHE C 1589 -1.35 -73.47 -9.96
CA PHE C 1589 -2.68 -74.05 -9.77
C PHE C 1589 -3.76 -73.01 -10.05
N TRP C 1590 -4.76 -73.42 -10.81
CA TRP C 1590 -5.77 -72.49 -11.33
C TRP C 1590 -7.18 -72.83 -10.86
N GLY C 1591 -7.58 -74.09 -10.93
CA GLY C 1591 -8.92 -74.49 -10.55
C GLY C 1591 -9.02 -74.85 -9.08
N GLU C 1592 -10.17 -75.42 -8.73
CA GLU C 1592 -10.41 -75.97 -7.40
C GLU C 1592 -9.89 -77.41 -7.34
N LYS C 1593 -10.27 -78.12 -6.28
CA LYS C 1593 -9.80 -79.49 -6.14
C LYS C 1593 -10.47 -80.52 -7.07
N PRO C 1594 -11.80 -80.52 -7.33
CA PRO C 1594 -12.30 -81.47 -8.36
C PRO C 1594 -12.03 -81.04 -9.79
N ASN C 1595 -11.70 -79.77 -10.04
CA ASN C 1595 -11.57 -79.25 -11.40
C ASN C 1595 -10.28 -78.47 -11.56
N LEU C 1596 -9.16 -79.09 -11.18
CA LEU C 1596 -7.87 -78.43 -11.23
C LEU C 1596 -7.33 -78.40 -12.66
N SER C 1597 -6.88 -77.22 -13.09
CA SER C 1597 -6.21 -77.05 -14.36
C SER C 1597 -4.82 -76.48 -14.12
N TYR C 1598 -3.88 -76.91 -14.96
CA TYR C 1598 -2.48 -76.54 -14.81
C TYR C 1598 -2.13 -75.44 -15.79
N ILE C 1599 -1.12 -74.64 -15.45
CA ILE C 1599 -0.72 -73.49 -16.23
C ILE C 1599 0.76 -73.62 -16.57
N ILE C 1600 1.08 -73.62 -17.86
CA ILE C 1600 2.47 -73.65 -18.31
C ILE C 1600 3.02 -72.23 -18.22
N GLY C 1601 3.62 -71.91 -17.07
CA GLY C 1601 4.19 -70.59 -16.85
C GLY C 1601 5.66 -70.54 -17.19
N LYS C 1602 6.30 -69.44 -16.77
CA LYS C 1602 7.72 -69.24 -17.03
C LYS C 1602 8.62 -70.14 -16.20
N ASP C 1603 8.11 -70.70 -15.10
CA ASP C 1603 8.84 -71.63 -14.27
C ASP C 1603 8.43 -73.08 -14.54
N THR C 1604 7.64 -73.32 -15.58
CA THR C 1604 7.18 -74.65 -15.91
C THR C 1604 8.13 -75.29 -16.91
N TRP C 1605 8.81 -76.35 -16.48
CA TRP C 1605 9.72 -77.10 -17.33
C TRP C 1605 8.93 -78.13 -18.11
N VAL C 1606 8.90 -77.97 -19.43
CA VAL C 1606 8.31 -78.95 -20.35
C VAL C 1606 9.41 -79.44 -21.29
N GLU C 1607 9.62 -80.75 -21.32
CA GLU C 1607 10.66 -81.36 -22.14
C GLU C 1607 10.06 -82.56 -22.85
N HIS C 1608 10.44 -82.76 -24.11
CA HIS C 1608 9.94 -83.90 -24.86
C HIS C 1608 10.63 -85.19 -24.41
N TRP C 1609 9.83 -86.21 -24.13
CA TRP C 1609 10.32 -87.54 -23.80
C TRP C 1609 10.19 -88.41 -25.05
N PRO C 1610 11.28 -88.84 -25.66
CA PRO C 1610 11.17 -89.75 -26.80
C PRO C 1610 10.77 -91.15 -26.36
N GLU C 1611 10.27 -91.92 -27.33
CA GLU C 1611 9.79 -93.26 -27.05
C GLU C 1611 10.95 -94.25 -26.97
N GLU C 1612 10.62 -95.52 -26.72
CA GLU C 1612 11.63 -96.54 -26.44
C GLU C 1612 12.39 -96.93 -27.70
N ASP C 1613 11.71 -96.96 -28.85
CA ASP C 1613 12.40 -97.13 -30.12
C ASP C 1613 13.20 -95.90 -30.49
N GLU C 1614 12.71 -94.71 -30.11
CA GLU C 1614 13.41 -93.45 -30.37
C GLU C 1614 14.66 -93.28 -29.51
N CYS C 1615 14.80 -94.06 -28.43
CA CYS C 1615 16.06 -94.13 -27.70
C CYS C 1615 17.14 -94.88 -28.47
N GLN C 1616 16.77 -95.67 -29.50
CA GLN C 1616 17.76 -96.43 -30.26
C GLN C 1616 18.61 -95.55 -31.18
N ASP C 1617 18.14 -94.35 -31.51
CA ASP C 1617 18.97 -93.40 -32.26
C ASP C 1617 20.05 -92.82 -31.36
N GLU C 1618 21.17 -92.46 -31.97
CA GLU C 1618 22.30 -91.91 -31.23
C GLU C 1618 22.08 -90.46 -30.81
N GLU C 1619 21.16 -89.76 -31.46
CA GLU C 1619 20.89 -88.37 -31.10
C GLU C 1619 20.08 -88.27 -29.80
N ASN C 1620 19.19 -89.22 -29.55
CA ASN C 1620 18.37 -89.23 -28.35
C ASN C 1620 18.90 -90.15 -27.27
N GLN C 1621 20.14 -90.65 -27.41
CA GLN C 1621 20.67 -91.61 -26.45
C GLN C 1621 21.02 -90.94 -25.12
N LYS C 1622 21.63 -89.75 -25.17
CA LYS C 1622 21.97 -89.00 -23.96
C LYS C 1622 20.72 -88.50 -23.25
N GLN C 1623 19.70 -88.09 -24.01
CA GLN C 1623 18.43 -87.65 -23.43
C GLN C 1623 17.68 -88.81 -22.78
N CYS C 1624 17.67 -89.98 -23.42
CA CYS C 1624 17.01 -91.16 -22.84
C CYS C 1624 17.75 -91.66 -21.61
N GLN C 1625 19.09 -91.59 -21.63
CA GLN C 1625 19.89 -91.98 -20.45
C GLN C 1625 19.67 -91.01 -19.29
N ASP C 1626 19.57 -89.71 -19.58
CA ASP C 1626 19.32 -88.70 -18.56
C ASP C 1626 17.92 -88.83 -17.96
N LEU C 1627 16.91 -89.11 -18.80
CA LEU C 1627 15.54 -89.24 -18.32
C LEU C 1627 15.34 -90.55 -17.55
N GLY C 1628 15.96 -91.64 -18.01
CA GLY C 1628 15.88 -92.91 -17.28
C GLY C 1628 16.62 -92.88 -15.96
N ALA C 1629 17.80 -92.25 -15.93
CA ALA C 1629 18.55 -92.11 -14.68
C ALA C 1629 17.87 -91.13 -13.74
N PHE C 1630 17.19 -90.11 -14.27
CA PHE C 1630 16.42 -89.18 -13.45
C PHE C 1630 15.22 -89.85 -12.79
N THR C 1631 14.50 -90.66 -13.57
CA THR C 1631 13.34 -91.40 -13.05
C THR C 1631 13.77 -92.45 -12.03
N GLU C 1632 14.85 -93.19 -12.34
CA GLU C 1632 15.33 -94.21 -11.41
C GLU C 1632 16.06 -93.60 -10.21
N SER C 1633 16.45 -92.33 -10.29
CA SER C 1633 17.13 -91.69 -9.17
C SER C 1633 16.18 -90.98 -8.22
N MET C 1634 15.08 -90.41 -8.70
CA MET C 1634 14.20 -89.72 -7.76
C MET C 1634 12.81 -90.35 -7.63
N VAL C 1635 12.55 -91.49 -8.28
CA VAL C 1635 11.40 -92.28 -7.88
C VAL C 1635 11.77 -93.21 -6.71
N VAL C 1636 12.87 -93.94 -6.85
CA VAL C 1636 13.27 -94.92 -5.85
C VAL C 1636 13.85 -94.24 -4.62
N PHE C 1637 14.68 -93.22 -4.82
CA PHE C 1637 15.40 -92.58 -3.73
C PHE C 1637 14.85 -91.22 -3.33
N GLY C 1638 14.08 -90.58 -4.21
CA GLY C 1638 13.46 -89.31 -3.86
C GLY C 1638 14.44 -88.14 -3.90
N CYS C 1639 14.00 -87.04 -3.29
CA CYS C 1639 14.80 -85.82 -3.23
C CYS C 1639 15.37 -85.63 -1.84
N PRO C 1640 16.69 -85.75 -1.65
CA PRO C 1640 17.28 -85.40 -0.35
C PRO C 1640 17.28 -83.89 -0.13
N ASN C 1641 17.14 -83.51 1.14
CA ASN C 1641 16.99 -82.12 1.63
C ASN C 1641 15.88 -81.32 0.94
N GLN D 1 20.81 -23.33 4.25
CA GLN D 1 21.78 -22.53 4.97
C GLN D 1 22.53 -23.50 5.88
N VAL D 2 23.80 -23.75 5.54
CA VAL D 2 24.70 -24.54 6.37
C VAL D 2 25.97 -23.73 6.62
N GLN D 3 26.67 -24.09 7.68
CA GLN D 3 28.08 -23.75 7.85
C GLN D 3 28.88 -25.01 7.58
N LEU D 4 30.12 -24.83 7.16
CA LEU D 4 30.85 -25.92 6.53
C LEU D 4 32.34 -25.77 6.82
N VAL D 5 32.85 -26.53 7.78
CA VAL D 5 34.26 -26.48 8.14
C VAL D 5 34.94 -27.75 7.62
N GLU D 6 36.21 -27.66 7.30
CA GLU D 6 36.96 -28.82 6.86
C GLU D 6 38.28 -28.92 7.62
N THR D 7 38.63 -30.13 8.01
CA THR D 7 39.90 -30.46 8.66
C THR D 7 40.63 -31.51 7.83
N GLY D 8 41.89 -31.72 8.18
CA GLY D 8 42.68 -32.79 7.60
C GLY D 8 43.82 -32.34 6.71
N GLY D 9 44.05 -31.05 6.56
CA GLY D 9 45.14 -30.58 5.73
C GLY D 9 46.49 -30.73 6.41
N GLY D 10 47.54 -30.69 5.60
CA GLY D 10 48.87 -30.85 6.15
C GLY D 10 49.90 -31.09 5.07
N LEU D 11 51.05 -31.62 5.50
CA LEU D 11 52.24 -31.77 4.66
C LEU D 11 52.57 -33.24 4.60
N VAL D 12 52.39 -33.85 3.42
CA VAL D 12 52.71 -35.25 3.18
C VAL D 12 53.79 -35.34 2.11
N GLN D 13 54.35 -36.55 1.98
CA GLN D 13 55.36 -36.82 0.97
C GLN D 13 54.71 -37.34 -0.30
N ALA D 14 55.52 -37.57 -1.33
CA ALA D 14 55.01 -38.02 -2.61
C ALA D 14 54.62 -39.49 -2.56
N GLY D 15 53.47 -39.80 -3.16
CA GLY D 15 52.96 -41.16 -3.17
C GLY D 15 52.21 -41.57 -1.92
N GLY D 16 52.08 -40.68 -0.92
CA GLY D 16 51.45 -41.03 0.32
C GLY D 16 49.94 -40.92 0.26
N SER D 17 49.32 -41.18 1.40
CA SER D 17 47.88 -41.15 1.56
C SER D 17 47.48 -40.00 2.47
N LEU D 18 46.35 -39.37 2.14
CA LEU D 18 45.87 -38.25 2.91
C LEU D 18 44.35 -38.38 3.08
N ARG D 19 43.86 -37.81 4.18
CA ARG D 19 42.53 -38.11 4.71
C ARG D 19 41.89 -36.81 5.16
N LEU D 20 40.97 -36.27 4.36
CA LEU D 20 40.32 -35.00 4.65
C LEU D 20 38.87 -35.17 5.05
N SER D 21 38.46 -34.39 6.04
CA SER D 21 37.10 -34.41 6.56
C SER D 21 36.46 -33.05 6.35
N CYS D 22 35.16 -33.05 6.12
CA CYS D 22 34.40 -31.81 6.07
C CYS D 22 33.10 -32.01 6.84
N ALA D 23 32.91 -31.21 7.88
CA ALA D 23 31.75 -31.29 8.74
C ALA D 23 30.81 -30.13 8.45
N ALA D 24 29.50 -30.42 8.49
CA ALA D 24 28.47 -29.44 8.24
C ALA D 24 27.68 -29.17 9.51
N SER D 25 27.33 -27.90 9.72
CA SER D 25 26.57 -27.54 10.91
C SER D 25 25.12 -27.98 10.81
N GLY D 26 24.47 -27.73 9.68
CA GLY D 26 23.07 -28.01 9.50
C GLY D 26 22.81 -29.40 8.97
N SER D 27 21.63 -29.57 8.39
CA SER D 27 21.21 -30.86 7.86
C SER D 27 21.90 -31.15 6.54
N ILE D 28 22.41 -32.38 6.39
CA ILE D 28 23.06 -32.81 5.16
C ILE D 28 22.15 -33.67 4.29
N PHE D 29 21.00 -34.11 4.83
CA PHE D 29 20.15 -35.06 4.12
C PHE D 29 19.38 -34.40 2.98
N SER D 30 19.17 -33.08 3.06
CA SER D 30 18.46 -32.35 2.01
C SER D 30 19.40 -31.75 0.97
N ILE D 31 20.70 -32.02 1.05
CA ILE D 31 21.67 -31.49 0.12
C ILE D 31 21.97 -32.56 -0.92
N ASN D 32 21.70 -32.24 -2.20
CA ASN D 32 21.73 -33.24 -3.25
C ASN D 32 23.15 -33.64 -3.62
N ALA D 33 24.04 -32.66 -3.78
CA ALA D 33 25.41 -32.97 -4.16
C ALA D 33 26.38 -32.28 -3.23
N MET D 34 27.46 -32.97 -2.85
CA MET D 34 28.54 -32.25 -2.20
C MET D 34 29.85 -32.59 -2.87
N GLY D 35 30.70 -31.58 -3.03
CA GLY D 35 31.90 -31.73 -3.81
C GLY D 35 33.11 -31.20 -3.08
N TRP D 36 34.27 -31.62 -3.57
CA TRP D 36 35.56 -31.08 -3.19
C TRP D 36 36.16 -30.41 -4.39
N PHE D 37 36.68 -29.20 -4.19
CA PHE D 37 37.30 -28.39 -5.22
C PHE D 37 38.66 -27.93 -4.71
N ARG D 38 39.71 -28.14 -5.50
CA ARG D 38 41.01 -27.66 -5.09
C ARG D 38 41.37 -26.40 -5.85
N GLN D 39 42.36 -25.68 -5.34
CA GLN D 39 42.89 -24.49 -6.00
C GLN D 39 44.40 -24.54 -5.88
N ALA D 40 45.08 -24.59 -7.01
CA ALA D 40 46.53 -24.60 -7.06
C ALA D 40 47.07 -23.20 -6.79
N PRO D 41 48.32 -23.09 -6.33
CA PRO D 41 48.96 -21.77 -6.29
C PRO D 41 49.22 -21.24 -7.70
N GLY D 42 48.50 -20.19 -8.08
CA GLY D 42 48.60 -19.63 -9.41
C GLY D 42 47.51 -20.03 -10.37
N LYS D 43 46.70 -21.03 -10.03
CA LYS D 43 45.61 -21.46 -10.89
C LYS D 43 44.28 -21.24 -10.22
N GLU D 44 43.20 -21.44 -10.98
CA GLU D 44 41.85 -21.18 -10.50
C GLU D 44 41.29 -22.43 -9.83
N ARG D 45 40.07 -22.33 -9.34
CA ARG D 45 39.42 -23.37 -8.56
C ARG D 45 38.69 -24.31 -9.51
N GLU D 46 39.29 -25.47 -9.78
CA GLU D 46 38.69 -26.43 -10.68
C GLU D 46 38.19 -27.66 -9.93
N PHE D 47 37.47 -28.52 -10.65
CA PHE D 47 36.75 -29.64 -10.09
C PHE D 47 37.70 -30.74 -9.63
N VAL D 48 37.37 -31.37 -8.50
CA VAL D 48 38.06 -32.59 -8.09
C VAL D 48 37.07 -33.73 -7.95
N ALA D 49 36.09 -33.61 -7.06
CA ALA D 49 35.20 -34.75 -6.83
C ALA D 49 33.83 -34.27 -6.39
N THR D 50 32.83 -35.12 -6.60
CA THR D 50 31.51 -34.89 -6.00
C THR D 50 30.77 -36.20 -5.76
N ILE D 51 29.88 -36.14 -4.76
CA ILE D 51 29.13 -37.28 -4.23
C ILE D 51 27.65 -36.93 -4.22
N ASN D 52 26.82 -37.93 -4.49
CA ASN D 52 25.37 -37.89 -4.49
C ASN D 52 24.83 -37.70 -3.06
N ARG D 53 23.51 -37.49 -2.96
CA ARG D 53 22.84 -37.46 -1.67
C ARG D 53 22.85 -38.82 -1.00
N SER D 54 22.69 -39.90 -1.76
CA SER D 54 22.70 -41.24 -1.20
C SER D 54 24.07 -41.87 -1.20
N GLY D 55 25.06 -41.24 -1.82
CA GLY D 55 26.37 -41.83 -1.92
C GLY D 55 26.55 -42.79 -3.07
N GLY D 56 25.57 -42.94 -3.95
CA GLY D 56 25.68 -43.94 -5.00
C GLY D 56 26.49 -43.46 -6.19
N ARG D 57 26.25 -42.25 -6.64
CA ARG D 57 26.87 -41.73 -7.86
C ARG D 57 28.04 -40.82 -7.51
N THR D 58 29.19 -41.09 -8.12
CA THR D 58 30.41 -40.35 -7.91
C THR D 58 30.86 -39.71 -9.21
N TYR D 59 31.42 -38.52 -9.13
CA TYR D 59 32.10 -37.95 -10.28
C TYR D 59 33.46 -37.43 -9.89
N TYR D 60 34.45 -37.73 -10.72
CA TYR D 60 35.84 -37.31 -10.52
C TYR D 60 36.31 -36.56 -11.75
N ALA D 61 37.23 -35.62 -11.54
CA ALA D 61 37.91 -34.98 -12.66
C ALA D 61 38.89 -35.95 -13.29
N ASP D 62 39.33 -35.63 -14.50
CA ASP D 62 40.18 -36.55 -15.25
C ASP D 62 41.67 -36.29 -15.00
N SER D 63 42.03 -36.14 -13.74
CA SER D 63 43.40 -36.27 -13.27
C SER D 63 43.50 -36.98 -11.94
N VAL D 64 42.40 -37.10 -11.20
CA VAL D 64 42.34 -37.70 -9.88
C VAL D 64 41.53 -38.99 -9.87
N LYS D 65 41.20 -39.51 -11.06
CA LYS D 65 40.13 -40.49 -11.24
C LYS D 65 40.48 -41.86 -10.66
N GLY D 66 41.68 -42.34 -10.94
CA GLY D 66 42.05 -43.64 -10.43
C GLY D 66 42.61 -43.67 -9.03
N ARG D 67 42.69 -42.52 -8.35
CA ARG D 67 43.41 -42.49 -7.09
C ARG D 67 42.74 -41.65 -6.00
N PHE D 68 41.55 -41.11 -6.23
CA PHE D 68 40.84 -40.35 -5.21
C PHE D 68 39.55 -41.08 -4.89
N THR D 69 38.98 -40.81 -3.72
CA THR D 69 37.71 -41.40 -3.34
C THR D 69 36.97 -40.42 -2.45
N ILE D 70 35.74 -40.08 -2.81
CA ILE D 70 34.88 -39.24 -1.99
C ILE D 70 33.78 -40.12 -1.43
N SER D 71 33.52 -39.99 -0.13
CA SER D 71 32.44 -40.76 0.47
C SER D 71 31.75 -39.96 1.56
N ARG D 72 30.43 -40.11 1.62
CA ARG D 72 29.55 -39.31 2.44
C ARG D 72 29.16 -40.09 3.69
N ASP D 73 28.72 -39.38 4.73
CA ASP D 73 28.16 -40.03 5.90
C ASP D 73 27.07 -39.07 6.35
N ASN D 74 25.82 -39.50 6.22
CA ASN D 74 24.68 -38.68 6.61
C ASN D 74 24.34 -38.76 8.08
N GLY D 75 24.98 -39.66 8.83
CA GLY D 75 24.71 -39.79 10.24
C GLY D 75 25.27 -38.63 11.03
N LYS D 76 26.59 -38.45 10.99
CA LYS D 76 27.23 -37.32 11.64
C LYS D 76 27.50 -36.18 10.66
N ASN D 77 26.79 -36.17 9.52
CA ASN D 77 26.54 -34.99 8.68
C ASN D 77 27.79 -34.47 8.01
N MET D 78 28.62 -35.37 7.50
CA MET D 78 30.00 -35.03 7.22
C MET D 78 30.60 -36.00 6.18
N VAL D 79 31.60 -35.52 5.45
CA VAL D 79 32.08 -36.15 4.22
C VAL D 79 33.59 -36.35 4.30
N TYR D 80 34.12 -37.30 3.52
CA TYR D 80 35.53 -37.64 3.49
C TYR D 80 36.07 -37.59 2.06
N LEU D 81 37.30 -37.08 1.93
CA LEU D 81 38.19 -37.45 0.84
C LEU D 81 39.26 -38.39 1.33
N GLN D 82 39.54 -39.42 0.52
CA GLN D 82 40.66 -40.33 0.71
C GLN D 82 41.50 -40.27 -0.55
N MET D 83 42.78 -39.92 -0.41
CA MET D 83 43.69 -39.99 -1.54
C MET D 83 44.86 -40.91 -1.26
N HIS D 84 45.19 -41.74 -2.24
CA HIS D 84 46.40 -42.53 -2.29
C HIS D 84 47.17 -42.13 -3.54
N SER D 85 48.50 -42.35 -3.50
CA SER D 85 49.45 -42.10 -4.58
C SER D 85 49.43 -40.65 -5.04
N LEU D 86 49.79 -39.76 -4.12
CA LEU D 86 49.70 -38.32 -4.36
C LEU D 86 50.84 -37.86 -5.25
N LYS D 87 50.50 -37.23 -6.37
CA LYS D 87 51.46 -36.67 -7.28
C LYS D 87 52.08 -35.39 -6.69
N PRO D 88 53.24 -34.96 -7.19
CA PRO D 88 53.80 -33.66 -6.75
C PRO D 88 52.97 -32.43 -7.12
N GLU D 89 52.08 -32.52 -8.10
CA GLU D 89 51.32 -31.38 -8.58
C GLU D 89 50.02 -31.15 -7.82
N ASP D 90 49.78 -31.89 -6.74
CA ASP D 90 48.54 -31.80 -6.00
C ASP D 90 48.61 -30.89 -4.79
N THR D 91 49.64 -30.06 -4.69
CA THR D 91 49.69 -29.08 -3.60
C THR D 91 48.67 -27.99 -3.91
N ALA D 92 47.72 -27.79 -3.00
CA ALA D 92 46.54 -26.99 -3.29
C ALA D 92 45.89 -26.55 -1.99
N ILE D 93 44.83 -25.77 -2.14
CA ILE D 93 43.91 -25.49 -1.04
C ILE D 93 42.61 -26.19 -1.38
N TYR D 94 42.13 -27.04 -0.49
CA TYR D 94 40.96 -27.86 -0.76
C TYR D 94 39.75 -27.30 -0.04
N TYR D 95 38.68 -27.05 -0.79
CA TYR D 95 37.43 -26.53 -0.26
C TYR D 95 36.34 -27.58 -0.42
N CYS D 96 35.67 -27.87 0.69
CA CYS D 96 34.42 -28.62 0.67
C CYS D 96 33.32 -27.68 0.21
N ALA D 97 32.30 -28.23 -0.45
CA ALA D 97 31.23 -27.42 -1.00
C ALA D 97 29.95 -28.23 -1.07
N ALA D 98 28.82 -27.53 -0.96
CA ALA D 98 27.50 -28.14 -0.99
C ALA D 98 26.65 -27.43 -2.03
N GLY D 99 25.95 -28.21 -2.85
CA GLY D 99 25.17 -27.67 -3.94
C GLY D 99 23.97 -28.53 -4.28
N THR D 100 23.13 -27.95 -5.15
CA THR D 100 21.79 -28.44 -5.44
C THR D 100 21.74 -29.65 -6.35
N GLY D 101 22.87 -30.11 -6.86
CA GLY D 101 22.90 -31.28 -7.71
C GLY D 101 22.84 -30.99 -9.18
N TRP D 102 22.39 -29.81 -9.57
CA TRP D 102 22.39 -29.41 -10.97
C TRP D 102 23.81 -29.09 -11.39
N SER D 103 24.31 -29.80 -12.41
CA SER D 103 25.67 -29.76 -12.97
C SER D 103 26.71 -29.93 -11.87
N PRO D 104 26.90 -31.15 -11.34
CA PRO D 104 27.76 -31.33 -10.16
C PRO D 104 29.24 -31.23 -10.45
N GLN D 105 29.66 -31.20 -11.71
CA GLN D 105 31.07 -31.09 -12.04
C GLN D 105 31.54 -29.66 -12.19
N THR D 106 30.66 -28.67 -12.13
CA THR D 106 31.04 -27.27 -12.19
C THR D 106 30.67 -26.60 -10.88
N ASP D 107 31.42 -25.55 -10.53
CA ASP D 107 31.32 -24.94 -9.21
C ASP D 107 30.24 -23.87 -9.12
N CYS D 108 29.53 -23.57 -10.20
CA CYS D 108 28.66 -22.41 -10.18
C CYS D 108 27.28 -22.68 -9.60
N GLU D 109 26.96 -23.93 -9.27
CA GLU D 109 25.74 -24.23 -8.56
C GLU D 109 25.98 -24.65 -7.11
N TYR D 110 27.24 -24.81 -6.70
CA TYR D 110 27.55 -25.12 -5.32
C TYR D 110 27.40 -23.86 -4.50
N ASN D 111 26.30 -23.76 -3.78
CA ASN D 111 25.94 -22.52 -3.11
C ASN D 111 26.75 -22.29 -1.85
N TYR D 112 27.10 -23.35 -1.10
CA TYR D 112 27.73 -23.17 0.19
C TYR D 112 29.16 -23.70 0.14
N TRP D 113 30.09 -22.92 0.68
CA TRP D 113 31.51 -23.20 0.53
C TRP D 113 32.22 -23.18 1.87
N GLY D 114 33.27 -23.99 1.97
CA GLY D 114 34.12 -24.00 3.13
C GLY D 114 35.28 -23.03 2.99
N GLN D 115 36.21 -23.11 3.94
CA GLN D 115 37.31 -22.16 3.99
C GLN D 115 38.62 -22.72 3.45
N GLY D 116 38.74 -24.03 3.31
CA GLY D 116 39.93 -24.56 2.68
C GLY D 116 40.92 -25.10 3.70
N THR D 117 41.59 -26.19 3.32
CA THR D 117 42.74 -26.70 4.04
C THR D 117 43.92 -26.76 3.09
N GLN D 118 45.10 -26.42 3.59
CA GLN D 118 46.29 -26.45 2.77
C GLN D 118 46.82 -27.87 2.69
N VAL D 119 46.99 -28.38 1.47
CA VAL D 119 47.60 -29.67 1.24
C VAL D 119 48.92 -29.42 0.54
N THR D 120 50.00 -29.87 1.15
CA THR D 120 51.34 -29.72 0.59
C THR D 120 51.97 -31.10 0.45
N VAL D 121 52.66 -31.32 -0.67
CA VAL D 121 53.30 -32.59 -0.95
C VAL D 121 54.77 -32.33 -1.28
N SER D 122 55.66 -33.15 -0.71
CA SER D 122 57.10 -32.95 -0.81
C SER D 122 57.70 -33.94 -1.80
N SER D 123 58.37 -33.42 -2.82
CA SER D 123 59.06 -34.25 -3.80
C SER D 123 60.24 -33.52 -4.42
#